data_1Z9B
#
_entry.id   1Z9B
#
_entity_poly.entity_id   1
_entity_poly.type   'polypeptide(L)'
_entity_poly.pdbx_seq_one_letter_code
;NEFELGTRGSSRVDLQEQRSVKTRVSLDDLFEQIKQGEMKELNLIVKADVQGSVEALVAALQKIDVEGVRVKIIHAAVGA
ITESDISLATASNAIVIGFNVRPDANAKRAAESEKVDIRLHRIIYNVIEEIEAAM
;
_entity_poly.pdbx_strand_id   A
#
# COMPACT_ATOMS: atom_id res chain seq x y z
N ASN A 1 3.98 58.43 1.88
CA ASN A 1 3.71 59.85 2.03
C ASN A 1 2.51 60.06 2.92
N GLU A 2 1.32 59.68 2.41
CA GLU A 2 0.05 59.80 3.13
C GLU A 2 -0.36 61.26 3.29
N PHE A 3 -1.49 61.60 2.77
CA PHE A 3 -1.96 62.97 2.78
C PHE A 3 -2.92 63.20 3.93
N GLU A 4 -2.54 64.10 4.84
CA GLU A 4 -3.33 64.51 6.01
C GLU A 4 -3.43 63.40 7.05
N LEU A 5 -2.59 63.48 8.03
CA LEU A 5 -2.62 62.54 9.12
C LEU A 5 -3.50 63.11 10.19
N GLY A 6 -4.63 62.50 10.39
CA GLY A 6 -5.55 63.03 11.34
C GLY A 6 -6.13 61.98 12.23
N THR A 7 -7.36 62.17 12.58
CA THR A 7 -8.04 61.27 13.44
C THR A 7 -8.85 60.29 12.59
N ARG A 8 -8.83 59.05 12.99
CA ARG A 8 -9.60 58.04 12.33
C ARG A 8 -10.90 57.90 13.09
N GLY A 9 -11.93 58.54 12.59
CA GLY A 9 -13.22 58.52 13.25
C GLY A 9 -14.00 57.25 12.99
N SER A 10 -13.43 56.15 13.39
CA SER A 10 -14.06 54.86 13.18
C SER A 10 -14.46 54.23 14.51
N SER A 11 -13.71 54.52 15.56
CA SER A 11 -13.99 53.94 16.87
C SER A 11 -14.87 54.87 17.71
N ARG A 12 -15.40 55.89 17.05
CA ARG A 12 -16.28 56.84 17.70
C ARG A 12 -17.72 56.32 17.64
N VAL A 13 -17.93 55.30 16.85
CA VAL A 13 -19.25 54.72 16.70
C VAL A 13 -19.29 53.39 17.43
N ASP A 14 -20.41 52.71 17.37
CA ASP A 14 -20.56 51.42 18.00
C ASP A 14 -19.83 50.35 17.21
N LEU A 15 -19.23 49.43 17.92
CA LEU A 15 -18.38 48.43 17.32
C LEU A 15 -19.13 47.14 17.07
N GLN A 16 -19.54 46.93 15.84
CA GLN A 16 -20.23 45.70 15.46
C GLN A 16 -19.46 45.08 14.30
N GLU A 17 -19.99 44.02 13.73
CA GLU A 17 -19.39 43.42 12.56
C GLU A 17 -19.54 44.32 11.33
N GLN A 18 -18.84 43.98 10.24
CA GLN A 18 -18.71 44.85 9.06
C GLN A 18 -17.84 46.04 9.45
N ARG A 19 -16.93 45.75 10.39
CA ARG A 19 -16.01 46.70 10.98
C ARG A 19 -15.03 47.22 9.93
N SER A 20 -14.68 46.35 9.00
CA SER A 20 -13.79 46.70 7.93
C SER A 20 -14.56 47.54 6.93
N VAL A 21 -15.81 47.09 6.67
CA VAL A 21 -16.78 47.66 5.70
C VAL A 21 -16.23 47.69 4.26
N LYS A 22 -17.11 47.49 3.27
CA LYS A 22 -16.75 47.44 1.83
C LYS A 22 -15.96 46.15 1.53
N THR A 23 -14.78 46.04 2.11
CA THR A 23 -13.91 44.91 1.93
C THR A 23 -14.23 43.82 2.98
N ARG A 24 -15.35 44.01 3.65
CA ARG A 24 -15.86 43.12 4.67
C ARG A 24 -16.38 41.81 4.06
N VAL A 25 -16.32 40.73 4.82
CA VAL A 25 -16.83 39.44 4.39
C VAL A 25 -16.92 38.49 5.60
N SER A 26 -17.93 37.63 5.61
CA SER A 26 -18.11 36.70 6.69
C SER A 26 -17.32 35.41 6.40
N LEU A 27 -17.67 34.74 5.32
CA LEU A 27 -17.03 33.49 4.96
C LEU A 27 -16.68 33.54 3.49
N ASP A 28 -15.41 33.61 3.20
CA ASP A 28 -14.93 33.70 1.83
C ASP A 28 -14.08 32.48 1.45
N ASP A 29 -13.53 31.83 2.44
CA ASP A 29 -12.66 30.69 2.19
C ASP A 29 -13.49 29.43 1.98
N LEU A 30 -13.56 29.01 0.74
CA LEU A 30 -14.30 27.83 0.34
C LEU A 30 -13.53 26.59 0.78
N PHE A 31 -14.24 25.53 1.02
CA PHE A 31 -13.65 24.35 1.57
C PHE A 31 -13.11 23.42 0.48
N GLU A 32 -11.95 22.88 0.73
CA GLU A 32 -11.32 21.89 -0.12
C GLU A 32 -11.78 20.51 0.35
N GLN A 33 -12.03 20.41 1.67
CA GLN A 33 -12.44 19.19 2.37
C GLN A 33 -11.25 18.26 2.61
N ILE A 34 -11.33 17.50 3.68
CA ILE A 34 -10.26 16.61 4.06
C ILE A 34 -10.25 15.35 3.17
N LYS A 35 -9.13 14.66 3.12
CA LYS A 35 -8.97 13.52 2.24
C LYS A 35 -7.78 12.69 2.72
N GLN A 36 -8.04 11.49 3.17
CA GLN A 36 -7.00 10.63 3.70
C GLN A 36 -6.27 9.87 2.60
N GLY A 37 -5.31 10.54 2.01
CA GLY A 37 -4.46 9.93 1.02
C GLY A 37 -3.01 10.15 1.38
N GLU A 38 -2.80 10.50 2.65
CA GLU A 38 -1.49 10.83 3.19
C GLU A 38 -0.63 9.58 3.30
N MET A 39 -1.10 8.66 4.12
CA MET A 39 -0.37 7.42 4.41
C MET A 39 -0.56 6.43 3.29
N LYS A 40 -1.66 6.64 2.57
CA LYS A 40 -2.10 5.77 1.49
C LYS A 40 -2.63 4.45 2.03
N GLU A 41 -3.24 3.70 1.18
CA GLU A 41 -3.76 2.42 1.53
C GLU A 41 -2.91 1.39 0.84
N LEU A 42 -2.22 0.61 1.64
CA LEU A 42 -1.25 -0.30 1.14
C LEU A 42 -1.88 -1.67 0.94
N ASN A 43 -1.87 -2.14 -0.28
CA ASN A 43 -2.43 -3.43 -0.62
C ASN A 43 -1.33 -4.39 -0.96
N LEU A 44 -1.52 -5.66 -0.65
CA LEU A 44 -0.53 -6.66 -0.98
C LEU A 44 -1.14 -8.06 -1.10
N ILE A 45 -0.37 -8.94 -1.67
CA ILE A 45 -0.67 -10.34 -1.80
C ILE A 45 0.40 -11.11 -1.05
N VAL A 46 -0.04 -12.06 -0.29
CA VAL A 46 0.84 -12.86 0.51
C VAL A 46 1.03 -14.25 -0.12
N LYS A 47 2.28 -14.67 -0.26
CA LYS A 47 2.63 -15.98 -0.78
C LYS A 47 3.80 -16.56 -0.04
N ALA A 48 3.71 -17.83 0.23
CA ALA A 48 4.73 -18.56 0.94
C ALA A 48 4.64 -20.01 0.51
N ASP A 49 5.65 -20.79 0.82
CA ASP A 49 5.66 -22.20 0.41
C ASP A 49 4.85 -23.03 1.38
N VAL A 50 4.67 -22.50 2.57
CA VAL A 50 3.83 -23.08 3.59
C VAL A 50 2.51 -22.32 3.54
N GLN A 51 1.40 -23.03 3.36
CA GLN A 51 0.11 -22.38 3.20
C GLN A 51 -0.28 -21.61 4.43
N GLY A 52 -0.05 -22.14 5.57
CA GLY A 52 -0.46 -21.43 6.73
C GLY A 52 0.48 -20.34 7.13
N SER A 53 1.49 -20.10 6.32
CA SER A 53 2.37 -19.01 6.54
C SER A 53 1.70 -17.82 5.90
N VAL A 54 0.96 -18.11 4.83
CA VAL A 54 0.21 -17.12 4.13
C VAL A 54 -0.99 -16.75 4.98
N GLU A 55 -1.67 -17.76 5.48
CA GLU A 55 -2.88 -17.60 6.26
C GLU A 55 -2.60 -16.87 7.56
N ALA A 56 -1.47 -17.17 8.18
CA ALA A 56 -1.09 -16.49 9.41
C ALA A 56 -0.85 -15.02 9.16
N LEU A 57 -0.26 -14.70 8.02
CA LEU A 57 0.02 -13.33 7.71
C LEU A 57 -1.26 -12.61 7.33
N VAL A 58 -2.09 -13.29 6.55
CA VAL A 58 -3.39 -12.76 6.14
C VAL A 58 -4.26 -12.47 7.37
N ALA A 59 -4.25 -13.36 8.34
CA ALA A 59 -5.04 -13.21 9.56
C ALA A 59 -4.60 -12.01 10.39
N ALA A 60 -3.41 -11.50 10.13
CA ALA A 60 -2.90 -10.37 10.87
C ALA A 60 -3.10 -9.13 10.04
N LEU A 61 -3.16 -9.36 8.77
CA LEU A 61 -3.28 -8.34 7.78
C LEU A 61 -4.75 -7.89 7.60
N GLN A 62 -5.67 -8.83 7.72
CA GLN A 62 -7.10 -8.54 7.63
C GLN A 62 -7.59 -7.80 8.87
N LYS A 63 -6.88 -7.93 9.98
CA LYS A 63 -7.28 -7.28 11.22
C LYS A 63 -6.66 -5.89 11.33
N ILE A 64 -5.98 -5.48 10.28
CA ILE A 64 -5.42 -4.16 10.23
C ILE A 64 -6.56 -3.20 9.88
N ASP A 65 -7.04 -2.53 10.88
CA ASP A 65 -8.08 -1.53 10.69
C ASP A 65 -7.70 -0.28 11.43
N VAL A 66 -6.43 -0.19 11.75
CA VAL A 66 -5.88 0.92 12.49
C VAL A 66 -6.04 2.22 11.72
N GLU A 67 -6.42 3.24 12.43
CA GLU A 67 -6.66 4.54 11.87
C GLU A 67 -5.37 5.19 11.43
N GLY A 68 -5.32 5.59 10.19
CA GLY A 68 -4.14 6.21 9.66
C GLY A 68 -3.63 5.46 8.45
N VAL A 69 -2.77 4.49 8.70
CA VAL A 69 -2.15 3.71 7.64
C VAL A 69 -2.92 2.40 7.48
N ARG A 70 -3.64 2.25 6.39
CA ARG A 70 -4.35 1.01 6.16
C ARG A 70 -3.53 0.09 5.30
N VAL A 71 -3.34 -1.11 5.76
CA VAL A 71 -2.59 -2.13 5.06
C VAL A 71 -3.51 -3.34 5.00
N LYS A 72 -3.75 -3.87 3.84
CA LYS A 72 -4.67 -4.96 3.70
C LYS A 72 -4.25 -5.88 2.58
N ILE A 73 -4.66 -7.12 2.68
CA ILE A 73 -4.38 -8.10 1.70
C ILE A 73 -5.48 -8.23 0.68
N ILE A 74 -5.11 -8.55 -0.51
CA ILE A 74 -6.07 -8.69 -1.58
C ILE A 74 -6.15 -10.15 -2.01
N HIS A 75 -5.11 -10.90 -1.71
CA HIS A 75 -5.00 -12.26 -2.19
C HIS A 75 -3.95 -13.00 -1.36
N ALA A 76 -4.16 -14.29 -1.21
CA ALA A 76 -3.27 -15.19 -0.50
C ALA A 76 -3.20 -16.48 -1.27
N ALA A 77 -2.05 -17.12 -1.31
CA ALA A 77 -1.91 -18.40 -1.98
C ALA A 77 -0.63 -19.09 -1.58
N VAL A 78 -0.64 -20.40 -1.59
CA VAL A 78 0.54 -21.16 -1.29
C VAL A 78 1.26 -21.51 -2.59
N GLY A 79 2.19 -20.68 -2.92
CA GLY A 79 2.90 -20.83 -4.13
C GLY A 79 3.94 -19.80 -4.23
N ALA A 80 4.71 -19.87 -5.25
CA ALA A 80 5.71 -18.90 -5.52
C ALA A 80 5.13 -17.82 -6.46
N ILE A 81 5.94 -16.87 -6.90
CA ILE A 81 5.41 -15.79 -7.73
C ILE A 81 5.21 -16.28 -9.15
N THR A 82 3.98 -16.39 -9.53
CA THR A 82 3.63 -16.89 -10.79
C THR A 82 3.05 -15.76 -11.65
N GLU A 83 3.29 -15.85 -12.95
CA GLU A 83 2.86 -14.88 -13.96
C GLU A 83 1.38 -14.44 -13.78
N SER A 84 0.51 -15.39 -13.54
CA SER A 84 -0.93 -15.12 -13.39
C SER A 84 -1.22 -14.24 -12.15
N ASP A 85 -0.44 -14.42 -11.10
CA ASP A 85 -0.65 -13.68 -9.86
C ASP A 85 -0.14 -12.28 -9.95
N ILE A 86 0.82 -12.07 -10.81
CA ILE A 86 1.39 -10.75 -11.03
C ILE A 86 0.36 -9.79 -11.64
N SER A 87 -0.48 -10.32 -12.48
CA SER A 87 -1.54 -9.54 -13.03
C SER A 87 -2.53 -8.98 -11.95
N LEU A 88 -2.60 -9.65 -10.80
CA LEU A 88 -3.39 -9.15 -9.68
C LEU A 88 -2.64 -8.00 -9.04
N ALA A 89 -1.34 -8.15 -8.99
CA ALA A 89 -0.46 -7.20 -8.37
C ALA A 89 -0.64 -5.80 -8.96
N THR A 90 -0.60 -5.69 -10.26
CA THR A 90 -0.77 -4.39 -10.90
C THR A 90 -2.26 -3.98 -10.92
N ALA A 91 -3.16 -4.94 -10.68
CA ALA A 91 -4.59 -4.68 -10.69
C ALA A 91 -5.01 -3.94 -9.43
N SER A 92 -4.82 -4.57 -8.30
CA SER A 92 -5.22 -3.99 -7.03
C SER A 92 -4.10 -3.19 -6.39
N ASN A 93 -2.95 -3.12 -7.08
CA ASN A 93 -1.74 -2.38 -6.60
C ASN A 93 -1.14 -3.12 -5.42
N ALA A 94 -1.45 -4.39 -5.37
CA ALA A 94 -1.02 -5.24 -4.32
C ALA A 94 0.24 -5.93 -4.74
N ILE A 95 1.33 -5.71 -4.07
CA ILE A 95 2.56 -6.33 -4.52
C ILE A 95 2.75 -7.66 -3.82
N VAL A 96 3.50 -8.53 -4.43
CA VAL A 96 3.64 -9.87 -3.92
C VAL A 96 4.85 -9.96 -3.05
N ILE A 97 4.62 -10.26 -1.81
CA ILE A 97 5.68 -10.53 -0.90
C ILE A 97 5.76 -12.04 -0.75
N GLY A 98 6.81 -12.58 -1.28
CA GLY A 98 6.98 -13.98 -1.26
C GLY A 98 8.03 -14.37 -0.28
N PHE A 99 7.82 -15.44 0.42
CA PHE A 99 8.78 -15.79 1.43
C PHE A 99 9.70 -16.86 0.88
N ASN A 100 10.85 -16.39 0.34
CA ASN A 100 11.92 -17.24 -0.28
C ASN A 100 11.37 -18.08 -1.46
N VAL A 101 10.20 -17.73 -1.93
CA VAL A 101 9.52 -18.52 -2.94
C VAL A 101 10.04 -18.31 -4.34
N ARG A 102 10.16 -17.03 -4.75
CA ARG A 102 10.76 -16.64 -6.05
C ARG A 102 9.79 -16.84 -7.23
N PRO A 103 10.02 -16.17 -8.36
CA PRO A 103 9.11 -16.23 -9.49
C PRO A 103 9.55 -17.16 -10.62
N ASP A 104 8.71 -17.22 -11.63
CA ASP A 104 9.06 -17.84 -12.88
C ASP A 104 10.00 -16.87 -13.58
N ALA A 105 10.76 -17.36 -14.52
CA ALA A 105 11.68 -16.51 -15.25
C ALA A 105 10.89 -15.53 -16.12
N ASN A 106 9.70 -15.92 -16.52
CA ASN A 106 8.84 -15.05 -17.28
C ASN A 106 8.04 -14.18 -16.34
N ALA A 107 7.62 -14.73 -15.19
CA ALA A 107 6.90 -13.93 -14.21
C ALA A 107 7.75 -12.74 -13.75
N LYS A 108 9.02 -12.98 -13.48
CA LYS A 108 9.93 -11.91 -13.05
C LYS A 108 9.99 -10.76 -14.09
N ARG A 109 9.80 -11.11 -15.36
CA ARG A 109 9.78 -10.23 -16.44
C ARG A 109 8.45 -9.49 -16.43
N ALA A 110 7.39 -10.30 -16.37
CA ALA A 110 6.00 -9.87 -16.39
C ALA A 110 5.77 -8.85 -15.34
N ALA A 111 6.27 -9.13 -14.14
CA ALA A 111 6.16 -8.27 -12.98
C ALA A 111 6.53 -6.84 -13.33
N GLU A 112 7.65 -6.71 -13.90
CA GLU A 112 8.21 -5.44 -14.18
C GLU A 112 7.59 -4.80 -15.39
N SER A 113 7.09 -5.60 -16.26
CA SER A 113 6.43 -5.13 -17.43
C SER A 113 4.95 -4.88 -17.07
N GLU A 114 4.66 -5.04 -15.82
CA GLU A 114 3.38 -4.85 -15.26
C GLU A 114 3.39 -3.86 -14.19
N LYS A 115 4.49 -3.12 -14.08
CA LYS A 115 4.63 -2.06 -13.15
C LYS A 115 4.69 -2.53 -11.70
N VAL A 116 4.88 -3.81 -11.49
CA VAL A 116 4.93 -4.34 -10.13
C VAL A 116 6.18 -5.15 -9.86
N ASP A 117 7.05 -4.65 -8.99
CA ASP A 117 8.22 -5.44 -8.67
C ASP A 117 7.92 -6.25 -7.44
N ILE A 118 8.40 -7.43 -7.45
CA ILE A 118 8.13 -8.40 -6.43
C ILE A 118 9.31 -8.52 -5.49
N ARG A 119 9.04 -8.75 -4.23
CA ARG A 119 10.09 -8.85 -3.27
C ARG A 119 10.03 -10.20 -2.58
N LEU A 120 11.15 -10.88 -2.55
CA LEU A 120 11.24 -12.20 -1.99
C LEU A 120 12.67 -12.56 -1.72
N HIS A 121 12.89 -13.56 -0.83
CA HIS A 121 14.25 -14.11 -0.60
C HIS A 121 15.16 -13.00 -0.05
N ARG A 122 14.55 -12.08 0.68
CA ARG A 122 15.21 -10.88 1.23
C ARG A 122 16.10 -11.19 2.45
N ILE A 123 16.83 -12.28 2.34
CA ILE A 123 17.79 -12.69 3.32
C ILE A 123 18.88 -11.62 3.33
N ILE A 124 19.43 -11.40 2.14
CA ILE A 124 20.40 -10.36 1.90
C ILE A 124 20.81 -10.34 0.43
N TYR A 125 20.54 -9.22 -0.19
CA TYR A 125 21.04 -8.93 -1.49
C TYR A 125 22.15 -7.93 -1.26
N ASN A 126 23.37 -8.36 -1.44
CA ASN A 126 24.51 -7.56 -1.05
C ASN A 126 24.80 -6.44 -2.03
N VAL A 127 24.02 -5.40 -1.92
CA VAL A 127 24.15 -4.23 -2.77
C VAL A 127 25.22 -3.28 -2.18
N ILE A 128 25.63 -3.57 -0.97
CA ILE A 128 26.62 -2.77 -0.28
C ILE A 128 28.03 -3.19 -0.69
N GLU A 129 28.60 -2.45 -1.65
CA GLU A 129 29.96 -2.64 -2.16
C GLU A 129 30.16 -3.93 -2.95
N GLU A 130 30.59 -3.83 -4.18
CA GLU A 130 31.00 -5.01 -4.89
C GLU A 130 32.45 -5.24 -4.55
N ILE A 131 32.71 -6.14 -3.62
CA ILE A 131 34.06 -6.39 -3.17
C ILE A 131 34.79 -7.34 -4.10
N GLU A 132 35.31 -6.72 -5.13
CA GLU A 132 36.16 -7.22 -6.20
C GLU A 132 36.23 -6.12 -7.21
N ALA A 133 37.41 -5.88 -7.75
CA ALA A 133 37.67 -4.73 -8.65
C ALA A 133 37.47 -3.42 -7.86
N ALA A 134 37.51 -3.55 -6.56
CA ALA A 134 37.31 -2.46 -5.66
C ALA A 134 38.54 -2.30 -4.83
N MET A 135 38.81 -1.12 -4.43
CA MET A 135 39.97 -0.83 -3.65
C MET A 135 39.59 0.25 -2.67
N ASN A 1 47.21 40.70 6.86
CA ASN A 1 46.47 41.89 7.29
C ASN A 1 45.29 42.09 6.39
N GLU A 2 44.16 41.58 6.80
CA GLU A 2 42.91 41.70 6.06
C GLU A 2 41.80 41.15 6.93
N PHE A 3 42.10 40.00 7.56
CA PHE A 3 41.17 39.27 8.44
C PHE A 3 40.01 38.65 7.70
N GLU A 4 39.76 37.38 8.00
CA GLU A 4 38.66 36.60 7.42
C GLU A 4 38.80 36.50 5.91
N LEU A 5 39.63 35.59 5.46
CA LEU A 5 39.85 35.38 4.04
C LEU A 5 40.26 33.94 3.77
N GLY A 6 41.26 33.48 4.49
CA GLY A 6 41.72 32.11 4.36
C GLY A 6 41.33 31.32 5.58
N THR A 7 40.19 30.70 5.52
CA THR A 7 39.65 30.03 6.66
C THR A 7 39.81 28.49 6.59
N ARG A 8 41.07 28.06 6.61
CA ARG A 8 41.45 26.65 6.67
C ARG A 8 42.92 26.53 6.99
N GLY A 9 43.33 25.34 7.36
CA GLY A 9 44.68 25.13 7.77
C GLY A 9 44.86 23.72 8.26
N SER A 10 46.10 23.27 8.29
CA SER A 10 46.50 21.91 8.60
C SER A 10 45.90 21.39 9.92
N SER A 11 44.80 20.65 9.80
CA SER A 11 44.13 19.96 10.89
C SER A 11 43.70 20.87 12.05
N ARG A 12 43.60 22.16 11.80
CA ARG A 12 43.17 23.09 12.83
C ARG A 12 41.69 23.37 12.71
N VAL A 13 41.14 23.02 11.58
CA VAL A 13 39.72 23.15 11.33
C VAL A 13 39.24 21.86 10.70
N ASP A 14 37.92 21.71 10.61
CA ASP A 14 37.26 20.55 10.00
C ASP A 14 37.37 19.31 10.87
N LEU A 15 37.62 19.49 12.15
CA LEU A 15 37.66 18.37 13.07
C LEU A 15 36.24 17.89 13.31
N GLN A 16 35.93 16.75 12.80
CA GLN A 16 34.61 16.22 12.97
C GLN A 16 34.54 15.36 14.20
N GLU A 17 35.53 14.46 14.33
CA GLU A 17 35.65 13.49 15.43
C GLU A 17 34.47 12.52 15.48
N GLN A 18 33.31 13.04 15.85
CA GLN A 18 32.05 12.32 15.98
C GLN A 18 32.05 11.31 17.13
N ARG A 19 32.97 10.35 17.07
CA ARG A 19 33.17 9.26 18.06
C ARG A 19 31.90 8.45 18.39
N SER A 20 31.03 8.98 19.20
CA SER A 20 29.78 8.31 19.55
C SER A 20 28.74 8.63 18.48
N VAL A 21 29.11 9.62 17.64
CA VAL A 21 28.31 10.23 16.54
C VAL A 21 27.12 11.01 17.09
N LYS A 22 27.01 11.02 18.40
CA LYS A 22 25.97 11.74 19.09
C LYS A 22 26.49 13.13 19.37
N THR A 23 27.72 13.17 19.80
CA THR A 23 28.38 14.38 20.21
C THR A 23 28.92 15.20 19.05
N ARG A 24 28.48 14.88 17.84
CA ARG A 24 28.91 15.62 16.67
C ARG A 24 28.14 16.93 16.57
N VAL A 25 26.94 16.95 17.14
CA VAL A 25 26.10 18.15 17.10
C VAL A 25 24.84 17.95 17.95
N SER A 26 24.54 16.68 18.31
CA SER A 26 23.33 16.34 19.03
C SER A 26 22.14 16.68 18.12
N LEU A 27 21.01 17.09 18.70
CA LEU A 27 19.82 17.49 17.95
C LEU A 27 19.32 16.34 17.11
N ASP A 28 19.32 15.19 17.72
CA ASP A 28 18.90 13.95 17.08
C ASP A 28 17.38 13.80 17.15
N ASP A 29 16.69 14.92 16.98
CA ASP A 29 15.23 14.96 17.02
C ASP A 29 14.67 14.50 15.70
N LEU A 30 15.48 14.57 14.68
CA LEU A 30 15.12 14.11 13.37
C LEU A 30 15.91 12.86 13.05
N PHE A 31 15.39 11.74 13.45
CA PHE A 31 16.04 10.47 13.20
C PHE A 31 15.15 9.57 12.37
N GLU A 32 13.91 9.98 12.24
CA GLU A 32 12.95 9.24 11.46
C GLU A 32 13.17 9.35 9.99
N GLN A 33 12.74 8.35 9.29
CA GLN A 33 12.81 8.31 7.86
C GLN A 33 11.73 9.23 7.31
N ILE A 34 12.07 10.06 6.34
CA ILE A 34 11.10 10.93 5.69
C ILE A 34 10.02 10.05 5.08
N LYS A 35 8.79 10.29 5.45
CA LYS A 35 7.68 9.43 5.07
C LYS A 35 7.33 9.58 3.61
N GLN A 36 7.56 10.77 3.05
CA GLN A 36 7.37 11.10 1.62
C GLN A 36 5.90 11.27 1.22
N GLY A 37 5.01 10.70 1.98
CA GLY A 37 3.62 10.83 1.69
C GLY A 37 2.80 9.98 2.61
N GLU A 38 1.52 9.98 2.38
CA GLU A 38 0.59 9.22 3.16
C GLU A 38 -0.38 8.53 2.22
N MET A 39 -0.79 7.36 2.59
CA MET A 39 -1.75 6.63 1.83
C MET A 39 -2.60 5.89 2.81
N LYS A 40 -3.90 5.92 2.60
CA LYS A 40 -4.84 5.35 3.55
C LYS A 40 -4.74 3.85 3.64
N GLU A 41 -4.94 3.17 2.54
CA GLU A 41 -4.98 1.73 2.55
C GLU A 41 -4.08 1.16 1.48
N LEU A 42 -3.14 0.38 1.90
CA LEU A 42 -2.18 -0.27 1.03
C LEU A 42 -2.68 -1.66 0.70
N ASN A 43 -2.45 -2.09 -0.50
CA ASN A 43 -2.91 -3.39 -0.96
C ASN A 43 -1.73 -4.30 -1.15
N LEU A 44 -1.80 -5.48 -0.56
CA LEU A 44 -0.74 -6.46 -0.70
C LEU A 44 -1.28 -7.85 -0.98
N ILE A 45 -0.36 -8.72 -1.32
CA ILE A 45 -0.63 -10.11 -1.58
C ILE A 45 0.37 -10.98 -0.83
N VAL A 46 -0.11 -12.08 -0.27
CA VAL A 46 0.71 -12.98 0.49
C VAL A 46 0.75 -14.35 -0.17
N LYS A 47 1.95 -14.86 -0.33
CA LYS A 47 2.18 -16.20 -0.81
C LYS A 47 3.35 -16.81 -0.10
N ALA A 48 3.26 -18.08 0.14
CA ALA A 48 4.28 -18.81 0.84
C ALA A 48 4.29 -20.22 0.35
N ASP A 49 5.29 -20.97 0.75
CA ASP A 49 5.44 -22.36 0.36
C ASP A 49 4.59 -23.25 1.24
N VAL A 50 4.23 -22.73 2.39
CA VAL A 50 3.32 -23.39 3.27
C VAL A 50 2.03 -22.59 3.26
N GLN A 51 0.94 -23.26 2.96
CA GLN A 51 -0.38 -22.66 2.82
C GLN A 51 -0.80 -21.89 4.05
N GLY A 52 -0.64 -22.44 5.21
CA GLY A 52 -1.07 -21.70 6.36
C GLY A 52 -0.08 -20.65 6.81
N SER A 53 1.02 -20.49 6.11
CA SER A 53 1.95 -19.46 6.46
C SER A 53 1.43 -18.19 5.85
N VAL A 54 0.68 -18.37 4.76
CA VAL A 54 0.05 -17.28 4.13
C VAL A 54 -1.03 -16.77 5.05
N GLU A 55 -1.80 -17.70 5.60
CA GLU A 55 -2.88 -17.35 6.51
C GLU A 55 -2.37 -16.75 7.81
N ALA A 56 -1.20 -17.20 8.24
CA ALA A 56 -0.57 -16.67 9.44
C ALA A 56 -0.23 -15.19 9.25
N LEU A 57 0.12 -14.83 8.03
CA LEU A 57 0.44 -13.46 7.71
C LEU A 57 -0.85 -12.68 7.41
N VAL A 58 -1.80 -13.31 6.72
CA VAL A 58 -3.09 -12.68 6.37
C VAL A 58 -3.82 -12.17 7.60
N ALA A 59 -3.87 -12.99 8.63
CA ALA A 59 -4.58 -12.63 9.87
C ALA A 59 -3.91 -11.45 10.59
N ALA A 60 -2.68 -11.15 10.22
CA ALA A 60 -1.95 -10.08 10.83
C ALA A 60 -2.01 -8.90 9.91
N LEU A 61 -2.25 -9.17 8.67
CA LEU A 61 -2.28 -8.18 7.66
C LEU A 61 -3.67 -7.54 7.58
N GLN A 62 -4.70 -8.35 7.75
CA GLN A 62 -6.07 -7.86 7.73
C GLN A 62 -6.38 -7.07 9.00
N LYS A 63 -5.46 -7.13 9.98
CA LYS A 63 -5.65 -6.39 11.22
C LYS A 63 -4.83 -5.10 11.18
N ILE A 64 -4.13 -4.86 10.06
CA ILE A 64 -3.33 -3.67 9.91
C ILE A 64 -4.26 -2.50 9.61
N ASP A 65 -4.79 -1.95 10.65
CA ASP A 65 -5.69 -0.83 10.56
C ASP A 65 -5.39 0.12 11.68
N VAL A 66 -5.45 -0.41 12.88
CA VAL A 66 -5.16 0.35 14.09
C VAL A 66 -3.67 0.24 14.43
N GLU A 67 -2.91 -0.21 13.45
CA GLU A 67 -1.48 -0.47 13.59
C GLU A 67 -0.68 0.71 13.03
N GLY A 68 -1.36 1.82 12.83
CA GLY A 68 -0.72 2.98 12.28
C GLY A 68 -1.31 3.35 10.95
N VAL A 69 -1.07 2.53 9.97
CA VAL A 69 -1.57 2.74 8.63
C VAL A 69 -2.48 1.56 8.30
N ARG A 70 -3.32 1.67 7.29
CA ARG A 70 -4.17 0.56 6.91
C ARG A 70 -3.51 -0.17 5.75
N VAL A 71 -3.10 -1.37 5.97
CA VAL A 71 -2.50 -2.18 4.94
C VAL A 71 -3.27 -3.47 4.92
N LYS A 72 -3.78 -3.83 3.80
CA LYS A 72 -4.65 -4.96 3.72
C LYS A 72 -4.22 -5.91 2.60
N ILE A 73 -4.59 -7.15 2.75
CA ILE A 73 -4.34 -8.15 1.77
C ILE A 73 -5.54 -8.32 0.84
N ILE A 74 -5.27 -8.67 -0.38
CA ILE A 74 -6.33 -8.93 -1.35
C ILE A 74 -6.34 -10.41 -1.74
N HIS A 75 -5.19 -11.02 -1.72
CA HIS A 75 -5.05 -12.35 -2.22
C HIS A 75 -3.92 -13.08 -1.49
N ALA A 76 -4.20 -14.29 -1.07
CA ALA A 76 -3.27 -15.14 -0.36
C ALA A 76 -3.34 -16.52 -0.97
N ALA A 77 -2.23 -17.10 -1.33
CA ALA A 77 -2.22 -18.40 -1.95
C ALA A 77 -0.92 -19.13 -1.63
N VAL A 78 -0.94 -20.43 -1.78
CA VAL A 78 0.25 -21.20 -1.57
C VAL A 78 0.94 -21.42 -2.91
N GLY A 79 1.93 -20.61 -3.15
CA GLY A 79 2.66 -20.67 -4.35
C GLY A 79 3.78 -19.69 -4.34
N ALA A 80 4.57 -19.72 -5.35
CA ALA A 80 5.62 -18.77 -5.53
C ALA A 80 5.10 -17.70 -6.51
N ILE A 81 5.96 -16.81 -6.98
CA ILE A 81 5.49 -15.75 -7.84
C ILE A 81 5.43 -16.19 -9.29
N THR A 82 4.23 -16.15 -9.83
CA THR A 82 3.99 -16.51 -11.20
C THR A 82 3.36 -15.31 -11.94
N GLU A 83 3.42 -15.36 -13.26
CA GLU A 83 2.91 -14.31 -14.15
C GLU A 83 1.43 -13.99 -13.85
N SER A 84 0.63 -15.02 -13.66
CA SER A 84 -0.80 -14.88 -13.46
C SER A 84 -1.08 -14.21 -12.11
N ASP A 85 -0.18 -14.38 -11.19
CA ASP A 85 -0.27 -13.81 -9.86
C ASP A 85 0.03 -12.32 -9.94
N ILE A 86 1.07 -12.01 -10.69
CA ILE A 86 1.49 -10.63 -10.94
C ILE A 86 0.40 -9.83 -11.62
N SER A 87 -0.43 -10.51 -12.36
CA SER A 87 -1.55 -9.90 -13.01
C SER A 87 -2.52 -9.26 -11.98
N LEU A 88 -2.47 -9.71 -10.71
CA LEU A 88 -3.25 -9.11 -9.63
C LEU A 88 -2.51 -7.88 -9.12
N ALA A 89 -1.21 -8.00 -9.07
CA ALA A 89 -0.33 -6.97 -8.54
C ALA A 89 -0.58 -5.63 -9.21
N THR A 90 -0.39 -5.57 -10.51
CA THR A 90 -0.65 -4.32 -11.22
C THR A 90 -2.17 -3.98 -11.29
N ALA A 91 -3.01 -5.01 -11.13
CA ALA A 91 -4.46 -4.83 -11.21
C ALA A 91 -5.01 -4.01 -10.06
N SER A 92 -4.82 -4.50 -8.86
CA SER A 92 -5.34 -3.81 -7.70
C SER A 92 -4.24 -2.97 -7.04
N ASN A 93 -3.09 -2.93 -7.69
CA ASN A 93 -1.91 -2.14 -7.25
C ASN A 93 -1.34 -2.68 -5.97
N ALA A 94 -1.36 -3.99 -5.88
CA ALA A 94 -0.83 -4.69 -4.76
C ALA A 94 0.59 -5.10 -5.08
N ILE A 95 1.47 -4.99 -4.13
CA ILE A 95 2.85 -5.41 -4.34
C ILE A 95 3.00 -6.84 -3.84
N VAL A 96 3.78 -7.62 -4.54
CA VAL A 96 3.91 -9.01 -4.24
C VAL A 96 5.11 -9.25 -3.34
N ILE A 97 4.83 -9.72 -2.18
CA ILE A 97 5.83 -10.08 -1.24
C ILE A 97 5.69 -11.57 -0.97
N GLY A 98 6.78 -12.25 -1.05
CA GLY A 98 6.81 -13.65 -0.79
C GLY A 98 7.99 -13.97 0.05
N PHE A 99 8.13 -15.18 0.47
CA PHE A 99 9.25 -15.52 1.30
C PHE A 99 9.84 -16.86 0.99
N ASN A 100 11.03 -16.81 0.36
CA ASN A 100 11.84 -17.96 -0.08
C ASN A 100 11.16 -18.75 -1.20
N VAL A 101 10.07 -18.19 -1.72
CA VAL A 101 9.36 -18.82 -2.81
C VAL A 101 9.97 -18.49 -4.16
N ARG A 102 10.23 -17.18 -4.38
CA ARG A 102 10.90 -16.67 -5.60
C ARG A 102 9.95 -16.72 -6.82
N PRO A 103 10.25 -16.01 -7.90
CA PRO A 103 9.43 -16.03 -9.08
C PRO A 103 9.90 -17.02 -10.11
N ASP A 104 9.06 -17.22 -11.06
CA ASP A 104 9.41 -17.97 -12.24
C ASP A 104 10.20 -17.04 -13.15
N ALA A 105 10.93 -17.59 -14.09
CA ALA A 105 11.73 -16.82 -15.02
C ALA A 105 10.86 -15.91 -15.90
N ASN A 106 9.60 -16.28 -16.07
CA ASN A 106 8.70 -15.45 -16.83
C ASN A 106 8.10 -14.41 -15.92
N ALA A 107 7.80 -14.79 -14.70
CA ALA A 107 7.19 -13.88 -13.74
C ALA A 107 8.11 -12.72 -13.43
N LYS A 108 9.39 -12.99 -13.28
CA LYS A 108 10.39 -11.96 -13.01
C LYS A 108 10.42 -10.91 -14.16
N ARG A 109 9.95 -11.31 -15.32
CA ARG A 109 9.86 -10.54 -16.47
C ARG A 109 8.53 -9.81 -16.48
N ALA A 110 7.46 -10.59 -16.30
CA ALA A 110 6.08 -10.14 -16.29
C ALA A 110 5.89 -9.00 -15.35
N ALA A 111 6.44 -9.13 -14.13
CA ALA A 111 6.34 -8.11 -13.07
C ALA A 111 6.71 -6.76 -13.59
N GLU A 112 7.76 -6.75 -14.34
CA GLU A 112 8.31 -5.52 -14.79
C GLU A 112 7.62 -4.97 -16.02
N SER A 113 7.00 -5.82 -16.74
CA SER A 113 6.23 -5.43 -17.88
C SER A 113 4.80 -5.17 -17.39
N GLU A 114 4.67 -5.22 -16.08
CA GLU A 114 3.46 -5.02 -15.40
C GLU A 114 3.56 -3.98 -14.37
N LYS A 115 4.63 -3.18 -14.44
CA LYS A 115 4.78 -2.05 -13.61
C LYS A 115 4.97 -2.35 -12.13
N VAL A 116 5.03 -3.60 -11.78
CA VAL A 116 5.12 -3.97 -10.39
C VAL A 116 6.43 -4.62 -10.07
N ASP A 117 6.69 -4.79 -8.81
CA ASP A 117 7.90 -5.43 -8.39
C ASP A 117 7.57 -6.49 -7.38
N ILE A 118 8.22 -7.58 -7.53
CA ILE A 118 8.01 -8.72 -6.68
C ILE A 118 9.21 -8.87 -5.75
N ARG A 119 8.98 -8.96 -4.48
CA ARG A 119 10.10 -9.03 -3.55
C ARG A 119 10.00 -10.18 -2.58
N LEU A 120 11.12 -10.83 -2.38
CA LEU A 120 11.23 -11.96 -1.50
C LEU A 120 12.63 -12.11 -0.97
N HIS A 121 12.73 -12.77 0.17
CA HIS A 121 14.00 -13.21 0.77
C HIS A 121 14.84 -12.01 1.25
N ARG A 122 15.73 -11.54 0.39
CA ARG A 122 16.71 -10.52 0.72
C ARG A 122 17.41 -10.78 2.05
N ILE A 123 17.09 -10.00 3.09
CA ILE A 123 17.71 -10.07 4.43
C ILE A 123 19.24 -9.86 4.35
N ILE A 124 19.94 -10.90 3.99
CA ILE A 124 21.40 -10.88 3.84
C ILE A 124 21.73 -10.88 2.34
N TYR A 125 20.70 -10.54 1.58
CA TYR A 125 20.72 -10.43 0.12
C TYR A 125 20.89 -11.79 -0.54
N ASN A 126 22.11 -12.24 -0.60
CA ASN A 126 22.47 -13.52 -1.18
C ASN A 126 23.87 -13.87 -0.79
N VAL A 127 23.99 -14.73 0.17
CA VAL A 127 25.27 -15.19 0.60
C VAL A 127 25.72 -16.29 -0.35
N ILE A 128 26.99 -16.31 -0.66
CA ILE A 128 27.51 -17.21 -1.66
C ILE A 128 27.47 -18.65 -1.14
N GLU A 129 27.99 -18.85 0.08
CA GLU A 129 28.02 -20.16 0.79
C GLU A 129 28.95 -21.15 0.09
N GLU A 130 28.55 -21.53 -1.08
CA GLU A 130 29.23 -22.52 -1.88
C GLU A 130 30.47 -21.92 -2.49
N ILE A 131 31.60 -22.55 -2.30
CA ILE A 131 32.81 -22.08 -2.93
C ILE A 131 32.84 -22.64 -4.34
N GLU A 132 32.52 -21.78 -5.28
CA GLU A 132 32.42 -22.13 -6.65
C GLU A 132 33.81 -22.21 -7.29
N ALA A 133 34.00 -23.24 -8.10
CA ALA A 133 35.22 -23.49 -8.87
C ALA A 133 36.49 -23.60 -8.02
N ALA A 134 36.68 -24.74 -7.41
CA ALA A 134 37.89 -25.00 -6.67
C ALA A 134 38.86 -25.78 -7.54
N MET A 135 38.43 -26.93 -7.99
CA MET A 135 39.21 -27.73 -8.90
C MET A 135 38.74 -27.48 -10.30
N ASN A 1 7.45 -12.34 -29.37
CA ASN A 1 7.09 -11.01 -28.87
C ASN A 1 8.34 -10.21 -28.70
N GLU A 2 8.26 -8.93 -28.94
CA GLU A 2 9.38 -8.05 -28.75
C GLU A 2 9.45 -7.69 -27.28
N PHE A 3 10.09 -8.52 -26.53
CA PHE A 3 10.17 -8.33 -25.10
C PHE A 3 11.49 -7.67 -24.73
N GLU A 4 11.54 -7.09 -23.53
CA GLU A 4 12.69 -6.35 -23.01
C GLU A 4 12.97 -5.10 -23.84
N LEU A 5 12.23 -4.06 -23.54
CA LEU A 5 12.33 -2.82 -24.30
C LEU A 5 13.32 -1.86 -23.65
N GLY A 6 13.56 -2.00 -22.37
CA GLY A 6 14.42 -1.07 -21.67
C GLY A 6 15.88 -1.47 -21.67
N THR A 7 16.44 -1.68 -22.84
CA THR A 7 17.84 -2.04 -22.94
C THR A 7 18.73 -0.81 -22.80
N ARG A 8 18.24 0.33 -23.26
CA ARG A 8 18.90 1.60 -23.09
C ARG A 8 18.01 2.52 -22.30
N GLY A 9 16.81 2.66 -22.75
CA GLY A 9 15.86 3.50 -22.09
C GLY A 9 14.49 3.33 -22.69
N SER A 10 13.61 2.72 -21.95
CA SER A 10 12.27 2.50 -22.44
C SER A 10 11.49 3.79 -22.30
N SER A 11 11.68 4.50 -21.18
CA SER A 11 10.96 5.73 -20.90
C SER A 11 11.44 6.89 -21.81
N ARG A 12 12.49 6.64 -22.56
CA ARG A 12 12.99 7.60 -23.54
C ARG A 12 12.04 7.65 -24.74
N VAL A 13 11.29 6.58 -24.91
CA VAL A 13 10.40 6.43 -26.05
C VAL A 13 8.99 6.19 -25.56
N ASP A 14 8.83 5.11 -24.87
CA ASP A 14 7.54 4.74 -24.34
C ASP A 14 7.52 4.99 -22.85
N LEU A 15 7.20 6.20 -22.48
CA LEU A 15 7.10 6.54 -21.07
C LEU A 15 5.65 6.44 -20.60
N GLN A 16 4.77 6.54 -21.56
CA GLN A 16 3.34 6.39 -21.36
C GLN A 16 2.75 5.51 -22.41
N GLU A 17 1.67 4.88 -22.07
CA GLU A 17 1.01 3.91 -22.92
C GLU A 17 -0.41 4.36 -23.21
N GLN A 18 -1.14 3.54 -23.96
CA GLN A 18 -2.58 3.74 -24.22
C GLN A 18 -2.86 4.98 -25.10
N ARG A 19 -1.82 5.50 -25.73
CA ARG A 19 -1.97 6.60 -26.67
C ARG A 19 -2.65 6.02 -27.90
N SER A 20 -2.22 4.84 -28.23
CA SER A 20 -2.81 4.07 -29.26
C SER A 20 -3.44 2.90 -28.56
N VAL A 21 -4.71 2.99 -28.32
CA VAL A 21 -5.38 1.97 -27.59
C VAL A 21 -6.37 1.20 -28.46
N LYS A 22 -5.92 0.09 -28.94
CA LYS A 22 -6.76 -0.82 -29.65
C LYS A 22 -6.27 -2.21 -29.34
N THR A 23 -5.07 -2.48 -29.73
CA THR A 23 -4.41 -3.70 -29.46
C THR A 23 -3.16 -3.42 -28.64
N ARG A 24 -3.36 -3.19 -27.36
CA ARG A 24 -2.24 -2.90 -26.48
C ARG A 24 -2.13 -3.95 -25.41
N VAL A 25 -0.94 -4.14 -24.90
CA VAL A 25 -0.69 -5.09 -23.85
C VAL A 25 -0.72 -4.38 -22.50
N SER A 26 -0.75 -5.17 -21.42
CA SER A 26 -0.78 -4.72 -20.03
C SER A 26 -2.13 -4.08 -19.67
N LEU A 27 -3.08 -4.18 -20.59
CA LEU A 27 -4.40 -3.70 -20.36
C LEU A 27 -5.27 -4.90 -20.04
N ASP A 28 -5.58 -5.03 -18.79
CA ASP A 28 -6.36 -6.14 -18.33
C ASP A 28 -7.73 -5.60 -17.90
N ASP A 29 -8.60 -6.44 -17.44
CA ASP A 29 -9.94 -6.01 -17.06
C ASP A 29 -10.45 -6.80 -15.86
N LEU A 30 -9.67 -7.77 -15.39
CA LEU A 30 -10.08 -8.61 -14.28
C LEU A 30 -9.86 -7.89 -12.96
N PHE A 31 -10.94 -7.27 -12.46
CA PHE A 31 -10.99 -6.54 -11.19
C PHE A 31 -9.85 -5.52 -11.12
N GLU A 32 -9.77 -4.70 -12.15
CA GLU A 32 -8.75 -3.69 -12.25
C GLU A 32 -9.19 -2.53 -11.36
N GLN A 33 -8.37 -2.19 -10.40
CA GLN A 33 -8.76 -1.24 -9.39
C GLN A 33 -8.52 0.19 -9.80
N ILE A 34 -9.56 0.78 -10.32
CA ILE A 34 -9.55 2.17 -10.71
C ILE A 34 -10.03 3.03 -9.55
N LYS A 35 -10.69 2.41 -8.61
CA LYS A 35 -11.12 3.07 -7.40
C LYS A 35 -10.60 2.32 -6.20
N GLN A 36 -9.43 2.73 -5.76
CA GLN A 36 -8.72 2.11 -4.67
C GLN A 36 -7.58 3.05 -4.32
N GLY A 37 -7.27 3.19 -3.04
CA GLY A 37 -6.17 4.03 -2.65
C GLY A 37 -6.64 5.44 -2.41
N GLU A 38 -7.82 5.56 -1.86
CA GLU A 38 -8.44 6.85 -1.65
C GLU A 38 -8.38 7.19 -0.14
N MET A 39 -7.37 6.61 0.44
CA MET A 39 -6.89 6.75 1.82
C MET A 39 -5.52 6.15 1.77
N LYS A 40 -4.84 5.99 2.88
CA LYS A 40 -3.58 5.30 2.84
C LYS A 40 -3.83 3.80 2.84
N GLU A 41 -4.17 3.30 1.67
CA GLU A 41 -4.52 1.93 1.49
C GLU A 41 -3.39 1.20 0.84
N LEU A 42 -2.69 0.44 1.61
CA LEU A 42 -1.58 -0.31 1.14
C LEU A 42 -2.12 -1.70 0.82
N ASN A 43 -1.97 -2.10 -0.41
CA ASN A 43 -2.54 -3.34 -0.89
C ASN A 43 -1.48 -4.41 -0.90
N LEU A 44 -1.75 -5.54 -0.30
CA LEU A 44 -0.77 -6.61 -0.25
C LEU A 44 -1.30 -7.97 -0.66
N ILE A 45 -0.36 -8.83 -0.90
CA ILE A 45 -0.54 -10.21 -1.22
C ILE A 45 0.39 -11.01 -0.32
N VAL A 46 -0.10 -12.08 0.21
CA VAL A 46 0.69 -12.94 1.02
C VAL A 46 0.75 -14.29 0.34
N LYS A 47 1.93 -14.79 0.15
CA LYS A 47 2.12 -16.06 -0.47
C LYS A 47 3.47 -16.61 -0.10
N ALA A 48 3.46 -17.82 0.37
CA ALA A 48 4.64 -18.43 0.93
C ALA A 48 4.66 -19.90 0.59
N ASP A 49 5.72 -20.57 0.99
CA ASP A 49 5.90 -21.99 0.74
C ASP A 49 5.00 -22.79 1.67
N VAL A 50 4.79 -22.24 2.85
CA VAL A 50 3.94 -22.84 3.84
C VAL A 50 2.53 -22.22 3.72
N GLN A 51 1.56 -23.07 3.50
CA GLN A 51 0.17 -22.70 3.24
C GLN A 51 -0.44 -21.96 4.40
N GLY A 52 -0.30 -22.44 5.57
CA GLY A 52 -0.92 -21.76 6.66
C GLY A 52 -0.08 -20.64 7.20
N SER A 53 1.03 -20.38 6.56
CA SER A 53 1.87 -19.31 6.96
C SER A 53 1.29 -18.08 6.33
N VAL A 54 0.65 -18.30 5.18
CA VAL A 54 -0.01 -17.24 4.52
C VAL A 54 -1.24 -16.87 5.31
N GLU A 55 -1.99 -17.88 5.74
CA GLU A 55 -3.21 -17.65 6.52
C GLU A 55 -2.93 -16.92 7.82
N ALA A 56 -1.84 -17.28 8.47
CA ALA A 56 -1.44 -16.67 9.73
C ALA A 56 -1.15 -15.18 9.53
N LEU A 57 -0.50 -14.86 8.42
CA LEU A 57 -0.17 -13.49 8.14
C LEU A 57 -1.41 -12.72 7.69
N VAL A 58 -2.26 -13.38 6.89
CA VAL A 58 -3.52 -12.80 6.41
C VAL A 58 -4.42 -12.35 7.56
N ALA A 59 -4.42 -13.14 8.62
CA ALA A 59 -5.26 -12.85 9.79
C ALA A 59 -4.78 -11.63 10.55
N ALA A 60 -3.55 -11.26 10.32
CA ALA A 60 -3.00 -10.11 10.96
C ALA A 60 -3.08 -8.96 10.01
N LEU A 61 -3.01 -9.30 8.76
CA LEU A 61 -2.96 -8.32 7.71
C LEU A 61 -4.33 -7.70 7.50
N GLN A 62 -5.36 -8.49 7.66
CA GLN A 62 -6.73 -8.00 7.52
C GLN A 62 -7.09 -7.04 8.65
N LYS A 63 -6.37 -7.14 9.76
CA LYS A 63 -6.63 -6.29 10.91
C LYS A 63 -5.65 -5.09 11.00
N ILE A 64 -4.80 -4.90 9.97
CA ILE A 64 -3.81 -3.79 9.96
C ILE A 64 -4.53 -2.41 9.71
N ASP A 65 -5.84 -2.48 9.55
CA ASP A 65 -6.68 -1.29 9.42
C ASP A 65 -6.64 -0.47 10.70
N VAL A 66 -6.17 0.75 10.58
CA VAL A 66 -6.11 1.67 11.68
C VAL A 66 -6.77 2.97 11.22
N GLU A 67 -6.60 4.03 11.95
CA GLU A 67 -7.18 5.29 11.56
C GLU A 67 -6.33 5.97 10.48
N GLY A 68 -6.90 6.09 9.30
CA GLY A 68 -6.23 6.75 8.20
C GLY A 68 -5.48 5.80 7.30
N VAL A 69 -4.79 4.87 7.92
CA VAL A 69 -4.00 3.89 7.19
C VAL A 69 -4.69 2.55 7.26
N ARG A 70 -4.80 1.91 6.15
CA ARG A 70 -5.36 0.61 6.11
C ARG A 70 -4.65 -0.26 5.11
N VAL A 71 -3.96 -1.22 5.63
CA VAL A 71 -3.24 -2.17 4.86
C VAL A 71 -4.06 -3.43 4.88
N LYS A 72 -4.29 -4.03 3.74
CA LYS A 72 -5.09 -5.22 3.69
C LYS A 72 -4.63 -6.11 2.54
N ILE A 73 -4.96 -7.36 2.65
CA ILE A 73 -4.60 -8.35 1.68
C ILE A 73 -5.72 -8.56 0.66
N ILE A 74 -5.34 -8.82 -0.56
CA ILE A 74 -6.32 -9.10 -1.60
C ILE A 74 -6.18 -10.55 -2.04
N HIS A 75 -5.04 -11.09 -1.82
CA HIS A 75 -4.73 -12.37 -2.34
C HIS A 75 -3.79 -13.09 -1.36
N ALA A 76 -4.03 -14.36 -1.16
CA ALA A 76 -3.23 -15.23 -0.32
C ALA A 76 -3.14 -16.56 -1.04
N ALA A 77 -1.96 -17.17 -1.09
CA ALA A 77 -1.82 -18.44 -1.79
C ALA A 77 -0.54 -19.16 -1.38
N VAL A 78 -0.52 -20.45 -1.55
CA VAL A 78 0.68 -21.21 -1.29
C VAL A 78 1.39 -21.53 -2.62
N GLY A 79 2.34 -20.69 -2.97
CA GLY A 79 3.03 -20.91 -4.22
C GLY A 79 4.13 -19.92 -4.47
N ALA A 80 4.87 -20.16 -5.52
CA ALA A 80 5.95 -19.29 -5.98
C ALA A 80 5.34 -18.15 -6.80
N ILE A 81 6.10 -17.13 -7.15
CA ILE A 81 5.56 -15.98 -7.89
C ILE A 81 5.27 -16.36 -9.32
N THR A 82 4.02 -16.28 -9.70
CA THR A 82 3.63 -16.60 -11.03
C THR A 82 3.03 -15.36 -11.70
N GLU A 83 3.03 -15.33 -13.03
CA GLU A 83 2.42 -14.25 -13.82
C GLU A 83 0.98 -13.94 -13.36
N SER A 84 0.25 -14.97 -12.93
CA SER A 84 -1.12 -14.83 -12.47
C SER A 84 -1.18 -13.93 -11.23
N ASP A 85 -0.22 -14.10 -10.34
CA ASP A 85 -0.15 -13.33 -9.11
C ASP A 85 0.24 -11.92 -9.43
N ILE A 86 1.15 -11.78 -10.36
CA ILE A 86 1.63 -10.49 -10.81
C ILE A 86 0.55 -9.68 -11.52
N SER A 87 -0.37 -10.36 -12.15
CA SER A 87 -1.51 -9.72 -12.77
C SER A 87 -2.30 -8.92 -11.71
N LEU A 88 -2.36 -9.48 -10.49
CA LEU A 88 -3.01 -8.83 -9.36
C LEU A 88 -2.18 -7.64 -8.88
N ALA A 89 -0.89 -7.78 -8.97
CA ALA A 89 0.05 -6.78 -8.50
C ALA A 89 -0.21 -5.41 -9.11
N THR A 90 -0.12 -5.27 -10.41
CA THR A 90 -0.41 -3.98 -11.04
C THR A 90 -1.94 -3.65 -10.97
N ALA A 91 -2.78 -4.69 -10.77
CA ALA A 91 -4.24 -4.53 -10.72
C ALA A 91 -4.69 -3.78 -9.47
N SER A 92 -4.27 -4.23 -8.32
CA SER A 92 -4.63 -3.54 -7.07
C SER A 92 -3.50 -2.62 -6.62
N ASN A 93 -2.40 -2.65 -7.37
CA ASN A 93 -1.17 -1.89 -7.05
C ASN A 93 -0.54 -2.46 -5.79
N ALA A 94 -0.61 -3.77 -5.71
CA ALA A 94 -0.03 -4.53 -4.64
C ALA A 94 1.33 -5.01 -5.07
N ILE A 95 2.18 -5.28 -4.13
CA ILE A 95 3.50 -5.79 -4.44
C ILE A 95 3.58 -7.23 -3.96
N VAL A 96 4.12 -8.10 -4.79
CA VAL A 96 4.13 -9.51 -4.49
C VAL A 96 5.43 -9.87 -3.80
N ILE A 97 5.29 -10.44 -2.63
CA ILE A 97 6.41 -10.86 -1.86
C ILE A 97 6.54 -12.38 -1.94
N GLY A 98 7.71 -12.84 -1.67
CA GLY A 98 7.97 -14.24 -1.61
C GLY A 98 9.36 -14.46 -1.10
N PHE A 99 9.71 -15.69 -0.86
CA PHE A 99 11.02 -16.03 -0.37
C PHE A 99 11.25 -17.48 -0.61
N ASN A 100 12.43 -17.79 -1.15
CA ASN A 100 12.90 -19.16 -1.44
C ASN A 100 12.17 -19.77 -2.65
N VAL A 101 10.88 -19.53 -2.72
CA VAL A 101 10.04 -19.95 -3.81
C VAL A 101 10.41 -19.23 -5.12
N ARG A 102 10.50 -17.89 -5.06
CA ARG A 102 10.95 -17.06 -6.18
C ARG A 102 9.94 -17.09 -7.38
N PRO A 103 10.19 -16.38 -8.50
CA PRO A 103 9.29 -16.38 -9.64
C PRO A 103 9.73 -17.28 -10.77
N ASP A 104 8.90 -17.36 -11.77
CA ASP A 104 9.25 -17.97 -13.02
C ASP A 104 10.01 -16.93 -13.79
N ALA A 105 10.83 -17.35 -14.72
CA ALA A 105 11.58 -16.41 -15.55
C ALA A 105 10.63 -15.53 -16.36
N ASN A 106 9.49 -16.07 -16.72
CA ASN A 106 8.48 -15.27 -17.41
C ASN A 106 7.74 -14.36 -16.44
N ALA A 107 7.48 -14.84 -15.22
CA ALA A 107 6.84 -14.00 -14.22
C ALA A 107 7.72 -12.78 -13.88
N LYS A 108 9.02 -12.99 -13.71
CA LYS A 108 9.94 -11.87 -13.43
C LYS A 108 9.93 -10.81 -14.57
N ARG A 109 9.66 -11.25 -15.80
CA ARG A 109 9.53 -10.43 -16.92
C ARG A 109 8.23 -9.67 -16.84
N ALA A 110 7.16 -10.46 -16.61
CA ALA A 110 5.80 -9.99 -16.51
C ALA A 110 5.70 -8.89 -15.52
N ALA A 111 6.28 -9.12 -14.33
CA ALA A 111 6.29 -8.16 -13.23
C ALA A 111 6.70 -6.81 -13.69
N GLU A 112 7.77 -6.78 -14.38
CA GLU A 112 8.34 -5.54 -14.75
C GLU A 112 7.69 -4.93 -15.97
N SER A 113 7.11 -5.74 -16.75
CA SER A 113 6.36 -5.30 -17.89
C SER A 113 4.93 -5.01 -17.43
N GLU A 114 4.74 -5.13 -16.13
CA GLU A 114 3.50 -4.85 -15.47
C GLU A 114 3.67 -3.84 -14.42
N LYS A 115 4.75 -3.08 -14.52
CA LYS A 115 5.00 -1.97 -13.67
C LYS A 115 5.26 -2.34 -12.21
N VAL A 116 5.32 -3.61 -11.89
CA VAL A 116 5.47 -4.01 -10.53
C VAL A 116 6.78 -4.69 -10.28
N ASP A 117 7.13 -4.79 -9.06
CA ASP A 117 8.33 -5.45 -8.67
C ASP A 117 7.98 -6.50 -7.67
N ILE A 118 8.65 -7.59 -7.75
CA ILE A 118 8.44 -8.66 -6.83
C ILE A 118 9.58 -8.72 -5.84
N ARG A 119 9.26 -8.96 -4.60
CA ARG A 119 10.23 -8.95 -3.52
C ARG A 119 10.54 -10.35 -3.11
N LEU A 120 11.75 -10.79 -3.35
CA LEU A 120 12.13 -12.11 -2.99
C LEU A 120 13.12 -12.11 -1.87
N HIS A 121 12.88 -12.99 -0.90
CA HIS A 121 13.75 -13.23 0.22
C HIS A 121 13.84 -11.99 1.12
N ARG A 122 12.78 -11.79 1.89
CA ARG A 122 12.69 -10.62 2.78
C ARG A 122 12.95 -11.00 4.23
N ILE A 123 13.40 -12.21 4.45
CA ILE A 123 13.69 -12.68 5.79
C ILE A 123 15.19 -12.83 5.99
N ILE A 124 15.64 -12.60 7.19
CA ILE A 124 17.05 -12.80 7.52
C ILE A 124 17.30 -14.26 7.85
N TYR A 125 17.77 -14.98 6.89
CA TYR A 125 17.97 -16.39 7.02
C TYR A 125 19.36 -16.69 7.60
N ASN A 126 19.48 -16.42 8.87
CA ASN A 126 20.70 -16.69 9.64
C ASN A 126 20.30 -17.19 11.00
N VAL A 127 19.16 -17.85 11.03
CA VAL A 127 18.54 -18.35 12.25
C VAL A 127 17.91 -17.20 13.03
N ILE A 128 16.60 -17.11 12.95
CA ILE A 128 15.84 -16.05 13.62
C ILE A 128 15.47 -16.48 15.03
N GLU A 129 15.87 -17.69 15.37
CA GLU A 129 15.68 -18.22 16.70
C GLU A 129 16.77 -17.69 17.61
N GLU A 130 17.73 -17.06 17.00
CA GLU A 130 18.83 -16.50 17.70
C GLU A 130 18.43 -15.13 18.25
N ILE A 131 18.60 -14.97 19.55
CA ILE A 131 18.33 -13.70 20.20
C ILE A 131 19.53 -12.78 20.02
N GLU A 132 20.68 -13.42 19.81
CA GLU A 132 21.96 -12.78 19.54
C GLU A 132 22.49 -12.04 20.77
N ALA A 133 21.97 -10.88 21.06
CA ALA A 133 22.40 -10.12 22.22
C ALA A 133 21.21 -9.38 22.81
N ALA A 134 20.03 -9.74 22.39
CA ALA A 134 18.84 -9.07 22.81
C ALA A 134 17.98 -9.97 23.66
N MET A 135 17.69 -9.51 24.84
CA MET A 135 16.82 -10.20 25.76
C MET A 135 15.77 -9.21 26.21
N ASN A 1 17.37 69.45 18.86
CA ASN A 1 16.23 68.80 19.51
C ASN A 1 15.26 68.38 18.44
N GLU A 2 14.44 69.34 17.98
CA GLU A 2 13.48 69.16 16.90
C GLU A 2 12.41 68.12 17.25
N PHE A 3 11.38 68.60 17.88
CA PHE A 3 10.28 67.77 18.31
C PHE A 3 9.14 67.87 17.30
N GLU A 4 8.17 66.99 17.44
CA GLU A 4 6.97 66.96 16.61
C GLU A 4 6.22 68.30 16.73
N LEU A 5 5.61 68.69 15.64
CA LEU A 5 4.92 69.94 15.58
C LEU A 5 3.50 69.79 16.06
N GLY A 6 2.90 68.66 15.78
CA GLY A 6 1.55 68.47 16.22
C GLY A 6 0.93 67.17 15.82
N THR A 7 0.83 66.27 16.75
CA THR A 7 0.11 65.07 16.54
C THR A 7 -1.31 65.26 17.08
N ARG A 8 -2.20 65.59 16.18
CA ARG A 8 -3.57 65.98 16.51
C ARG A 8 -4.46 64.83 17.02
N GLY A 9 -4.07 63.60 16.85
CA GLY A 9 -4.85 62.54 17.46
C GLY A 9 -4.90 61.25 16.69
N SER A 10 -5.61 61.25 15.58
CA SER A 10 -5.77 60.06 14.77
C SER A 10 -4.43 59.57 14.22
N SER A 11 -4.28 58.25 14.21
CA SER A 11 -3.08 57.54 13.77
C SER A 11 -2.02 57.60 14.88
N ARG A 12 -1.62 58.84 15.22
CA ARG A 12 -0.68 59.21 16.28
C ARG A 12 0.71 58.59 16.09
N VAL A 13 0.78 57.30 16.26
CA VAL A 13 2.01 56.55 16.19
C VAL A 13 1.95 55.48 15.11
N ASP A 14 0.77 55.21 14.61
CA ASP A 14 0.60 54.21 13.57
C ASP A 14 -0.10 54.83 12.41
N LEU A 15 0.63 55.05 11.37
CA LEU A 15 0.08 55.67 10.18
C LEU A 15 -0.42 54.58 9.27
N GLN A 16 -1.71 54.39 9.24
CA GLN A 16 -2.29 53.40 8.39
C GLN A 16 -3.21 54.07 7.39
N GLU A 17 -2.60 54.57 6.36
CA GLU A 17 -3.31 55.26 5.33
C GLU A 17 -3.55 54.34 4.16
N GLN A 18 -3.69 53.05 4.45
CA GLN A 18 -4.00 52.07 3.44
C GLN A 18 -5.50 52.16 3.18
N ARG A 19 -5.93 53.17 2.47
CA ARG A 19 -7.34 53.38 2.24
C ARG A 19 -7.80 52.62 1.04
N SER A 20 -6.93 52.55 0.06
CA SER A 20 -7.18 51.80 -1.15
C SER A 20 -6.71 50.35 -0.95
N VAL A 21 -6.22 50.08 0.29
CA VAL A 21 -5.66 48.81 0.73
C VAL A 21 -4.69 48.21 -0.24
N LYS A 22 -3.75 49.01 -0.64
CA LYS A 22 -2.73 48.64 -1.56
C LYS A 22 -1.42 48.72 -0.79
N THR A 23 -0.38 48.01 -1.26
CA THR A 23 0.97 47.95 -0.65
C THR A 23 0.96 47.51 0.84
N ARG A 24 -0.14 46.91 1.26
CA ARG A 24 -0.35 46.54 2.65
C ARG A 24 -0.29 45.03 2.86
N VAL A 25 0.05 44.31 1.82
CA VAL A 25 0.15 42.86 1.90
C VAL A 25 1.46 42.43 2.56
N SER A 26 1.52 41.19 2.95
CA SER A 26 2.68 40.68 3.64
C SER A 26 2.95 39.24 3.20
N LEU A 27 2.03 38.34 3.52
CA LEU A 27 2.21 36.94 3.21
C LEU A 27 1.06 36.43 2.38
N ASP A 28 1.35 36.15 1.12
CA ASP A 28 0.37 35.65 0.16
C ASP A 28 0.10 34.16 0.46
N ASP A 29 1.05 33.56 1.18
CA ASP A 29 1.02 32.18 1.68
C ASP A 29 1.05 31.19 0.50
N LEU A 30 0.68 29.92 0.75
CA LEU A 30 0.68 28.84 -0.24
C LEU A 30 2.11 28.61 -0.78
N PHE A 31 3.06 28.74 0.12
CA PHE A 31 4.46 28.60 -0.22
C PHE A 31 4.84 27.13 -0.26
N GLU A 32 4.34 26.38 0.70
CA GLU A 32 4.64 24.97 0.80
C GLU A 32 3.49 24.15 0.24
N GLN A 33 3.79 22.97 -0.21
CA GLN A 33 2.79 22.09 -0.75
C GLN A 33 2.41 21.09 0.31
N ILE A 34 1.17 21.10 0.67
CA ILE A 34 0.65 20.21 1.70
C ILE A 34 0.26 18.86 1.14
N LYS A 35 0.21 17.89 2.01
CA LYS A 35 -0.22 16.56 1.67
C LYS A 35 -1.72 16.53 1.45
N GLN A 36 -2.11 16.23 0.25
CA GLN A 36 -3.53 16.22 -0.12
C GLN A 36 -3.89 14.88 -0.69
N GLY A 37 -3.09 14.41 -1.62
CA GLY A 37 -3.33 13.16 -2.28
C GLY A 37 -2.75 11.99 -1.53
N GLU A 38 -2.99 11.96 -0.24
CA GLU A 38 -2.52 10.93 0.63
C GLU A 38 -3.67 10.03 1.04
N MET A 39 -3.42 9.20 2.05
CA MET A 39 -4.38 8.25 2.61
C MET A 39 -4.62 7.15 1.58
N LYS A 40 -3.63 6.92 0.77
CA LYS A 40 -3.67 5.89 -0.22
C LYS A 40 -3.41 4.57 0.47
N GLU A 41 -3.98 3.53 -0.02
CA GLU A 41 -3.98 2.27 0.67
C GLU A 41 -2.83 1.39 0.24
N LEU A 42 -2.40 0.60 1.18
CA LEU A 42 -1.35 -0.36 0.96
C LEU A 42 -1.99 -1.73 0.83
N ASN A 43 -2.08 -2.20 -0.36
CA ASN A 43 -2.66 -3.48 -0.64
C ASN A 43 -1.54 -4.48 -0.81
N LEU A 44 -1.67 -5.65 -0.22
CA LEU A 44 -0.60 -6.63 -0.29
C LEU A 44 -1.09 -8.03 -0.62
N ILE A 45 -0.14 -8.85 -0.99
CA ILE A 45 -0.32 -10.26 -1.26
C ILE A 45 0.62 -11.02 -0.35
N VAL A 46 0.14 -12.12 0.17
CA VAL A 46 0.93 -12.96 1.02
C VAL A 46 1.22 -14.30 0.32
N LYS A 47 2.49 -14.67 0.32
CA LYS A 47 2.95 -15.90 -0.25
C LYS A 47 3.96 -16.54 0.66
N ALA A 48 3.93 -17.83 0.70
CA ALA A 48 4.83 -18.63 1.47
C ALA A 48 4.77 -20.01 0.89
N ASP A 49 5.72 -20.86 1.21
CA ASP A 49 5.71 -22.23 0.70
C ASP A 49 4.85 -23.12 1.57
N VAL A 50 4.56 -22.66 2.77
CA VAL A 50 3.64 -23.33 3.67
C VAL A 50 2.32 -22.58 3.60
N GLN A 51 1.23 -23.29 3.34
CA GLN A 51 -0.06 -22.65 3.13
C GLN A 51 -0.55 -21.86 4.31
N GLY A 52 -0.57 -22.45 5.45
CA GLY A 52 -1.12 -21.72 6.57
C GLY A 52 -0.21 -20.65 7.09
N SER A 53 0.94 -20.49 6.48
CA SER A 53 1.84 -19.47 6.85
C SER A 53 1.34 -18.22 6.15
N VAL A 54 0.63 -18.44 5.03
CA VAL A 54 0.04 -17.38 4.32
C VAL A 54 -1.20 -16.95 5.06
N GLU A 55 -1.99 -17.92 5.44
CA GLU A 55 -3.25 -17.70 6.09
C GLU A 55 -3.09 -17.07 7.46
N ALA A 56 -2.08 -17.49 8.19
CA ALA A 56 -1.79 -16.91 9.51
C ALA A 56 -1.47 -15.44 9.39
N LEU A 57 -0.75 -15.08 8.33
CA LEU A 57 -0.40 -13.71 8.11
C LEU A 57 -1.63 -12.93 7.65
N VAL A 58 -2.40 -13.55 6.76
CA VAL A 58 -3.65 -12.97 6.25
C VAL A 58 -4.61 -12.66 7.39
N ALA A 59 -4.69 -13.54 8.35
CA ALA A 59 -5.58 -13.38 9.50
C ALA A 59 -5.19 -12.17 10.34
N ALA A 60 -3.94 -11.78 10.26
CA ALA A 60 -3.46 -10.67 11.06
C ALA A 60 -3.44 -9.43 10.23
N LEU A 61 -3.44 -9.63 8.95
CA LEU A 61 -3.33 -8.57 7.99
C LEU A 61 -4.72 -8.06 7.60
N GLN A 62 -5.70 -8.94 7.68
CA GLN A 62 -7.07 -8.56 7.34
C GLN A 62 -7.70 -7.78 8.48
N LYS A 63 -7.18 -7.98 9.68
CA LYS A 63 -7.72 -7.31 10.85
C LYS A 63 -7.07 -5.94 11.04
N ILE A 64 -6.20 -5.59 10.13
CA ILE A 64 -5.59 -4.29 10.10
C ILE A 64 -6.59 -3.38 9.42
N ASP A 65 -7.23 -2.54 10.18
CA ASP A 65 -8.23 -1.68 9.62
C ASP A 65 -8.21 -0.33 10.26
N VAL A 66 -7.96 0.68 9.44
CA VAL A 66 -7.97 2.09 9.80
C VAL A 66 -7.07 2.44 11.00
N GLU A 67 -5.86 2.81 10.71
CA GLU A 67 -4.94 3.30 11.73
C GLU A 67 -4.46 4.69 11.31
N GLY A 68 -5.25 5.29 10.44
CA GLY A 68 -4.88 6.52 9.78
C GLY A 68 -4.35 6.19 8.41
N VAL A 69 -3.84 4.98 8.34
CA VAL A 69 -3.36 4.37 7.15
C VAL A 69 -4.20 3.09 6.96
N ARG A 70 -4.34 2.64 5.75
CA ARG A 70 -5.09 1.44 5.48
C ARG A 70 -4.19 0.43 4.79
N VAL A 71 -3.99 -0.69 5.45
CA VAL A 71 -3.18 -1.77 4.96
C VAL A 71 -4.00 -3.04 5.08
N LYS A 72 -3.99 -3.87 4.07
CA LYS A 72 -4.77 -5.09 4.07
C LYS A 72 -4.30 -5.98 2.92
N ILE A 73 -4.64 -7.23 2.99
CA ILE A 73 -4.28 -8.16 1.97
C ILE A 73 -5.37 -8.32 0.94
N ILE A 74 -4.97 -8.62 -0.26
CA ILE A 74 -5.92 -8.81 -1.34
C ILE A 74 -5.87 -10.25 -1.79
N HIS A 75 -4.74 -10.87 -1.65
CA HIS A 75 -4.52 -12.16 -2.23
C HIS A 75 -3.55 -12.93 -1.35
N ALA A 76 -3.81 -14.19 -1.19
CA ALA A 76 -2.97 -15.10 -0.45
C ALA A 76 -2.87 -16.35 -1.25
N ALA A 77 -1.71 -16.89 -1.38
CA ALA A 77 -1.55 -18.11 -2.13
C ALA A 77 -0.29 -18.82 -1.75
N VAL A 78 -0.36 -20.12 -1.68
CA VAL A 78 0.80 -20.90 -1.41
C VAL A 78 1.43 -21.34 -2.72
N GLY A 79 2.37 -20.56 -3.13
CA GLY A 79 3.06 -20.78 -4.34
C GLY A 79 4.13 -19.76 -4.51
N ALA A 80 4.91 -19.92 -5.53
CA ALA A 80 5.95 -18.99 -5.85
C ALA A 80 5.37 -17.81 -6.63
N ILE A 81 6.19 -16.89 -7.06
CA ILE A 81 5.69 -15.76 -7.83
C ILE A 81 5.44 -16.22 -9.25
N THR A 82 4.20 -16.29 -9.64
CA THR A 82 3.90 -16.71 -10.96
C THR A 82 3.28 -15.55 -11.74
N GLU A 83 3.23 -15.69 -13.05
CA GLU A 83 2.74 -14.67 -13.95
C GLU A 83 1.29 -14.24 -13.59
N SER A 84 0.50 -15.20 -13.13
CA SER A 84 -0.88 -14.97 -12.76
C SER A 84 -1.01 -14.06 -11.52
N ASP A 85 0.00 -14.09 -10.66
CA ASP A 85 -0.02 -13.28 -9.44
C ASP A 85 0.33 -11.86 -9.77
N ILE A 86 1.10 -11.68 -10.82
CA ILE A 86 1.51 -10.38 -11.26
C ILE A 86 0.29 -9.58 -11.75
N SER A 87 -0.66 -10.30 -12.33
CA SER A 87 -1.90 -9.72 -12.79
C SER A 87 -2.61 -9.00 -11.64
N LEU A 88 -2.58 -9.60 -10.45
CA LEU A 88 -3.17 -9.02 -9.26
C LEU A 88 -2.32 -7.87 -8.76
N ALA A 89 -1.02 -8.04 -8.84
CA ALA A 89 -0.07 -7.07 -8.37
C ALA A 89 -0.33 -5.68 -8.94
N THR A 90 -0.39 -5.57 -10.24
CA THR A 90 -0.66 -4.28 -10.86
C THR A 90 -2.17 -3.92 -10.77
N ALA A 91 -3.03 -4.93 -10.55
CA ALA A 91 -4.47 -4.73 -10.50
C ALA A 91 -4.89 -3.89 -9.31
N SER A 92 -4.69 -4.44 -8.14
CA SER A 92 -5.09 -3.78 -6.91
C SER A 92 -3.91 -3.01 -6.31
N ASN A 93 -2.78 -3.04 -7.03
CA ASN A 93 -1.55 -2.40 -6.60
C ASN A 93 -1.02 -2.97 -5.33
N ALA A 94 -0.70 -4.23 -5.42
CA ALA A 94 -0.10 -4.96 -4.36
C ALA A 94 1.23 -5.46 -4.87
N ILE A 95 2.25 -5.34 -4.08
CA ILE A 95 3.55 -5.84 -4.51
C ILE A 95 3.73 -7.24 -3.99
N VAL A 96 4.34 -8.08 -4.78
CA VAL A 96 4.43 -9.47 -4.44
C VAL A 96 5.72 -9.75 -3.74
N ILE A 97 5.61 -10.15 -2.51
CA ILE A 97 6.76 -10.48 -1.70
C ILE A 97 6.75 -11.99 -1.43
N GLY A 98 7.82 -12.63 -1.74
CA GLY A 98 7.95 -14.04 -1.53
C GLY A 98 9.26 -14.35 -0.86
N PHE A 99 9.44 -15.56 -0.43
CA PHE A 99 10.65 -15.92 0.26
C PHE A 99 11.01 -17.34 -0.09
N ASN A 100 12.16 -17.52 -0.73
CA ASN A 100 12.72 -18.85 -1.14
C ASN A 100 11.97 -19.48 -2.31
N VAL A 101 10.71 -19.16 -2.41
CA VAL A 101 9.88 -19.60 -3.52
C VAL A 101 10.34 -18.98 -4.81
N ARG A 102 10.55 -17.66 -4.78
CA ARG A 102 11.09 -16.90 -5.90
C ARG A 102 10.09 -16.88 -7.09
N PRO A 103 10.39 -16.23 -8.22
CA PRO A 103 9.48 -16.21 -9.33
C PRO A 103 9.79 -17.20 -10.41
N ASP A 104 8.85 -17.32 -11.28
CA ASP A 104 9.02 -18.00 -12.51
C ASP A 104 9.72 -17.02 -13.45
N ALA A 105 10.46 -17.52 -14.40
CA ALA A 105 11.24 -16.71 -15.32
C ALA A 105 10.38 -15.78 -16.16
N ASN A 106 9.11 -16.09 -16.30
CA ASN A 106 8.24 -15.21 -17.05
C ASN A 106 7.53 -14.26 -16.10
N ALA A 107 7.34 -14.70 -14.87
CA ALA A 107 6.72 -13.85 -13.86
C ALA A 107 7.60 -12.65 -13.54
N LYS A 108 8.90 -12.91 -13.48
CA LYS A 108 9.89 -11.87 -13.22
C LYS A 108 9.88 -10.79 -14.33
N ARG A 109 9.48 -11.19 -15.53
CA ARG A 109 9.39 -10.41 -16.66
C ARG A 109 8.09 -9.64 -16.63
N ALA A 110 7.02 -10.41 -16.45
CA ALA A 110 5.66 -9.92 -16.40
C ALA A 110 5.53 -8.82 -15.41
N ALA A 111 6.12 -9.03 -14.23
CA ALA A 111 6.10 -8.06 -13.13
C ALA A 111 6.49 -6.69 -13.61
N GLU A 112 7.55 -6.65 -14.31
CA GLU A 112 8.10 -5.42 -14.73
C GLU A 112 7.35 -4.81 -15.88
N SER A 113 6.87 -5.63 -16.75
CA SER A 113 6.09 -5.20 -17.88
C SER A 113 4.64 -4.91 -17.41
N GLU A 114 4.45 -5.02 -16.13
CA GLU A 114 3.20 -4.81 -15.49
C GLU A 114 3.25 -3.79 -14.46
N LYS A 115 4.32 -3.01 -14.46
CA LYS A 115 4.45 -1.90 -13.60
C LYS A 115 4.54 -2.28 -12.13
N VAL A 116 4.84 -3.51 -11.85
CA VAL A 116 5.00 -3.94 -10.50
C VAL A 116 6.39 -4.49 -10.26
N ASP A 117 6.70 -4.75 -9.02
CA ASP A 117 8.00 -5.27 -8.68
C ASP A 117 7.83 -6.36 -7.67
N ILE A 118 8.62 -7.38 -7.79
CA ILE A 118 8.53 -8.51 -6.91
C ILE A 118 9.72 -8.54 -5.95
N ARG A 119 9.43 -8.78 -4.71
CA ARG A 119 10.46 -8.81 -3.68
C ARG A 119 10.55 -10.23 -3.18
N LEU A 120 11.71 -10.80 -3.22
CA LEU A 120 11.86 -12.17 -2.80
C LEU A 120 13.21 -12.45 -2.18
N HIS A 121 13.17 -13.19 -1.07
CA HIS A 121 14.38 -13.72 -0.37
C HIS A 121 15.23 -12.59 0.26
N ARG A 122 14.72 -11.36 0.16
CA ARG A 122 15.38 -10.11 0.59
C ARG A 122 16.66 -9.87 -0.21
N ILE A 123 17.64 -10.72 -0.01
CA ILE A 123 18.89 -10.63 -0.71
C ILE A 123 18.78 -11.41 -2.01
N ILE A 124 19.04 -10.76 -3.10
CA ILE A 124 19.04 -11.41 -4.39
C ILE A 124 20.46 -11.95 -4.62
N TYR A 125 20.61 -13.00 -5.41
CA TYR A 125 21.91 -13.60 -5.64
C TYR A 125 22.72 -12.77 -6.67
N ASN A 126 23.17 -11.63 -6.22
CA ASN A 126 23.94 -10.71 -7.03
C ASN A 126 25.41 -10.93 -6.77
N VAL A 127 25.77 -10.90 -5.51
CA VAL A 127 27.14 -11.09 -5.10
C VAL A 127 27.46 -12.58 -5.19
N ILE A 128 28.24 -12.92 -6.17
CA ILE A 128 28.63 -14.29 -6.43
C ILE A 128 30.13 -14.43 -6.13
N GLU A 129 30.69 -13.36 -5.59
CA GLU A 129 32.12 -13.27 -5.29
C GLU A 129 32.52 -14.35 -4.28
N GLU A 130 33.29 -15.32 -4.72
CA GLU A 130 33.77 -16.38 -3.86
C GLU A 130 34.93 -17.10 -4.53
N ILE A 131 34.69 -17.58 -5.71
CA ILE A 131 35.66 -18.36 -6.44
C ILE A 131 35.53 -18.03 -7.94
N GLU A 132 36.25 -16.99 -8.33
CA GLU A 132 36.22 -16.44 -9.68
C GLU A 132 37.38 -16.99 -10.50
N ALA A 133 37.97 -18.02 -9.97
CA ALA A 133 39.06 -18.70 -10.60
C ALA A 133 38.60 -20.08 -11.04
N ALA A 134 39.55 -20.94 -11.40
CA ALA A 134 39.29 -22.33 -11.77
C ALA A 134 38.41 -22.41 -13.02
N MET A 135 37.82 -23.55 -13.24
CA MET A 135 36.96 -23.75 -14.37
C MET A 135 35.70 -24.49 -13.90
N ASN A 1 4.72 -35.23 43.63
CA ASN A 1 4.12 -36.47 43.13
C ASN A 1 3.71 -36.26 41.68
N GLU A 2 3.24 -37.31 41.03
CA GLU A 2 2.83 -37.28 39.65
C GLU A 2 1.67 -36.36 39.37
N PHE A 3 2.00 -35.17 38.87
CA PHE A 3 1.02 -34.18 38.39
C PHE A 3 0.04 -33.78 39.51
N GLU A 4 -1.07 -33.20 39.13
CA GLU A 4 -2.09 -32.82 40.06
C GLU A 4 -3.04 -34.01 40.20
N LEU A 5 -3.96 -33.94 41.13
CA LEU A 5 -4.87 -35.05 41.38
C LEU A 5 -5.95 -35.15 40.29
N GLY A 6 -6.72 -34.12 40.13
CA GLY A 6 -7.74 -34.12 39.12
C GLY A 6 -8.30 -32.74 38.91
N THR A 7 -7.44 -31.80 38.63
CA THR A 7 -7.81 -30.42 38.43
C THR A 7 -8.54 -30.25 37.09
N ARG A 8 -9.84 -30.24 37.13
CA ARG A 8 -10.62 -30.17 35.91
C ARG A 8 -11.89 -29.36 36.15
N GLY A 9 -12.85 -29.48 35.25
CA GLY A 9 -14.05 -28.73 35.35
C GLY A 9 -14.13 -27.68 34.28
N SER A 10 -14.20 -26.45 34.69
CA SER A 10 -14.35 -25.29 33.81
C SER A 10 -13.19 -25.19 32.81
N SER A 11 -12.05 -25.74 33.21
CA SER A 11 -10.85 -25.74 32.40
C SER A 11 -11.01 -26.54 31.08
N ARG A 12 -12.01 -27.44 31.01
CA ARG A 12 -12.18 -28.23 29.81
C ARG A 12 -13.58 -28.13 29.21
N VAL A 13 -14.55 -27.71 30.01
CA VAL A 13 -15.92 -27.62 29.54
C VAL A 13 -16.32 -26.17 29.32
N ASP A 14 -17.25 -25.96 28.39
CA ASP A 14 -17.75 -24.64 28.01
C ASP A 14 -16.69 -23.88 27.25
N LEU A 15 -16.69 -24.07 25.96
CA LEU A 15 -15.70 -23.48 25.12
C LEU A 15 -16.19 -22.13 24.64
N GLN A 16 -15.27 -21.27 24.27
CA GLN A 16 -15.63 -19.92 23.88
C GLN A 16 -15.81 -19.83 22.38
N GLU A 17 -15.17 -20.74 21.67
CA GLU A 17 -15.15 -20.77 20.21
C GLU A 17 -16.52 -20.96 19.57
N GLN A 18 -16.55 -20.88 18.23
CA GLN A 18 -17.78 -20.96 17.45
C GLN A 18 -18.38 -22.37 17.46
N ARG A 19 -17.69 -23.29 18.15
CA ARG A 19 -18.20 -24.61 18.41
C ARG A 19 -19.41 -24.48 19.35
N SER A 20 -19.36 -23.49 20.20
CA SER A 20 -20.43 -23.11 21.08
C SER A 20 -20.28 -21.62 21.32
N VAL A 21 -20.98 -20.82 20.52
CA VAL A 21 -20.85 -19.37 20.53
C VAL A 21 -21.17 -18.73 21.89
N LYS A 22 -20.15 -18.61 22.70
CA LYS A 22 -20.22 -18.00 24.01
C LYS A 22 -19.95 -16.52 23.85
N THR A 23 -18.76 -16.22 23.42
CA THR A 23 -18.33 -14.90 23.19
C THR A 23 -17.70 -14.83 21.82
N ARG A 24 -18.54 -14.90 20.84
CA ARG A 24 -18.11 -14.86 19.45
C ARG A 24 -18.85 -13.80 18.70
N VAL A 25 -18.32 -13.44 17.58
CA VAL A 25 -18.90 -12.42 16.75
C VAL A 25 -19.53 -13.10 15.54
N SER A 26 -20.79 -12.90 15.33
CA SER A 26 -21.46 -13.47 14.22
C SER A 26 -21.80 -12.36 13.25
N LEU A 27 -21.21 -12.40 12.08
CA LEU A 27 -21.40 -11.36 11.12
C LEU A 27 -22.36 -11.79 10.03
N ASP A 28 -23.63 -11.68 10.30
CA ASP A 28 -24.62 -11.97 9.28
C ASP A 28 -25.05 -10.65 8.67
N ASP A 29 -25.02 -9.65 9.49
CA ASP A 29 -25.34 -8.30 9.08
C ASP A 29 -24.04 -7.58 8.76
N LEU A 30 -24.12 -6.68 7.83
CA LEU A 30 -22.97 -5.94 7.39
C LEU A 30 -23.00 -4.54 7.90
N PHE A 31 -21.87 -4.04 8.27
CA PHE A 31 -21.76 -2.69 8.69
C PHE A 31 -21.66 -1.81 7.46
N GLU A 32 -22.66 -0.96 7.26
CA GLU A 32 -22.67 -0.03 6.16
C GLU A 32 -21.55 0.98 6.34
N GLN A 33 -20.53 0.76 5.57
CA GLN A 33 -19.27 1.50 5.59
C GLN A 33 -19.46 2.99 5.30
N ILE A 34 -20.41 3.28 4.44
CA ILE A 34 -20.52 4.56 3.76
C ILE A 34 -19.38 4.55 2.77
N LYS A 35 -19.65 3.85 1.67
CA LYS A 35 -18.69 3.51 0.63
C LYS A 35 -17.83 4.66 0.11
N GLN A 36 -16.77 4.83 0.85
CA GLN A 36 -15.68 5.73 0.66
C GLN A 36 -14.85 5.60 1.91
N GLY A 37 -14.18 4.50 2.01
CA GLY A 37 -13.40 4.21 3.16
C GLY A 37 -11.96 4.27 2.84
N GLU A 38 -11.44 5.48 2.83
CA GLU A 38 -10.04 5.77 2.53
C GLU A 38 -9.74 5.64 1.04
N MET A 39 -9.76 4.41 0.52
CA MET A 39 -9.47 4.06 -0.89
C MET A 39 -7.98 4.17 -1.18
N LYS A 40 -7.37 5.22 -0.68
CA LYS A 40 -5.96 5.38 -0.72
C LYS A 40 -5.41 4.63 0.48
N GLU A 41 -5.20 3.37 0.29
CA GLU A 41 -4.81 2.49 1.32
C GLU A 41 -3.86 1.49 0.75
N LEU A 42 -3.27 0.70 1.60
CA LEU A 42 -2.29 -0.24 1.18
C LEU A 42 -2.92 -1.60 1.03
N ASN A 43 -2.57 -2.26 -0.01
CA ASN A 43 -3.02 -3.59 -0.28
C ASN A 43 -1.86 -4.46 -0.61
N LEU A 44 -1.85 -5.68 -0.11
CA LEU A 44 -0.75 -6.60 -0.31
C LEU A 44 -1.23 -7.99 -0.71
N ILE A 45 -0.32 -8.76 -1.23
CA ILE A 45 -0.53 -10.14 -1.55
C ILE A 45 0.45 -10.98 -0.76
N VAL A 46 -0.05 -12.04 -0.19
CA VAL A 46 0.77 -12.88 0.66
C VAL A 46 1.00 -14.25 0.02
N LYS A 47 2.27 -14.58 -0.13
CA LYS A 47 2.74 -15.86 -0.63
C LYS A 47 3.84 -16.38 0.25
N ALA A 48 3.92 -17.67 0.37
CA ALA A 48 4.94 -18.32 1.15
C ALA A 48 5.06 -19.76 0.71
N ASP A 49 6.18 -20.39 1.04
CA ASP A 49 6.41 -21.81 0.69
C ASP A 49 5.72 -22.71 1.71
N VAL A 50 5.23 -22.08 2.76
CA VAL A 50 4.46 -22.70 3.80
C VAL A 50 3.07 -22.09 3.74
N GLN A 51 2.05 -22.93 3.60
CA GLN A 51 0.68 -22.44 3.44
C GLN A 51 0.23 -21.59 4.59
N GLY A 52 0.41 -22.04 5.79
CA GLY A 52 -0.07 -21.27 6.90
C GLY A 52 0.78 -20.08 7.23
N SER A 53 1.81 -19.83 6.44
CA SER A 53 2.64 -18.68 6.63
C SER A 53 1.95 -17.57 5.88
N VAL A 54 1.08 -17.95 4.95
CA VAL A 54 0.28 -17.00 4.26
C VAL A 54 -0.89 -16.66 5.16
N GLU A 55 -1.48 -17.71 5.70
CA GLU A 55 -2.66 -17.63 6.57
C GLU A 55 -2.40 -16.77 7.79
N ALA A 56 -1.30 -17.03 8.48
CA ALA A 56 -0.94 -16.29 9.69
C ALA A 56 -0.81 -14.79 9.41
N LEU A 57 -0.22 -14.47 8.27
CA LEU A 57 -0.01 -13.08 7.90
C LEU A 57 -1.33 -12.45 7.45
N VAL A 58 -2.10 -13.19 6.66
CA VAL A 58 -3.42 -12.75 6.20
C VAL A 58 -4.34 -12.46 7.37
N ALA A 59 -4.27 -13.30 8.37
CA ALA A 59 -5.13 -13.18 9.56
C ALA A 59 -4.79 -11.96 10.40
N ALA A 60 -3.68 -11.35 10.12
CA ALA A 60 -3.30 -10.14 10.81
C ALA A 60 -3.58 -8.98 9.89
N LEU A 61 -3.44 -9.26 8.64
CA LEU A 61 -3.56 -8.29 7.59
C LEU A 61 -5.03 -7.93 7.34
N GLN A 62 -5.91 -8.87 7.61
CA GLN A 62 -7.33 -8.65 7.42
C GLN A 62 -7.96 -7.93 8.61
N LYS A 63 -7.24 -7.87 9.73
CA LYS A 63 -7.79 -7.21 10.90
C LYS A 63 -7.28 -5.78 11.04
N ILE A 64 -6.55 -5.32 10.03
CA ILE A 64 -5.93 -4.00 10.07
C ILE A 64 -6.97 -2.89 9.93
N ASP A 65 -7.47 -2.44 11.05
CA ASP A 65 -8.41 -1.35 11.11
C ASP A 65 -7.86 -0.26 11.98
N VAL A 66 -7.45 0.81 11.35
CA VAL A 66 -6.99 1.99 12.05
C VAL A 66 -7.51 3.21 11.30
N GLU A 67 -7.37 4.36 11.89
CA GLU A 67 -7.89 5.58 11.34
C GLU A 67 -6.95 6.17 10.29
N GLY A 68 -7.50 6.42 9.10
CA GLY A 68 -6.73 7.04 8.01
C GLY A 68 -5.90 6.04 7.21
N VAL A 69 -5.32 5.10 7.90
CA VAL A 69 -4.48 4.10 7.28
C VAL A 69 -5.20 2.76 7.25
N ARG A 70 -5.15 2.11 6.12
CA ARG A 70 -5.70 0.78 5.98
C ARG A 70 -4.70 -0.03 5.21
N VAL A 71 -4.48 -1.24 5.64
CA VAL A 71 -3.59 -2.15 4.95
C VAL A 71 -4.33 -3.47 4.92
N LYS A 72 -4.60 -3.97 3.75
CA LYS A 72 -5.36 -5.18 3.62
C LYS A 72 -4.78 -6.05 2.53
N ILE A 73 -5.11 -7.30 2.57
CA ILE A 73 -4.71 -8.24 1.55
C ILE A 73 -5.81 -8.39 0.50
N ILE A 74 -5.46 -8.92 -0.64
CA ILE A 74 -6.47 -9.22 -1.65
C ILE A 74 -6.42 -10.70 -1.95
N HIS A 75 -5.23 -11.25 -1.87
CA HIS A 75 -4.99 -12.56 -2.40
C HIS A 75 -3.85 -13.23 -1.64
N ALA A 76 -4.17 -14.35 -1.09
CA ALA A 76 -3.24 -15.21 -0.38
C ALA A 76 -3.06 -16.44 -1.21
N ALA A 77 -1.86 -16.93 -1.31
CA ALA A 77 -1.63 -18.10 -2.10
C ALA A 77 -0.39 -18.82 -1.66
N VAL A 78 -0.51 -20.11 -1.49
CA VAL A 78 0.63 -20.92 -1.23
C VAL A 78 1.12 -21.45 -2.55
N GLY A 79 2.03 -20.74 -3.08
CA GLY A 79 2.60 -21.08 -4.32
C GLY A 79 3.65 -20.09 -4.62
N ALA A 80 4.34 -20.28 -5.68
CA ALA A 80 5.35 -19.35 -6.05
C ALA A 80 4.75 -18.23 -6.86
N ILE A 81 5.59 -17.41 -7.42
CA ILE A 81 5.14 -16.24 -8.09
C ILE A 81 4.98 -16.53 -9.55
N THR A 82 3.75 -16.64 -9.96
CA THR A 82 3.47 -16.90 -11.32
C THR A 82 2.93 -15.63 -11.95
N GLU A 83 2.93 -15.57 -13.25
CA GLU A 83 2.52 -14.39 -13.98
C GLU A 83 1.06 -14.03 -13.69
N SER A 84 0.24 -15.06 -13.50
CA SER A 84 -1.18 -14.92 -13.25
C SER A 84 -1.46 -14.30 -11.86
N ASP A 85 -0.44 -14.22 -11.03
CA ASP A 85 -0.54 -13.59 -9.72
C ASP A 85 -0.09 -12.16 -9.81
N ILE A 86 0.85 -11.93 -10.69
CA ILE A 86 1.43 -10.61 -10.90
C ILE A 86 0.44 -9.65 -11.55
N SER A 87 -0.50 -10.20 -12.27
CA SER A 87 -1.54 -9.42 -12.86
C SER A 87 -2.31 -8.61 -11.77
N LEU A 88 -2.50 -9.24 -10.60
CA LEU A 88 -3.12 -8.59 -9.45
C LEU A 88 -2.18 -7.54 -8.86
N ALA A 89 -0.90 -7.84 -8.88
CA ALA A 89 0.11 -7.01 -8.28
C ALA A 89 0.02 -5.55 -8.76
N THR A 90 0.12 -5.32 -10.05
CA THR A 90 -0.01 -3.94 -10.53
C THR A 90 -1.47 -3.44 -10.42
N ALA A 91 -2.43 -4.38 -10.54
CA ALA A 91 -3.87 -4.07 -10.49
C ALA A 91 -4.28 -3.39 -9.19
N SER A 92 -3.94 -4.02 -8.09
CA SER A 92 -4.29 -3.49 -6.80
C SER A 92 -3.10 -2.82 -6.16
N ASN A 93 -2.03 -2.68 -6.94
CA ASN A 93 -0.77 -2.00 -6.54
C ASN A 93 -0.13 -2.67 -5.33
N ALA A 94 -0.38 -3.96 -5.25
CA ALA A 94 0.08 -4.80 -4.20
C ALA A 94 1.39 -5.45 -4.65
N ILE A 95 2.39 -5.42 -3.83
CA ILE A 95 3.63 -6.04 -4.19
C ILE A 95 3.73 -7.47 -3.67
N VAL A 96 4.34 -8.32 -4.45
CA VAL A 96 4.40 -9.73 -4.15
C VAL A 96 5.68 -10.05 -3.42
N ILE A 97 5.52 -10.45 -2.20
CA ILE A 97 6.61 -10.90 -1.40
C ILE A 97 6.39 -12.37 -1.17
N GLY A 98 7.33 -13.17 -1.54
CA GLY A 98 7.19 -14.57 -1.35
C GLY A 98 8.21 -15.07 -0.39
N PHE A 99 8.06 -16.29 0.04
CA PHE A 99 9.02 -16.83 0.96
C PHE A 99 9.75 -17.97 0.30
N ASN A 100 10.90 -17.62 -0.29
CA ASN A 100 11.84 -18.54 -1.00
C ASN A 100 11.19 -19.26 -2.20
N VAL A 101 10.00 -18.82 -2.54
CA VAL A 101 9.22 -19.44 -3.58
C VAL A 101 9.79 -19.25 -4.95
N ARG A 102 10.16 -17.99 -5.26
CA ARG A 102 10.83 -17.61 -6.51
C ARG A 102 9.85 -17.62 -7.71
N PRO A 103 9.98 -16.70 -8.67
CA PRO A 103 9.05 -16.60 -9.77
C PRO A 103 9.37 -17.49 -10.94
N ASP A 104 8.43 -17.55 -11.81
CA ASP A 104 8.61 -18.17 -13.09
C ASP A 104 9.37 -17.16 -13.94
N ALA A 105 10.13 -17.63 -14.90
CA ALA A 105 10.92 -16.74 -15.74
C ALA A 105 10.06 -15.76 -16.52
N ASN A 106 8.83 -16.12 -16.82
CA ASN A 106 7.96 -15.19 -17.52
C ASN A 106 7.28 -14.28 -16.53
N ALA A 107 7.07 -14.78 -15.33
CA ALA A 107 6.48 -13.98 -14.28
C ALA A 107 7.42 -12.84 -13.93
N LYS A 108 8.70 -13.14 -13.78
CA LYS A 108 9.70 -12.14 -13.44
C LYS A 108 9.77 -11.03 -14.52
N ARG A 109 9.45 -11.40 -15.77
CA ARG A 109 9.42 -10.55 -16.87
C ARG A 109 8.20 -9.64 -16.77
N ALA A 110 7.05 -10.30 -16.58
CA ALA A 110 5.77 -9.66 -16.48
C ALA A 110 5.80 -8.60 -15.43
N ALA A 111 6.27 -8.99 -14.24
CA ALA A 111 6.35 -8.14 -13.06
C ALA A 111 6.93 -6.80 -13.36
N GLU A 112 8.02 -6.82 -14.04
CA GLU A 112 8.76 -5.64 -14.25
C GLU A 112 8.14 -4.81 -15.36
N SER A 113 7.56 -5.47 -16.30
CA SER A 113 6.88 -4.79 -17.36
C SER A 113 5.49 -4.34 -16.85
N GLU A 114 5.22 -4.70 -15.61
CA GLU A 114 4.01 -4.43 -14.93
C GLU A 114 4.20 -3.55 -13.77
N LYS A 115 5.35 -2.91 -13.68
CA LYS A 115 5.61 -1.93 -12.70
C LYS A 115 5.66 -2.45 -11.25
N VAL A 116 5.65 -3.76 -11.10
CA VAL A 116 5.65 -4.34 -9.77
C VAL A 116 6.90 -5.16 -9.52
N ASP A 117 7.49 -4.94 -8.40
CA ASP A 117 8.69 -5.67 -8.07
C ASP A 117 8.33 -6.83 -7.19
N ILE A 118 8.76 -7.98 -7.59
CA ILE A 118 8.52 -9.16 -6.85
C ILE A 118 9.81 -9.60 -6.16
N ARG A 119 9.73 -9.84 -4.89
CA ARG A 119 10.91 -10.22 -4.16
C ARG A 119 10.57 -11.27 -3.13
N LEU A 120 11.51 -12.12 -2.84
CA LEU A 120 11.26 -13.26 -2.02
C LEU A 120 12.49 -13.69 -1.28
N HIS A 121 12.28 -14.10 -0.02
CA HIS A 121 13.33 -14.67 0.88
C HIS A 121 14.41 -13.66 1.31
N ARG A 122 14.88 -12.86 0.36
CA ARG A 122 15.91 -11.85 0.57
C ARG A 122 17.26 -12.48 0.81
N ILE A 123 17.96 -12.71 -0.27
CA ILE A 123 19.27 -13.26 -0.18
C ILE A 123 20.26 -12.13 0.15
N ILE A 124 20.62 -12.07 1.41
CA ILE A 124 21.48 -11.04 1.95
C ILE A 124 22.90 -11.26 1.47
N TYR A 125 23.29 -12.51 1.41
CA TYR A 125 24.59 -12.89 0.91
C TYR A 125 24.41 -13.86 -0.23
N ASN A 126 24.46 -13.36 -1.44
CA ASN A 126 24.27 -14.22 -2.59
C ASN A 126 25.56 -14.89 -2.98
N VAL A 127 25.83 -15.96 -2.30
CA VAL A 127 26.96 -16.79 -2.52
C VAL A 127 26.65 -18.14 -1.92
N ILE A 128 26.89 -19.18 -2.67
CA ILE A 128 26.64 -20.53 -2.23
C ILE A 128 27.31 -21.55 -3.16
N GLU A 129 28.55 -21.83 -2.86
CA GLU A 129 29.31 -22.84 -3.58
C GLU A 129 30.58 -23.15 -2.82
N GLU A 130 30.39 -23.77 -1.70
CA GLU A 130 31.50 -24.26 -0.90
C GLU A 130 31.52 -25.77 -1.01
N ILE A 131 30.54 -26.23 -1.72
CA ILE A 131 30.33 -27.59 -2.06
C ILE A 131 29.81 -27.56 -3.47
N GLU A 132 29.96 -28.63 -4.18
CA GLU A 132 29.45 -28.66 -5.52
C GLU A 132 27.93 -28.85 -5.47
N ALA A 133 27.22 -28.15 -6.33
CA ALA A 133 25.76 -28.12 -6.33
C ALA A 133 25.13 -29.39 -6.92
N ALA A 134 25.90 -30.45 -6.99
CA ALA A 134 25.40 -31.71 -7.48
C ALA A 134 24.73 -32.44 -6.32
N MET A 135 23.48 -32.18 -6.17
CA MET A 135 22.69 -32.71 -5.09
C MET A 135 21.98 -33.94 -5.56
N ASN A 1 -25.21 55.65 -44.24
CA ASN A 1 -25.98 54.86 -43.27
C ASN A 1 -25.25 54.86 -41.95
N GLU A 2 -25.95 54.57 -40.89
CA GLU A 2 -25.33 54.54 -39.58
C GLU A 2 -25.49 53.18 -38.96
N PHE A 3 -24.83 52.98 -37.86
CA PHE A 3 -24.98 51.80 -37.08
C PHE A 3 -25.63 52.22 -35.78
N GLU A 4 -26.58 51.42 -35.34
CA GLU A 4 -27.43 51.73 -34.17
C GLU A 4 -28.50 52.77 -34.53
N LEU A 5 -29.58 52.76 -33.81
CA LEU A 5 -30.71 53.63 -34.10
C LEU A 5 -30.39 55.05 -33.69
N GLY A 6 -29.52 55.17 -32.73
CA GLY A 6 -29.17 56.46 -32.20
C GLY A 6 -29.62 56.57 -30.79
N THR A 7 -30.53 55.70 -30.45
CA THR A 7 -31.11 55.62 -29.14
C THR A 7 -30.14 54.93 -28.18
N ARG A 8 -29.35 55.72 -27.51
CA ARG A 8 -28.39 55.25 -26.56
C ARG A 8 -28.53 56.08 -25.26
N GLY A 9 -29.70 56.65 -25.12
CA GLY A 9 -30.05 57.33 -23.91
C GLY A 9 -30.83 56.38 -23.03
N SER A 10 -31.75 55.71 -23.66
CA SER A 10 -32.55 54.72 -23.01
C SER A 10 -32.03 53.35 -23.47
N SER A 11 -31.36 52.66 -22.56
CA SER A 11 -30.73 51.37 -22.82
C SER A 11 -29.47 51.49 -23.66
N ARG A 12 -28.38 51.59 -22.96
CA ARG A 12 -27.08 51.81 -23.55
C ARG A 12 -26.08 50.74 -23.09
N VAL A 13 -25.91 50.60 -21.78
CA VAL A 13 -25.01 49.59 -21.20
C VAL A 13 -25.87 48.63 -20.40
N ASP A 14 -27.08 49.08 -20.10
CA ASP A 14 -28.08 48.30 -19.41
C ASP A 14 -28.68 47.27 -20.36
N LEU A 15 -27.88 46.29 -20.64
CA LEU A 15 -28.22 45.22 -21.52
C LEU A 15 -28.06 43.93 -20.75
N GLN A 16 -28.57 42.86 -21.29
CA GLN A 16 -28.53 41.57 -20.62
C GLN A 16 -27.48 40.69 -21.32
N GLU A 17 -26.46 41.34 -21.82
CA GLU A 17 -25.38 40.71 -22.55
C GLU A 17 -24.27 40.21 -21.64
N GLN A 18 -24.55 39.21 -20.85
CA GLN A 18 -23.54 38.67 -19.96
C GLN A 18 -22.48 37.91 -20.78
N ARG A 19 -22.95 37.13 -21.75
CA ARG A 19 -22.17 36.27 -22.64
C ARG A 19 -21.07 35.44 -21.95
N SER A 20 -19.86 35.95 -21.89
CA SER A 20 -18.75 35.24 -21.24
C SER A 20 -18.60 35.75 -19.81
N VAL A 21 -19.73 36.17 -19.26
CA VAL A 21 -19.89 36.78 -17.95
C VAL A 21 -19.00 38.00 -17.71
N LYS A 22 -19.33 39.07 -18.42
CA LYS A 22 -18.63 40.34 -18.23
C LYS A 22 -19.44 41.27 -17.34
N THR A 23 -20.72 41.25 -17.54
CA THR A 23 -21.63 42.06 -16.79
C THR A 23 -22.39 41.19 -15.79
N ARG A 24 -21.84 40.03 -15.55
CA ARG A 24 -22.43 39.08 -14.65
C ARG A 24 -21.33 38.47 -13.83
N VAL A 25 -21.44 38.63 -12.52
CA VAL A 25 -20.53 38.08 -11.48
C VAL A 25 -19.01 38.34 -11.68
N SER A 26 -18.27 38.00 -10.66
CA SER A 26 -16.83 38.05 -10.69
C SER A 26 -16.30 36.86 -9.89
N LEU A 27 -17.20 35.93 -9.64
CA LEU A 27 -16.92 34.76 -8.85
C LEU A 27 -16.57 33.61 -9.77
N ASP A 28 -15.39 33.10 -9.66
CA ASP A 28 -14.96 31.98 -10.48
C ASP A 28 -14.57 30.77 -9.63
N ASP A 29 -14.57 30.96 -8.32
CA ASP A 29 -14.31 29.87 -7.39
C ASP A 29 -15.61 29.45 -6.73
N LEU A 30 -16.22 28.41 -7.26
CA LEU A 30 -17.48 27.88 -6.73
C LEU A 30 -17.37 26.38 -6.60
N PHE A 31 -16.16 25.89 -6.63
CA PHE A 31 -15.93 24.47 -6.64
C PHE A 31 -15.18 24.04 -5.39
N GLU A 32 -15.32 22.79 -5.04
CA GLU A 32 -14.60 22.20 -3.95
C GLU A 32 -13.86 20.99 -4.47
N GLN A 33 -12.66 21.23 -4.94
CA GLN A 33 -11.81 20.20 -5.50
C GLN A 33 -10.39 20.48 -5.05
N ILE A 34 -9.83 19.60 -4.26
CA ILE A 34 -8.49 19.82 -3.75
C ILE A 34 -7.45 19.24 -4.72
N LYS A 35 -7.58 17.98 -5.02
CA LYS A 35 -6.66 17.31 -5.94
C LYS A 35 -7.33 16.10 -6.54
N GLN A 36 -7.87 15.24 -5.67
CA GLN A 36 -8.55 14.01 -6.09
C GLN A 36 -9.19 13.36 -4.88
N GLY A 37 -8.45 13.31 -3.80
CA GLY A 37 -8.88 12.66 -2.60
C GLY A 37 -7.77 11.81 -2.08
N GLU A 38 -7.26 12.14 -0.90
CA GLU A 38 -6.13 11.44 -0.32
C GLU A 38 -6.53 10.13 0.30
N MET A 39 -6.82 9.20 -0.55
CA MET A 39 -7.18 7.86 -0.16
C MET A 39 -6.18 6.95 -0.77
N LYS A 40 -5.31 6.41 0.03
CA LYS A 40 -4.30 5.55 -0.48
C LYS A 40 -4.02 4.44 0.49
N GLU A 41 -4.35 3.26 0.11
CA GLU A 41 -4.10 2.11 0.93
C GLU A 41 -2.92 1.31 0.37
N LEU A 42 -2.38 0.47 1.20
CA LEU A 42 -1.28 -0.40 0.82
C LEU A 42 -1.83 -1.79 0.69
N ASN A 43 -1.68 -2.37 -0.46
CA ASN A 43 -2.24 -3.68 -0.73
C ASN A 43 -1.14 -4.64 -1.07
N LEU A 44 -1.33 -5.90 -0.74
CA LEU A 44 -0.36 -6.90 -1.08
C LEU A 44 -1.00 -8.28 -1.19
N ILE A 45 -0.26 -9.17 -1.78
CA ILE A 45 -0.64 -10.54 -1.89
C ILE A 45 0.36 -11.39 -1.13
N VAL A 46 -0.16 -12.20 -0.25
CA VAL A 46 0.66 -13.01 0.60
C VAL A 46 0.83 -14.40 0.01
N LYS A 47 2.06 -14.75 -0.22
CA LYS A 47 2.43 -16.03 -0.75
C LYS A 47 3.60 -16.53 0.06
N ALA A 48 3.62 -17.80 0.35
CA ALA A 48 4.67 -18.37 1.13
C ALA A 48 4.91 -19.78 0.67
N ASP A 49 5.93 -20.40 1.24
CA ASP A 49 6.28 -21.78 0.91
C ASP A 49 5.48 -22.74 1.75
N VAL A 50 4.86 -22.20 2.77
CA VAL A 50 4.01 -22.92 3.68
C VAL A 50 2.64 -22.28 3.60
N GLN A 51 1.59 -23.07 3.40
CA GLN A 51 0.24 -22.52 3.22
C GLN A 51 -0.19 -21.70 4.40
N GLY A 52 -0.02 -22.21 5.56
CA GLY A 52 -0.50 -21.48 6.70
C GLY A 52 0.32 -20.27 7.07
N SER A 53 1.37 -20.02 6.33
CA SER A 53 2.16 -18.87 6.57
C SER A 53 1.51 -17.74 5.79
N VAL A 54 0.71 -18.12 4.80
CA VAL A 54 -0.06 -17.17 4.08
C VAL A 54 -1.23 -16.78 4.96
N GLU A 55 -1.83 -17.80 5.54
CA GLU A 55 -3.00 -17.67 6.39
C GLU A 55 -2.70 -16.85 7.64
N ALA A 56 -1.60 -17.18 8.30
CA ALA A 56 -1.18 -16.48 9.52
C ALA A 56 -0.88 -15.01 9.24
N LEU A 57 -0.33 -14.73 8.06
CA LEU A 57 0.00 -13.36 7.74
C LEU A 57 -1.24 -12.59 7.33
N VAL A 58 -2.15 -13.24 6.60
CA VAL A 58 -3.42 -12.62 6.22
C VAL A 58 -4.20 -12.20 7.46
N ALA A 59 -4.24 -13.08 8.44
CA ALA A 59 -4.95 -12.83 9.69
C ALA A 59 -4.35 -11.64 10.45
N ALA A 60 -3.09 -11.33 10.17
CA ALA A 60 -2.39 -10.26 10.84
C ALA A 60 -2.43 -9.00 10.00
N LEU A 61 -2.78 -9.18 8.77
CA LEU A 61 -2.78 -8.13 7.79
C LEU A 61 -4.20 -7.56 7.64
N GLN A 62 -5.19 -8.40 7.81
CA GLN A 62 -6.59 -7.98 7.74
C GLN A 62 -6.97 -7.17 9.00
N LYS A 63 -6.19 -7.35 10.05
CA LYS A 63 -6.47 -6.69 11.33
C LYS A 63 -5.77 -5.32 11.40
N ILE A 64 -5.03 -4.98 10.36
CA ILE A 64 -4.34 -3.70 10.29
C ILE A 64 -5.37 -2.58 10.28
N ASP A 65 -5.16 -1.61 11.15
CA ASP A 65 -6.10 -0.50 11.34
C ASP A 65 -6.19 0.37 10.10
N VAL A 66 -7.28 1.11 9.99
CA VAL A 66 -7.47 2.01 8.85
C VAL A 66 -6.92 3.39 9.16
N GLU A 67 -6.57 3.59 10.41
CA GLU A 67 -6.02 4.85 10.86
C GLU A 67 -4.51 4.84 10.65
N GLY A 68 -4.00 5.96 10.20
CA GLY A 68 -2.58 6.11 9.98
C GLY A 68 -2.14 5.50 8.68
N VAL A 69 -1.99 4.21 8.67
CA VAL A 69 -1.58 3.49 7.50
C VAL A 69 -2.51 2.30 7.31
N ARG A 70 -3.15 2.25 6.18
CA ARG A 70 -4.07 1.18 5.91
C ARG A 70 -3.43 0.16 4.98
N VAL A 71 -2.97 -0.91 5.55
CA VAL A 71 -2.40 -1.98 4.78
C VAL A 71 -3.41 -3.12 4.80
N LYS A 72 -3.63 -3.75 3.68
CA LYS A 72 -4.59 -4.83 3.61
C LYS A 72 -4.18 -5.81 2.53
N ILE A 73 -4.61 -7.03 2.69
CA ILE A 73 -4.32 -8.09 1.75
C ILE A 73 -5.41 -8.23 0.72
N ILE A 74 -5.05 -8.75 -0.42
CA ILE A 74 -6.02 -8.94 -1.49
C ILE A 74 -6.21 -10.43 -1.80
N HIS A 75 -5.15 -11.21 -1.66
CA HIS A 75 -5.15 -12.58 -2.11
C HIS A 75 -4.04 -13.32 -1.41
N ALA A 76 -4.34 -14.48 -0.93
CA ALA A 76 -3.38 -15.35 -0.30
C ALA A 76 -3.23 -16.58 -1.18
N ALA A 77 -2.02 -16.99 -1.44
CA ALA A 77 -1.78 -18.12 -2.31
C ALA A 77 -0.49 -18.84 -1.96
N VAL A 78 -0.55 -20.14 -1.81
CA VAL A 78 0.61 -20.90 -1.47
C VAL A 78 1.30 -21.43 -2.73
N GLY A 79 2.24 -20.66 -3.16
CA GLY A 79 2.96 -20.99 -4.31
C GLY A 79 4.01 -19.97 -4.54
N ALA A 80 4.82 -20.19 -5.51
CA ALA A 80 5.80 -19.23 -5.93
C ALA A 80 5.10 -18.08 -6.68
N ILE A 81 5.86 -17.09 -7.11
CA ILE A 81 5.28 -15.97 -7.84
C ILE A 81 5.16 -16.34 -9.30
N THR A 82 3.96 -16.55 -9.76
CA THR A 82 3.79 -16.88 -11.14
C THR A 82 3.35 -15.64 -11.90
N GLU A 83 3.40 -15.71 -13.20
CA GLU A 83 2.99 -14.60 -14.07
C GLU A 83 1.51 -14.26 -13.81
N SER A 84 0.77 -15.29 -13.50
CA SER A 84 -0.65 -15.22 -13.24
C SER A 84 -0.95 -14.44 -11.96
N ASP A 85 -0.07 -14.51 -10.98
CA ASP A 85 -0.27 -13.82 -9.69
C ASP A 85 -0.08 -12.34 -9.87
N ILE A 86 0.83 -12.01 -10.74
CA ILE A 86 1.21 -10.65 -11.00
C ILE A 86 0.10 -9.83 -11.65
N SER A 87 -0.78 -10.51 -12.37
CA SER A 87 -1.94 -9.84 -12.96
C SER A 87 -2.75 -9.10 -11.87
N LEU A 88 -2.85 -9.72 -10.69
CA LEU A 88 -3.58 -9.15 -9.58
C LEU A 88 -2.80 -8.00 -8.98
N ALA A 89 -1.50 -8.12 -9.02
CA ALA A 89 -0.60 -7.14 -8.44
C ALA A 89 -0.85 -5.75 -9.02
N THR A 90 -0.67 -5.57 -10.31
CA THR A 90 -0.91 -4.26 -10.93
C THR A 90 -2.44 -3.93 -10.97
N ALA A 91 -3.27 -4.95 -10.80
CA ALA A 91 -4.72 -4.80 -10.82
C ALA A 91 -5.23 -4.06 -9.59
N SER A 92 -4.89 -4.55 -8.43
CA SER A 92 -5.40 -3.98 -7.21
C SER A 92 -4.37 -3.04 -6.60
N ASN A 93 -3.17 -3.04 -7.19
CA ASN A 93 -1.96 -2.28 -6.79
C ASN A 93 -1.28 -2.96 -5.60
N ALA A 94 -1.42 -4.26 -5.59
CA ALA A 94 -0.92 -5.08 -4.53
C ALA A 94 0.48 -5.57 -4.87
N ILE A 95 1.33 -5.60 -3.90
CA ILE A 95 2.69 -6.04 -4.08
C ILE A 95 2.78 -7.52 -3.73
N VAL A 96 3.55 -8.26 -4.50
CA VAL A 96 3.65 -9.68 -4.31
C VAL A 96 4.87 -9.98 -3.46
N ILE A 97 4.69 -10.75 -2.44
CA ILE A 97 5.77 -11.15 -1.61
C ILE A 97 5.77 -12.67 -1.48
N GLY A 98 6.92 -13.24 -1.58
CA GLY A 98 7.09 -14.65 -1.43
C GLY A 98 8.31 -14.91 -0.61
N PHE A 99 8.38 -16.06 -0.02
CA PHE A 99 9.49 -16.38 0.85
C PHE A 99 10.26 -17.53 0.29
N ASN A 100 11.42 -17.23 -0.33
CA ASN A 100 12.35 -18.25 -0.93
C ASN A 100 11.77 -18.92 -2.20
N VAL A 101 10.44 -19.06 -2.25
CA VAL A 101 9.72 -19.62 -3.40
C VAL A 101 10.10 -18.99 -4.72
N ARG A 102 10.26 -17.67 -4.71
CA ARG A 102 10.74 -16.93 -5.88
C ARG A 102 9.71 -16.90 -7.02
N PRO A 103 9.98 -16.20 -8.13
CA PRO A 103 9.07 -16.17 -9.25
C PRO A 103 9.48 -17.11 -10.34
N ASP A 104 8.66 -17.14 -11.34
CA ASP A 104 8.99 -17.78 -12.56
C ASP A 104 9.80 -16.79 -13.37
N ALA A 105 10.62 -17.26 -14.28
CA ALA A 105 11.46 -16.38 -15.10
C ALA A 105 10.61 -15.40 -15.90
N ASN A 106 9.40 -15.79 -16.24
CA ASN A 106 8.50 -14.91 -16.96
C ASN A 106 7.85 -13.96 -16.00
N ALA A 107 7.57 -14.44 -14.81
CA ALA A 107 6.93 -13.62 -13.79
C ALA A 107 7.83 -12.46 -13.39
N LYS A 108 9.11 -12.74 -13.22
CA LYS A 108 10.07 -11.70 -12.84
C LYS A 108 10.18 -10.62 -13.94
N ARG A 109 9.78 -10.97 -15.16
CA ARG A 109 9.71 -10.10 -16.25
C ARG A 109 8.40 -9.33 -16.21
N ALA A 110 7.32 -10.11 -16.08
CA ALA A 110 5.95 -9.64 -16.04
C ALA A 110 5.81 -8.56 -15.02
N ALA A 111 6.27 -8.85 -13.82
CA ALA A 111 6.18 -7.94 -12.68
C ALA A 111 6.64 -6.55 -13.01
N GLU A 112 7.78 -6.47 -13.61
CA GLU A 112 8.39 -5.22 -13.84
C GLU A 112 7.74 -4.50 -15.02
N SER A 113 7.29 -5.27 -15.98
CA SER A 113 6.59 -4.71 -17.10
C SER A 113 5.12 -4.48 -16.69
N GLU A 114 4.85 -4.69 -15.43
CA GLU A 114 3.58 -4.55 -14.83
C GLU A 114 3.61 -3.63 -13.67
N LYS A 115 4.71 -2.88 -13.54
CA LYS A 115 4.84 -1.87 -12.55
C LYS A 115 4.83 -2.39 -11.12
N VAL A 116 4.94 -3.68 -10.95
CA VAL A 116 4.88 -4.24 -9.63
C VAL A 116 6.17 -4.91 -9.23
N ASP A 117 6.63 -4.62 -8.06
CA ASP A 117 7.85 -5.19 -7.56
C ASP A 117 7.57 -6.41 -6.74
N ILE A 118 8.19 -7.50 -7.08
CA ILE A 118 8.02 -8.72 -6.35
C ILE A 118 9.12 -8.86 -5.28
N ARG A 119 8.70 -9.19 -4.09
CA ARG A 119 9.59 -9.32 -2.96
C ARG A 119 9.85 -10.79 -2.67
N LEU A 120 11.08 -11.20 -2.81
CA LEU A 120 11.50 -12.56 -2.53
C LEU A 120 12.96 -12.57 -2.20
N HIS A 121 13.44 -13.67 -1.67
CA HIS A 121 14.83 -13.75 -1.29
C HIS A 121 15.66 -14.36 -2.41
N ARG A 122 16.49 -13.52 -3.00
CA ARG A 122 17.48 -13.90 -4.00
C ARG A 122 18.05 -12.64 -4.62
N ILE A 123 19.29 -12.42 -4.37
CA ILE A 123 20.01 -11.30 -4.91
C ILE A 123 21.14 -11.89 -5.77
N ILE A 124 21.86 -11.08 -6.55
CA ILE A 124 22.98 -11.57 -7.38
C ILE A 124 24.04 -12.30 -6.51
N TYR A 125 24.07 -11.99 -5.24
CA TYR A 125 24.93 -12.69 -4.31
C TYR A 125 24.24 -13.97 -3.86
N ASN A 126 24.23 -14.92 -4.75
CA ASN A 126 23.63 -16.21 -4.51
C ASN A 126 24.54 -17.27 -5.05
N VAL A 127 25.31 -17.88 -4.15
CA VAL A 127 26.19 -18.94 -4.54
C VAL A 127 25.39 -20.16 -4.94
N ILE A 128 25.52 -20.56 -6.15
CA ILE A 128 24.77 -21.67 -6.64
C ILE A 128 25.52 -22.97 -6.43
N GLU A 129 24.87 -23.89 -5.81
CA GLU A 129 25.42 -25.20 -5.63
C GLU A 129 25.09 -25.99 -6.87
N GLU A 130 25.90 -25.82 -7.88
CA GLU A 130 25.66 -26.43 -9.16
C GLU A 130 26.23 -27.82 -9.21
N ILE A 131 27.31 -28.04 -8.50
CA ILE A 131 27.98 -29.30 -8.53
C ILE A 131 28.18 -29.85 -7.15
N GLU A 132 28.27 -31.14 -7.06
CA GLU A 132 28.58 -31.82 -5.85
C GLU A 132 30.08 -31.79 -5.70
N ALA A 133 30.54 -31.34 -4.56
CA ALA A 133 31.97 -31.14 -4.34
C ALA A 133 32.72 -32.46 -4.12
N ALA A 134 32.00 -33.51 -3.90
CA ALA A 134 32.60 -34.81 -3.69
C ALA A 134 32.37 -35.72 -4.89
N MET A 135 33.32 -36.60 -5.09
CA MET A 135 33.27 -37.55 -6.17
C MET A 135 32.92 -38.90 -5.59
N ASN A 1 -36.52 49.62 4.63
CA ASN A 1 -35.58 50.70 4.84
C ASN A 1 -35.92 51.85 3.92
N GLU A 2 -35.68 53.06 4.38
CA GLU A 2 -35.99 54.24 3.60
C GLU A 2 -34.83 54.59 2.68
N PHE A 3 -33.66 54.75 3.26
CA PHE A 3 -32.48 55.11 2.49
C PHE A 3 -31.34 54.18 2.84
N GLU A 4 -30.97 54.22 4.08
CA GLU A 4 -29.85 53.49 4.59
C GLU A 4 -30.29 52.25 5.33
N LEU A 5 -29.37 51.35 5.56
CA LEU A 5 -29.67 50.13 6.29
C LEU A 5 -29.50 50.37 7.79
N GLY A 6 -28.96 51.52 8.13
CA GLY A 6 -28.82 51.88 9.53
C GLY A 6 -27.40 51.71 10.04
N THR A 7 -26.49 51.42 9.17
CA THR A 7 -25.11 51.27 9.54
C THR A 7 -24.33 52.54 9.20
N ARG A 8 -23.59 53.06 10.19
CA ARG A 8 -22.76 54.25 10.01
C ARG A 8 -21.73 53.98 8.93
N GLY A 9 -21.10 52.82 9.03
CA GLY A 9 -20.21 52.37 8.01
C GLY A 9 -21.02 51.65 6.97
N SER A 10 -21.68 52.40 6.14
CA SER A 10 -22.58 51.89 5.15
C SER A 10 -21.84 51.04 4.11
N SER A 11 -22.46 49.93 3.73
CA SER A 11 -21.91 48.97 2.78
C SER A 11 -20.72 48.22 3.38
N ARG A 12 -20.81 47.96 4.68
CA ARG A 12 -19.79 47.16 5.35
C ARG A 12 -19.99 45.69 5.07
N VAL A 13 -21.18 45.38 4.62
CA VAL A 13 -21.49 44.06 4.17
C VAL A 13 -21.68 44.16 2.68
N ASP A 14 -21.78 43.06 2.01
CA ASP A 14 -22.08 43.12 0.59
C ASP A 14 -23.55 43.37 0.45
N LEU A 15 -23.92 44.30 -0.38
CA LEU A 15 -25.30 44.71 -0.52
C LEU A 15 -26.12 43.69 -1.31
N GLN A 16 -25.46 42.83 -2.03
CA GLN A 16 -26.14 41.83 -2.78
C GLN A 16 -25.85 40.43 -2.29
N GLU A 17 -26.89 39.80 -1.82
CA GLU A 17 -26.80 38.47 -1.29
C GLU A 17 -27.70 37.56 -2.09
N GLN A 18 -27.19 37.03 -3.17
CA GLN A 18 -27.93 36.14 -4.02
C GLN A 18 -27.12 34.91 -4.20
N ARG A 19 -26.24 34.67 -3.24
CA ARG A 19 -25.31 33.54 -3.27
C ARG A 19 -26.11 32.22 -3.13
N SER A 20 -27.34 32.34 -2.70
CA SER A 20 -28.22 31.21 -2.59
C SER A 20 -29.56 31.53 -3.29
N VAL A 21 -29.54 32.46 -4.29
CA VAL A 21 -30.78 32.87 -4.95
C VAL A 21 -31.39 31.69 -5.73
N LYS A 22 -30.51 30.92 -6.36
CA LYS A 22 -30.84 29.74 -7.14
C LYS A 22 -29.56 29.30 -7.81
N THR A 23 -29.07 28.13 -7.43
CA THR A 23 -27.84 27.51 -7.98
C THR A 23 -26.63 28.50 -8.05
N ARG A 24 -26.48 29.33 -7.04
CA ARG A 24 -25.40 30.29 -7.02
C ARG A 24 -24.22 29.74 -6.25
N VAL A 25 -24.43 28.59 -5.63
CA VAL A 25 -23.36 27.85 -4.98
C VAL A 25 -22.84 26.78 -5.97
N SER A 26 -23.73 26.37 -6.88
CA SER A 26 -23.48 25.31 -7.85
C SER A 26 -23.16 23.97 -7.18
N LEU A 27 -24.22 23.28 -6.80
CA LEU A 27 -24.13 21.99 -6.13
C LEU A 27 -25.04 20.98 -6.80
N ASP A 28 -25.42 21.27 -8.03
CA ASP A 28 -26.24 20.35 -8.80
C ASP A 28 -25.40 19.14 -9.17
N ASP A 29 -25.92 17.95 -8.86
CA ASP A 29 -25.22 16.65 -8.99
C ASP A 29 -24.22 16.46 -7.87
N LEU A 30 -24.38 17.31 -6.85
CA LEU A 30 -23.57 17.36 -5.65
C LEU A 30 -22.15 17.75 -5.93
N PHE A 31 -21.36 16.78 -6.31
CA PHE A 31 -19.96 16.96 -6.52
C PHE A 31 -19.51 15.77 -7.33
N GLU A 32 -18.68 16.00 -8.31
CA GLU A 32 -18.22 14.94 -9.21
C GLU A 32 -16.93 14.30 -8.71
N GLN A 33 -16.50 14.78 -7.56
CA GLN A 33 -15.30 14.33 -6.86
C GLN A 33 -14.03 14.80 -7.56
N ILE A 34 -13.64 14.09 -8.64
CA ILE A 34 -12.43 14.36 -9.43
C ILE A 34 -11.23 14.73 -8.53
N LYS A 35 -10.66 13.73 -7.91
CA LYS A 35 -9.57 13.98 -7.02
C LYS A 35 -8.71 12.74 -6.89
N GLN A 36 -7.45 12.88 -7.23
CA GLN A 36 -6.49 11.82 -7.08
C GLN A 36 -5.45 12.26 -6.08
N GLY A 37 -5.43 11.62 -4.94
CA GLY A 37 -4.50 12.00 -3.91
C GLY A 37 -3.53 10.90 -3.58
N GLU A 38 -3.30 10.71 -2.30
CA GLU A 38 -2.39 9.70 -1.79
C GLU A 38 -3.09 8.37 -1.73
N MET A 39 -2.37 7.30 -1.93
CA MET A 39 -2.98 6.00 -1.83
C MET A 39 -2.93 5.54 -0.37
N LYS A 40 -4.09 5.46 0.21
CA LYS A 40 -4.24 5.14 1.61
C LYS A 40 -4.40 3.66 1.80
N GLU A 41 -4.83 2.99 0.75
CA GLU A 41 -5.05 1.58 0.77
C GLU A 41 -3.92 0.86 0.04
N LEU A 42 -3.06 0.26 0.80
CA LEU A 42 -2.01 -0.52 0.28
C LEU A 42 -2.46 -1.97 0.32
N ASN A 43 -2.70 -2.53 -0.80
CA ASN A 43 -3.17 -3.89 -0.85
C ASN A 43 -2.00 -4.81 -1.03
N LEU A 44 -2.12 -6.04 -0.56
CA LEU A 44 -1.05 -7.02 -0.70
C LEU A 44 -1.58 -8.40 -1.06
N ILE A 45 -0.67 -9.22 -1.51
CA ILE A 45 -0.88 -10.62 -1.81
C ILE A 45 0.17 -11.41 -1.05
N VAL A 46 -0.25 -12.47 -0.43
CA VAL A 46 0.64 -13.26 0.37
C VAL A 46 0.73 -14.68 -0.20
N LYS A 47 1.95 -15.15 -0.42
CA LYS A 47 2.20 -16.48 -0.93
C LYS A 47 3.47 -17.02 -0.30
N ALA A 48 3.46 -18.28 0.01
CA ALA A 48 4.60 -18.92 0.66
C ALA A 48 4.59 -20.39 0.31
N ASP A 49 5.61 -21.12 0.73
CA ASP A 49 5.70 -22.57 0.51
C ASP A 49 4.93 -23.29 1.58
N VAL A 50 4.82 -22.64 2.71
CA VAL A 50 4.04 -23.11 3.79
C VAL A 50 2.75 -22.34 3.76
N GLN A 51 1.63 -23.04 3.66
CA GLN A 51 0.35 -22.39 3.54
C GLN A 51 0.03 -21.57 4.75
N GLY A 52 0.33 -22.04 5.91
CA GLY A 52 -0.03 -21.28 7.07
C GLY A 52 0.84 -20.07 7.30
N SER A 53 1.85 -19.88 6.46
CA SER A 53 2.67 -18.72 6.57
C SER A 53 1.91 -17.60 5.90
N VAL A 54 1.02 -18.01 4.99
CA VAL A 54 0.18 -17.10 4.33
C VAL A 54 -0.93 -16.71 5.30
N GLU A 55 -1.50 -17.73 5.91
CA GLU A 55 -2.61 -17.59 6.87
C GLU A 55 -2.26 -16.69 8.04
N ALA A 56 -1.10 -16.92 8.62
CA ALA A 56 -0.64 -16.16 9.77
C ALA A 56 -0.38 -14.71 9.41
N LEU A 57 0.01 -14.48 8.16
CA LEU A 57 0.28 -13.16 7.69
C LEU A 57 -1.03 -12.44 7.34
N VAL A 58 -1.94 -13.17 6.70
CA VAL A 58 -3.26 -12.65 6.31
C VAL A 58 -4.01 -12.04 7.49
N ALA A 59 -3.98 -12.71 8.62
CA ALA A 59 -4.67 -12.23 9.82
C ALA A 59 -4.09 -10.92 10.32
N ALA A 60 -2.82 -10.70 10.08
CA ALA A 60 -2.14 -9.51 10.55
C ALA A 60 -2.18 -8.44 9.50
N LEU A 61 -2.54 -8.84 8.33
CA LEU A 61 -2.54 -7.98 7.20
C LEU A 61 -3.95 -7.42 6.99
N GLN A 62 -4.94 -8.22 7.30
CA GLN A 62 -6.33 -7.80 7.11
C GLN A 62 -6.76 -6.81 8.18
N LYS A 63 -6.00 -6.72 9.24
CA LYS A 63 -6.33 -5.84 10.34
C LYS A 63 -5.61 -4.47 10.27
N ILE A 64 -4.88 -4.21 9.20
CA ILE A 64 -4.11 -2.99 9.15
C ILE A 64 -4.96 -1.75 8.81
N ASP A 65 -5.63 -1.27 9.83
CA ASP A 65 -6.35 0.01 9.81
C ASP A 65 -5.79 0.89 10.92
N VAL A 66 -5.40 0.22 12.00
CA VAL A 66 -4.96 0.84 13.26
C VAL A 66 -3.56 1.51 13.13
N GLU A 67 -2.91 1.30 12.00
CA GLU A 67 -1.60 1.91 11.77
C GLU A 67 -1.75 3.33 11.26
N GLY A 68 -2.98 3.73 10.94
CA GLY A 68 -3.21 5.06 10.41
C GLY A 68 -3.07 5.09 8.91
N VAL A 69 -3.04 3.91 8.37
CA VAL A 69 -2.92 3.66 6.97
C VAL A 69 -3.58 2.33 6.77
N ARG A 70 -4.15 2.10 5.63
CA ARG A 70 -4.82 0.88 5.37
C ARG A 70 -4.01 0.00 4.50
N VAL A 71 -3.74 -1.14 5.01
CA VAL A 71 -3.01 -2.15 4.32
C VAL A 71 -3.84 -3.39 4.45
N LYS A 72 -4.12 -4.07 3.38
CA LYS A 72 -5.02 -5.20 3.44
C LYS A 72 -4.69 -6.18 2.33
N ILE A 73 -5.09 -7.40 2.49
CA ILE A 73 -4.81 -8.43 1.52
C ILE A 73 -5.94 -8.61 0.51
N ILE A 74 -5.57 -9.07 -0.67
CA ILE A 74 -6.55 -9.34 -1.72
C ILE A 74 -6.56 -10.82 -2.04
N HIS A 75 -5.44 -11.46 -1.81
CA HIS A 75 -5.27 -12.79 -2.29
C HIS A 75 -4.19 -13.47 -1.45
N ALA A 76 -4.43 -14.71 -1.06
CA ALA A 76 -3.51 -15.51 -0.25
C ALA A 76 -3.57 -16.93 -0.71
N ALA A 77 -2.41 -17.51 -0.98
CA ALA A 77 -2.36 -18.87 -1.45
C ALA A 77 -0.99 -19.44 -1.26
N VAL A 78 -0.89 -20.74 -1.26
CA VAL A 78 0.38 -21.38 -1.16
C VAL A 78 0.87 -21.72 -2.58
N GLY A 79 1.79 -20.93 -3.05
CA GLY A 79 2.29 -21.08 -4.38
C GLY A 79 3.41 -20.12 -4.62
N ALA A 80 4.02 -20.20 -5.76
CA ALA A 80 5.12 -19.32 -6.12
C ALA A 80 4.57 -18.08 -6.82
N ILE A 81 5.43 -17.16 -7.21
CA ILE A 81 4.96 -15.96 -7.88
C ILE A 81 4.78 -16.26 -9.36
N THR A 82 3.56 -16.32 -9.78
CA THR A 82 3.29 -16.60 -11.15
C THR A 82 2.96 -15.30 -11.87
N GLU A 83 2.90 -15.38 -13.18
CA GLU A 83 2.53 -14.27 -14.04
C GLU A 83 1.11 -13.76 -13.68
N SER A 84 0.29 -14.69 -13.18
CA SER A 84 -1.08 -14.43 -12.81
C SER A 84 -1.14 -13.56 -11.53
N ASP A 85 -0.22 -13.81 -10.61
CA ASP A 85 -0.20 -13.10 -9.32
C ASP A 85 0.23 -11.68 -9.52
N ILE A 86 1.14 -11.49 -10.44
CA ILE A 86 1.69 -10.19 -10.73
C ILE A 86 0.67 -9.26 -11.39
N SER A 87 -0.19 -9.80 -12.19
CA SER A 87 -1.26 -9.02 -12.75
C SER A 87 -2.24 -8.50 -11.67
N LEU A 88 -2.23 -9.13 -10.50
CA LEU A 88 -2.99 -8.66 -9.36
C LEU A 88 -2.23 -7.51 -8.72
N ALA A 89 -0.93 -7.62 -8.72
CA ALA A 89 -0.06 -6.66 -8.09
C ALA A 89 -0.27 -5.26 -8.70
N THR A 90 -0.18 -5.13 -10.00
CA THR A 90 -0.39 -3.82 -10.62
C THR A 90 -1.92 -3.45 -10.63
N ALA A 91 -2.76 -4.44 -10.35
CA ALA A 91 -4.21 -4.26 -10.36
C ALA A 91 -4.68 -3.55 -9.10
N SER A 92 -4.42 -4.15 -7.96
CA SER A 92 -4.88 -3.60 -6.69
C SER A 92 -3.78 -2.80 -6.00
N ASN A 93 -2.65 -2.64 -6.70
CA ASN A 93 -1.49 -1.87 -6.20
C ASN A 93 -0.79 -2.63 -5.11
N ALA A 94 -0.83 -3.93 -5.26
CA ALA A 94 -0.21 -4.83 -4.35
C ALA A 94 1.17 -5.21 -4.85
N ILE A 95 1.93 -5.87 -4.03
CA ILE A 95 3.22 -6.41 -4.41
C ILE A 95 3.24 -7.85 -3.96
N VAL A 96 3.92 -8.70 -4.68
CA VAL A 96 3.89 -10.11 -4.36
C VAL A 96 5.14 -10.49 -3.59
N ILE A 97 4.95 -11.10 -2.47
CA ILE A 97 6.03 -11.56 -1.65
C ILE A 97 6.00 -13.08 -1.66
N GLY A 98 7.16 -13.69 -1.81
CA GLY A 98 7.24 -15.12 -1.84
C GLY A 98 8.33 -15.62 -0.94
N PHE A 99 8.07 -16.69 -0.27
CA PHE A 99 9.01 -17.23 0.67
C PHE A 99 9.63 -18.49 0.12
N ASN A 100 10.85 -18.34 -0.42
CA ASN A 100 11.67 -19.45 -1.01
C ASN A 100 11.11 -19.91 -2.37
N VAL A 101 9.79 -19.90 -2.49
CA VAL A 101 9.06 -20.27 -3.70
C VAL A 101 9.56 -19.51 -4.94
N ARG A 102 9.66 -18.17 -4.81
CA ARG A 102 10.21 -17.32 -5.86
C ARG A 102 9.28 -17.28 -7.12
N PRO A 103 9.57 -16.48 -8.17
CA PRO A 103 8.70 -16.40 -9.32
C PRO A 103 9.06 -17.33 -10.44
N ASP A 104 8.20 -17.34 -11.41
CA ASP A 104 8.48 -17.96 -12.67
C ASP A 104 9.39 -17.02 -13.44
N ALA A 105 10.07 -17.54 -14.42
CA ALA A 105 11.02 -16.77 -15.20
C ALA A 105 10.35 -15.69 -16.03
N ASN A 106 9.14 -15.91 -16.44
CA ASN A 106 8.44 -14.91 -17.22
C ASN A 106 7.76 -13.95 -16.27
N ALA A 107 7.27 -14.48 -15.14
CA ALA A 107 6.68 -13.66 -14.09
C ALA A 107 7.63 -12.55 -13.64
N LYS A 108 8.87 -12.92 -13.34
CA LYS A 108 9.89 -11.95 -12.85
C LYS A 108 10.11 -10.78 -13.87
N ARG A 109 9.82 -11.03 -15.13
CA ARG A 109 9.94 -10.13 -16.17
C ARG A 109 8.67 -9.29 -16.26
N ALA A 110 7.55 -10.00 -16.20
CA ALA A 110 6.22 -9.44 -16.24
C ALA A 110 6.06 -8.39 -15.20
N ALA A 111 6.58 -8.67 -13.99
CA ALA A 111 6.55 -7.76 -12.83
C ALA A 111 7.01 -6.39 -13.21
N GLU A 112 8.07 -6.35 -13.93
CA GLU A 112 8.70 -5.11 -14.29
C GLU A 112 7.96 -4.41 -15.41
N SER A 113 7.40 -5.17 -16.27
CA SER A 113 6.63 -4.63 -17.35
C SER A 113 5.21 -4.34 -16.83
N GLU A 114 5.05 -4.54 -15.54
CA GLU A 114 3.82 -4.36 -14.85
C GLU A 114 3.93 -3.42 -13.73
N LYS A 115 5.05 -2.70 -13.67
CA LYS A 115 5.24 -1.66 -12.74
C LYS A 115 5.32 -2.14 -11.27
N VAL A 116 5.36 -3.44 -11.05
CA VAL A 116 5.32 -3.95 -9.70
C VAL A 116 6.57 -4.65 -9.30
N ASP A 117 6.82 -4.69 -8.03
CA ASP A 117 8.00 -5.30 -7.52
C ASP A 117 7.65 -6.56 -6.75
N ILE A 118 8.24 -7.65 -7.13
CA ILE A 118 8.07 -8.88 -6.41
C ILE A 118 9.23 -9.06 -5.44
N ARG A 119 8.93 -9.41 -4.23
CA ARG A 119 9.94 -9.59 -3.25
C ARG A 119 9.92 -11.00 -2.74
N LEU A 120 11.03 -11.65 -2.82
CA LEU A 120 11.11 -13.01 -2.42
C LEU A 120 12.42 -13.30 -1.75
N HIS A 121 12.51 -14.44 -1.14
CA HIS A 121 13.72 -14.86 -0.49
C HIS A 121 14.47 -15.75 -1.45
N ARG A 122 15.63 -15.32 -1.92
CA ARG A 122 16.42 -16.10 -2.84
C ARG A 122 17.12 -17.23 -2.10
N ILE A 123 17.77 -16.88 -0.99
CA ILE A 123 18.49 -17.81 -0.08
C ILE A 123 19.48 -18.76 -0.80
N ILE A 124 20.68 -18.27 -1.02
CA ILE A 124 21.76 -19.04 -1.65
C ILE A 124 23.11 -18.31 -1.43
N TYR A 125 23.04 -16.98 -1.29
CA TYR A 125 24.21 -16.10 -1.06
C TYR A 125 25.08 -15.97 -2.28
N ASN A 126 25.82 -17.01 -2.56
CA ASN A 126 26.75 -17.04 -3.67
C ASN A 126 26.37 -18.15 -4.60
N VAL A 127 26.34 -17.84 -5.87
CA VAL A 127 26.05 -18.86 -6.85
C VAL A 127 27.32 -19.64 -7.17
N ILE A 128 28.46 -18.96 -7.07
CA ILE A 128 29.76 -19.57 -7.27
C ILE A 128 30.73 -19.09 -6.19
N GLU A 129 31.87 -19.71 -6.12
CA GLU A 129 32.88 -19.34 -5.13
C GLU A 129 34.26 -19.39 -5.71
N GLU A 130 35.19 -18.85 -4.97
CA GLU A 130 36.58 -18.87 -5.37
C GLU A 130 37.17 -20.24 -5.11
N ILE A 131 37.79 -20.79 -6.15
CA ILE A 131 38.40 -22.13 -6.15
C ILE A 131 37.32 -23.21 -6.19
N GLU A 132 36.44 -23.19 -5.21
CA GLU A 132 35.36 -24.12 -5.07
C GLU A 132 34.37 -23.64 -4.01
N ALA A 133 34.90 -23.09 -2.94
CA ALA A 133 34.12 -22.61 -1.82
C ALA A 133 34.98 -21.73 -0.98
N ALA A 134 34.37 -20.92 -0.15
CA ALA A 134 35.09 -20.08 0.77
C ALA A 134 35.32 -20.91 2.03
N MET A 135 34.24 -21.21 2.71
CA MET A 135 34.19 -22.07 3.87
C MET A 135 32.80 -22.64 3.92
N ASN A 1 10.63 28.82 56.46
CA ASN A 1 10.25 29.05 55.06
C ASN A 1 8.80 28.75 54.89
N GLU A 2 8.05 29.71 54.39
CA GLU A 2 6.65 29.54 54.21
C GLU A 2 6.39 28.94 52.85
N PHE A 3 6.16 27.66 52.85
CA PHE A 3 5.86 26.95 51.64
C PHE A 3 4.38 27.13 51.36
N GLU A 4 3.60 27.10 52.42
CA GLU A 4 2.19 27.30 52.33
C GLU A 4 1.91 28.79 52.55
N LEU A 5 1.80 29.51 51.45
CA LEU A 5 1.53 30.93 51.51
C LEU A 5 0.03 31.22 51.66
N GLY A 6 -0.80 30.25 51.31
CA GLY A 6 -2.21 30.38 51.50
C GLY A 6 -2.57 29.86 52.87
N THR A 7 -2.56 30.73 53.84
CA THR A 7 -2.75 30.35 55.20
C THR A 7 -4.18 30.67 55.68
N ARG A 8 -4.48 30.27 56.91
CA ARG A 8 -5.75 30.47 57.60
C ARG A 8 -6.86 29.56 57.04
N GLY A 9 -7.15 29.68 55.75
CA GLY A 9 -8.19 28.88 55.14
C GLY A 9 -9.55 29.19 55.72
N SER A 10 -9.93 30.45 55.68
CA SER A 10 -11.20 30.88 56.20
C SER A 10 -11.88 31.91 55.29
N SER A 11 -11.26 32.21 54.16
CA SER A 11 -11.87 33.13 53.20
C SER A 11 -12.61 32.29 52.17
N ARG A 12 -12.44 31.01 52.31
CA ARG A 12 -12.99 30.02 51.48
C ARG A 12 -12.88 28.77 52.28
N VAL A 13 -13.60 27.76 51.87
CA VAL A 13 -13.62 26.38 52.39
C VAL A 13 -14.79 25.66 51.75
N ASP A 14 -14.46 24.73 50.87
CA ASP A 14 -15.42 23.91 50.14
C ASP A 14 -16.27 24.76 49.21
N LEU A 15 -15.66 25.10 48.10
CA LEU A 15 -16.28 25.93 47.08
C LEU A 15 -16.79 25.05 45.97
N GLN A 16 -15.92 24.20 45.50
CA GLN A 16 -16.21 23.34 44.38
C GLN A 16 -16.58 21.96 44.87
N GLU A 17 -17.23 21.24 44.03
CA GLU A 17 -17.66 19.91 44.35
C GLU A 17 -17.18 18.95 43.28
N GLN A 18 -16.63 17.86 43.71
CA GLN A 18 -16.17 16.85 42.79
C GLN A 18 -17.34 15.94 42.48
N ARG A 19 -18.16 15.70 43.51
CA ARG A 19 -19.36 14.88 43.47
C ARG A 19 -19.01 13.40 43.27
N SER A 20 -18.62 13.06 42.08
CA SER A 20 -18.25 11.72 41.71
C SER A 20 -17.30 11.85 40.52
N VAL A 21 -16.57 12.98 40.52
CA VAL A 21 -15.68 13.46 39.43
C VAL A 21 -16.40 13.46 38.07
N LYS A 22 -15.64 13.67 37.00
CA LYS A 22 -16.12 13.65 35.62
C LYS A 22 -16.98 14.89 35.31
N THR A 23 -18.19 14.92 35.82
CA THR A 23 -19.10 16.01 35.58
C THR A 23 -19.01 17.05 36.69
N ARG A 24 -17.88 17.04 37.39
CA ARG A 24 -17.56 18.00 38.45
C ARG A 24 -17.63 19.44 37.95
N VAL A 25 -17.17 19.65 36.74
CA VAL A 25 -17.20 20.97 36.13
C VAL A 25 -17.91 20.92 34.76
N SER A 26 -17.38 20.12 33.88
CA SER A 26 -17.90 19.94 32.55
C SER A 26 -17.11 18.78 31.95
N LEU A 27 -17.71 18.01 31.08
CA LEU A 27 -17.02 16.89 30.51
C LEU A 27 -17.46 16.71 29.08
N ASP A 28 -16.54 16.86 28.18
CA ASP A 28 -16.84 16.67 26.78
C ASP A 28 -16.54 15.25 26.39
N ASP A 29 -17.58 14.45 26.34
CA ASP A 29 -17.44 13.05 25.97
C ASP A 29 -17.24 12.92 24.48
N LEU A 30 -16.06 12.50 24.10
CA LEU A 30 -15.72 12.31 22.73
C LEU A 30 -14.56 11.34 22.66
N PHE A 31 -14.85 10.07 22.58
CA PHE A 31 -13.81 9.10 22.52
C PHE A 31 -13.88 8.32 21.22
N GLU A 32 -13.42 8.98 20.16
CA GLU A 32 -13.29 8.47 18.80
C GLU A 32 -13.14 9.68 17.89
N GLN A 33 -12.44 9.52 16.81
CA GLN A 33 -12.24 10.58 15.85
C GLN A 33 -12.42 10.10 14.44
N ILE A 34 -12.78 11.03 13.59
CA ILE A 34 -12.98 10.78 12.18
C ILE A 34 -11.65 10.35 11.55
N LYS A 35 -11.71 9.33 10.74
CA LYS A 35 -10.54 8.85 10.06
C LYS A 35 -10.51 9.48 8.69
N GLN A 36 -9.33 9.61 8.12
CA GLN A 36 -9.21 10.12 6.77
C GLN A 36 -9.81 9.12 5.80
N GLY A 37 -9.79 7.88 6.21
CA GLY A 37 -10.32 6.84 5.44
C GLY A 37 -9.25 6.16 4.66
N GLU A 38 -9.67 5.22 3.88
CA GLU A 38 -8.78 4.44 3.08
C GLU A 38 -8.47 5.19 1.79
N MET A 39 -7.67 6.23 1.93
CA MET A 39 -7.24 7.04 0.80
C MET A 39 -6.33 6.17 -0.04
N LYS A 40 -5.32 5.68 0.61
CA LYS A 40 -4.44 4.73 0.03
C LYS A 40 -4.36 3.56 0.95
N GLU A 41 -4.68 2.43 0.46
CA GLU A 41 -4.52 1.24 1.20
C GLU A 41 -3.19 0.66 0.83
N LEU A 42 -2.51 0.11 1.76
CA LEU A 42 -1.35 -0.61 1.44
C LEU A 42 -1.86 -2.00 1.30
N ASN A 43 -2.18 -2.33 0.11
CA ASN A 43 -2.89 -3.52 -0.20
C ASN A 43 -1.93 -4.48 -0.83
N LEU A 44 -1.70 -5.58 -0.16
CA LEU A 44 -0.68 -6.51 -0.56
C LEU A 44 -1.21 -7.91 -0.81
N ILE A 45 -0.35 -8.74 -1.32
CA ILE A 45 -0.63 -10.12 -1.59
C ILE A 45 0.33 -11.01 -0.84
N VAL A 46 -0.20 -12.04 -0.23
CA VAL A 46 0.58 -12.95 0.57
C VAL A 46 0.69 -14.32 -0.12
N LYS A 47 1.91 -14.71 -0.37
CA LYS A 47 2.25 -15.96 -1.03
C LYS A 47 3.48 -16.57 -0.38
N ALA A 48 3.31 -17.69 0.25
CA ALA A 48 4.39 -18.32 0.97
C ALA A 48 4.50 -19.78 0.58
N ASP A 49 5.61 -20.39 0.98
CA ASP A 49 5.90 -21.80 0.71
C ASP A 49 5.03 -22.66 1.60
N VAL A 50 4.81 -22.17 2.79
CA VAL A 50 3.96 -22.78 3.75
C VAL A 50 2.60 -22.13 3.64
N GLN A 51 1.55 -22.91 3.41
CA GLN A 51 0.23 -22.34 3.23
C GLN A 51 -0.22 -21.60 4.46
N GLY A 52 0.03 -22.13 5.60
CA GLY A 52 -0.42 -21.45 6.77
C GLY A 52 0.40 -20.24 7.13
N SER A 53 1.41 -19.93 6.35
CA SER A 53 2.14 -18.73 6.59
C SER A 53 1.42 -17.64 5.84
N VAL A 54 0.65 -18.06 4.82
CA VAL A 54 -0.17 -17.14 4.11
C VAL A 54 -1.33 -16.79 5.02
N GLU A 55 -1.86 -17.83 5.64
CA GLU A 55 -2.94 -17.75 6.61
C GLU A 55 -2.56 -16.85 7.77
N ALA A 56 -1.43 -17.16 8.39
CA ALA A 56 -0.94 -16.42 9.54
C ALA A 56 -0.69 -14.96 9.23
N LEU A 57 -0.14 -14.68 8.06
CA LEU A 57 0.13 -13.31 7.70
C LEU A 57 -1.16 -12.58 7.35
N VAL A 58 -2.08 -13.27 6.68
CA VAL A 58 -3.41 -12.70 6.38
C VAL A 58 -4.12 -12.31 7.66
N ALA A 59 -4.07 -13.19 8.63
CA ALA A 59 -4.70 -12.95 9.93
C ALA A 59 -4.07 -11.76 10.66
N ALA A 60 -2.88 -11.38 10.26
CA ALA A 60 -2.13 -10.31 10.88
C ALA A 60 -2.26 -9.05 10.06
N LEU A 61 -2.79 -9.22 8.89
CA LEU A 61 -2.91 -8.18 7.91
C LEU A 61 -4.36 -7.70 7.82
N GLN A 62 -5.30 -8.57 8.12
CA GLN A 62 -6.71 -8.22 8.10
C GLN A 62 -7.14 -7.55 9.39
N LYS A 63 -6.28 -7.60 10.40
CA LYS A 63 -6.59 -7.00 11.68
C LYS A 63 -6.17 -5.53 11.70
N ILE A 64 -5.75 -5.06 10.55
CA ILE A 64 -5.27 -3.72 10.45
C ILE A 64 -6.42 -2.73 10.28
N ASP A 65 -6.85 -2.20 11.40
CA ASP A 65 -7.85 -1.15 11.45
C ASP A 65 -7.46 -0.20 12.56
N VAL A 66 -7.00 -0.76 13.67
CA VAL A 66 -6.44 0.03 14.74
C VAL A 66 -5.01 0.32 14.32
N GLU A 67 -4.87 1.39 13.58
CA GLU A 67 -3.67 1.77 12.89
C GLU A 67 -3.99 3.05 12.13
N GLY A 68 -5.26 3.15 11.72
CA GLY A 68 -5.74 4.33 11.02
C GLY A 68 -5.61 4.19 9.53
N VAL A 69 -4.48 3.67 9.12
CA VAL A 69 -4.20 3.42 7.73
C VAL A 69 -4.57 1.99 7.43
N ARG A 70 -5.08 1.75 6.26
CA ARG A 70 -5.49 0.43 5.91
C ARG A 70 -4.38 -0.27 5.19
N VAL A 71 -3.84 -1.23 5.84
CA VAL A 71 -2.90 -2.12 5.26
C VAL A 71 -3.65 -3.42 5.19
N LYS A 72 -3.91 -3.92 4.02
CA LYS A 72 -4.77 -5.07 3.89
C LYS A 72 -4.25 -6.01 2.83
N ILE A 73 -4.76 -7.20 2.85
CA ILE A 73 -4.45 -8.20 1.88
C ILE A 73 -5.52 -8.32 0.83
N ILE A 74 -5.14 -8.85 -0.28
CA ILE A 74 -6.07 -9.01 -1.39
C ILE A 74 -6.23 -10.48 -1.71
N HIS A 75 -5.13 -11.19 -1.68
CA HIS A 75 -5.06 -12.54 -2.18
C HIS A 75 -3.94 -13.31 -1.49
N ALA A 76 -4.26 -14.48 -1.01
CA ALA A 76 -3.35 -15.35 -0.31
C ALA A 76 -3.33 -16.68 -1.00
N ALA A 77 -2.18 -17.14 -1.38
CA ALA A 77 -2.06 -18.41 -2.08
C ALA A 77 -0.75 -19.07 -1.75
N VAL A 78 -0.75 -20.36 -1.69
CA VAL A 78 0.46 -21.08 -1.43
C VAL A 78 1.09 -21.52 -2.74
N GLY A 79 1.99 -20.72 -3.18
CA GLY A 79 2.67 -21.00 -4.38
C GLY A 79 3.71 -19.97 -4.60
N ALA A 80 4.47 -20.15 -5.60
CA ALA A 80 5.54 -19.24 -5.92
C ALA A 80 5.02 -18.15 -6.82
N ILE A 81 5.86 -17.19 -7.13
CA ILE A 81 5.45 -16.08 -7.94
C ILE A 81 5.30 -16.52 -9.36
N THR A 82 4.10 -16.42 -9.84
CA THR A 82 3.78 -16.72 -11.17
C THR A 82 3.14 -15.48 -11.77
N GLU A 83 3.20 -15.32 -13.07
CA GLU A 83 2.75 -14.11 -13.73
C GLU A 83 1.24 -13.87 -13.57
N SER A 84 0.49 -14.95 -13.40
CA SER A 84 -0.93 -14.86 -13.16
C SER A 84 -1.20 -14.15 -11.81
N ASP A 85 -0.28 -14.28 -10.86
CA ASP A 85 -0.42 -13.61 -9.57
C ASP A 85 0.04 -12.19 -9.69
N ILE A 86 1.02 -11.98 -10.54
CA ILE A 86 1.56 -10.65 -10.78
C ILE A 86 0.56 -9.74 -11.50
N SER A 87 -0.30 -10.32 -12.29
CA SER A 87 -1.36 -9.55 -12.93
C SER A 87 -2.27 -8.85 -11.88
N LEU A 88 -2.33 -9.39 -10.67
CA LEU A 88 -3.05 -8.79 -9.58
C LEU A 88 -2.25 -7.60 -9.03
N ALA A 89 -0.95 -7.75 -9.05
CA ALA A 89 -0.04 -6.76 -8.53
C ALA A 89 -0.27 -5.41 -9.18
N THR A 90 -0.18 -5.33 -10.49
CA THR A 90 -0.47 -4.07 -11.18
C THR A 90 -1.97 -3.67 -11.06
N ALA A 91 -2.85 -4.68 -10.97
CA ALA A 91 -4.31 -4.44 -10.91
C ALA A 91 -4.71 -3.64 -9.66
N SER A 92 -4.34 -4.13 -8.52
CA SER A 92 -4.70 -3.47 -7.28
C SER A 92 -3.51 -2.68 -6.72
N ASN A 93 -2.44 -2.64 -7.50
CA ASN A 93 -1.19 -1.92 -7.15
C ASN A 93 -0.56 -2.53 -5.92
N ALA A 94 -0.65 -3.84 -5.86
CA ALA A 94 -0.12 -4.60 -4.78
C ALA A 94 1.28 -5.06 -5.13
N ILE A 95 2.05 -5.34 -4.14
CA ILE A 95 3.37 -5.85 -4.35
C ILE A 95 3.34 -7.30 -3.92
N VAL A 96 3.94 -8.17 -4.71
CA VAL A 96 3.89 -9.57 -4.42
C VAL A 96 5.08 -9.97 -3.60
N ILE A 97 4.86 -10.17 -2.33
CA ILE A 97 5.89 -10.58 -1.46
C ILE A 97 5.83 -12.09 -1.34
N GLY A 98 6.85 -12.72 -1.86
CA GLY A 98 6.94 -14.13 -1.84
C GLY A 98 7.88 -14.56 -0.79
N PHE A 99 7.50 -15.54 -0.05
CA PHE A 99 8.32 -15.93 1.06
C PHE A 99 9.06 -17.17 0.75
N ASN A 100 10.29 -16.99 0.29
CA ASN A 100 11.25 -18.06 -0.08
C ASN A 100 10.88 -18.80 -1.36
N VAL A 101 9.60 -18.74 -1.70
CA VAL A 101 9.04 -19.35 -2.90
C VAL A 101 9.73 -18.92 -4.18
N ARG A 102 9.90 -17.60 -4.36
CA ARG A 102 10.59 -17.03 -5.54
C ARG A 102 9.72 -17.13 -6.82
N PRO A 103 10.10 -16.51 -7.95
CA PRO A 103 9.32 -16.56 -9.17
C PRO A 103 9.87 -17.54 -10.18
N ASP A 104 9.27 -17.51 -11.34
CA ASP A 104 9.76 -18.22 -12.49
C ASP A 104 10.36 -17.19 -13.45
N ALA A 105 10.92 -17.66 -14.54
CA ALA A 105 11.65 -16.79 -15.45
C ALA A 105 10.74 -15.89 -16.30
N ASN A 106 9.46 -16.14 -16.30
CA ASN A 106 8.52 -15.31 -17.06
C ASN A 106 7.83 -14.37 -16.13
N ALA A 107 7.46 -14.86 -14.95
CA ALA A 107 6.86 -14.01 -13.93
C ALA A 107 7.77 -12.84 -13.59
N LYS A 108 9.05 -13.12 -13.40
CA LYS A 108 10.05 -12.10 -13.08
C LYS A 108 10.04 -10.94 -14.13
N ARG A 109 9.79 -11.30 -15.40
CA ARG A 109 9.77 -10.45 -16.49
C ARG A 109 8.47 -9.70 -16.53
N ALA A 110 7.39 -10.47 -16.40
CA ALA A 110 6.04 -9.99 -16.43
C ALA A 110 5.84 -8.90 -15.43
N ALA A 111 6.40 -9.11 -14.23
CA ALA A 111 6.33 -8.15 -13.12
C ALA A 111 6.74 -6.79 -13.56
N GLU A 112 7.82 -6.74 -14.24
CA GLU A 112 8.42 -5.51 -14.59
C GLU A 112 7.75 -4.86 -15.76
N SER A 113 7.22 -5.65 -16.63
CA SER A 113 6.48 -5.15 -17.75
C SER A 113 5.02 -4.90 -17.30
N GLU A 114 4.81 -5.08 -16.02
CA GLU A 114 3.56 -4.85 -15.37
C GLU A 114 3.67 -3.82 -14.34
N LYS A 115 4.74 -3.05 -14.41
CA LYS A 115 4.96 -1.93 -13.57
C LYS A 115 5.16 -2.31 -12.09
N VAL A 116 5.28 -3.56 -11.79
CA VAL A 116 5.39 -3.96 -10.41
C VAL A 116 6.71 -4.62 -10.13
N ASP A 117 6.95 -4.86 -8.89
CA ASP A 117 8.13 -5.53 -8.49
C ASP A 117 7.75 -6.62 -7.53
N ILE A 118 8.43 -7.70 -7.61
CA ILE A 118 8.17 -8.80 -6.75
C ILE A 118 9.22 -8.84 -5.67
N ARG A 119 8.79 -9.09 -4.47
CA ARG A 119 9.66 -9.00 -3.33
C ARG A 119 9.84 -10.38 -2.74
N LEU A 120 11.03 -10.90 -2.85
CA LEU A 120 11.29 -12.25 -2.43
C LEU A 120 12.16 -12.31 -1.24
N HIS A 121 11.64 -12.97 -0.22
CA HIS A 121 12.37 -13.22 1.01
C HIS A 121 12.61 -11.92 1.80
N ARG A 122 11.71 -11.64 2.75
CA ARG A 122 11.70 -10.40 3.56
C ARG A 122 11.48 -9.15 2.71
N ILE A 123 11.59 -7.97 3.30
CA ILE A 123 11.39 -6.73 2.58
C ILE A 123 12.73 -6.08 2.23
N ILE A 124 12.69 -4.85 1.70
CA ILE A 124 13.91 -4.15 1.25
C ILE A 124 14.74 -3.75 2.45
N TYR A 125 14.11 -3.13 3.41
CA TYR A 125 14.76 -2.84 4.66
C TYR A 125 14.69 -4.09 5.46
N ASN A 126 15.79 -4.80 5.50
CA ASN A 126 15.82 -6.12 6.07
C ASN A 126 15.76 -6.06 7.58
N VAL A 127 14.59 -6.31 8.10
CA VAL A 127 14.37 -6.31 9.52
C VAL A 127 14.27 -7.74 10.00
N ILE A 128 15.13 -8.10 10.91
CA ILE A 128 15.14 -9.43 11.48
C ILE A 128 14.19 -9.44 12.65
N GLU A 129 13.10 -10.15 12.51
CA GLU A 129 12.12 -10.25 13.56
C GLU A 129 12.63 -11.28 14.57
N GLU A 130 13.08 -10.82 15.69
CA GLU A 130 13.58 -11.68 16.73
C GLU A 130 12.99 -11.28 18.06
N ILE A 131 12.11 -12.08 18.54
CA ILE A 131 11.42 -11.82 19.79
C ILE A 131 11.66 -12.97 20.75
N GLU A 132 12.20 -14.03 20.22
CA GLU A 132 12.46 -15.25 20.94
C GLU A 132 13.95 -15.54 20.92
N ALA A 133 14.72 -14.58 20.47
CA ALA A 133 16.14 -14.75 20.32
C ALA A 133 16.88 -14.52 21.62
N ALA A 134 17.33 -15.60 22.20
CA ALA A 134 18.16 -15.54 23.39
C ALA A 134 19.58 -15.96 23.03
N MET A 135 19.71 -16.53 21.86
CA MET A 135 20.94 -17.03 21.33
C MET A 135 20.94 -16.71 19.85
N ASN A 1 11.85 20.17 54.31
CA ASN A 1 12.93 21.01 53.80
C ASN A 1 12.37 22.21 53.06
N GLU A 2 12.95 23.40 53.31
CA GLU A 2 12.52 24.65 52.66
C GLU A 2 11.02 24.94 52.94
N PHE A 3 10.44 25.83 52.19
CA PHE A 3 9.02 26.07 52.28
C PHE A 3 8.36 25.17 51.26
N GLU A 4 7.58 24.22 51.72
CA GLU A 4 6.91 23.28 50.85
C GLU A 4 5.83 24.01 50.05
N LEU A 5 5.92 24.01 48.75
CA LEU A 5 4.98 24.69 47.91
C LEU A 5 4.63 23.87 46.69
N GLY A 6 3.74 24.39 45.87
CA GLY A 6 3.35 23.70 44.67
C GLY A 6 2.36 24.50 43.87
N THR A 7 1.38 25.05 44.55
CA THR A 7 0.34 25.84 43.95
C THR A 7 0.85 27.19 43.43
N ARG A 8 1.45 27.17 42.26
CA ARG A 8 1.91 28.36 41.61
C ARG A 8 1.18 28.52 40.32
N GLY A 9 0.70 29.71 40.09
CA GLY A 9 -0.14 29.96 38.96
C GLY A 9 -1.56 30.06 39.45
N SER A 10 -1.90 31.22 39.97
CA SER A 10 -3.22 31.48 40.53
C SER A 10 -4.29 31.43 39.43
N SER A 11 -3.88 31.78 38.25
CA SER A 11 -4.72 31.74 37.12
C SER A 11 -3.94 31.06 36.00
N ARG A 12 -4.18 29.78 35.83
CA ARG A 12 -3.51 29.02 34.84
C ARG A 12 -4.51 28.05 34.24
N VAL A 13 -4.00 27.01 33.61
CA VAL A 13 -4.78 26.03 32.87
C VAL A 13 -5.38 26.73 31.65
N ASP A 14 -4.46 27.17 30.79
CA ASP A 14 -4.76 27.91 29.56
C ASP A 14 -5.22 29.35 29.84
N LEU A 15 -4.47 30.29 29.33
CA LEU A 15 -4.72 31.71 29.57
C LEU A 15 -5.74 32.25 28.59
N GLN A 16 -6.19 33.46 28.83
CA GLN A 16 -7.16 34.10 27.98
C GLN A 16 -6.49 34.53 26.67
N GLU A 17 -7.16 34.26 25.58
CA GLU A 17 -6.63 34.50 24.26
C GLU A 17 -7.03 35.92 23.80
N GLN A 18 -6.64 36.28 22.57
CA GLN A 18 -6.97 37.58 21.93
C GLN A 18 -6.11 38.75 22.46
N ARG A 19 -5.40 38.51 23.56
CA ARG A 19 -4.60 39.54 24.26
C ARG A 19 -3.64 40.33 23.35
N SER A 20 -2.98 39.66 22.45
CA SER A 20 -2.02 40.32 21.60
C SER A 20 -2.59 40.39 20.19
N VAL A 21 -3.82 39.93 20.06
CA VAL A 21 -4.51 39.73 18.79
C VAL A 21 -3.59 39.05 17.78
N LYS A 22 -3.33 37.83 18.07
CA LYS A 22 -2.57 36.98 17.22
C LYS A 22 -3.34 35.72 17.21
N THR A 23 -3.42 35.07 16.07
CA THR A 23 -4.17 33.85 15.87
C THR A 23 -5.67 34.12 16.12
N ARG A 24 -6.07 35.37 15.87
CA ARG A 24 -7.45 35.79 16.10
C ARG A 24 -8.13 36.12 14.77
N VAL A 25 -7.60 35.53 13.71
CA VAL A 25 -8.14 35.73 12.38
C VAL A 25 -9.44 34.91 12.22
N SER A 26 -9.50 33.78 12.94
CA SER A 26 -10.63 32.87 12.94
C SER A 26 -10.91 32.29 11.54
N LEU A 27 -10.21 31.25 11.20
CA LEU A 27 -10.39 30.60 9.93
C LEU A 27 -11.37 29.46 10.09
N ASP A 28 -12.64 29.81 10.22
CA ASP A 28 -13.69 28.83 10.41
C ASP A 28 -14.43 28.59 9.11
N ASP A 29 -14.36 29.57 8.23
CA ASP A 29 -14.98 29.46 6.92
C ASP A 29 -14.08 28.66 6.00
N LEU A 30 -12.84 28.55 6.41
CA LEU A 30 -11.84 27.76 5.71
C LEU A 30 -11.68 26.46 6.46
N PHE A 31 -11.55 25.39 5.75
CA PHE A 31 -11.44 24.10 6.36
C PHE A 31 -10.10 23.49 6.00
N GLU A 32 -9.51 22.76 6.92
CA GLU A 32 -8.25 22.10 6.68
C GLU A 32 -8.52 20.73 6.12
N GLN A 33 -8.45 20.61 4.84
CA GLN A 33 -8.67 19.36 4.18
C GLN A 33 -7.42 19.02 3.40
N ILE A 34 -6.37 18.72 4.13
CA ILE A 34 -5.07 18.44 3.55
C ILE A 34 -4.88 16.95 3.43
N LYS A 35 -4.92 16.28 4.54
CA LYS A 35 -4.65 14.87 4.57
C LYS A 35 -5.84 14.05 4.18
N GLN A 36 -5.89 13.72 2.93
CA GLN A 36 -6.88 12.82 2.44
C GLN A 36 -6.27 11.45 2.38
N GLY A 37 -5.06 11.38 1.85
CA GLY A 37 -4.36 10.16 1.74
C GLY A 37 -2.91 10.30 2.12
N GLU A 38 -2.60 9.90 3.33
CA GLU A 38 -1.24 9.90 3.81
C GLU A 38 -0.95 8.53 4.38
N MET A 39 -0.34 7.66 3.55
CA MET A 39 -0.05 6.25 3.91
C MET A 39 -1.38 5.53 4.10
N LYS A 40 -2.36 5.96 3.34
CA LYS A 40 -3.72 5.53 3.50
C LYS A 40 -3.99 4.18 2.82
N GLU A 41 -3.48 4.01 1.64
CA GLU A 41 -3.80 2.84 0.84
C GLU A 41 -2.60 1.92 0.64
N LEU A 42 -2.51 0.87 1.44
CA LEU A 42 -1.49 -0.13 1.26
C LEU A 42 -2.13 -1.46 0.96
N ASN A 43 -1.65 -2.10 -0.06
CA ASN A 43 -2.20 -3.36 -0.50
C ASN A 43 -1.11 -4.37 -0.62
N LEU A 44 -1.35 -5.58 -0.13
CA LEU A 44 -0.36 -6.63 -0.19
C LEU A 44 -0.95 -7.97 -0.56
N ILE A 45 -0.06 -8.87 -0.85
CA ILE A 45 -0.34 -10.24 -1.17
C ILE A 45 0.55 -11.12 -0.33
N VAL A 46 0.02 -12.20 0.16
CA VAL A 46 0.76 -13.07 1.00
C VAL A 46 1.05 -14.41 0.30
N LYS A 47 2.31 -14.73 0.24
CA LYS A 47 2.82 -15.97 -0.30
C LYS A 47 3.87 -16.50 0.64
N ALA A 48 3.94 -17.80 0.78
CA ALA A 48 4.91 -18.47 1.58
C ALA A 48 4.92 -19.92 1.16
N ASP A 49 5.99 -20.61 1.47
CA ASP A 49 6.11 -22.05 1.18
C ASP A 49 5.16 -22.87 2.04
N VAL A 50 4.93 -22.41 3.24
CA VAL A 50 4.02 -23.04 4.14
C VAL A 50 2.65 -22.40 3.96
N GLN A 51 1.64 -23.21 3.70
CA GLN A 51 0.32 -22.69 3.36
C GLN A 51 -0.27 -21.86 4.48
N GLY A 52 -0.28 -22.38 5.67
CA GLY A 52 -0.93 -21.65 6.72
C GLY A 52 -0.15 -20.46 7.22
N SER A 53 1.01 -20.21 6.65
CA SER A 53 1.75 -19.04 7.01
C SER A 53 1.17 -17.90 6.23
N VAL A 54 0.55 -18.26 5.10
CA VAL A 54 -0.12 -17.31 4.31
C VAL A 54 -1.42 -16.95 5.01
N GLU A 55 -2.11 -17.99 5.43
CA GLU A 55 -3.41 -17.89 6.08
C GLU A 55 -3.33 -17.12 7.40
N ALA A 56 -2.34 -17.47 8.22
CA ALA A 56 -2.16 -16.82 9.51
C ALA A 56 -1.84 -15.35 9.36
N LEU A 57 -1.07 -15.03 8.32
CA LEU A 57 -0.69 -13.66 8.07
C LEU A 57 -1.89 -12.87 7.54
N VAL A 58 -2.66 -13.51 6.67
CA VAL A 58 -3.89 -12.93 6.13
C VAL A 58 -4.86 -12.56 7.25
N ALA A 59 -4.94 -13.41 8.24
CA ALA A 59 -5.84 -13.18 9.37
C ALA A 59 -5.37 -12.07 10.29
N ALA A 60 -4.20 -11.57 10.06
CA ALA A 60 -3.71 -10.45 10.82
C ALA A 60 -3.80 -9.24 9.96
N LEU A 61 -3.56 -9.46 8.71
CA LEU A 61 -3.51 -8.43 7.71
C LEU A 61 -4.90 -7.88 7.42
N GLN A 62 -5.91 -8.73 7.50
CA GLN A 62 -7.29 -8.30 7.28
C GLN A 62 -7.79 -7.46 8.46
N LYS A 63 -7.11 -7.57 9.59
CA LYS A 63 -7.51 -6.82 10.76
C LYS A 63 -6.67 -5.54 10.91
N ILE A 64 -5.83 -5.27 9.90
CA ILE A 64 -5.03 -4.03 9.83
C ILE A 64 -5.84 -2.99 9.02
N ASP A 65 -7.08 -3.37 8.71
CA ASP A 65 -8.01 -2.50 7.98
C ASP A 65 -8.60 -1.50 8.98
N VAL A 66 -7.83 -0.48 9.28
CA VAL A 66 -8.20 0.50 10.28
C VAL A 66 -8.29 1.89 9.68
N GLU A 67 -8.55 2.86 10.53
CA GLU A 67 -8.69 4.23 10.11
C GLU A 67 -7.33 4.87 9.81
N GLY A 68 -7.29 5.68 8.77
CA GLY A 68 -6.09 6.40 8.42
C GLY A 68 -5.17 5.61 7.52
N VAL A 69 -4.72 4.48 8.01
CA VAL A 69 -3.78 3.65 7.29
C VAL A 69 -4.33 2.23 7.18
N ARG A 70 -4.66 1.82 5.98
CA ARG A 70 -5.13 0.48 5.76
C ARG A 70 -4.08 -0.32 5.04
N VAL A 71 -3.60 -1.33 5.69
CA VAL A 71 -2.68 -2.26 5.08
C VAL A 71 -3.41 -3.57 5.03
N LYS A 72 -3.82 -3.97 3.86
CA LYS A 72 -4.65 -5.14 3.76
C LYS A 72 -4.26 -6.00 2.57
N ILE A 73 -4.64 -7.25 2.65
CA ILE A 73 -4.37 -8.23 1.64
C ILE A 73 -5.52 -8.36 0.67
N ILE A 74 -5.22 -8.89 -0.49
CA ILE A 74 -6.25 -9.17 -1.48
C ILE A 74 -6.20 -10.63 -1.91
N HIS A 75 -5.01 -11.22 -1.84
CA HIS A 75 -4.78 -12.53 -2.40
C HIS A 75 -3.68 -13.25 -1.61
N ALA A 76 -3.96 -14.47 -1.27
CA ALA A 76 -3.08 -15.33 -0.53
C ALA A 76 -2.87 -16.57 -1.35
N ALA A 77 -1.68 -17.08 -1.39
CA ALA A 77 -1.39 -18.28 -2.15
C ALA A 77 -0.14 -18.93 -1.63
N VAL A 78 -0.15 -20.23 -1.58
CA VAL A 78 1.02 -20.95 -1.20
C VAL A 78 1.77 -21.33 -2.45
N GLY A 79 2.66 -20.49 -2.81
CA GLY A 79 3.38 -20.70 -4.00
C GLY A 79 4.40 -19.65 -4.17
N ALA A 80 5.16 -19.79 -5.19
CA ALA A 80 6.15 -18.83 -5.57
C ALA A 80 5.47 -17.72 -6.41
N ILE A 81 6.25 -16.86 -7.03
CA ILE A 81 5.66 -15.80 -7.81
C ILE A 81 5.37 -16.30 -9.22
N THR A 82 4.14 -16.49 -9.52
CA THR A 82 3.77 -16.95 -10.80
C THR A 82 3.25 -15.80 -11.68
N GLU A 83 3.44 -15.96 -12.97
CA GLU A 83 3.08 -14.98 -14.01
C GLU A 83 1.66 -14.39 -13.82
N SER A 84 0.67 -15.24 -13.73
CA SER A 84 -0.72 -14.81 -13.66
C SER A 84 -1.07 -14.25 -12.28
N ASP A 85 -0.22 -14.49 -11.31
CA ASP A 85 -0.47 -14.02 -9.95
C ASP A 85 -0.13 -12.55 -9.90
N ILE A 86 0.90 -12.19 -10.66
CA ILE A 86 1.40 -10.81 -10.79
C ILE A 86 0.32 -9.86 -11.32
N SER A 87 -0.60 -10.40 -12.06
CA SER A 87 -1.72 -9.65 -12.54
C SER A 87 -2.56 -9.00 -11.40
N LEU A 88 -2.46 -9.55 -10.18
CA LEU A 88 -3.11 -8.96 -9.02
C LEU A 88 -2.25 -7.79 -8.51
N ALA A 89 -0.97 -7.95 -8.61
CA ALA A 89 0.00 -6.99 -8.12
C ALA A 89 -0.23 -5.61 -8.74
N THR A 90 -0.28 -5.52 -10.04
CA THR A 90 -0.55 -4.24 -10.70
C THR A 90 -2.03 -3.79 -10.49
N ALA A 91 -2.93 -4.75 -10.24
CA ALA A 91 -4.36 -4.48 -10.12
C ALA A 91 -4.70 -3.65 -8.89
N SER A 92 -4.26 -4.08 -7.75
CA SER A 92 -4.61 -3.40 -6.51
C SER A 92 -3.42 -2.63 -6.02
N ASN A 93 -2.36 -2.77 -6.77
CA ASN A 93 -1.07 -2.17 -6.53
C ASN A 93 -0.47 -2.78 -5.28
N ALA A 94 -0.65 -4.06 -5.18
CA ALA A 94 -0.12 -4.84 -4.12
C ALA A 94 1.18 -5.39 -4.60
N ILE A 95 2.20 -5.25 -3.83
CA ILE A 95 3.48 -5.75 -4.26
C ILE A 95 3.66 -7.14 -3.70
N VAL A 96 4.27 -7.99 -4.48
CA VAL A 96 4.41 -9.36 -4.09
C VAL A 96 5.73 -9.55 -3.41
N ILE A 97 5.67 -9.70 -2.12
CA ILE A 97 6.83 -9.94 -1.34
C ILE A 97 6.88 -11.42 -1.02
N GLY A 98 7.90 -12.05 -1.48
CA GLY A 98 8.07 -13.47 -1.28
C GLY A 98 9.37 -13.74 -0.61
N PHE A 99 9.65 -14.96 -0.29
CA PHE A 99 10.90 -15.26 0.35
C PHE A 99 11.36 -16.64 -0.07
N ASN A 100 12.50 -16.68 -0.77
CA ASN A 100 13.19 -17.92 -1.23
C ASN A 100 12.47 -18.61 -2.41
N VAL A 101 11.18 -18.41 -2.48
CA VAL A 101 10.31 -18.99 -3.51
C VAL A 101 10.67 -18.57 -4.94
N ARG A 102 10.77 -17.25 -5.18
CA ARG A 102 11.18 -16.69 -6.48
C ARG A 102 10.08 -16.80 -7.57
N PRO A 103 10.22 -16.13 -8.72
CA PRO A 103 9.21 -16.16 -9.75
C PRO A 103 9.47 -17.13 -10.88
N ASP A 104 8.49 -17.20 -11.77
CA ASP A 104 8.64 -17.88 -13.04
C ASP A 104 9.63 -17.08 -13.85
N ALA A 105 10.22 -17.68 -14.82
CA ALA A 105 11.10 -16.98 -15.70
C ALA A 105 10.31 -15.97 -16.52
N ASN A 106 9.05 -16.27 -16.77
CA ASN A 106 8.17 -15.33 -17.45
C ASN A 106 7.56 -14.36 -16.46
N ALA A 107 7.43 -14.78 -15.21
CA ALA A 107 6.83 -13.90 -14.19
C ALA A 107 7.76 -12.76 -13.87
N LYS A 108 9.04 -13.07 -13.76
CA LYS A 108 10.07 -12.06 -13.48
C LYS A 108 10.08 -10.97 -14.60
N ARG A 109 9.55 -11.34 -15.76
CA ARG A 109 9.41 -10.53 -16.86
C ARG A 109 8.09 -9.76 -16.78
N ALA A 110 7.01 -10.53 -16.61
CA ALA A 110 5.64 -10.04 -16.51
C ALA A 110 5.54 -8.94 -15.53
N ALA A 111 6.16 -9.13 -14.36
CA ALA A 111 6.16 -8.14 -13.27
C ALA A 111 6.55 -6.77 -13.74
N GLU A 112 7.59 -6.73 -14.50
CA GLU A 112 8.16 -5.50 -14.90
C GLU A 112 7.37 -4.89 -16.04
N SER A 113 6.78 -5.72 -16.82
CA SER A 113 5.93 -5.31 -17.91
C SER A 113 4.53 -5.00 -17.34
N GLU A 114 4.43 -5.11 -16.04
CA GLU A 114 3.23 -4.90 -15.28
C GLU A 114 3.38 -3.87 -14.25
N LYS A 115 4.48 -3.11 -14.32
CA LYS A 115 4.71 -2.01 -13.46
C LYS A 115 4.89 -2.37 -11.99
N VAL A 116 5.05 -3.63 -11.71
CA VAL A 116 5.20 -4.06 -10.34
C VAL A 116 6.50 -4.76 -10.08
N ASP A 117 7.14 -4.43 -9.01
CA ASP A 117 8.34 -5.10 -8.66
C ASP A 117 8.03 -6.16 -7.68
N ILE A 118 8.42 -7.36 -8.01
CA ILE A 118 8.26 -8.46 -7.13
C ILE A 118 9.51 -8.58 -6.34
N ARG A 119 9.37 -8.55 -5.07
CA ARG A 119 10.49 -8.47 -4.21
C ARG A 119 10.51 -9.61 -3.24
N LEU A 120 11.37 -10.52 -3.54
CA LEU A 120 11.55 -11.69 -2.75
C LEU A 120 12.94 -11.77 -2.22
N HIS A 121 13.04 -12.17 -0.95
CA HIS A 121 14.32 -12.31 -0.23
C HIS A 121 14.93 -10.93 0.13
N ARG A 122 15.00 -10.07 -0.85
CA ARG A 122 15.47 -8.71 -0.68
C ARG A 122 14.36 -7.75 -1.05
N ILE A 123 14.11 -6.78 -0.21
CA ILE A 123 13.18 -5.74 -0.51
C ILE A 123 13.93 -4.43 -0.67
N ILE A 124 13.70 -3.77 -1.76
CA ILE A 124 14.36 -2.53 -2.06
C ILE A 124 13.31 -1.52 -2.52
N TYR A 125 13.46 -0.26 -2.12
CA TYR A 125 12.51 0.82 -2.41
C TYR A 125 11.09 0.50 -1.97
N ASN A 126 10.95 0.25 -0.70
CA ASN A 126 9.66 -0.03 -0.09
C ASN A 126 9.33 1.14 0.81
N VAL A 127 8.09 1.25 1.22
CA VAL A 127 7.71 2.40 2.01
C VAL A 127 8.09 2.28 3.50
N ILE A 128 9.37 2.45 3.73
CA ILE A 128 9.94 2.54 5.07
C ILE A 128 10.52 3.94 5.21
N GLU A 129 11.15 4.40 4.14
CA GLU A 129 11.63 5.73 4.03
C GLU A 129 10.56 6.48 3.23
N GLU A 130 9.74 7.23 3.93
CA GLU A 130 8.53 7.81 3.37
C GLU A 130 8.75 8.85 2.28
N ILE A 131 9.61 9.83 2.50
CA ILE A 131 9.72 10.88 1.52
C ILE A 131 11.16 11.25 1.19
N GLU A 132 11.42 11.30 -0.08
CA GLU A 132 12.65 11.83 -0.60
C GLU A 132 12.34 13.27 -0.95
N ALA A 133 12.73 14.16 -0.10
CA ALA A 133 12.40 15.56 -0.25
C ALA A 133 13.55 16.33 -0.89
N ALA A 134 14.60 15.59 -1.32
CA ALA A 134 15.81 16.14 -1.98
C ALA A 134 16.69 16.95 -1.01
N MET A 135 16.07 17.83 -0.27
CA MET A 135 16.70 18.63 0.73
C MET A 135 15.65 18.99 1.76
N ASN A 1 -20.32 39.67 3.75
CA ASN A 1 -19.72 39.35 5.05
C ASN A 1 -20.72 38.64 5.90
N GLU A 2 -20.58 37.34 6.00
CA GLU A 2 -21.44 36.56 6.83
C GLU A 2 -20.89 36.46 8.20
N PHE A 3 -21.16 37.47 8.94
CA PHE A 3 -20.75 37.58 10.30
C PHE A 3 -21.50 38.71 10.96
N GLU A 4 -22.67 38.39 11.40
CA GLU A 4 -23.48 39.30 12.15
C GLU A 4 -24.32 38.49 13.09
N LEU A 5 -23.83 38.31 14.29
CA LEU A 5 -24.52 37.52 15.29
C LEU A 5 -25.63 38.32 15.94
N GLY A 6 -25.58 39.60 15.69
CA GLY A 6 -26.54 40.52 16.18
C GLY A 6 -26.15 41.90 15.78
N THR A 7 -26.99 42.85 16.00
CA THR A 7 -26.69 44.20 15.69
C THR A 7 -25.69 44.74 16.72
N ARG A 8 -25.81 44.22 17.92
CA ARG A 8 -24.95 44.56 19.02
C ARG A 8 -23.58 43.95 18.80
N GLY A 9 -22.58 44.77 18.62
CA GLY A 9 -21.24 44.28 18.47
C GLY A 9 -20.63 44.01 19.82
N SER A 10 -21.19 43.04 20.50
CA SER A 10 -20.79 42.71 21.85
C SER A 10 -19.64 41.70 21.84
N SER A 11 -19.21 41.28 20.67
CA SER A 11 -18.14 40.32 20.57
C SER A 11 -16.86 41.07 20.13
N ARG A 12 -16.97 42.38 19.95
CA ARG A 12 -15.80 43.18 19.57
C ARG A 12 -15.34 44.06 20.72
N VAL A 13 -16.16 44.19 21.74
CA VAL A 13 -15.83 44.96 22.92
C VAL A 13 -16.04 44.12 24.17
N ASP A 14 -14.95 43.56 24.66
CA ASP A 14 -14.93 42.67 25.81
C ASP A 14 -15.66 41.36 25.48
N LEU A 15 -14.89 40.36 25.16
CA LEU A 15 -15.39 39.09 24.72
C LEU A 15 -16.13 38.35 25.80
N GLN A 16 -17.09 37.60 25.37
CA GLN A 16 -17.82 36.73 26.24
C GLN A 16 -17.05 35.45 26.30
N GLU A 17 -16.92 34.87 27.48
CA GLU A 17 -16.07 33.71 27.73
C GLU A 17 -14.61 34.08 27.44
N GLN A 18 -13.81 33.06 27.10
CA GLN A 18 -12.39 33.21 26.78
C GLN A 18 -11.60 33.64 28.01
N ARG A 19 -12.20 33.46 29.18
CA ARG A 19 -11.55 33.84 30.42
C ARG A 19 -10.54 32.78 30.80
N SER A 20 -10.78 31.59 30.34
CA SER A 20 -9.90 30.47 30.55
C SER A 20 -9.09 30.25 29.26
N VAL A 21 -9.38 31.10 28.26
CA VAL A 21 -8.76 31.18 26.89
C VAL A 21 -8.86 29.91 26.02
N LYS A 22 -9.22 28.80 26.62
CA LYS A 22 -9.37 27.55 25.89
C LYS A 22 -10.51 27.62 24.87
N THR A 23 -11.58 28.26 25.24
CA THR A 23 -12.68 28.37 24.35
C THR A 23 -12.68 29.72 23.63
N ARG A 24 -12.01 29.76 22.50
CA ARG A 24 -11.94 30.93 21.67
C ARG A 24 -11.78 30.51 20.22
N VAL A 25 -12.51 31.15 19.34
CA VAL A 25 -12.40 30.88 17.91
C VAL A 25 -12.33 32.22 17.19
N SER A 26 -11.18 32.56 16.69
CA SER A 26 -11.00 33.80 15.99
C SER A 26 -11.11 33.58 14.48
N LEU A 27 -10.17 32.84 13.95
CA LEU A 27 -10.11 32.52 12.54
C LEU A 27 -9.17 31.33 12.47
N ASP A 28 -9.38 30.44 13.38
CA ASP A 28 -8.59 29.24 13.53
C ASP A 28 -8.77 28.36 12.33
N ASP A 29 -7.68 28.14 11.61
CA ASP A 29 -7.72 27.29 10.42
C ASP A 29 -7.57 25.84 10.81
N LEU A 30 -7.39 25.61 12.09
CA LEU A 30 -7.28 24.29 12.63
C LEU A 30 -8.67 23.79 12.99
N PHE A 31 -9.44 23.45 12.00
CA PHE A 31 -10.77 22.98 12.25
C PHE A 31 -10.77 21.46 12.19
N GLU A 32 -9.81 20.92 11.48
CA GLU A 32 -9.65 19.50 11.37
C GLU A 32 -8.87 18.99 12.57
N GLN A 33 -9.55 18.94 13.70
CA GLN A 33 -8.95 18.41 14.92
C GLN A 33 -9.21 16.91 15.00
N ILE A 34 -9.83 16.43 13.98
CA ILE A 34 -10.17 15.05 13.80
C ILE A 34 -9.53 14.60 12.51
N LYS A 35 -9.35 13.33 12.33
CA LYS A 35 -8.73 12.86 11.12
C LYS A 35 -9.79 12.49 10.11
N GLN A 36 -9.88 13.28 9.08
CA GLN A 36 -10.87 13.09 8.06
C GLN A 36 -10.42 12.01 7.08
N GLY A 37 -9.13 11.99 6.81
CA GLY A 37 -8.60 11.00 5.91
C GLY A 37 -7.13 11.14 5.73
N GLU A 38 -6.37 10.38 6.47
CA GLU A 38 -4.94 10.41 6.36
C GLU A 38 -4.43 9.03 5.97
N MET A 39 -3.44 9.03 5.08
CA MET A 39 -2.81 7.84 4.50
C MET A 39 -3.75 7.10 3.57
N LYS A 40 -3.19 6.18 2.82
CA LYS A 40 -3.95 5.47 1.82
C LYS A 40 -3.83 3.97 2.01
N GLU A 41 -4.33 3.21 1.08
CA GLU A 41 -4.42 1.78 1.19
C GLU A 41 -3.22 1.12 0.54
N LEU A 42 -2.48 0.40 1.32
CA LEU A 42 -1.38 -0.34 0.85
C LEU A 42 -1.86 -1.79 0.79
N ASN A 43 -1.94 -2.33 -0.38
CA ASN A 43 -2.47 -3.65 -0.53
C ASN A 43 -1.40 -4.63 -0.90
N LEU A 44 -1.53 -5.84 -0.41
CA LEU A 44 -0.54 -6.88 -0.65
C LEU A 44 -1.17 -8.23 -1.00
N ILE A 45 -0.36 -9.04 -1.60
CA ILE A 45 -0.65 -10.43 -1.87
C ILE A 45 0.42 -11.25 -1.19
N VAL A 46 0.00 -12.22 -0.46
CA VAL A 46 0.89 -13.06 0.31
C VAL A 46 1.04 -14.42 -0.37
N LYS A 47 2.27 -14.88 -0.49
CA LYS A 47 2.56 -16.16 -1.11
C LYS A 47 3.72 -16.81 -0.40
N ALA A 48 3.60 -18.07 -0.12
CA ALA A 48 4.61 -18.80 0.56
C ALA A 48 4.53 -20.26 0.13
N ASP A 49 5.53 -21.02 0.48
CA ASP A 49 5.59 -22.44 0.15
C ASP A 49 4.74 -23.22 1.15
N VAL A 50 4.63 -22.67 2.33
CA VAL A 50 3.80 -23.21 3.37
C VAL A 50 2.49 -22.43 3.31
N GLN A 51 1.38 -23.13 3.18
CA GLN A 51 0.10 -22.46 2.98
C GLN A 51 -0.29 -21.63 4.16
N GLY A 52 -0.23 -22.17 5.34
CA GLY A 52 -0.66 -21.41 6.50
C GLY A 52 0.30 -20.30 6.88
N SER A 53 1.37 -20.15 6.12
CA SER A 53 2.31 -19.11 6.34
C SER A 53 1.72 -17.88 5.67
N VAL A 54 0.83 -18.15 4.70
CA VAL A 54 0.13 -17.12 4.03
C VAL A 54 -1.06 -16.71 4.89
N GLU A 55 -1.75 -17.72 5.39
CA GLU A 55 -2.95 -17.56 6.22
C GLU A 55 -2.66 -16.79 7.50
N ALA A 56 -1.58 -17.17 8.18
CA ALA A 56 -1.17 -16.52 9.43
C ALA A 56 -0.79 -15.06 9.17
N LEU A 57 -0.24 -14.80 7.99
CA LEU A 57 0.15 -13.47 7.64
C LEU A 57 -1.08 -12.64 7.27
N VAL A 58 -2.01 -13.27 6.56
CA VAL A 58 -3.29 -12.64 6.18
C VAL A 58 -4.02 -12.07 7.39
N ALA A 59 -4.06 -12.82 8.45
CA ALA A 59 -4.76 -12.41 9.68
C ALA A 59 -4.07 -11.24 10.39
N ALA A 60 -2.80 -11.03 10.09
CA ALA A 60 -2.05 -9.94 10.70
C ALA A 60 -1.91 -8.80 9.74
N LEU A 61 -2.30 -9.04 8.55
CA LEU A 61 -2.17 -8.09 7.50
C LEU A 61 -3.49 -7.36 7.33
N GLN A 62 -4.59 -8.11 7.38
CA GLN A 62 -5.94 -7.52 7.23
C GLN A 62 -6.28 -6.61 8.41
N LYS A 63 -5.57 -6.78 9.51
CA LYS A 63 -5.87 -6.06 10.71
C LYS A 63 -5.14 -4.70 10.75
N ILE A 64 -4.36 -4.40 9.72
CA ILE A 64 -3.64 -3.15 9.70
C ILE A 64 -4.57 -2.05 9.14
N ASP A 65 -5.21 -1.36 10.03
CA ASP A 65 -6.13 -0.27 9.66
C ASP A 65 -5.93 0.85 10.68
N VAL A 66 -4.76 0.82 11.28
CA VAL A 66 -4.45 1.66 12.40
C VAL A 66 -3.69 2.92 12.00
N GLU A 67 -3.97 3.99 12.72
CA GLU A 67 -3.31 5.30 12.58
C GLU A 67 -3.53 5.94 11.18
N GLY A 68 -4.48 5.38 10.45
CA GLY A 68 -4.80 5.87 9.13
C GLY A 68 -4.15 5.02 8.06
N VAL A 69 -3.28 4.12 8.48
CA VAL A 69 -2.54 3.30 7.54
C VAL A 69 -3.29 2.01 7.37
N ARG A 70 -3.87 1.86 6.23
CA ARG A 70 -4.62 0.68 5.93
C ARG A 70 -3.85 -0.19 4.99
N VAL A 71 -3.42 -1.28 5.49
CA VAL A 71 -2.72 -2.26 4.71
C VAL A 71 -3.62 -3.47 4.67
N LYS A 72 -3.86 -3.99 3.51
CA LYS A 72 -4.79 -5.10 3.41
C LYS A 72 -4.29 -6.13 2.41
N ILE A 73 -4.71 -7.34 2.62
CA ILE A 73 -4.43 -8.40 1.71
C ILE A 73 -5.56 -8.57 0.74
N ILE A 74 -5.21 -8.86 -0.47
CA ILE A 74 -6.20 -9.03 -1.49
C ILE A 74 -6.28 -10.47 -1.92
N HIS A 75 -5.19 -11.18 -1.74
CA HIS A 75 -5.06 -12.49 -2.28
C HIS A 75 -3.92 -13.18 -1.52
N ALA A 76 -4.06 -14.45 -1.26
CA ALA A 76 -3.07 -15.27 -0.55
C ALA A 76 -3.10 -16.67 -1.10
N ALA A 77 -1.96 -17.17 -1.51
CA ALA A 77 -1.94 -18.49 -2.13
C ALA A 77 -0.64 -19.20 -1.82
N VAL A 78 -0.69 -20.51 -1.83
CA VAL A 78 0.48 -21.31 -1.56
C VAL A 78 1.19 -21.70 -2.86
N GLY A 79 2.15 -20.92 -3.20
CA GLY A 79 2.96 -21.17 -4.35
C GLY A 79 4.00 -20.13 -4.45
N ALA A 80 4.89 -20.27 -5.38
CA ALA A 80 5.85 -19.24 -5.65
C ALA A 80 5.23 -18.25 -6.61
N ILE A 81 5.93 -17.20 -6.92
CA ILE A 81 5.38 -16.08 -7.65
C ILE A 81 5.31 -16.40 -9.13
N THR A 82 4.10 -16.52 -9.65
CA THR A 82 3.93 -16.78 -11.06
C THR A 82 3.40 -15.51 -11.72
N GLU A 83 3.44 -15.45 -13.04
CA GLU A 83 3.09 -14.23 -13.75
C GLU A 83 1.59 -13.88 -13.61
N SER A 84 0.77 -14.87 -13.34
CA SER A 84 -0.64 -14.61 -13.19
C SER A 84 -0.93 -13.96 -11.82
N ASP A 85 -0.04 -14.19 -10.85
CA ASP A 85 -0.15 -13.56 -9.52
C ASP A 85 0.16 -12.10 -9.67
N ILE A 86 1.12 -11.85 -10.54
CA ILE A 86 1.60 -10.52 -10.85
C ILE A 86 0.47 -9.61 -11.35
N SER A 87 -0.42 -10.19 -12.12
CA SER A 87 -1.52 -9.48 -12.70
C SER A 87 -2.42 -8.83 -11.62
N LEU A 88 -2.48 -9.42 -10.43
CA LEU A 88 -3.27 -8.89 -9.35
C LEU A 88 -2.55 -7.68 -8.75
N ALA A 89 -1.25 -7.78 -8.69
CA ALA A 89 -0.42 -6.75 -8.10
C ALA A 89 -0.60 -5.41 -8.83
N THR A 90 -0.56 -5.44 -10.14
CA THR A 90 -0.76 -4.22 -10.89
C THR A 90 -2.28 -3.86 -10.97
N ALA A 91 -3.16 -4.87 -10.79
CA ALA A 91 -4.62 -4.69 -10.91
C ALA A 91 -5.20 -3.82 -9.80
N SER A 92 -5.17 -4.32 -8.59
CA SER A 92 -5.79 -3.61 -7.49
C SER A 92 -4.74 -2.84 -6.71
N ASN A 93 -3.52 -2.88 -7.22
CA ASN A 93 -2.35 -2.22 -6.63
C ASN A 93 -1.90 -2.87 -5.36
N ALA A 94 -1.40 -4.07 -5.53
CA ALA A 94 -0.81 -4.81 -4.47
C ALA A 94 0.63 -5.09 -4.81
N ILE A 95 1.40 -5.52 -3.86
CA ILE A 95 2.77 -5.94 -4.09
C ILE A 95 2.87 -7.39 -3.65
N VAL A 96 3.65 -8.18 -4.34
CA VAL A 96 3.78 -9.58 -4.00
C VAL A 96 4.96 -9.79 -3.09
N ILE A 97 4.69 -10.31 -1.93
CA ILE A 97 5.71 -10.68 -0.99
C ILE A 97 5.74 -12.19 -0.96
N GLY A 98 6.79 -12.73 -1.46
CA GLY A 98 6.94 -14.13 -1.46
C GLY A 98 7.83 -14.54 -0.33
N PHE A 99 7.48 -15.57 0.36
CA PHE A 99 8.27 -15.93 1.50
C PHE A 99 9.26 -17.00 1.11
N ASN A 100 10.49 -16.53 0.74
CA ASN A 100 11.59 -17.41 0.30
C ASN A 100 11.16 -18.33 -0.86
N VAL A 101 10.22 -17.87 -1.65
CA VAL A 101 9.66 -18.68 -2.73
C VAL A 101 10.31 -18.39 -4.06
N ARG A 102 10.45 -17.10 -4.37
CA ARG A 102 11.08 -16.62 -5.61
C ARG A 102 10.17 -16.81 -6.81
N PRO A 103 10.34 -16.02 -7.87
CA PRO A 103 9.44 -16.07 -8.99
C PRO A 103 9.83 -17.04 -10.06
N ASP A 104 8.87 -17.23 -10.92
CA ASP A 104 9.02 -17.95 -12.14
C ASP A 104 9.77 -17.04 -13.11
N ALA A 105 10.42 -17.61 -14.07
CA ALA A 105 11.20 -16.86 -15.04
C ALA A 105 10.35 -15.88 -15.84
N ASN A 106 9.11 -16.22 -16.10
CA ASN A 106 8.24 -15.31 -16.83
C ASN A 106 7.59 -14.34 -15.87
N ALA A 107 7.46 -14.76 -14.63
CA ALA A 107 6.87 -13.93 -13.61
C ALA A 107 7.74 -12.73 -13.31
N LYS A 108 9.04 -12.98 -13.20
CA LYS A 108 10.02 -11.91 -12.97
C LYS A 108 9.93 -10.84 -14.10
N ARG A 109 9.66 -11.30 -15.33
CA ARG A 109 9.54 -10.53 -16.48
C ARG A 109 8.25 -9.74 -16.42
N ALA A 110 7.16 -10.49 -16.25
CA ALA A 110 5.81 -9.99 -16.21
C ALA A 110 5.69 -8.92 -15.18
N ALA A 111 6.23 -9.20 -14.00
CA ALA A 111 6.23 -8.29 -12.85
C ALA A 111 6.68 -6.93 -13.24
N GLU A 112 7.76 -6.89 -13.94
CA GLU A 112 8.36 -5.65 -14.27
C GLU A 112 7.66 -4.94 -15.39
N SER A 113 7.17 -5.68 -16.31
CA SER A 113 6.43 -5.12 -17.41
C SER A 113 5.01 -4.77 -16.92
N GLU A 114 4.75 -5.10 -15.68
CA GLU A 114 3.50 -4.90 -15.05
C GLU A 114 3.59 -3.91 -13.96
N LYS A 115 4.71 -3.19 -13.90
CA LYS A 115 4.89 -2.14 -12.99
C LYS A 115 4.94 -2.56 -11.54
N VAL A 116 5.07 -3.85 -11.30
CA VAL A 116 5.09 -4.34 -9.95
C VAL A 116 6.38 -5.07 -9.63
N ASP A 117 7.09 -4.57 -8.67
CA ASP A 117 8.34 -5.16 -8.28
C ASP A 117 8.06 -6.10 -7.15
N ILE A 118 8.45 -7.31 -7.29
CA ILE A 118 8.18 -8.30 -6.31
C ILE A 118 9.34 -8.44 -5.34
N ARG A 119 9.03 -8.69 -4.11
CA ARG A 119 10.04 -8.77 -3.08
C ARG A 119 9.89 -10.08 -2.33
N LEU A 120 11.00 -10.74 -2.15
CA LEU A 120 11.02 -12.06 -1.59
C LEU A 120 12.39 -12.39 -1.09
N HIS A 121 12.45 -13.43 -0.26
CA HIS A 121 13.69 -14.00 0.25
C HIS A 121 14.37 -13.12 1.27
N ARG A 122 14.41 -13.59 2.47
CA ARG A 122 15.06 -12.87 3.53
C ARG A 122 16.56 -13.09 3.46
N ILE A 123 17.30 -12.08 3.80
CA ILE A 123 18.73 -12.16 3.71
C ILE A 123 19.34 -12.58 5.04
N ILE A 124 20.56 -13.11 4.98
CA ILE A 124 21.30 -13.64 6.14
C ILE A 124 20.57 -14.93 6.65
N TYR A 125 19.85 -15.55 5.76
CA TYR A 125 19.12 -16.77 6.06
C TYR A 125 19.88 -17.98 5.51
N ASN A 126 20.02 -18.02 4.19
CA ASN A 126 20.69 -19.13 3.49
C ASN A 126 22.21 -18.87 3.44
N VAL A 127 22.68 -18.04 4.34
CA VAL A 127 24.10 -17.77 4.47
C VAL A 127 24.76 -18.94 5.22
N ILE A 128 23.91 -19.76 5.83
CA ILE A 128 24.34 -20.94 6.54
C ILE A 128 24.12 -22.15 5.60
N GLU A 129 24.29 -21.89 4.30
CA GLU A 129 24.18 -22.92 3.27
C GLU A 129 25.25 -23.99 3.52
N GLU A 130 26.38 -23.56 4.01
CA GLU A 130 27.42 -24.43 4.49
C GLU A 130 27.19 -24.50 5.99
N ILE A 131 26.90 -25.67 6.51
CA ILE A 131 26.47 -25.83 7.90
C ILE A 131 27.59 -25.46 8.89
N GLU A 132 28.83 -25.68 8.48
CA GLU A 132 29.98 -25.37 9.34
C GLU A 132 30.37 -23.90 9.24
N ALA A 133 29.67 -23.16 8.42
CA ALA A 133 29.92 -21.76 8.29
C ALA A 133 29.02 -21.01 9.24
N ALA A 134 29.47 -20.92 10.47
CA ALA A 134 28.74 -20.22 11.50
C ALA A 134 29.22 -18.79 11.59
N MET A 135 30.43 -18.57 11.11
CA MET A 135 31.05 -17.27 11.03
C MET A 135 31.53 -17.08 9.62
N ASN A 1 -50.99 49.97 37.91
CA ASN A 1 -49.95 49.01 38.28
C ASN A 1 -48.61 49.54 37.81
N GLU A 2 -47.55 49.09 38.42
CA GLU A 2 -46.21 49.49 38.02
C GLU A 2 -45.60 48.39 37.19
N PHE A 3 -44.56 48.68 36.49
CA PHE A 3 -43.83 47.71 35.73
C PHE A 3 -42.38 48.19 35.57
N GLU A 4 -41.64 48.08 36.64
CA GLU A 4 -40.25 48.49 36.64
C GLU A 4 -39.33 47.29 36.55
N LEU A 5 -38.39 47.35 35.66
CA LEU A 5 -37.42 46.27 35.50
C LEU A 5 -36.09 46.69 36.09
N GLY A 6 -36.02 47.94 36.51
CA GLY A 6 -34.84 48.46 37.13
C GLY A 6 -33.93 49.10 36.13
N THR A 7 -33.06 48.30 35.56
CA THR A 7 -32.13 48.76 34.55
C THR A 7 -31.50 47.57 33.81
N ARG A 8 -32.01 47.30 32.64
CA ARG A 8 -31.52 46.23 31.79
C ARG A 8 -31.55 46.68 30.36
N GLY A 9 -30.93 45.95 29.49
CA GLY A 9 -30.98 46.29 28.10
C GLY A 9 -29.73 45.91 27.38
N SER A 10 -29.90 45.22 26.29
CA SER A 10 -28.82 44.82 25.43
C SER A 10 -28.73 45.81 24.26
N SER A 11 -29.89 46.31 23.84
CA SER A 11 -29.95 47.20 22.69
C SER A 11 -29.48 48.61 23.06
N ARG A 12 -29.21 48.82 24.35
CA ARG A 12 -28.64 50.08 24.81
C ARG A 12 -27.12 50.05 24.60
N VAL A 13 -26.61 48.89 24.24
CA VAL A 13 -25.20 48.73 23.94
C VAL A 13 -25.04 48.54 22.44
N ASP A 14 -25.79 47.61 21.91
CA ASP A 14 -25.77 47.34 20.47
C ASP A 14 -26.95 48.06 19.83
N LEU A 15 -26.69 49.21 19.25
CA LEU A 15 -27.76 49.99 18.65
C LEU A 15 -27.80 49.80 17.13
N GLN A 16 -26.71 50.13 16.48
CA GLN A 16 -26.60 50.06 15.04
C GLN A 16 -25.66 48.93 14.63
N GLU A 17 -24.52 48.87 15.27
CA GLU A 17 -23.51 47.89 14.92
C GLU A 17 -23.79 46.61 15.59
N GLN A 18 -23.56 45.52 14.87
CA GLN A 18 -23.73 44.15 15.34
C GLN A 18 -25.21 43.80 15.59
N ARG A 19 -25.83 44.53 16.50
CA ARG A 19 -27.21 44.34 16.97
C ARG A 19 -27.47 42.95 17.54
N SER A 20 -27.68 41.98 16.69
CA SER A 20 -27.96 40.63 17.11
C SER A 20 -27.12 39.72 16.22
N VAL A 21 -25.92 40.22 15.95
CA VAL A 21 -24.90 39.59 15.10
C VAL A 21 -25.29 39.38 13.64
N LYS A 22 -25.53 40.48 12.98
CA LYS A 22 -25.74 40.46 11.55
C LYS A 22 -24.41 40.75 10.90
N THR A 23 -23.96 41.96 11.07
CA THR A 23 -22.72 42.39 10.57
C THR A 23 -21.66 42.21 11.64
N ARG A 24 -21.08 41.01 11.69
CA ARG A 24 -20.09 40.66 12.71
C ARG A 24 -19.64 39.21 12.56
N VAL A 25 -20.52 38.39 12.04
CA VAL A 25 -20.25 36.96 11.94
C VAL A 25 -20.48 36.46 10.52
N SER A 26 -19.91 35.35 10.22
CA SER A 26 -20.06 34.73 8.92
C SER A 26 -20.84 33.42 9.08
N LEU A 27 -21.48 32.98 8.03
CA LEU A 27 -22.22 31.75 8.03
C LEU A 27 -21.95 31.02 6.72
N ASP A 28 -21.83 29.73 6.80
CA ASP A 28 -21.57 28.92 5.63
C ASP A 28 -22.86 28.41 5.06
N ASP A 29 -23.00 28.54 3.77
CA ASP A 29 -24.16 28.04 3.06
C ASP A 29 -23.81 26.73 2.40
N LEU A 30 -22.58 26.66 1.91
CA LEU A 30 -22.06 25.47 1.28
C LEU A 30 -21.24 24.69 2.29
N PHE A 31 -21.40 23.38 2.32
CA PHE A 31 -20.64 22.53 3.23
C PHE A 31 -19.99 21.41 2.45
N GLU A 32 -18.84 20.97 2.90
CA GLU A 32 -18.09 19.92 2.24
C GLU A 32 -18.41 18.55 2.82
N GLN A 33 -18.73 17.63 1.95
CA GLN A 33 -19.02 16.27 2.35
C GLN A 33 -17.91 15.38 1.80
N ILE A 34 -17.33 14.58 2.66
CA ILE A 34 -16.16 13.79 2.28
C ILE A 34 -16.40 12.32 2.60
N LYS A 35 -16.13 11.45 1.65
CA LYS A 35 -16.28 10.03 1.87
C LYS A 35 -14.97 9.29 1.72
N GLN A 36 -15.00 8.02 2.03
CA GLN A 36 -13.82 7.20 1.99
C GLN A 36 -13.78 6.42 0.70
N GLY A 37 -12.66 5.83 0.40
CA GLY A 37 -12.56 5.02 -0.77
C GLY A 37 -11.23 5.10 -1.47
N GLU A 38 -10.48 6.14 -1.22
CA GLU A 38 -9.23 6.30 -1.93
C GLU A 38 -8.12 6.77 -0.99
N MET A 39 -6.92 6.27 -1.25
CA MET A 39 -5.67 6.62 -0.54
C MET A 39 -5.54 5.89 0.78
N LYS A 40 -4.28 5.76 1.25
CA LYS A 40 -3.93 4.97 2.44
C LYS A 40 -4.23 3.50 2.18
N GLU A 41 -4.18 3.14 0.93
CA GLU A 41 -4.51 1.81 0.49
C GLU A 41 -3.25 1.00 0.30
N LEU A 42 -2.87 0.27 1.31
CA LEU A 42 -1.74 -0.60 1.20
C LEU A 42 -2.22 -1.99 0.96
N ASN A 43 -2.26 -2.33 -0.29
CA ASN A 43 -2.78 -3.60 -0.73
C ASN A 43 -1.63 -4.56 -0.93
N LEU A 44 -1.78 -5.76 -0.45
CA LEU A 44 -0.74 -6.76 -0.59
C LEU A 44 -1.29 -8.12 -0.96
N ILE A 45 -0.44 -8.92 -1.52
CA ILE A 45 -0.70 -10.31 -1.78
C ILE A 45 0.36 -11.13 -1.08
N VAL A 46 -0.10 -12.14 -0.39
CA VAL A 46 0.77 -12.97 0.40
C VAL A 46 0.89 -14.37 -0.21
N LYS A 47 2.10 -14.79 -0.43
CA LYS A 47 2.42 -16.13 -0.87
C LYS A 47 3.62 -16.62 -0.08
N ALA A 48 3.67 -17.90 0.16
CA ALA A 48 4.74 -18.46 0.92
C ALA A 48 4.96 -19.90 0.54
N ASP A 49 6.03 -20.45 1.04
CA ASP A 49 6.42 -21.83 0.80
C ASP A 49 5.51 -22.78 1.58
N VAL A 50 5.03 -22.29 2.69
CA VAL A 50 4.12 -23.02 3.54
C VAL A 50 2.79 -22.29 3.51
N GLN A 51 1.68 -23.03 3.35
CA GLN A 51 0.36 -22.40 3.21
C GLN A 51 0.01 -21.58 4.41
N GLY A 52 0.09 -22.14 5.57
CA GLY A 52 -0.32 -21.37 6.73
C GLY A 52 0.65 -20.30 7.14
N SER A 53 1.69 -20.09 6.37
CA SER A 53 2.60 -19.02 6.62
C SER A 53 2.05 -17.81 5.89
N VAL A 54 1.22 -18.10 4.88
CA VAL A 54 0.54 -17.06 4.18
C VAL A 54 -0.59 -16.59 5.07
N GLU A 55 -1.30 -17.56 5.62
CA GLU A 55 -2.47 -17.33 6.43
C GLU A 55 -2.13 -16.64 7.73
N ALA A 56 -0.97 -16.97 8.30
CA ALA A 56 -0.49 -16.33 9.53
C ALA A 56 -0.27 -14.84 9.29
N LEU A 57 0.15 -14.51 8.07
CA LEU A 57 0.38 -13.14 7.72
C LEU A 57 -0.96 -12.47 7.39
N VAL A 58 -1.75 -13.16 6.60
CA VAL A 58 -3.09 -12.71 6.19
C VAL A 58 -3.98 -12.40 7.36
N ALA A 59 -3.98 -13.25 8.36
CA ALA A 59 -4.83 -13.08 9.52
C ALA A 59 -4.53 -11.82 10.31
N ALA A 60 -3.36 -11.28 10.14
CA ALA A 60 -2.99 -10.09 10.85
C ALA A 60 -3.20 -8.93 9.94
N LEU A 61 -3.07 -9.21 8.69
CA LEU A 61 -3.15 -8.25 7.64
C LEU A 61 -4.60 -7.85 7.38
N GLN A 62 -5.51 -8.80 7.56
CA GLN A 62 -6.93 -8.54 7.39
C GLN A 62 -7.48 -7.70 8.55
N LYS A 63 -6.77 -7.71 9.65
CA LYS A 63 -7.18 -6.93 10.80
C LYS A 63 -6.46 -5.59 10.89
N ILE A 64 -5.67 -5.25 9.87
CA ILE A 64 -4.98 -3.96 9.86
C ILE A 64 -5.95 -2.87 9.33
N ASP A 65 -6.78 -2.41 10.21
CA ASP A 65 -7.74 -1.35 9.92
C ASP A 65 -7.21 -0.05 10.47
N VAL A 66 -6.88 -0.08 11.76
CA VAL A 66 -6.33 1.03 12.51
C VAL A 66 -7.28 2.24 12.55
N GLU A 67 -7.31 2.98 11.49
CA GLU A 67 -8.16 4.14 11.31
C GLU A 67 -7.94 4.67 9.90
N GLY A 68 -6.78 5.25 9.68
CA GLY A 68 -6.47 5.87 8.43
C GLY A 68 -5.63 5.00 7.55
N VAL A 69 -4.54 4.51 8.09
CA VAL A 69 -3.62 3.73 7.31
C VAL A 69 -3.97 2.28 7.46
N ARG A 70 -4.49 1.71 6.40
CA ARG A 70 -4.92 0.35 6.40
C ARG A 70 -4.03 -0.42 5.45
N VAL A 71 -3.57 -1.54 5.90
CA VAL A 71 -2.77 -2.40 5.09
C VAL A 71 -3.47 -3.72 5.06
N LYS A 72 -3.98 -4.08 3.94
CA LYS A 72 -4.78 -5.27 3.88
C LYS A 72 -4.44 -6.07 2.64
N ILE A 73 -4.75 -7.32 2.71
CA ILE A 73 -4.47 -8.23 1.66
C ILE A 73 -5.67 -8.39 0.74
N ILE A 74 -5.41 -8.82 -0.46
CA ILE A 74 -6.46 -9.05 -1.41
C ILE A 74 -6.46 -10.52 -1.86
N HIS A 75 -5.29 -11.12 -1.87
CA HIS A 75 -5.12 -12.45 -2.43
C HIS A 75 -3.95 -13.17 -1.71
N ALA A 76 -4.17 -14.40 -1.28
CA ALA A 76 -3.21 -15.19 -0.50
C ALA A 76 -3.21 -16.63 -1.00
N ALA A 77 -2.05 -17.17 -1.28
CA ALA A 77 -1.98 -18.52 -1.80
C ALA A 77 -0.65 -19.16 -1.47
N VAL A 78 -0.64 -20.48 -1.49
CA VAL A 78 0.57 -21.23 -1.27
C VAL A 78 1.18 -21.57 -2.62
N GLY A 79 2.07 -20.76 -3.03
CA GLY A 79 2.66 -20.94 -4.29
C GLY A 79 3.74 -19.95 -4.52
N ALA A 80 4.38 -20.10 -5.62
CA ALA A 80 5.43 -19.23 -6.01
C ALA A 80 4.87 -18.04 -6.76
N ILE A 81 5.70 -17.07 -7.07
CA ILE A 81 5.25 -15.92 -7.81
C ILE A 81 5.07 -16.31 -9.25
N THR A 82 3.87 -16.40 -9.64
CA THR A 82 3.53 -16.79 -10.94
C THR A 82 3.05 -15.59 -11.73
N GLU A 83 3.24 -15.66 -13.05
CA GLU A 83 2.97 -14.55 -13.96
C GLU A 83 1.54 -14.01 -13.82
N SER A 84 0.59 -14.90 -13.75
CA SER A 84 -0.81 -14.54 -13.66
C SER A 84 -1.19 -13.91 -12.30
N ASP A 85 -0.36 -14.11 -11.29
CA ASP A 85 -0.62 -13.51 -9.98
C ASP A 85 -0.16 -12.08 -9.97
N ILE A 86 0.80 -11.81 -10.81
CA ILE A 86 1.34 -10.47 -10.95
C ILE A 86 0.34 -9.56 -11.65
N SER A 87 -0.59 -10.16 -12.37
CA SER A 87 -1.65 -9.42 -13.02
C SER A 87 -2.49 -8.66 -11.96
N LEU A 88 -2.51 -9.18 -10.73
CA LEU A 88 -3.20 -8.55 -9.62
C LEU A 88 -2.34 -7.41 -9.06
N ALA A 89 -1.05 -7.65 -9.01
CA ALA A 89 -0.10 -6.71 -8.44
C ALA A 89 -0.23 -5.32 -9.07
N THR A 90 -0.07 -5.24 -10.36
CA THR A 90 -0.23 -3.96 -11.05
C THR A 90 -1.70 -3.49 -11.04
N ALA A 91 -2.64 -4.45 -10.98
CA ALA A 91 -4.07 -4.13 -11.02
C ALA A 91 -4.48 -3.29 -9.83
N SER A 92 -4.38 -3.86 -8.67
CA SER A 92 -4.81 -3.19 -7.47
C SER A 92 -3.66 -2.45 -6.79
N ASN A 93 -2.49 -2.43 -7.46
CA ASN A 93 -1.29 -1.70 -6.99
C ASN A 93 -0.74 -2.38 -5.75
N ALA A 94 -0.91 -3.67 -5.71
CA ALA A 94 -0.49 -4.49 -4.63
C ALA A 94 0.89 -5.04 -4.91
N ILE A 95 1.62 -5.33 -3.89
CA ILE A 95 2.94 -5.90 -4.03
C ILE A 95 2.89 -7.35 -3.61
N VAL A 96 3.60 -8.19 -4.33
CA VAL A 96 3.62 -9.60 -4.04
C VAL A 96 4.80 -9.90 -3.16
N ILE A 97 4.53 -10.42 -2.00
CA ILE A 97 5.56 -10.81 -1.08
C ILE A 97 5.55 -12.31 -0.95
N GLY A 98 6.66 -12.92 -1.27
CA GLY A 98 6.80 -14.33 -1.16
C GLY A 98 8.16 -14.68 -0.64
N PHE A 99 8.40 -15.92 -0.32
CA PHE A 99 9.68 -16.32 0.22
C PHE A 99 9.93 -17.78 0.06
N ASN A 100 11.14 -18.11 -0.40
CA ASN A 100 11.63 -19.49 -0.62
C ASN A 100 11.02 -20.15 -1.85
N VAL A 101 9.88 -19.67 -2.21
CA VAL A 101 9.15 -20.11 -3.37
C VAL A 101 9.75 -19.53 -4.63
N ARG A 102 9.96 -18.20 -4.63
CA ARG A 102 10.57 -17.46 -5.74
C ARG A 102 9.61 -17.35 -6.93
N PRO A 103 9.90 -16.56 -7.98
CA PRO A 103 9.01 -16.47 -9.11
C PRO A 103 9.35 -17.44 -10.20
N ASP A 104 8.44 -17.51 -11.12
CA ASP A 104 8.63 -18.19 -12.36
C ASP A 104 9.44 -17.24 -13.23
N ALA A 105 10.26 -17.75 -14.12
CA ALA A 105 11.07 -16.91 -15.00
C ALA A 105 10.21 -15.99 -15.87
N ASN A 106 8.98 -16.39 -16.15
CA ASN A 106 8.06 -15.55 -16.91
C ASN A 106 7.47 -14.49 -16.01
N ALA A 107 7.32 -14.81 -14.75
CA ALA A 107 6.72 -13.89 -13.78
C ALA A 107 7.68 -12.76 -13.45
N LYS A 108 8.93 -13.09 -13.26
CA LYS A 108 9.96 -12.09 -12.93
C LYS A 108 10.06 -11.02 -14.06
N ARG A 109 9.67 -11.41 -15.28
CA ARG A 109 9.61 -10.62 -16.42
C ARG A 109 8.35 -9.75 -16.32
N ALA A 110 7.21 -10.47 -16.17
CA ALA A 110 5.88 -9.91 -16.11
C ALA A 110 5.81 -8.79 -15.14
N ALA A 111 6.34 -9.01 -13.95
CA ALA A 111 6.39 -8.02 -12.87
C ALA A 111 6.88 -6.69 -13.36
N GLU A 112 7.89 -6.74 -14.16
CA GLU A 112 8.55 -5.55 -14.59
C GLU A 112 7.88 -4.90 -15.79
N SER A 113 7.17 -5.66 -16.52
CA SER A 113 6.38 -5.18 -17.63
C SER A 113 5.03 -4.72 -17.06
N GLU A 114 4.91 -4.91 -15.76
CA GLU A 114 3.75 -4.62 -15.03
C GLU A 114 4.00 -3.65 -13.96
N LYS A 115 5.15 -2.99 -14.02
CA LYS A 115 5.43 -1.92 -13.14
C LYS A 115 5.48 -2.32 -11.65
N VAL A 116 5.53 -3.60 -11.37
CA VAL A 116 5.51 -4.04 -10.00
C VAL A 116 6.73 -4.82 -9.63
N ASP A 117 7.22 -4.55 -8.47
CA ASP A 117 8.38 -5.22 -7.97
C ASP A 117 7.97 -6.32 -7.01
N ILE A 118 8.44 -7.53 -7.26
CA ILE A 118 8.11 -8.65 -6.42
C ILE A 118 9.17 -8.87 -5.34
N ARG A 119 8.70 -9.08 -4.12
CA ARG A 119 9.58 -9.24 -2.98
C ARG A 119 9.76 -10.70 -2.66
N LEU A 120 10.99 -11.14 -2.69
CA LEU A 120 11.33 -12.52 -2.39
C LEU A 120 12.40 -12.61 -1.34
N HIS A 121 12.53 -13.81 -0.79
CA HIS A 121 13.65 -14.12 0.07
C HIS A 121 14.89 -14.12 -0.83
N ARG A 122 15.87 -13.36 -0.44
CA ARG A 122 17.07 -13.13 -1.24
C ARG A 122 17.89 -14.41 -1.46
N ILE A 123 18.41 -14.55 -2.65
CA ILE A 123 19.32 -15.63 -3.00
C ILE A 123 20.61 -14.96 -3.41
N ILE A 124 21.69 -15.24 -2.73
CA ILE A 124 22.95 -14.65 -3.10
C ILE A 124 23.67 -15.58 -4.05
N TYR A 125 23.49 -15.32 -5.35
CA TYR A 125 24.05 -16.10 -6.46
C TYR A 125 23.40 -17.49 -6.53
N ASN A 126 23.90 -18.40 -5.73
CA ASN A 126 23.40 -19.77 -5.60
C ASN A 126 23.68 -20.21 -4.20
N VAL A 127 22.80 -20.97 -3.63
CA VAL A 127 23.01 -21.49 -2.30
C VAL A 127 23.65 -22.87 -2.46
N ILE A 128 24.15 -23.46 -1.39
CA ILE A 128 24.64 -24.83 -1.51
C ILE A 128 23.45 -25.78 -1.50
N GLU A 129 22.91 -25.96 -2.68
CA GLU A 129 21.71 -26.73 -2.93
C GLU A 129 22.08 -28.20 -3.19
N GLU A 130 23.34 -28.48 -2.98
CA GLU A 130 23.92 -29.80 -3.11
C GLU A 130 23.40 -30.68 -1.96
N ILE A 131 22.80 -31.81 -2.30
CA ILE A 131 22.20 -32.66 -1.29
C ILE A 131 23.26 -33.40 -0.48
N GLU A 132 24.17 -34.08 -1.12
CA GLU A 132 25.18 -34.81 -0.39
C GLU A 132 26.42 -33.97 -0.13
N ALA A 133 26.21 -33.01 0.74
CA ALA A 133 27.22 -32.07 1.16
C ALA A 133 27.48 -32.28 2.64
N ALA A 134 27.13 -33.45 3.10
CA ALA A 134 27.27 -33.80 4.48
C ALA A 134 28.34 -34.86 4.65
N MET A 135 29.56 -34.41 4.67
CA MET A 135 30.73 -35.24 4.85
C MET A 135 31.90 -34.33 5.10
N ASN A 1 -26.33 9.67 43.19
CA ASN A 1 -26.93 8.36 43.53
C ASN A 1 -28.40 8.36 43.12
N GLU A 2 -28.94 9.53 42.89
CA GLU A 2 -30.31 9.74 42.53
C GLU A 2 -30.65 9.05 41.20
N PHE A 3 -29.83 9.33 40.17
CA PHE A 3 -29.98 8.78 38.81
C PHE A 3 -31.24 9.27 38.09
N GLU A 4 -31.22 9.23 36.79
CA GLU A 4 -32.36 9.67 36.00
C GLU A 4 -33.26 8.47 35.71
N LEU A 5 -32.67 7.45 35.11
CA LEU A 5 -33.36 6.21 34.77
C LEU A 5 -32.36 5.08 34.81
N GLY A 6 -32.79 3.95 35.33
CA GLY A 6 -31.92 2.81 35.40
C GLY A 6 -32.16 1.87 34.24
N THR A 7 -31.62 0.65 34.35
CA THR A 7 -31.71 -0.41 33.32
C THR A 7 -31.12 -0.01 31.94
N ARG A 8 -31.04 -0.98 31.03
CA ARG A 8 -30.56 -0.81 29.66
C ARG A 8 -29.07 -0.42 29.59
N GLY A 9 -28.79 0.87 29.79
CA GLY A 9 -27.44 1.38 29.68
C GLY A 9 -26.52 0.79 30.71
N SER A 10 -26.98 0.78 31.92
CA SER A 10 -26.22 0.24 33.03
C SER A 10 -26.25 -1.30 33.07
N SER A 11 -26.89 -1.89 32.07
CA SER A 11 -27.01 -3.33 31.99
C SER A 11 -26.33 -3.86 30.71
N ARG A 12 -25.58 -2.99 30.06
CA ARG A 12 -24.86 -3.39 28.84
C ARG A 12 -23.42 -3.00 28.96
N VAL A 13 -23.03 -2.62 30.14
CA VAL A 13 -21.72 -2.08 30.38
C VAL A 13 -20.64 -3.16 30.43
N ASP A 14 -19.57 -2.92 29.70
CA ASP A 14 -18.39 -3.79 29.66
C ASP A 14 -18.69 -5.18 29.19
N LEU A 15 -19.53 -5.29 28.19
CA LEU A 15 -19.79 -6.56 27.56
C LEU A 15 -18.63 -6.83 26.61
N GLN A 16 -17.59 -7.40 27.15
CA GLN A 16 -16.38 -7.69 26.42
C GLN A 16 -16.55 -8.93 25.58
N GLU A 17 -16.91 -8.71 24.35
CA GLU A 17 -17.18 -9.76 23.44
C GLU A 17 -16.12 -9.80 22.35
N GLN A 18 -16.38 -10.63 21.33
CA GLN A 18 -15.51 -10.81 20.14
C GLN A 18 -14.38 -11.80 20.39
N ARG A 19 -14.08 -12.02 21.64
CA ARG A 19 -12.99 -12.90 22.10
C ARG A 19 -13.04 -14.27 21.41
N SER A 20 -14.22 -14.83 21.31
CA SER A 20 -14.38 -16.12 20.67
C SER A 20 -15.37 -16.04 19.50
N VAL A 21 -15.63 -14.79 19.03
CA VAL A 21 -16.61 -14.45 17.93
C VAL A 21 -17.97 -15.19 18.03
N LYS A 22 -18.29 -15.63 19.22
CA LYS A 22 -19.45 -16.45 19.50
C LYS A 22 -20.75 -15.66 19.27
N THR A 23 -20.83 -14.54 19.89
CA THR A 23 -22.00 -13.68 19.81
C THR A 23 -21.72 -12.50 18.89
N ARG A 24 -20.89 -12.71 17.89
CA ARG A 24 -20.50 -11.62 17.05
C ARG A 24 -21.23 -11.52 15.76
N VAL A 25 -22.17 -10.65 15.75
CA VAL A 25 -22.80 -10.22 14.56
C VAL A 25 -22.18 -8.88 14.27
N SER A 26 -21.17 -8.91 13.43
CA SER A 26 -20.38 -7.73 13.14
C SER A 26 -21.20 -6.71 12.36
N LEU A 27 -22.12 -7.19 11.56
CA LEU A 27 -22.97 -6.32 10.84
C LEU A 27 -24.36 -6.42 11.43
N ASP A 28 -24.56 -5.69 12.50
CA ASP A 28 -25.81 -5.73 13.26
C ASP A 28 -26.92 -5.04 12.51
N ASP A 29 -26.59 -3.97 11.86
CA ASP A 29 -27.53 -3.22 11.05
C ASP A 29 -26.93 -2.98 9.69
N LEU A 30 -26.00 -2.04 9.64
CA LEU A 30 -25.25 -1.67 8.43
C LEU A 30 -26.20 -1.37 7.23
N PHE A 31 -27.31 -0.67 7.47
CA PHE A 31 -28.19 -0.32 6.37
C PHE A 31 -27.49 0.68 5.45
N GLU A 32 -27.16 0.23 4.23
CA GLU A 32 -26.33 0.96 3.25
C GLU A 32 -24.90 1.06 3.77
N GLN A 33 -24.03 0.22 3.25
CA GLN A 33 -22.70 0.17 3.78
C GLN A 33 -21.73 1.05 3.02
N ILE A 34 -20.87 1.66 3.76
CA ILE A 34 -19.75 2.39 3.22
C ILE A 34 -18.49 1.95 4.00
N LYS A 35 -18.74 1.33 5.18
CA LYS A 35 -17.72 0.86 6.13
C LYS A 35 -17.05 2.05 6.82
N GLN A 36 -16.27 2.78 6.06
CA GLN A 36 -15.57 3.98 6.51
C GLN A 36 -15.55 4.94 5.34
N GLY A 37 -15.56 6.23 5.62
CA GLY A 37 -15.56 7.23 4.57
C GLY A 37 -14.16 7.53 4.07
N GLU A 38 -13.53 6.52 3.54
CA GLU A 38 -12.19 6.59 3.04
C GLU A 38 -11.90 5.35 2.22
N MET A 39 -11.31 5.52 1.06
CA MET A 39 -10.88 4.38 0.27
C MET A 39 -9.45 4.61 -0.19
N LYS A 40 -8.52 4.13 0.59
CA LYS A 40 -7.12 4.24 0.28
C LYS A 40 -6.67 3.06 -0.56
N GLU A 41 -5.48 3.14 -1.10
CA GLU A 41 -4.87 2.01 -1.73
C GLU A 41 -4.00 1.33 -0.71
N LEU A 42 -4.54 0.35 -0.06
CA LEU A 42 -3.85 -0.38 0.94
C LEU A 42 -4.09 -1.85 0.63
N ASN A 43 -3.20 -2.40 -0.12
CA ASN A 43 -3.41 -3.70 -0.70
C ASN A 43 -2.14 -4.46 -0.72
N LEU A 44 -2.17 -5.68 -0.27
CA LEU A 44 -1.03 -6.55 -0.33
C LEU A 44 -1.47 -7.96 -0.69
N ILE A 45 -0.55 -8.69 -1.26
CA ILE A 45 -0.74 -10.06 -1.61
C ILE A 45 0.27 -10.92 -0.89
N VAL A 46 -0.22 -12.01 -0.36
CA VAL A 46 0.57 -12.91 0.41
C VAL A 46 0.77 -14.23 -0.36
N LYS A 47 2.00 -14.60 -0.48
CA LYS A 47 2.46 -15.79 -1.18
C LYS A 47 3.62 -16.42 -0.43
N ALA A 48 3.44 -17.62 -0.01
CA ALA A 48 4.45 -18.32 0.73
C ALA A 48 4.48 -19.74 0.28
N ASP A 49 5.54 -20.48 0.61
CA ASP A 49 5.64 -21.87 0.17
C ASP A 49 4.88 -22.77 1.12
N VAL A 50 4.58 -22.23 2.29
CA VAL A 50 3.79 -22.90 3.27
C VAL A 50 2.40 -22.27 3.29
N GLN A 51 1.38 -23.08 3.05
CA GLN A 51 0.01 -22.60 2.90
C GLN A 51 -0.46 -21.85 4.12
N GLY A 52 -0.28 -22.37 5.27
CA GLY A 52 -0.79 -21.67 6.41
C GLY A 52 0.07 -20.53 6.86
N SER A 53 1.17 -20.30 6.17
CA SER A 53 2.00 -19.19 6.52
C SER A 53 1.48 -18.00 5.79
N VAL A 54 0.72 -18.28 4.71
CA VAL A 54 0.04 -17.24 4.04
C VAL A 54 -1.10 -16.80 4.94
N GLU A 55 -1.78 -17.79 5.51
CA GLU A 55 -2.88 -17.53 6.44
C GLU A 55 -2.39 -16.80 7.68
N ALA A 56 -1.25 -17.22 8.21
CA ALA A 56 -0.65 -16.60 9.38
C ALA A 56 -0.29 -15.15 9.10
N LEU A 57 0.14 -14.87 7.87
CA LEU A 57 0.46 -13.53 7.50
C LEU A 57 -0.82 -12.74 7.26
N VAL A 58 -1.81 -13.37 6.64
CA VAL A 58 -3.13 -12.76 6.44
C VAL A 58 -3.75 -12.34 7.77
N ALA A 59 -3.66 -13.21 8.76
CA ALA A 59 -4.17 -12.97 10.10
C ALA A 59 -3.44 -11.82 10.79
N ALA A 60 -2.28 -11.48 10.28
CA ALA A 60 -1.49 -10.40 10.84
C ALA A 60 -1.64 -9.16 9.99
N LEU A 61 -2.07 -9.38 8.78
CA LEU A 61 -2.17 -8.34 7.81
C LEU A 61 -3.55 -7.70 7.90
N GLN A 62 -4.57 -8.50 8.16
CA GLN A 62 -5.93 -7.98 8.31
C GLN A 62 -6.02 -7.08 9.55
N LYS A 63 -5.14 -7.32 10.50
CA LYS A 63 -5.11 -6.56 11.73
C LYS A 63 -4.14 -5.36 11.64
N ILE A 64 -3.58 -5.12 10.46
CA ILE A 64 -2.72 -3.94 10.26
C ILE A 64 -3.60 -2.70 10.24
N ASP A 65 -3.89 -2.21 11.40
CA ASP A 65 -4.72 -1.07 11.58
C ASP A 65 -4.44 -0.52 12.95
N VAL A 66 -3.52 0.41 13.01
CA VAL A 66 -3.17 0.99 14.28
C VAL A 66 -3.43 2.47 14.22
N GLU A 67 -2.54 3.15 13.57
CA GLU A 67 -2.58 4.58 13.36
C GLU A 67 -1.65 4.91 12.20
N GLY A 68 -2.10 5.71 11.27
CA GLY A 68 -1.27 6.09 10.14
C GLY A 68 -1.20 5.01 9.08
N VAL A 69 -0.62 3.90 9.46
CA VAL A 69 -0.49 2.76 8.61
C VAL A 69 -1.65 1.78 8.87
N ARG A 70 -2.42 1.58 7.86
CA ARG A 70 -3.53 0.67 7.86
C ARG A 70 -3.46 -0.06 6.54
N VAL A 71 -3.47 -1.38 6.55
CA VAL A 71 -3.41 -2.15 5.29
C VAL A 71 -4.25 -3.41 5.45
N LYS A 72 -4.71 -3.96 4.35
CA LYS A 72 -5.43 -5.19 4.34
C LYS A 72 -4.95 -5.99 3.12
N ILE A 73 -5.18 -7.27 3.14
CA ILE A 73 -4.80 -8.13 2.07
C ILE A 73 -5.93 -8.34 1.08
N ILE A 74 -5.61 -8.84 -0.09
CA ILE A 74 -6.61 -9.18 -1.07
C ILE A 74 -6.53 -10.66 -1.43
N HIS A 75 -5.33 -11.15 -1.56
CA HIS A 75 -5.10 -12.46 -2.12
C HIS A 75 -3.93 -13.15 -1.43
N ALA A 76 -4.15 -14.39 -1.05
CA ALA A 76 -3.17 -15.22 -0.39
C ALA A 76 -3.32 -16.63 -0.88
N ALA A 77 -2.23 -17.27 -1.19
CA ALA A 77 -2.25 -18.64 -1.69
C ALA A 77 -0.88 -19.25 -1.51
N VAL A 78 -0.80 -20.55 -1.61
CA VAL A 78 0.46 -21.24 -1.46
C VAL A 78 1.10 -21.43 -2.83
N GLY A 79 2.00 -20.57 -3.13
CA GLY A 79 2.64 -20.64 -4.38
C GLY A 79 3.70 -19.61 -4.48
N ALA A 80 4.44 -19.68 -5.53
CA ALA A 80 5.48 -18.75 -5.80
C ALA A 80 4.89 -17.58 -6.58
N ILE A 81 5.72 -16.77 -7.14
CA ILE A 81 5.26 -15.67 -7.94
C ILE A 81 5.16 -16.13 -9.39
N THR A 82 3.97 -16.05 -9.95
CA THR A 82 3.73 -16.45 -11.32
C THR A 82 3.17 -15.26 -12.13
N GLU A 83 3.32 -15.29 -13.46
CA GLU A 83 2.88 -14.18 -14.32
C GLU A 83 1.41 -13.80 -14.19
N SER A 84 0.55 -14.77 -14.08
CA SER A 84 -0.87 -14.53 -13.95
C SER A 84 -1.23 -14.03 -12.54
N ASP A 85 -0.28 -14.07 -11.64
CA ASP A 85 -0.51 -13.60 -10.28
C ASP A 85 -0.02 -12.15 -10.19
N ILE A 86 0.99 -11.86 -11.00
CA ILE A 86 1.55 -10.50 -11.18
C ILE A 86 0.47 -9.51 -11.64
N SER A 87 -0.46 -10.01 -12.40
CA SER A 87 -1.53 -9.20 -12.93
C SER A 87 -2.37 -8.52 -11.80
N LEU A 88 -2.49 -9.17 -10.63
CA LEU A 88 -3.20 -8.56 -9.51
C LEU A 88 -2.34 -7.46 -8.92
N ALA A 89 -1.05 -7.68 -8.93
CA ALA A 89 -0.09 -6.76 -8.39
C ALA A 89 -0.20 -5.39 -9.04
N THR A 90 -0.16 -5.33 -10.36
CA THR A 90 -0.30 -4.06 -11.04
C THR A 90 -1.77 -3.56 -10.97
N ALA A 91 -2.72 -4.50 -10.92
CA ALA A 91 -4.15 -4.18 -10.86
C ALA A 91 -4.51 -3.38 -9.62
N SER A 92 -4.32 -3.97 -8.48
CA SER A 92 -4.71 -3.32 -7.26
C SER A 92 -3.54 -2.61 -6.57
N ASN A 93 -2.38 -2.60 -7.25
CA ASN A 93 -1.15 -1.91 -6.74
C ASN A 93 -0.60 -2.61 -5.51
N ALA A 94 -0.87 -3.88 -5.44
CA ALA A 94 -0.43 -4.68 -4.35
C ALA A 94 0.86 -5.33 -4.75
N ILE A 95 1.86 -5.23 -3.94
CA ILE A 95 3.12 -5.85 -4.29
C ILE A 95 3.15 -7.23 -3.69
N VAL A 96 3.85 -8.12 -4.32
CA VAL A 96 3.86 -9.49 -3.86
C VAL A 96 5.04 -9.71 -2.97
N ILE A 97 4.74 -9.94 -1.72
CA ILE A 97 5.76 -10.22 -0.76
C ILE A 97 5.79 -11.72 -0.59
N GLY A 98 6.72 -12.34 -1.27
CA GLY A 98 6.80 -13.77 -1.23
C GLY A 98 7.77 -14.25 -0.19
N PHE A 99 7.53 -15.40 0.32
CA PHE A 99 8.35 -15.94 1.39
C PHE A 99 8.86 -17.29 1.00
N ASN A 100 10.19 -17.39 0.91
CA ASN A 100 10.94 -18.64 0.58
C ASN A 100 10.77 -19.07 -0.90
N VAL A 101 9.61 -18.80 -1.44
CA VAL A 101 9.22 -19.16 -2.81
C VAL A 101 10.12 -18.73 -3.95
N ARG A 102 10.14 -17.42 -4.24
CA ARG A 102 10.78 -16.83 -5.43
C ARG A 102 9.86 -16.89 -6.66
N PRO A 103 10.12 -16.14 -7.74
CA PRO A 103 9.26 -16.16 -8.91
C PRO A 103 9.62 -17.22 -9.90
N ASP A 104 8.77 -17.36 -10.85
CA ASP A 104 9.02 -18.14 -12.01
C ASP A 104 9.79 -17.25 -13.00
N ALA A 105 10.53 -17.86 -13.89
CA ALA A 105 11.35 -17.13 -14.86
C ALA A 105 10.52 -16.22 -15.77
N ASN A 106 9.26 -16.54 -15.96
CA ASN A 106 8.39 -15.69 -16.79
C ASN A 106 7.75 -14.64 -15.92
N ALA A 107 7.58 -14.96 -14.66
CA ALA A 107 6.95 -14.05 -13.73
C ALA A 107 7.83 -12.90 -13.41
N LYS A 108 9.13 -13.17 -13.28
CA LYS A 108 10.12 -12.14 -13.02
C LYS A 108 10.15 -11.12 -14.18
N ARG A 109 9.77 -11.58 -15.37
CA ARG A 109 9.70 -10.84 -16.53
C ARG A 109 8.43 -10.01 -16.54
N ALA A 110 7.30 -10.72 -16.37
CA ALA A 110 5.97 -10.15 -16.36
C ALA A 110 5.88 -9.04 -15.38
N ALA A 111 6.40 -9.28 -14.18
CA ALA A 111 6.39 -8.32 -13.07
C ALA A 111 6.87 -6.98 -13.50
N GLU A 112 7.95 -6.96 -14.18
CA GLU A 112 8.59 -5.76 -14.50
C GLU A 112 7.90 -5.08 -15.68
N SER A 113 7.39 -5.88 -16.57
CA SER A 113 6.69 -5.37 -17.72
C SER A 113 5.27 -4.96 -17.27
N GLU A 114 5.03 -5.15 -15.99
CA GLU A 114 3.82 -4.86 -15.35
C GLU A 114 3.97 -3.88 -14.27
N LYS A 115 5.13 -3.24 -14.21
CA LYS A 115 5.39 -2.18 -13.30
C LYS A 115 5.42 -2.59 -11.84
N VAL A 116 5.40 -3.86 -11.57
CA VAL A 116 5.39 -4.31 -10.23
C VAL A 116 6.66 -5.01 -9.85
N ASP A 117 7.25 -4.57 -8.80
CA ASP A 117 8.49 -5.11 -8.35
C ASP A 117 8.27 -6.17 -7.31
N ILE A 118 8.76 -7.35 -7.58
CA ILE A 118 8.65 -8.45 -6.69
C ILE A 118 9.97 -8.73 -6.03
N ARG A 119 9.93 -9.02 -4.76
CA ARG A 119 11.10 -9.35 -4.01
C ARG A 119 10.71 -10.25 -2.87
N LEU A 120 11.58 -11.14 -2.52
CA LEU A 120 11.26 -12.19 -1.59
C LEU A 120 11.89 -12.00 -0.25
N HIS A 121 11.32 -12.73 0.70
CA HIS A 121 11.85 -12.90 2.03
C HIS A 121 11.62 -11.69 2.94
N ARG A 122 12.11 -10.51 2.52
CA ARG A 122 12.00 -9.24 3.24
C ARG A 122 12.29 -9.33 4.75
N ILE A 123 13.55 -9.28 5.10
CA ILE A 123 13.93 -9.28 6.50
C ILE A 123 14.29 -7.84 6.91
N ILE A 124 14.14 -6.94 5.96
CA ILE A 124 14.45 -5.53 6.14
C ILE A 124 13.34 -4.88 6.97
N TYR A 125 13.53 -4.91 8.26
CA TYR A 125 12.63 -4.35 9.26
C TYR A 125 13.24 -4.66 10.61
N ASN A 126 13.58 -5.92 10.77
CA ASN A 126 14.26 -6.41 11.94
C ASN A 126 15.62 -6.80 11.51
N VAL A 127 16.59 -5.98 11.90
CA VAL A 127 17.97 -6.06 11.44
C VAL A 127 18.03 -5.41 10.07
N ILE A 128 18.56 -4.21 10.05
CA ILE A 128 18.68 -3.36 8.86
C ILE A 128 17.36 -2.68 8.52
N GLU A 129 17.17 -1.54 9.12
CA GLU A 129 16.06 -0.66 8.86
C GLU A 129 16.64 0.67 8.36
N GLU A 130 17.85 0.96 8.83
CA GLU A 130 18.53 2.21 8.50
C GLU A 130 19.26 2.12 7.15
N ILE A 131 18.67 1.36 6.25
CA ILE A 131 19.17 1.21 4.89
C ILE A 131 18.60 2.38 4.07
N GLU A 132 17.65 3.04 4.66
CA GLU A 132 17.00 4.19 4.12
C GLU A 132 17.16 5.35 5.09
N ALA A 133 17.33 6.52 4.57
CA ALA A 133 17.49 7.70 5.37
C ALA A 133 16.81 8.84 4.67
N ALA A 134 15.82 9.42 5.30
CA ALA A 134 15.11 10.52 4.73
C ALA A 134 15.87 11.80 5.00
N MET A 135 16.86 12.04 4.19
CA MET A 135 17.70 13.22 4.27
C MET A 135 17.78 13.81 2.89
N ASN A 1 -38.64 57.13 -0.72
CA ASN A 1 -39.30 56.07 0.05
C ASN A 1 -40.11 56.65 1.19
N GLU A 2 -39.43 57.19 2.17
CA GLU A 2 -40.07 57.74 3.33
C GLU A 2 -39.55 59.13 3.57
N PHE A 3 -40.43 60.02 3.89
CA PHE A 3 -40.06 61.39 4.15
C PHE A 3 -39.76 61.58 5.61
N GLU A 4 -38.58 61.20 5.99
CA GLU A 4 -38.14 61.35 7.34
C GLU A 4 -37.60 62.75 7.49
N LEU A 5 -38.19 63.51 8.38
CA LEU A 5 -37.82 64.87 8.56
C LEU A 5 -36.61 64.96 9.49
N GLY A 6 -35.45 64.94 8.91
CA GLY A 6 -34.23 65.02 9.66
C GLY A 6 -33.31 63.90 9.25
N THR A 7 -32.12 63.84 9.88
CA THR A 7 -31.07 62.84 9.64
C THR A 7 -30.75 62.68 8.12
N ARG A 8 -30.06 61.63 7.77
CA ARG A 8 -29.78 61.34 6.38
C ARG A 8 -30.09 59.88 6.15
N GLY A 9 -29.58 59.05 7.02
CA GLY A 9 -29.80 57.65 6.92
C GLY A 9 -28.68 56.92 7.57
N SER A 10 -28.77 56.77 8.87
CA SER A 10 -27.77 56.13 9.67
C SER A 10 -27.55 54.69 9.18
N SER A 11 -28.59 53.88 9.27
CA SER A 11 -28.49 52.50 8.91
C SER A 11 -28.80 52.26 7.43
N ARG A 12 -27.96 52.84 6.59
CA ARG A 12 -28.01 52.62 5.14
C ARG A 12 -26.64 52.89 4.55
N VAL A 13 -25.97 53.91 5.05
CA VAL A 13 -24.61 54.17 4.63
C VAL A 13 -23.66 53.40 5.51
N ASP A 14 -24.02 53.31 6.76
CA ASP A 14 -23.26 52.61 7.73
C ASP A 14 -24.12 51.55 8.33
N LEU A 15 -23.76 50.34 8.14
CA LEU A 15 -24.45 49.26 8.77
C LEU A 15 -23.49 48.63 9.73
N GLN A 16 -23.82 48.67 11.00
CA GLN A 16 -22.95 48.18 12.10
C GLN A 16 -22.48 46.76 11.83
N GLU A 17 -23.34 46.00 11.22
CA GLU A 17 -23.05 44.63 10.90
C GLU A 17 -22.06 44.56 9.76
N GLN A 18 -22.40 45.24 8.69
CA GLN A 18 -21.65 45.25 7.45
C GLN A 18 -20.26 45.85 7.63
N ARG A 19 -20.12 46.76 8.57
CA ARG A 19 -18.85 47.46 8.78
C ARG A 19 -17.78 46.51 9.27
N SER A 20 -18.18 45.54 10.04
CA SER A 20 -17.26 44.55 10.55
C SER A 20 -17.61 43.19 9.93
N VAL A 21 -18.39 43.26 8.82
CA VAL A 21 -18.93 42.12 8.02
C VAL A 21 -19.62 41.01 8.84
N LYS A 22 -19.95 41.33 10.08
CA LYS A 22 -20.58 40.38 10.95
C LYS A 22 -22.01 40.19 10.51
N THR A 23 -22.41 38.94 10.46
CA THR A 23 -23.73 38.48 9.97
C THR A 23 -23.89 38.67 8.46
N ARG A 24 -22.86 39.20 7.80
CA ARG A 24 -22.85 39.32 6.37
C ARG A 24 -21.95 38.23 5.80
N VAL A 25 -20.70 38.27 6.19
CA VAL A 25 -19.73 37.30 5.75
C VAL A 25 -19.50 36.35 6.89
N SER A 26 -20.23 35.28 6.87
CA SER A 26 -20.17 34.32 7.92
C SER A 26 -19.67 32.99 7.37
N LEU A 27 -19.11 32.17 8.22
CA LEU A 27 -18.65 30.85 7.83
C LEU A 27 -19.52 29.79 8.50
N ASP A 28 -20.65 30.27 9.02
CA ASP A 28 -21.59 29.49 9.81
C ASP A 28 -20.94 29.05 11.12
N ASP A 29 -20.33 27.88 11.11
CA ASP A 29 -19.58 27.32 12.23
C ASP A 29 -19.15 25.94 11.84
N LEU A 30 -17.87 25.73 11.78
CA LEU A 30 -17.37 24.42 11.37
C LEU A 30 -16.20 23.92 12.21
N PHE A 31 -15.60 24.84 13.00
CA PHE A 31 -14.38 24.59 13.80
C PHE A 31 -13.18 24.35 12.89
N GLU A 32 -13.21 23.26 12.17
CA GLU A 32 -12.23 22.93 11.17
C GLU A 32 -12.92 22.06 10.13
N GLN A 33 -13.35 20.87 10.57
CA GLN A 33 -14.12 19.90 9.77
C GLN A 33 -13.45 19.63 8.41
N ILE A 34 -12.47 18.78 8.40
CA ILE A 34 -11.75 18.48 7.17
C ILE A 34 -11.97 17.05 6.75
N LYS A 35 -11.67 16.77 5.51
CA LYS A 35 -11.86 15.45 4.94
C LYS A 35 -10.57 14.66 5.06
N GLN A 36 -10.56 13.49 4.49
CA GLN A 36 -9.37 12.67 4.36
C GLN A 36 -9.34 12.04 2.98
N GLY A 37 -9.04 12.86 1.98
CA GLY A 37 -9.04 12.43 0.59
C GLY A 37 -7.71 11.84 0.17
N GLU A 38 -7.12 11.10 1.05
CA GLU A 38 -5.86 10.43 0.80
C GLU A 38 -6.17 9.13 0.09
N MET A 39 -5.16 8.39 -0.32
CA MET A 39 -5.40 7.07 -0.86
C MET A 39 -5.73 6.15 0.28
N LYS A 40 -4.81 6.10 1.27
CA LYS A 40 -4.99 5.36 2.52
C LYS A 40 -5.13 3.84 2.23
N GLU A 41 -4.62 3.43 1.09
CA GLU A 41 -4.68 2.07 0.61
C GLU A 41 -3.29 1.47 0.53
N LEU A 42 -3.01 0.53 1.37
CA LEU A 42 -1.79 -0.23 1.27
C LEU A 42 -2.19 -1.65 0.97
N ASN A 43 -1.88 -2.12 -0.20
CA ASN A 43 -2.35 -3.43 -0.65
C ASN A 43 -1.20 -4.32 -1.02
N LEU A 44 -1.34 -5.62 -0.75
CA LEU A 44 -0.32 -6.58 -1.12
C LEU A 44 -0.87 -7.99 -1.21
N ILE A 45 -0.08 -8.88 -1.78
CA ILE A 45 -0.44 -10.27 -1.93
C ILE A 45 0.56 -11.17 -1.21
N VAL A 46 0.04 -12.18 -0.53
CA VAL A 46 0.85 -13.09 0.24
C VAL A 46 0.91 -14.45 -0.42
N LYS A 47 2.11 -14.91 -0.66
CA LYS A 47 2.37 -16.19 -1.29
C LYS A 47 3.51 -16.84 -0.57
N ALA A 48 3.28 -18.01 -0.06
CA ALA A 48 4.28 -18.70 0.68
C ALA A 48 4.29 -20.15 0.31
N ASP A 49 5.30 -20.85 0.75
CA ASP A 49 5.49 -22.26 0.42
C ASP A 49 4.62 -23.09 1.33
N VAL A 50 4.45 -22.61 2.53
CA VAL A 50 3.58 -23.21 3.47
C VAL A 50 2.27 -22.44 3.39
N GLN A 51 1.17 -23.12 3.23
CA GLN A 51 -0.10 -22.46 3.06
C GLN A 51 -0.46 -21.64 4.28
N GLY A 52 -0.27 -22.16 5.44
CA GLY A 52 -0.61 -21.40 6.61
C GLY A 52 0.37 -20.29 6.91
N SER A 53 1.40 -20.17 6.09
CA SER A 53 2.35 -19.15 6.29
C SER A 53 1.77 -17.91 5.61
N VAL A 54 0.87 -18.17 4.66
CA VAL A 54 0.14 -17.12 4.04
C VAL A 54 -0.90 -16.66 5.04
N GLU A 55 -1.60 -17.64 5.63
CA GLU A 55 -2.66 -17.42 6.62
C GLU A 55 -2.18 -16.61 7.82
N ALA A 56 -1.02 -16.98 8.34
CA ALA A 56 -0.43 -16.30 9.48
C ALA A 56 -0.24 -14.82 9.18
N LEU A 57 0.24 -14.54 7.98
CA LEU A 57 0.48 -13.18 7.58
C LEU A 57 -0.86 -12.48 7.28
N VAL A 58 -1.72 -13.17 6.53
CA VAL A 58 -3.05 -12.67 6.15
C VAL A 58 -3.88 -12.24 7.34
N ALA A 59 -3.86 -13.02 8.38
CA ALA A 59 -4.64 -12.72 9.57
C ALA A 59 -4.21 -11.42 10.23
N ALA A 60 -2.96 -11.06 10.08
CA ALA A 60 -2.45 -9.86 10.69
C ALA A 60 -2.59 -8.73 9.72
N LEU A 61 -2.58 -9.09 8.49
CA LEU A 61 -2.62 -8.19 7.40
C LEU A 61 -4.03 -7.64 7.21
N GLN A 62 -5.00 -8.50 7.39
CA GLN A 62 -6.40 -8.12 7.24
C GLN A 62 -6.83 -7.20 8.39
N LYS A 63 -6.10 -7.23 9.49
CA LYS A 63 -6.46 -6.41 10.62
C LYS A 63 -5.74 -5.06 10.65
N ILE A 64 -4.91 -4.77 9.65
CA ILE A 64 -4.25 -3.47 9.61
C ILE A 64 -5.22 -2.42 9.00
N ASP A 65 -6.26 -2.94 8.37
CA ASP A 65 -7.31 -2.13 7.73
C ASP A 65 -8.00 -1.17 8.72
N VAL A 66 -7.95 -1.52 10.00
CA VAL A 66 -8.61 -0.74 11.02
C VAL A 66 -7.67 0.37 11.58
N GLU A 67 -6.42 0.39 11.12
CA GLU A 67 -5.45 1.36 11.58
C GLU A 67 -5.47 2.58 10.63
N GLY A 68 -4.74 3.64 10.97
CA GLY A 68 -4.63 4.83 10.11
C GLY A 68 -3.98 4.47 8.80
N VAL A 69 -3.03 3.59 8.88
CA VAL A 69 -2.38 3.03 7.73
C VAL A 69 -3.12 1.75 7.43
N ARG A 70 -3.96 1.78 6.41
CA ARG A 70 -4.81 0.65 6.15
C ARG A 70 -4.19 -0.27 5.15
N VAL A 71 -3.58 -1.29 5.67
CA VAL A 71 -2.97 -2.29 4.85
C VAL A 71 -3.90 -3.49 4.83
N LYS A 72 -4.07 -4.09 3.68
CA LYS A 72 -4.91 -5.25 3.54
C LYS A 72 -4.41 -6.14 2.40
N ILE A 73 -4.70 -7.40 2.51
CA ILE A 73 -4.38 -8.37 1.51
C ILE A 73 -5.55 -8.57 0.56
N ILE A 74 -5.26 -9.03 -0.62
CA ILE A 74 -6.30 -9.31 -1.58
C ILE A 74 -6.31 -10.79 -1.89
N HIS A 75 -5.13 -11.34 -2.03
CA HIS A 75 -4.97 -12.66 -2.55
C HIS A 75 -3.83 -13.37 -1.82
N ALA A 76 -4.13 -14.49 -1.23
CA ALA A 76 -3.19 -15.33 -0.51
C ALA A 76 -3.38 -16.75 -0.96
N ALA A 77 -2.28 -17.45 -1.22
CA ALA A 77 -2.37 -18.82 -1.69
C ALA A 77 -1.04 -19.53 -1.48
N VAL A 78 -1.06 -20.83 -1.53
CA VAL A 78 0.13 -21.63 -1.36
C VAL A 78 0.75 -21.93 -2.72
N GLY A 79 1.69 -21.13 -3.05
CA GLY A 79 2.38 -21.26 -4.27
C GLY A 79 3.45 -20.24 -4.30
N ALA A 80 4.24 -20.28 -5.31
CA ALA A 80 5.27 -19.29 -5.46
C ALA A 80 4.73 -18.11 -6.23
N ILE A 81 5.60 -17.33 -6.78
CA ILE A 81 5.20 -16.16 -7.46
C ILE A 81 4.95 -16.50 -8.91
N THR A 82 3.71 -16.56 -9.26
CA THR A 82 3.38 -16.88 -10.61
C THR A 82 3.07 -15.62 -11.34
N GLU A 83 3.22 -15.66 -12.64
CA GLU A 83 2.88 -14.57 -13.52
C GLU A 83 1.42 -14.11 -13.25
N SER A 84 0.57 -15.07 -12.87
CA SER A 84 -0.83 -14.84 -12.57
C SER A 84 -1.00 -13.99 -11.29
N ASP A 85 -0.06 -14.12 -10.36
CA ASP A 85 -0.13 -13.37 -9.09
C ASP A 85 0.16 -11.93 -9.35
N ILE A 86 1.05 -11.73 -10.29
CA ILE A 86 1.49 -10.42 -10.67
C ILE A 86 0.40 -9.64 -11.38
N SER A 87 -0.46 -10.35 -12.09
CA SER A 87 -1.62 -9.76 -12.73
C SER A 87 -2.47 -8.99 -11.69
N LEU A 88 -2.51 -9.51 -10.47
CA LEU A 88 -3.25 -8.90 -9.38
C LEU A 88 -2.50 -7.69 -8.85
N ALA A 89 -1.19 -7.77 -8.87
CA ALA A 89 -0.33 -6.75 -8.33
C ALA A 89 -0.58 -5.39 -9.00
N THR A 90 -0.46 -5.32 -10.32
CA THR A 90 -0.69 -4.06 -11.02
C THR A 90 -2.20 -3.70 -11.03
N ALA A 91 -3.05 -4.71 -10.80
CA ALA A 91 -4.50 -4.54 -10.80
C ALA A 91 -4.98 -3.78 -9.57
N SER A 92 -4.77 -4.36 -8.42
CA SER A 92 -5.28 -3.83 -7.19
C SER A 92 -4.25 -2.96 -6.48
N ASN A 93 -3.12 -2.73 -7.16
CA ASN A 93 -1.96 -1.86 -6.72
C ASN A 93 -1.21 -2.49 -5.56
N ALA A 94 -1.25 -3.80 -5.57
CA ALA A 94 -0.60 -4.61 -4.59
C ALA A 94 0.78 -5.01 -5.08
N ILE A 95 1.62 -5.44 -4.19
CA ILE A 95 2.91 -5.96 -4.59
C ILE A 95 3.02 -7.37 -4.09
N VAL A 96 3.84 -8.16 -4.71
CA VAL A 96 3.95 -9.55 -4.35
C VAL A 96 5.06 -9.74 -3.37
N ILE A 97 4.76 -10.36 -2.27
CA ILE A 97 5.75 -10.70 -1.31
C ILE A 97 5.66 -12.18 -1.03
N GLY A 98 6.71 -12.85 -1.37
CA GLY A 98 6.76 -14.25 -1.18
C GLY A 98 7.89 -14.59 -0.29
N PHE A 99 7.87 -15.75 0.27
CA PHE A 99 8.92 -16.09 1.18
C PHE A 99 9.63 -17.33 0.69
N ASN A 100 10.79 -17.12 0.06
CA ASN A 100 11.67 -18.21 -0.42
C ASN A 100 10.97 -19.13 -1.41
N VAL A 101 10.04 -18.54 -2.13
CA VAL A 101 9.25 -19.24 -3.11
C VAL A 101 9.79 -19.06 -4.51
N ARG A 102 10.08 -17.80 -4.86
CA ARG A 102 10.68 -17.41 -6.17
C ARG A 102 9.62 -17.43 -7.28
N PRO A 103 9.82 -16.68 -8.37
CA PRO A 103 8.84 -16.57 -9.43
C PRO A 103 9.11 -17.43 -10.64
N ASP A 104 8.14 -17.41 -11.55
CA ASP A 104 8.32 -18.01 -12.86
C ASP A 104 9.33 -17.14 -13.56
N ALA A 105 10.04 -17.69 -14.51
CA ALA A 105 11.03 -16.94 -15.27
C ALA A 105 10.37 -15.79 -16.01
N ASN A 106 9.16 -16.02 -16.47
CA ASN A 106 8.39 -14.98 -17.11
C ASN A 106 7.70 -14.09 -16.11
N ALA A 107 7.42 -14.59 -14.92
CA ALA A 107 6.81 -13.78 -13.89
C ALA A 107 7.77 -12.68 -13.42
N LYS A 108 9.02 -13.05 -13.19
CA LYS A 108 10.06 -12.08 -12.76
C LYS A 108 10.21 -10.93 -13.82
N ARG A 109 9.81 -11.22 -15.07
CA ARG A 109 9.79 -10.34 -16.14
C ARG A 109 8.51 -9.53 -16.11
N ALA A 110 7.40 -10.28 -16.04
CA ALA A 110 6.05 -9.76 -16.03
C ALA A 110 5.91 -8.68 -15.03
N ALA A 111 6.39 -8.93 -13.80
CA ALA A 111 6.33 -7.96 -12.70
C ALA A 111 6.81 -6.60 -13.11
N GLU A 112 7.88 -6.60 -13.82
CA GLU A 112 8.54 -5.38 -14.18
C GLU A 112 7.91 -4.74 -15.39
N SER A 113 7.33 -5.52 -16.21
CA SER A 113 6.63 -5.02 -17.37
C SER A 113 5.19 -4.71 -16.95
N GLU A 114 4.95 -4.87 -15.67
CA GLU A 114 3.68 -4.68 -15.06
C GLU A 114 3.69 -3.65 -14.02
N LYS A 115 4.79 -2.90 -13.95
CA LYS A 115 4.88 -1.81 -13.06
C LYS A 115 4.77 -2.23 -11.60
N VAL A 116 5.06 -3.48 -11.31
CA VAL A 116 5.01 -3.94 -9.93
C VAL A 116 6.29 -4.54 -9.47
N ASP A 117 6.32 -4.86 -8.20
CA ASP A 117 7.49 -5.44 -7.59
C ASP A 117 7.18 -6.77 -6.99
N ILE A 118 8.03 -7.72 -7.22
CA ILE A 118 8.00 -8.93 -6.49
C ILE A 118 9.12 -8.89 -5.44
N ARG A 119 8.76 -9.07 -4.21
CA ARG A 119 9.71 -9.06 -3.09
C ARG A 119 9.96 -10.48 -2.68
N LEU A 120 11.19 -10.90 -2.75
CA LEU A 120 11.49 -12.25 -2.43
C LEU A 120 12.84 -12.37 -1.73
N HIS A 121 12.88 -13.17 -0.68
CA HIS A 121 14.11 -13.55 0.07
C HIS A 121 14.70 -12.38 0.86
N ARG A 122 15.28 -11.40 0.18
CA ARG A 122 15.92 -10.33 0.89
C ARG A 122 14.94 -9.23 1.25
N ILE A 123 14.23 -9.48 2.31
CA ILE A 123 13.26 -8.57 2.81
C ILE A 123 13.93 -7.78 3.93
N ILE A 124 13.99 -6.49 3.76
CA ILE A 124 14.63 -5.65 4.75
C ILE A 124 13.64 -5.26 5.85
N TYR A 125 12.38 -5.43 5.56
CA TYR A 125 11.34 -5.18 6.52
C TYR A 125 11.03 -6.45 7.27
N ASN A 126 10.28 -6.34 8.31
CA ASN A 126 9.98 -7.47 9.15
C ASN A 126 8.63 -8.01 8.82
N VAL A 127 7.71 -7.12 8.55
CA VAL A 127 6.36 -7.52 8.29
C VAL A 127 5.99 -7.23 6.85
N ILE A 128 5.99 -5.97 6.48
CA ILE A 128 5.54 -5.56 5.16
C ILE A 128 6.39 -4.46 4.56
N GLU A 129 6.41 -3.33 5.24
CA GLU A 129 7.08 -2.13 4.81
C GLU A 129 6.89 -1.12 5.93
N GLU A 130 6.99 -1.61 7.15
CA GLU A 130 6.86 -0.79 8.31
C GLU A 130 8.10 0.10 8.46
N ILE A 131 7.94 1.32 8.01
CA ILE A 131 9.02 2.29 7.92
C ILE A 131 9.37 2.91 9.25
N GLU A 132 10.48 3.62 9.27
CA GLU A 132 10.94 4.29 10.46
C GLU A 132 10.16 5.59 10.67
N ALA A 133 10.62 6.66 10.02
CA ALA A 133 10.07 8.04 10.15
C ALA A 133 11.11 9.02 9.66
N ALA A 134 12.37 8.55 9.67
CA ALA A 134 13.57 9.32 9.33
C ALA A 134 13.97 10.17 10.51
N MET A 135 13.33 11.31 10.63
CA MET A 135 13.53 12.20 11.75
C MET A 135 12.54 13.33 11.60
N ASN A 1 -40.39 -7.34 -52.20
CA ASN A 1 -41.60 -7.61 -51.43
C ASN A 1 -41.21 -8.25 -50.10
N GLU A 2 -40.77 -9.49 -50.13
CA GLU A 2 -40.30 -10.18 -48.94
C GLU A 2 -38.91 -10.73 -49.22
N PHE A 3 -38.09 -10.82 -48.17
CA PHE A 3 -36.69 -11.26 -48.27
C PHE A 3 -35.91 -10.30 -49.17
N GLU A 4 -35.38 -9.25 -48.60
CA GLU A 4 -34.69 -8.26 -49.39
C GLU A 4 -33.22 -8.64 -49.60
N LEU A 5 -33.01 -9.59 -50.50
CA LEU A 5 -31.66 -10.07 -50.89
C LEU A 5 -30.82 -10.53 -49.66
N GLY A 6 -29.96 -9.65 -49.17
CA GLY A 6 -29.17 -9.95 -48.02
C GLY A 6 -29.84 -9.45 -46.77
N THR A 7 -30.56 -10.32 -46.12
CA THR A 7 -31.29 -10.00 -44.92
C THR A 7 -30.36 -9.99 -43.71
N ARG A 8 -30.05 -8.78 -43.22
CA ARG A 8 -29.19 -8.56 -42.07
C ARG A 8 -27.81 -9.19 -42.26
N GLY A 9 -27.01 -8.49 -42.99
CA GLY A 9 -25.69 -8.92 -43.34
C GLY A 9 -25.50 -8.78 -44.83
N SER A 10 -24.32 -9.14 -45.34
CA SER A 10 -23.97 -9.07 -46.79
C SER A 10 -23.88 -7.61 -47.34
N SER A 11 -24.57 -6.69 -46.71
CA SER A 11 -24.62 -5.32 -47.13
C SER A 11 -24.76 -4.40 -45.91
N ARG A 12 -24.40 -4.92 -44.75
CA ARG A 12 -24.53 -4.21 -43.51
C ARG A 12 -23.72 -4.94 -42.49
N VAL A 13 -22.70 -4.26 -41.96
CA VAL A 13 -21.74 -4.82 -40.99
C VAL A 13 -20.86 -5.87 -41.65
N ASP A 14 -21.49 -6.89 -42.09
CA ASP A 14 -20.89 -7.96 -42.81
C ASP A 14 -21.11 -7.76 -44.29
N LEU A 15 -20.15 -8.13 -45.06
CA LEU A 15 -20.24 -8.12 -46.51
C LEU A 15 -19.88 -9.52 -46.99
N GLN A 16 -18.81 -10.03 -46.39
CA GLN A 16 -18.27 -11.36 -46.59
C GLN A 16 -17.18 -11.50 -45.54
N GLU A 17 -17.47 -10.91 -44.41
CA GLU A 17 -16.51 -10.69 -43.37
C GLU A 17 -16.75 -11.60 -42.20
N GLN A 18 -16.16 -11.24 -41.05
CA GLN A 18 -16.24 -11.99 -39.82
C GLN A 18 -15.47 -13.28 -39.92
N ARG A 19 -16.01 -14.17 -40.69
CA ARG A 19 -15.46 -15.52 -40.96
C ARG A 19 -15.11 -16.31 -39.68
N SER A 20 -13.96 -16.04 -39.09
CA SER A 20 -13.54 -16.73 -37.89
C SER A 20 -13.58 -15.80 -36.66
N VAL A 21 -13.94 -14.53 -36.91
CA VAL A 21 -14.07 -13.44 -35.92
C VAL A 21 -12.84 -13.21 -35.01
N LYS A 22 -12.66 -14.07 -34.00
CA LYS A 22 -11.62 -14.00 -32.98
C LYS A 22 -11.47 -12.59 -32.36
N THR A 23 -10.58 -11.78 -32.90
CA THR A 23 -10.32 -10.46 -32.37
C THR A 23 -11.43 -9.48 -32.77
N ARG A 24 -12.23 -9.88 -33.73
CA ARG A 24 -13.35 -9.08 -34.19
C ARG A 24 -14.42 -8.91 -33.13
N VAL A 25 -14.47 -9.79 -32.14
CA VAL A 25 -15.45 -9.65 -31.09
C VAL A 25 -14.94 -8.73 -29.96
N SER A 26 -13.68 -8.90 -29.61
CA SER A 26 -13.01 -8.09 -28.61
C SER A 26 -11.51 -8.24 -28.81
N LEU A 27 -10.78 -7.18 -28.61
CA LEU A 27 -9.35 -7.20 -28.80
C LEU A 27 -8.64 -7.31 -27.46
N ASP A 28 -7.60 -8.15 -27.43
CA ASP A 28 -6.72 -8.36 -26.26
C ASP A 28 -7.44 -9.10 -25.11
N ASP A 29 -6.71 -9.42 -24.06
CA ASP A 29 -7.26 -10.08 -22.88
C ASP A 29 -7.62 -9.03 -21.84
N LEU A 30 -6.84 -7.97 -21.81
CA LEU A 30 -7.03 -6.92 -20.83
C LEU A 30 -7.66 -5.70 -21.49
N PHE A 31 -8.13 -4.79 -20.68
CA PHE A 31 -8.72 -3.56 -21.18
C PHE A 31 -7.73 -2.43 -20.99
N GLU A 32 -7.30 -2.27 -19.75
CA GLU A 32 -6.27 -1.31 -19.35
C GLU A 32 -6.67 0.15 -19.54
N GLN A 33 -5.71 1.04 -19.29
CA GLN A 33 -5.86 2.50 -19.34
C GLN A 33 -6.67 2.99 -18.16
N ILE A 34 -6.72 2.15 -17.15
CA ILE A 34 -7.33 2.47 -15.88
C ILE A 34 -6.36 3.40 -15.17
N LYS A 35 -5.08 3.06 -15.36
CA LYS A 35 -3.93 3.80 -14.87
C LYS A 35 -3.82 3.78 -13.37
N GLN A 36 -4.61 4.58 -12.72
CA GLN A 36 -4.55 4.72 -11.32
C GLN A 36 -5.96 4.81 -10.79
N GLY A 37 -6.19 4.19 -9.68
CA GLY A 37 -7.45 4.29 -9.05
C GLY A 37 -7.35 5.22 -7.88
N GLU A 38 -8.28 5.15 -6.99
CA GLU A 38 -8.26 5.98 -5.81
C GLU A 38 -7.34 5.32 -4.79
N MET A 39 -7.45 4.00 -4.76
CA MET A 39 -6.81 3.14 -3.78
C MET A 39 -7.07 3.59 -2.37
N LYS A 40 -6.13 4.40 -1.82
CA LYS A 40 -6.15 4.84 -0.40
C LYS A 40 -6.07 3.63 0.50
N GLU A 41 -5.58 2.58 -0.10
CA GLU A 41 -5.51 1.29 0.47
C GLU A 41 -4.18 0.71 0.06
N LEU A 42 -3.43 0.24 1.00
CA LEU A 42 -2.21 -0.43 0.68
C LEU A 42 -2.50 -1.88 0.63
N ASN A 43 -2.61 -2.37 -0.56
CA ASN A 43 -3.00 -3.73 -0.76
C ASN A 43 -1.79 -4.57 -0.90
N LEU A 44 -1.84 -5.77 -0.40
CA LEU A 44 -0.72 -6.67 -0.49
C LEU A 44 -1.16 -8.05 -0.95
N ILE A 45 -0.22 -8.79 -1.44
CA ILE A 45 -0.38 -10.16 -1.80
C ILE A 45 0.65 -10.99 -1.09
N VAL A 46 0.20 -12.07 -0.51
CA VAL A 46 1.02 -12.92 0.26
C VAL A 46 1.16 -14.28 -0.45
N LYS A 47 2.38 -14.70 -0.62
CA LYS A 47 2.73 -15.94 -1.33
C LYS A 47 3.79 -16.67 -0.52
N ALA A 48 3.59 -17.93 -0.23
CA ALA A 48 4.55 -18.68 0.56
C ALA A 48 4.57 -20.13 0.16
N ASP A 49 5.59 -20.85 0.64
CA ASP A 49 5.78 -22.27 0.32
C ASP A 49 4.72 -23.14 1.00
N VAL A 50 4.12 -22.61 2.04
CA VAL A 50 3.01 -23.26 2.71
C VAL A 50 1.88 -22.25 2.87
N GLN A 51 0.65 -22.71 2.67
CA GLN A 51 -0.52 -21.83 2.74
C GLN A 51 -0.80 -21.33 4.14
N GLY A 52 -0.11 -21.81 5.11
CA GLY A 52 -0.34 -21.31 6.42
C GLY A 52 0.57 -20.17 6.76
N SER A 53 1.62 -19.97 5.96
CA SER A 53 2.49 -18.85 6.19
C SER A 53 1.82 -17.67 5.57
N VAL A 54 1.05 -17.97 4.53
CA VAL A 54 0.28 -16.96 3.93
C VAL A 54 -0.84 -16.57 4.88
N GLU A 55 -1.50 -17.58 5.47
CA GLU A 55 -2.58 -17.36 6.43
C GLU A 55 -2.11 -16.56 7.63
N ALA A 56 -0.96 -16.95 8.16
CA ALA A 56 -0.37 -16.27 9.32
C ALA A 56 -0.14 -14.79 9.04
N LEU A 57 0.34 -14.48 7.86
CA LEU A 57 0.58 -13.11 7.49
C LEU A 57 -0.74 -12.42 7.16
N VAL A 58 -1.62 -13.11 6.44
CA VAL A 58 -2.97 -12.62 6.12
C VAL A 58 -3.74 -12.25 7.36
N ALA A 59 -3.69 -13.11 8.34
CA ALA A 59 -4.40 -12.91 9.60
C ALA A 59 -3.91 -11.69 10.37
N ALA A 60 -2.75 -11.18 10.03
CA ALA A 60 -2.23 -10.00 10.67
C ALA A 60 -2.52 -8.81 9.79
N LEU A 61 -2.60 -9.10 8.52
CA LEU A 61 -2.77 -8.14 7.46
C LEU A 61 -4.25 -7.71 7.35
N GLN A 62 -5.15 -8.60 7.70
CA GLN A 62 -6.56 -8.29 7.67
C GLN A 62 -7.00 -7.60 8.95
N LYS A 63 -6.21 -7.72 10.00
CA LYS A 63 -6.58 -7.13 11.27
C LYS A 63 -5.93 -5.77 11.47
N ILE A 64 -5.25 -5.30 10.42
CA ILE A 64 -4.61 -3.98 10.42
C ILE A 64 -5.67 -2.90 10.67
N ASP A 65 -5.69 -2.39 11.88
CA ASP A 65 -6.64 -1.37 12.25
C ASP A 65 -5.97 -0.03 12.27
N VAL A 66 -5.86 0.52 11.09
CA VAL A 66 -5.30 1.83 10.89
C VAL A 66 -6.23 2.52 9.94
N GLU A 67 -6.69 3.67 10.32
CA GLU A 67 -7.60 4.44 9.51
C GLU A 67 -6.81 5.32 8.57
N GLY A 68 -7.37 5.57 7.42
CA GLY A 68 -6.71 6.39 6.44
C GLY A 68 -5.75 5.57 5.63
N VAL A 69 -4.68 5.16 6.28
CA VAL A 69 -3.71 4.31 5.66
C VAL A 69 -3.99 2.89 6.13
N ARG A 70 -4.75 2.18 5.36
CA ARG A 70 -5.09 0.83 5.69
C ARG A 70 -4.25 -0.07 4.84
N VAL A 71 -3.78 -1.12 5.41
CA VAL A 71 -3.00 -2.09 4.70
C VAL A 71 -3.77 -3.39 4.81
N LYS A 72 -4.08 -4.01 3.71
CA LYS A 72 -4.85 -5.25 3.73
C LYS A 72 -4.55 -6.08 2.47
N ILE A 73 -4.81 -7.36 2.56
CA ILE A 73 -4.47 -8.30 1.52
C ILE A 73 -5.60 -8.56 0.55
N ILE A 74 -5.24 -9.00 -0.65
CA ILE A 74 -6.23 -9.33 -1.67
C ILE A 74 -6.11 -10.80 -2.07
N HIS A 75 -4.90 -11.30 -2.03
CA HIS A 75 -4.62 -12.59 -2.60
C HIS A 75 -3.49 -13.28 -1.85
N ALA A 76 -3.77 -14.47 -1.38
CA ALA A 76 -2.81 -15.30 -0.66
C ALA A 76 -2.95 -16.69 -1.19
N ALA A 77 -1.85 -17.33 -1.52
CA ALA A 77 -1.89 -18.66 -2.08
C ALA A 77 -0.60 -19.39 -1.82
N VAL A 78 -0.65 -20.69 -1.82
CA VAL A 78 0.53 -21.48 -1.63
C VAL A 78 1.13 -21.89 -2.99
N GLY A 79 2.05 -21.10 -3.41
CA GLY A 79 2.71 -21.34 -4.64
C GLY A 79 3.76 -20.32 -4.83
N ALA A 80 4.51 -20.48 -5.86
CA ALA A 80 5.52 -19.54 -6.20
C ALA A 80 4.87 -18.39 -6.97
N ILE A 81 5.59 -17.31 -7.16
CA ILE A 81 5.05 -16.15 -7.84
C ILE A 81 4.88 -16.45 -9.30
N THR A 82 3.66 -16.36 -9.79
CA THR A 82 3.40 -16.62 -11.15
C THR A 82 2.80 -15.35 -11.81
N GLU A 83 2.71 -15.35 -13.12
CA GLU A 83 2.17 -14.20 -13.89
C GLU A 83 0.74 -13.85 -13.45
N SER A 84 -0.03 -14.87 -13.10
CA SER A 84 -1.41 -14.70 -12.66
C SER A 84 -1.46 -13.85 -11.36
N ASP A 85 -0.41 -13.95 -10.55
CA ASP A 85 -0.31 -13.18 -9.31
C ASP A 85 0.02 -11.76 -9.64
N ILE A 86 0.88 -11.59 -10.62
CA ILE A 86 1.35 -10.28 -11.05
C ILE A 86 0.18 -9.46 -11.61
N SER A 87 -0.77 -10.15 -12.24
CA SER A 87 -1.97 -9.53 -12.76
C SER A 87 -2.80 -8.86 -11.65
N LEU A 88 -2.62 -9.33 -10.42
CA LEU A 88 -3.28 -8.72 -9.29
C LEU A 88 -2.41 -7.59 -8.76
N ALA A 89 -1.13 -7.82 -8.79
CA ALA A 89 -0.15 -6.91 -8.27
C ALA A 89 -0.31 -5.50 -8.86
N THR A 90 -0.22 -5.37 -10.17
CA THR A 90 -0.38 -4.03 -10.77
C THR A 90 -1.86 -3.55 -10.70
N ALA A 91 -2.79 -4.50 -10.63
CA ALA A 91 -4.22 -4.18 -10.59
C ALA A 91 -4.59 -3.43 -9.32
N SER A 92 -4.34 -4.04 -8.19
CA SER A 92 -4.73 -3.46 -6.95
C SER A 92 -3.56 -2.73 -6.30
N ASN A 93 -2.43 -2.66 -7.02
CA ASN A 93 -1.20 -1.95 -6.58
C ASN A 93 -0.59 -2.66 -5.40
N ALA A 94 -0.74 -3.96 -5.40
CA ALA A 94 -0.26 -4.81 -4.37
C ALA A 94 1.11 -5.33 -4.74
N ILE A 95 2.04 -5.26 -3.84
CA ILE A 95 3.34 -5.83 -4.10
C ILE A 95 3.38 -7.24 -3.53
N VAL A 96 4.19 -8.07 -4.12
CA VAL A 96 4.19 -9.46 -3.77
C VAL A 96 5.33 -9.80 -2.85
N ILE A 97 5.00 -10.35 -1.72
CA ILE A 97 6.00 -10.85 -0.81
C ILE A 97 5.94 -12.38 -0.85
N GLY A 98 6.99 -12.98 -1.38
CA GLY A 98 7.05 -14.40 -1.51
C GLY A 98 7.96 -14.99 -0.48
N PHE A 99 7.65 -16.17 -0.02
CA PHE A 99 8.41 -16.76 1.06
C PHE A 99 8.98 -18.08 0.64
N ASN A 100 10.29 -18.08 0.47
CA ASN A 100 11.13 -19.24 0.05
C ASN A 100 10.87 -19.69 -1.39
N VAL A 101 9.65 -19.58 -1.83
CA VAL A 101 9.18 -19.99 -3.16
C VAL A 101 9.95 -19.46 -4.37
N ARG A 102 10.11 -18.14 -4.46
CA ARG A 102 10.68 -17.45 -5.64
C ARG A 102 9.63 -17.37 -6.78
N PRO A 103 9.88 -16.62 -7.87
CA PRO A 103 8.94 -16.57 -8.98
C PRO A 103 9.29 -17.51 -10.09
N ASP A 104 8.41 -17.55 -11.03
CA ASP A 104 8.64 -18.18 -12.30
C ASP A 104 9.41 -17.16 -13.13
N ALA A 105 10.23 -17.61 -14.05
CA ALA A 105 11.03 -16.71 -14.88
C ALA A 105 10.16 -15.75 -15.69
N ASN A 106 8.97 -16.17 -16.05
CA ASN A 106 8.09 -15.29 -16.79
C ASN A 106 7.39 -14.35 -15.84
N ALA A 107 7.12 -14.82 -14.64
CA ALA A 107 6.49 -13.98 -13.62
C ALA A 107 7.39 -12.83 -13.23
N LYS A 108 8.67 -13.10 -13.08
CA LYS A 108 9.64 -12.08 -12.73
C LYS A 108 9.78 -11.03 -13.88
N ARG A 109 9.48 -11.46 -15.11
CA ARG A 109 9.48 -10.66 -16.25
C ARG A 109 8.24 -9.79 -16.24
N ALA A 110 7.10 -10.45 -16.08
CA ALA A 110 5.79 -9.86 -16.04
C ALA A 110 5.76 -8.77 -15.02
N ALA A 111 6.25 -9.09 -13.82
CA ALA A 111 6.29 -8.17 -12.69
C ALA A 111 6.84 -6.82 -13.07
N GLU A 112 7.94 -6.82 -13.75
CA GLU A 112 8.61 -5.61 -14.05
C GLU A 112 7.90 -4.88 -15.17
N SER A 113 7.41 -5.61 -16.13
CA SER A 113 6.68 -5.03 -17.24
C SER A 113 5.25 -4.65 -16.76
N GLU A 114 5.06 -4.85 -15.50
CA GLU A 114 3.84 -4.62 -14.84
C GLU A 114 3.97 -3.68 -13.72
N LYS A 115 5.12 -2.98 -13.64
CA LYS A 115 5.33 -1.95 -12.69
C LYS A 115 5.38 -2.44 -11.24
N VAL A 116 5.37 -3.73 -11.03
CA VAL A 116 5.31 -4.25 -9.69
C VAL A 116 6.56 -4.99 -9.31
N ASP A 117 6.91 -4.91 -8.06
CA ASP A 117 8.12 -5.52 -7.60
C ASP A 117 7.83 -6.68 -6.67
N ILE A 118 8.41 -7.80 -6.95
CA ILE A 118 8.27 -8.99 -6.16
C ILE A 118 9.46 -9.13 -5.21
N ARG A 119 9.20 -9.42 -3.96
CA ARG A 119 10.25 -9.55 -2.97
C ARG A 119 10.25 -10.97 -2.42
N LEU A 120 11.41 -11.57 -2.31
CA LEU A 120 11.50 -12.97 -1.92
C LEU A 120 12.24 -13.18 -0.64
N HIS A 121 11.62 -13.99 0.23
CA HIS A 121 12.18 -14.47 1.50
C HIS A 121 12.29 -13.34 2.53
N ARG A 122 13.16 -12.41 2.24
CA ARG A 122 13.43 -11.23 3.03
C ARG A 122 14.54 -10.48 2.33
N ILE A 123 15.68 -11.13 2.21
CA ILE A 123 16.75 -10.56 1.44
C ILE A 123 17.70 -11.65 0.91
N ILE A 124 18.10 -12.58 1.75
CA ILE A 124 19.04 -13.60 1.32
C ILE A 124 18.48 -14.99 1.54
N TYR A 125 19.06 -15.94 0.88
CA TYR A 125 18.69 -17.32 0.97
C TYR A 125 19.93 -18.18 0.71
N ASN A 126 20.61 -18.50 1.79
CA ASN A 126 21.83 -19.28 1.72
C ASN A 126 21.79 -20.35 2.80
N VAL A 127 22.34 -21.51 2.48
CA VAL A 127 22.42 -22.61 3.40
C VAL A 127 23.47 -23.60 2.85
N ILE A 128 24.25 -24.21 3.74
CA ILE A 128 25.34 -25.14 3.39
C ILE A 128 26.40 -24.43 2.56
N GLU A 129 27.37 -23.88 3.23
CA GLU A 129 28.40 -23.08 2.62
C GLU A 129 29.57 -23.98 2.23
N GLU A 130 29.64 -25.12 2.89
CA GLU A 130 30.65 -26.09 2.64
C GLU A 130 30.30 -26.88 1.39
N ILE A 131 30.86 -26.48 0.27
CA ILE A 131 30.59 -27.15 -0.97
C ILE A 131 31.47 -28.39 -1.07
N GLU A 132 32.71 -28.19 -0.75
CA GLU A 132 33.70 -29.23 -0.80
C GLU A 132 34.63 -29.09 0.40
N ALA A 133 35.74 -29.85 0.39
CA ALA A 133 36.75 -29.81 1.44
C ALA A 133 36.19 -30.34 2.76
N ALA A 134 36.92 -30.07 3.87
CA ALA A 134 36.58 -30.48 5.23
C ALA A 134 36.81 -31.96 5.43
N MET A 135 37.53 -32.30 6.46
CA MET A 135 37.81 -33.70 6.73
C MET A 135 36.80 -34.20 7.73
N ASN A 1 -33.60 41.24 5.76
CA ASN A 1 -32.89 42.51 5.96
C ASN A 1 -32.63 42.75 7.42
N GLU A 2 -33.62 43.31 8.13
CA GLU A 2 -33.48 43.55 9.56
C GLU A 2 -33.52 42.20 10.27
N PHE A 3 -34.45 41.39 9.84
CA PHE A 3 -34.50 40.02 10.24
C PHE A 3 -33.78 39.25 9.16
N GLU A 4 -32.66 38.64 9.52
CA GLU A 4 -31.75 37.96 8.59
C GLU A 4 -31.11 38.97 7.65
N LEU A 5 -29.88 39.33 7.94
CA LEU A 5 -29.14 40.30 7.15
C LEU A 5 -28.78 39.70 5.80
N GLY A 6 -29.52 40.08 4.81
CA GLY A 6 -29.29 39.61 3.49
C GLY A 6 -28.22 40.40 2.82
N THR A 7 -27.42 39.75 2.04
CA THR A 7 -26.32 40.37 1.33
C THR A 7 -26.79 40.89 -0.03
N ARG A 8 -28.11 40.77 -0.27
CA ARG A 8 -28.78 41.23 -1.50
C ARG A 8 -28.38 40.38 -2.71
N GLY A 9 -27.96 39.17 -2.44
CA GLY A 9 -27.56 38.29 -3.49
C GLY A 9 -27.07 36.97 -2.96
N SER A 10 -26.46 36.20 -3.81
CA SER A 10 -25.89 34.92 -3.47
C SER A 10 -24.36 35.05 -3.42
N SER A 11 -23.65 33.93 -3.45
CA SER A 11 -22.20 33.95 -3.50
C SER A 11 -21.78 34.59 -4.85
N ARG A 12 -21.30 35.81 -4.76
CA ARG A 12 -20.91 36.59 -5.92
C ARG A 12 -19.60 37.34 -5.62
N VAL A 13 -19.57 37.93 -4.44
CA VAL A 13 -18.46 38.70 -3.89
C VAL A 13 -18.59 38.51 -2.40
N ASP A 14 -19.83 38.58 -1.98
CA ASP A 14 -20.24 38.32 -0.62
C ASP A 14 -20.16 36.85 -0.37
N LEU A 15 -20.38 36.47 0.87
CA LEU A 15 -20.31 35.09 1.32
C LEU A 15 -18.88 34.57 1.22
N GLN A 16 -18.63 33.76 0.20
CA GLN A 16 -17.32 33.12 -0.10
C GLN A 16 -16.77 32.19 1.00
N GLU A 17 -16.68 32.71 2.20
CA GLU A 17 -16.06 32.06 3.33
C GLU A 17 -16.65 30.69 3.68
N GLN A 18 -15.77 29.77 3.98
CA GLN A 18 -16.13 28.47 4.45
C GLN A 18 -16.33 28.57 5.96
N ARG A 19 -15.30 29.07 6.66
CA ARG A 19 -15.25 29.27 8.12
C ARG A 19 -15.37 27.95 8.89
N SER A 20 -16.57 27.43 8.99
CA SER A 20 -16.83 26.22 9.72
C SER A 20 -17.67 25.31 8.82
N VAL A 21 -17.52 25.58 7.51
CA VAL A 21 -18.24 24.92 6.43
C VAL A 21 -19.74 24.82 6.67
N LYS A 22 -20.38 25.94 6.54
CA LYS A 22 -21.81 26.00 6.71
C LYS A 22 -22.53 25.80 5.38
N THR A 23 -22.44 26.76 4.50
CA THR A 23 -23.07 26.72 3.22
C THR A 23 -22.06 26.27 2.14
N ARG A 24 -20.91 25.85 2.61
CA ARG A 24 -19.85 25.33 1.76
C ARG A 24 -19.86 23.82 1.77
N VAL A 25 -21.00 23.26 2.17
CA VAL A 25 -21.18 21.83 2.18
C VAL A 25 -20.98 21.29 0.76
N SER A 26 -19.98 20.50 0.60
CA SER A 26 -19.59 20.02 -0.65
C SER A 26 -19.69 18.51 -0.74
N LEU A 27 -20.81 18.05 -1.20
CA LEU A 27 -21.02 16.65 -1.43
C LEU A 27 -21.02 16.47 -2.92
N ASP A 28 -19.82 16.17 -3.46
CA ASP A 28 -19.57 16.02 -4.93
C ASP A 28 -19.51 17.37 -5.62
N ASP A 29 -20.22 18.35 -5.06
CA ASP A 29 -20.22 19.73 -5.52
C ASP A 29 -18.83 20.31 -5.33
N LEU A 30 -18.12 20.44 -6.43
CA LEU A 30 -16.73 20.95 -6.49
C LEU A 30 -15.72 19.93 -5.92
N PHE A 31 -15.87 19.58 -4.65
CA PHE A 31 -14.96 18.68 -3.99
C PHE A 31 -15.49 17.26 -4.01
N GLU A 32 -14.67 16.34 -4.49
CA GLU A 32 -15.06 14.96 -4.56
C GLU A 32 -13.83 14.11 -4.20
N GLN A 33 -14.03 12.94 -3.59
CA GLN A 33 -12.91 12.06 -3.22
C GLN A 33 -12.50 11.17 -4.40
N ILE A 34 -13.46 10.95 -5.30
CA ILE A 34 -13.30 10.16 -6.54
C ILE A 34 -12.99 8.68 -6.26
N LYS A 35 -11.73 8.38 -5.99
CA LYS A 35 -11.26 7.04 -5.77
C LYS A 35 -9.83 7.12 -5.23
N GLN A 36 -8.91 7.39 -6.15
CA GLN A 36 -7.48 7.53 -5.89
C GLN A 36 -6.84 6.35 -5.16
N GLY A 37 -6.92 6.36 -3.86
CA GLY A 37 -6.16 5.42 -3.07
C GLY A 37 -4.87 6.09 -2.70
N GLU A 38 -4.28 6.71 -3.74
CA GLU A 38 -3.13 7.57 -3.68
C GLU A 38 -1.91 6.84 -3.15
N MET A 39 -1.72 6.91 -1.85
CA MET A 39 -0.62 6.29 -1.18
C MET A 39 -1.09 5.91 0.23
N LYS A 40 -2.41 5.97 0.44
CA LYS A 40 -2.97 5.61 1.72
C LYS A 40 -3.21 4.12 1.70
N GLU A 41 -3.56 3.62 0.55
CA GLU A 41 -3.90 2.23 0.41
C GLU A 41 -2.77 1.44 -0.20
N LEU A 42 -2.14 0.66 0.62
CA LEU A 42 -1.09 -0.19 0.23
C LEU A 42 -1.59 -1.62 0.33
N ASN A 43 -1.88 -2.21 -0.78
CA ASN A 43 -2.38 -3.55 -0.76
C ASN A 43 -1.26 -4.50 -1.06
N LEU A 44 -1.38 -5.73 -0.64
CA LEU A 44 -0.37 -6.70 -0.94
C LEU A 44 -0.92 -8.12 -1.01
N ILE A 45 -0.17 -8.98 -1.61
CA ILE A 45 -0.49 -10.36 -1.75
C ILE A 45 0.55 -11.23 -1.05
N VAL A 46 0.07 -12.19 -0.31
CA VAL A 46 0.90 -13.06 0.47
C VAL A 46 0.94 -14.45 -0.16
N LYS A 47 2.12 -14.94 -0.42
CA LYS A 47 2.31 -16.27 -0.96
C LYS A 47 3.47 -16.92 -0.26
N ALA A 48 3.40 -18.21 -0.10
CA ALA A 48 4.43 -18.94 0.59
C ALA A 48 4.42 -20.38 0.16
N ASP A 49 5.46 -21.11 0.51
CA ASP A 49 5.58 -22.54 0.21
C ASP A 49 4.69 -23.36 1.15
N VAL A 50 4.39 -22.76 2.28
CA VAL A 50 3.52 -23.33 3.27
C VAL A 50 2.24 -22.52 3.25
N GLN A 51 1.07 -23.16 3.21
CA GLN A 51 -0.18 -22.42 3.11
C GLN A 51 -0.41 -21.59 4.35
N GLY A 52 -0.23 -22.13 5.50
CA GLY A 52 -0.52 -21.37 6.69
C GLY A 52 0.49 -20.28 7.00
N SER A 53 1.48 -20.14 6.15
CA SER A 53 2.44 -19.11 6.30
C SER A 53 1.81 -17.87 5.70
N VAL A 54 0.89 -18.12 4.75
CA VAL A 54 0.14 -17.06 4.14
C VAL A 54 -0.99 -16.66 5.08
N GLU A 55 -1.66 -17.68 5.60
CA GLU A 55 -2.84 -17.54 6.47
C GLU A 55 -2.54 -16.70 7.70
N ALA A 56 -1.43 -17.01 8.36
CA ALA A 56 -1.02 -16.31 9.56
C ALA A 56 -0.68 -14.85 9.27
N LEU A 57 -0.11 -14.62 8.10
CA LEU A 57 0.29 -13.28 7.71
C LEU A 57 -0.94 -12.48 7.30
N VAL A 58 -1.89 -13.15 6.67
CA VAL A 58 -3.18 -12.56 6.30
C VAL A 58 -3.88 -12.00 7.53
N ALA A 59 -3.87 -12.77 8.60
CA ALA A 59 -4.52 -12.40 9.85
C ALA A 59 -3.86 -11.19 10.50
N ALA A 60 -2.63 -10.90 10.11
CA ALA A 60 -1.88 -9.82 10.68
C ALA A 60 -1.99 -8.62 9.79
N LEU A 61 -2.30 -8.90 8.58
CA LEU A 61 -2.40 -7.93 7.56
C LEU A 61 -3.82 -7.34 7.52
N GLN A 62 -4.79 -8.11 7.93
CA GLN A 62 -6.16 -7.64 8.00
C GLN A 62 -6.42 -6.90 9.31
N LYS A 63 -5.51 -7.03 10.27
CA LYS A 63 -5.68 -6.35 11.56
C LYS A 63 -5.11 -4.93 11.49
N ILE A 64 -4.62 -4.57 10.31
CA ILE A 64 -4.08 -3.25 10.08
C ILE A 64 -5.23 -2.27 9.88
N ASP A 65 -6.22 -2.73 9.13
CA ASP A 65 -7.43 -1.98 8.79
C ASP A 65 -7.15 -0.68 8.06
N VAL A 66 -7.23 0.42 8.80
CA VAL A 66 -7.12 1.74 8.19
C VAL A 66 -6.05 2.58 8.95
N GLU A 67 -5.55 2.04 10.06
CA GLU A 67 -4.64 2.76 10.96
C GLU A 67 -3.34 3.17 10.26
N GLY A 68 -3.21 4.47 10.02
CA GLY A 68 -2.06 5.01 9.35
C GLY A 68 -2.15 4.79 7.87
N VAL A 69 -1.64 3.67 7.44
CA VAL A 69 -1.69 3.28 6.07
C VAL A 69 -2.69 2.14 6.00
N ARG A 70 -3.42 2.04 4.95
CA ARG A 70 -4.37 1.00 4.82
C ARG A 70 -3.69 -0.11 4.10
N VAL A 71 -3.12 -1.01 4.86
CA VAL A 71 -2.40 -2.10 4.31
C VAL A 71 -3.26 -3.32 4.45
N LYS A 72 -3.51 -3.98 3.36
CA LYS A 72 -4.41 -5.09 3.39
C LYS A 72 -3.98 -6.14 2.39
N ILE A 73 -4.42 -7.35 2.61
CA ILE A 73 -4.20 -8.44 1.73
C ILE A 73 -5.35 -8.59 0.76
N ILE A 74 -5.04 -8.95 -0.43
CA ILE A 74 -6.07 -9.10 -1.45
C ILE A 74 -6.16 -10.56 -1.86
N HIS A 75 -5.06 -11.26 -1.72
CA HIS A 75 -4.95 -12.60 -2.23
C HIS A 75 -3.78 -13.32 -1.55
N ALA A 76 -4.07 -14.46 -0.98
CA ALA A 76 -3.10 -15.30 -0.33
C ALA A 76 -3.23 -16.69 -0.87
N ALA A 77 -2.14 -17.29 -1.28
CA ALA A 77 -2.18 -18.62 -1.84
C ALA A 77 -0.86 -19.31 -1.66
N VAL A 78 -0.88 -20.62 -1.67
CA VAL A 78 0.34 -21.38 -1.58
C VAL A 78 0.82 -21.71 -2.98
N GLY A 79 1.73 -20.93 -3.44
CA GLY A 79 2.28 -21.09 -4.73
C GLY A 79 3.38 -20.10 -4.91
N ALA A 80 4.11 -20.23 -5.97
CA ALA A 80 5.22 -19.36 -6.25
C ALA A 80 4.75 -18.10 -6.93
N ILE A 81 5.65 -17.24 -7.32
CA ILE A 81 5.24 -16.04 -7.96
C ILE A 81 5.14 -16.36 -9.42
N THR A 82 3.98 -16.64 -9.89
CA THR A 82 3.81 -16.93 -11.25
C THR A 82 3.31 -15.70 -11.98
N GLU A 83 3.75 -15.59 -13.21
CA GLU A 83 3.39 -14.52 -14.12
C GLU A 83 1.89 -14.23 -14.15
N SER A 84 1.11 -15.27 -14.09
CA SER A 84 -0.32 -15.15 -14.21
C SER A 84 -0.99 -14.67 -12.90
N ASP A 85 -0.24 -14.68 -11.82
CA ASP A 85 -0.79 -14.29 -10.54
C ASP A 85 -0.43 -12.84 -10.28
N ILE A 86 0.65 -12.39 -10.93
CA ILE A 86 1.12 -11.01 -10.84
C ILE A 86 0.11 -10.03 -11.47
N SER A 87 -0.72 -10.54 -12.36
CA SER A 87 -1.83 -9.77 -12.92
C SER A 87 -2.67 -9.09 -11.78
N LEU A 88 -2.80 -9.78 -10.63
CA LEU A 88 -3.52 -9.25 -9.49
C LEU A 88 -2.77 -8.09 -8.84
N ALA A 89 -1.47 -8.16 -8.90
CA ALA A 89 -0.61 -7.18 -8.28
C ALA A 89 -0.90 -5.78 -8.80
N THR A 90 -0.72 -5.55 -10.07
CA THR A 90 -1.01 -4.24 -10.65
C THR A 90 -2.54 -3.90 -10.59
N ALA A 91 -3.38 -4.94 -10.53
CA ALA A 91 -4.84 -4.78 -10.49
C ALA A 91 -5.30 -4.11 -9.21
N SER A 92 -4.93 -4.68 -8.10
CA SER A 92 -5.37 -4.18 -6.80
C SER A 92 -4.33 -3.29 -6.18
N ASN A 93 -3.18 -3.20 -6.86
CA ASN A 93 -2.02 -2.40 -6.42
C ASN A 93 -1.36 -3.09 -5.26
N ALA A 94 -1.42 -4.40 -5.31
CA ALA A 94 -0.89 -5.25 -4.31
C ALA A 94 0.51 -5.67 -4.69
N ILE A 95 1.41 -5.61 -3.75
CA ILE A 95 2.77 -6.07 -4.00
C ILE A 95 2.89 -7.52 -3.55
N VAL A 96 3.66 -8.31 -4.26
CA VAL A 96 3.71 -9.73 -3.96
C VAL A 96 4.87 -10.05 -3.05
N ILE A 97 4.57 -10.58 -1.90
CA ILE A 97 5.57 -11.03 -1.00
C ILE A 97 5.53 -12.56 -0.89
N GLY A 98 6.62 -13.18 -1.29
CA GLY A 98 6.69 -14.61 -1.33
C GLY A 98 7.64 -15.17 -0.29
N PHE A 99 7.43 -16.40 0.05
CA PHE A 99 8.19 -17.04 1.10
C PHE A 99 8.66 -18.40 0.59
N ASN A 100 9.99 -18.53 0.38
CA ASN A 100 10.67 -19.78 -0.11
C ASN A 100 10.38 -20.13 -1.57
N VAL A 101 9.22 -19.76 -2.02
CA VAL A 101 8.74 -20.05 -3.36
C VAL A 101 9.57 -19.53 -4.55
N ARG A 102 9.82 -18.21 -4.60
CA ARG A 102 10.50 -17.52 -5.74
C ARG A 102 9.57 -17.38 -6.98
N PRO A 103 9.87 -16.44 -7.90
CA PRO A 103 9.09 -16.28 -9.14
C PRO A 103 9.59 -17.14 -10.27
N ASP A 104 8.81 -17.18 -11.32
CA ASP A 104 9.24 -17.81 -12.54
C ASP A 104 9.98 -16.75 -13.37
N ALA A 105 10.65 -17.18 -14.43
CA ALA A 105 11.50 -16.29 -15.22
C ALA A 105 10.75 -15.26 -16.06
N ASN A 106 9.47 -15.40 -16.15
CA ASN A 106 8.65 -14.44 -16.86
C ASN A 106 7.92 -13.61 -15.86
N ALA A 107 7.55 -14.20 -14.75
CA ALA A 107 6.92 -13.46 -13.66
C ALA A 107 7.82 -12.34 -13.18
N LYS A 108 9.10 -12.67 -13.03
CA LYS A 108 10.11 -11.71 -12.60
C LYS A 108 10.22 -10.49 -13.55
N ARG A 109 9.80 -10.70 -14.78
CA ARG A 109 9.81 -9.77 -15.80
C ARG A 109 8.48 -9.02 -15.85
N ALA A 110 7.41 -9.83 -15.86
CA ALA A 110 6.03 -9.39 -15.95
C ALA A 110 5.72 -8.38 -14.92
N ALA A 111 6.16 -8.66 -13.69
CA ALA A 111 5.94 -7.78 -12.54
C ALA A 111 6.31 -6.37 -12.85
N GLU A 112 7.45 -6.22 -13.41
CA GLU A 112 7.99 -4.93 -13.65
C GLU A 112 7.37 -4.27 -14.86
N SER A 113 6.96 -5.07 -15.78
CA SER A 113 6.28 -4.59 -16.97
C SER A 113 4.81 -4.30 -16.59
N GLU A 114 4.50 -4.62 -15.36
CA GLU A 114 3.21 -4.46 -14.79
C GLU A 114 3.19 -3.47 -13.71
N LYS A 115 4.27 -2.71 -13.60
CA LYS A 115 4.37 -1.63 -12.68
C LYS A 115 4.38 -2.05 -11.22
N VAL A 116 4.63 -3.31 -10.98
CA VAL A 116 4.70 -3.81 -9.64
C VAL A 116 6.06 -4.44 -9.39
N ASP A 117 6.34 -4.77 -8.17
CA ASP A 117 7.58 -5.44 -7.86
C ASP A 117 7.28 -6.56 -6.93
N ILE A 118 8.03 -7.60 -7.04
CA ILE A 118 7.84 -8.75 -6.24
C ILE A 118 8.98 -8.89 -5.26
N ARG A 119 8.66 -9.29 -4.06
CA ARG A 119 9.61 -9.40 -2.99
C ARG A 119 9.44 -10.76 -2.34
N LEU A 120 10.47 -11.54 -2.30
CA LEU A 120 10.37 -12.86 -1.74
C LEU A 120 11.62 -13.29 -1.04
N HIS A 121 11.55 -14.44 -0.37
CA HIS A 121 12.72 -15.07 0.28
C HIS A 121 13.17 -14.25 1.51
N ARG A 122 12.23 -13.49 2.05
CA ARG A 122 12.48 -12.55 3.16
C ARG A 122 12.96 -13.27 4.47
N ILE A 123 12.86 -14.59 4.53
CA ILE A 123 13.27 -15.34 5.73
C ILE A 123 14.83 -15.41 5.84
N ILE A 124 15.50 -14.77 4.88
CA ILE A 124 16.94 -14.63 4.92
C ILE A 124 17.29 -13.57 6.00
N TYR A 125 16.26 -12.81 6.38
CA TYR A 125 16.35 -11.85 7.46
C TYR A 125 16.40 -12.63 8.76
N ASN A 126 17.39 -12.35 9.53
CA ASN A 126 17.60 -13.01 10.81
C ASN A 126 18.03 -11.96 11.81
N VAL A 127 18.27 -12.37 13.04
CA VAL A 127 18.77 -11.44 14.05
C VAL A 127 20.27 -11.24 13.85
N ILE A 128 20.88 -12.16 13.12
CA ILE A 128 22.27 -12.04 12.77
C ILE A 128 22.46 -11.05 11.63
N GLU A 129 23.25 -10.05 11.88
CA GLU A 129 23.47 -9.00 10.94
C GLU A 129 24.96 -8.84 10.70
N GLU A 130 25.65 -8.31 11.67
CA GLU A 130 27.08 -8.10 11.59
C GLU A 130 27.79 -9.27 12.27
N ILE A 131 27.12 -9.82 13.26
CA ILE A 131 27.63 -10.93 14.02
C ILE A 131 27.28 -12.23 13.30
N GLU A 132 28.31 -12.93 12.81
CA GLU A 132 28.17 -14.23 12.16
C GLU A 132 27.26 -14.20 10.93
N ALA A 133 27.84 -13.78 9.82
CA ALA A 133 27.14 -13.62 8.55
C ALA A 133 26.77 -14.95 7.92
N ALA A 134 25.77 -14.92 7.05
CA ALA A 134 25.25 -16.11 6.41
C ALA A 134 25.82 -16.29 5.00
N MET A 135 26.47 -15.26 4.50
CA MET A 135 27.10 -15.30 3.20
C MET A 135 28.45 -14.63 3.30
N ASN A 1 -27.67 73.91 -11.16
CA ASN A 1 -27.79 74.64 -9.88
C ASN A 1 -28.41 73.73 -8.86
N GLU A 2 -28.01 73.91 -7.61
CA GLU A 2 -28.51 73.11 -6.48
C GLU A 2 -28.29 71.62 -6.69
N PHE A 3 -27.17 71.15 -6.19
CA PHE A 3 -26.72 69.78 -6.36
C PHE A 3 -27.60 68.83 -5.56
N GLU A 4 -28.12 69.29 -4.47
CA GLU A 4 -29.00 68.47 -3.67
C GLU A 4 -30.41 69.07 -3.53
N LEU A 5 -31.24 68.39 -2.77
CA LEU A 5 -32.68 68.71 -2.66
C LEU A 5 -32.96 69.91 -1.77
N GLY A 6 -31.96 70.34 -1.04
CA GLY A 6 -32.15 71.40 -0.11
C GLY A 6 -32.13 70.84 1.28
N THR A 7 -31.16 71.23 2.05
CA THR A 7 -31.06 70.75 3.39
C THR A 7 -31.98 71.48 4.34
N ARG A 8 -33.25 71.16 4.22
CA ARG A 8 -34.29 71.68 5.08
C ARG A 8 -34.38 70.80 6.33
N GLY A 9 -33.46 69.88 6.40
CA GLY A 9 -33.27 69.01 7.49
C GLY A 9 -31.85 68.54 7.45
N SER A 10 -31.15 68.63 8.54
CA SER A 10 -29.77 68.20 8.58
C SER A 10 -29.72 66.71 8.93
N SER A 11 -30.86 66.20 9.32
CA SER A 11 -31.03 64.80 9.69
C SER A 11 -31.27 63.90 8.46
N ARG A 12 -30.89 64.39 7.29
CA ARG A 12 -31.02 63.60 6.07
C ARG A 12 -29.65 63.43 5.42
N VAL A 13 -28.63 63.80 6.13
CA VAL A 13 -27.28 63.72 5.62
C VAL A 13 -26.69 62.38 6.00
N ASP A 14 -26.70 61.47 5.04
CA ASP A 14 -26.19 60.10 5.20
C ASP A 14 -27.07 59.27 6.10
N LEU A 15 -27.81 58.37 5.51
CA LEU A 15 -28.67 57.49 6.26
C LEU A 15 -28.07 56.10 6.25
N GLN A 16 -28.01 55.48 7.43
CA GLN A 16 -27.49 54.13 7.64
C GLN A 16 -25.96 54.09 7.53
N GLU A 17 -25.34 53.49 8.52
CA GLU A 17 -23.91 53.42 8.61
C GLU A 17 -23.39 52.35 7.60
N GLN A 18 -22.78 52.80 6.53
CA GLN A 18 -22.32 51.95 5.45
C GLN A 18 -20.89 51.41 5.68
N ARG A 19 -20.23 51.87 6.72
CA ARG A 19 -18.94 51.27 7.08
C ARG A 19 -19.24 49.95 7.80
N SER A 20 -20.43 49.92 8.37
CA SER A 20 -21.04 48.73 8.89
C SER A 20 -22.01 48.25 7.80
N VAL A 21 -21.41 47.89 6.69
CA VAL A 21 -22.11 47.61 5.45
C VAL A 21 -22.98 46.31 5.50
N LYS A 22 -23.00 45.64 6.64
CA LYS A 22 -23.84 44.45 6.82
C LYS A 22 -25.30 44.75 6.48
N THR A 23 -25.78 45.87 6.94
CA THR A 23 -27.14 46.27 6.73
C THR A 23 -27.26 47.27 5.57
N ARG A 24 -26.21 47.35 4.77
CA ARG A 24 -26.22 48.17 3.57
C ARG A 24 -26.03 47.28 2.35
N VAL A 25 -26.08 45.96 2.63
CA VAL A 25 -25.98 44.90 1.64
C VAL A 25 -24.58 44.77 1.07
N SER A 26 -23.89 43.77 1.52
CA SER A 26 -22.58 43.46 1.07
C SER A 26 -22.36 42.00 1.41
N LEU A 27 -21.36 41.40 0.85
CA LEU A 27 -21.04 40.02 1.10
C LEU A 27 -19.60 39.95 1.57
N ASP A 28 -19.13 38.75 1.81
CA ASP A 28 -17.75 38.52 2.18
C ASP A 28 -17.25 37.36 1.35
N ASP A 29 -15.96 37.31 1.14
CA ASP A 29 -15.38 36.32 0.22
C ASP A 29 -15.28 34.95 0.86
N LEU A 30 -15.76 33.95 0.15
CA LEU A 30 -15.84 32.61 0.67
C LEU A 30 -14.66 31.78 0.14
N PHE A 31 -14.28 30.76 0.88
CA PHE A 31 -13.22 29.85 0.49
C PHE A 31 -13.89 28.53 0.12
N GLU A 32 -13.45 27.90 -0.93
CA GLU A 32 -14.02 26.61 -1.25
C GLU A 32 -13.16 25.53 -0.66
N GLN A 33 -13.68 24.82 0.29
CA GLN A 33 -12.93 23.76 0.88
C GLN A 33 -13.31 22.48 0.21
N ILE A 34 -12.63 22.18 -0.83
CA ILE A 34 -12.88 20.98 -1.57
C ILE A 34 -11.74 20.00 -1.33
N LYS A 35 -11.90 19.17 -0.33
CA LYS A 35 -10.90 18.20 0.01
C LYS A 35 -11.12 16.98 -0.84
N GLN A 36 -10.48 16.99 -1.97
CA GLN A 36 -10.62 15.95 -2.95
C GLN A 36 -9.30 15.22 -3.12
N GLY A 37 -9.34 14.13 -3.82
CA GLY A 37 -8.16 13.36 -4.07
C GLY A 37 -8.01 12.23 -3.10
N GLU A 38 -7.82 11.04 -3.61
CA GLU A 38 -7.62 9.87 -2.79
C GLU A 38 -6.51 9.04 -3.39
N MET A 39 -5.33 9.18 -2.83
CA MET A 39 -4.17 8.48 -3.35
C MET A 39 -3.69 7.41 -2.39
N LYS A 40 -4.44 7.17 -1.33
CA LYS A 40 -4.02 6.19 -0.36
C LYS A 40 -4.32 4.78 -0.86
N GLU A 41 -3.32 4.18 -1.44
CA GLU A 41 -3.41 2.84 -1.94
C GLU A 41 -2.81 1.91 -0.90
N LEU A 42 -3.61 1.01 -0.39
CA LEU A 42 -3.19 0.12 0.65
C LEU A 42 -3.72 -1.30 0.36
N ASN A 43 -2.92 -2.10 -0.31
CA ASN A 43 -3.33 -3.45 -0.70
C ASN A 43 -2.12 -4.35 -0.70
N LEU A 44 -2.29 -5.58 -0.28
CA LEU A 44 -1.21 -6.55 -0.30
C LEU A 44 -1.67 -7.94 -0.71
N ILE A 45 -0.70 -8.71 -1.13
CA ILE A 45 -0.86 -10.09 -1.54
C ILE A 45 0.22 -10.89 -0.84
N VAL A 46 -0.14 -11.99 -0.28
CA VAL A 46 0.77 -12.81 0.48
C VAL A 46 1.02 -14.15 -0.23
N LYS A 47 2.27 -14.58 -0.22
CA LYS A 47 2.68 -15.88 -0.71
C LYS A 47 3.67 -16.48 0.24
N ALA A 48 3.84 -17.79 0.16
CA ALA A 48 4.78 -18.50 0.97
C ALA A 48 4.90 -19.90 0.43
N ASP A 49 5.84 -20.65 0.94
CA ASP A 49 6.08 -22.01 0.54
C ASP A 49 5.10 -22.91 1.29
N VAL A 50 4.86 -22.55 2.53
CA VAL A 50 3.90 -23.22 3.36
C VAL A 50 2.60 -22.45 3.32
N GLN A 51 1.50 -23.14 3.04
CA GLN A 51 0.19 -22.48 2.90
C GLN A 51 -0.22 -21.72 4.13
N GLY A 52 -0.08 -22.29 5.27
CA GLY A 52 -0.52 -21.59 6.44
C GLY A 52 0.38 -20.46 6.86
N SER A 53 1.47 -20.26 6.14
CA SER A 53 2.32 -19.17 6.42
C SER A 53 1.74 -17.99 5.66
N VAL A 54 0.90 -18.30 4.69
CA VAL A 54 0.20 -17.28 3.99
C VAL A 54 -1.00 -16.90 4.82
N GLU A 55 -1.69 -17.92 5.29
CA GLU A 55 -2.90 -17.79 6.08
C GLU A 55 -2.63 -17.02 7.38
N ALA A 56 -1.57 -17.40 8.08
CA ALA A 56 -1.19 -16.74 9.32
C ALA A 56 -0.82 -15.29 9.11
N LEU A 57 -0.22 -14.98 7.96
CA LEU A 57 0.17 -13.63 7.67
C LEU A 57 -1.07 -12.83 7.27
N VAL A 58 -1.96 -13.47 6.53
CA VAL A 58 -3.24 -12.86 6.13
C VAL A 58 -4.07 -12.47 7.35
N ALA A 59 -4.08 -13.33 8.33
CA ALA A 59 -4.81 -13.07 9.57
C ALA A 59 -4.24 -11.87 10.33
N ALA A 60 -2.98 -11.60 10.11
CA ALA A 60 -2.31 -10.51 10.78
C ALA A 60 -2.41 -9.28 9.93
N LEU A 61 -2.57 -9.50 8.66
CA LEU A 61 -2.59 -8.46 7.70
C LEU A 61 -4.00 -7.87 7.57
N GLN A 62 -5.00 -8.67 7.82
CA GLN A 62 -6.36 -8.18 7.74
C GLN A 62 -6.73 -7.38 9.00
N LYS A 63 -5.91 -7.51 10.03
CA LYS A 63 -6.13 -6.76 11.24
C LYS A 63 -5.30 -5.47 11.25
N ILE A 64 -4.61 -5.19 10.14
CA ILE A 64 -3.78 -3.99 10.02
C ILE A 64 -4.68 -2.75 9.84
N ASP A 65 -5.27 -2.37 10.93
CA ASP A 65 -6.12 -1.21 11.05
C ASP A 65 -5.88 -0.70 12.43
N VAL A 66 -5.93 -1.62 13.37
CA VAL A 66 -5.49 -1.36 14.71
C VAL A 66 -3.99 -1.75 14.78
N GLU A 67 -3.19 -0.81 14.36
CA GLU A 67 -1.77 -0.96 14.23
C GLU A 67 -1.26 0.47 13.98
N GLY A 68 0.00 0.63 13.66
CA GLY A 68 0.52 1.94 13.39
C GLY A 68 0.10 2.41 12.03
N VAL A 69 0.00 1.49 11.13
CA VAL A 69 -0.43 1.77 9.78
C VAL A 69 -1.68 0.91 9.53
N ARG A 70 -2.44 1.24 8.52
CA ARG A 70 -3.57 0.45 8.19
C ARG A 70 -3.46 0.03 6.72
N VAL A 71 -3.65 -1.27 6.46
CA VAL A 71 -3.54 -1.88 5.14
C VAL A 71 -4.44 -3.12 5.17
N LYS A 72 -4.64 -3.78 4.05
CA LYS A 72 -5.39 -5.00 4.03
C LYS A 72 -4.89 -5.87 2.88
N ILE A 73 -5.11 -7.15 2.99
CA ILE A 73 -4.76 -8.09 1.97
C ILE A 73 -5.92 -8.33 1.04
N ILE A 74 -5.60 -8.71 -0.16
CA ILE A 74 -6.61 -9.03 -1.14
C ILE A 74 -6.58 -10.50 -1.45
N HIS A 75 -5.39 -11.01 -1.54
CA HIS A 75 -5.21 -12.29 -2.11
C HIS A 75 -4.07 -13.00 -1.40
N ALA A 76 -4.27 -14.24 -1.15
CA ALA A 76 -3.31 -15.09 -0.54
C ALA A 76 -3.13 -16.26 -1.44
N ALA A 77 -1.91 -16.63 -1.68
CA ALA A 77 -1.64 -17.72 -2.56
C ALA A 77 -0.46 -18.50 -2.07
N VAL A 78 -0.59 -19.79 -2.00
CA VAL A 78 0.50 -20.60 -1.63
C VAL A 78 1.17 -21.08 -2.90
N GLY A 79 2.15 -20.36 -3.29
CA GLY A 79 2.81 -20.64 -4.48
C GLY A 79 3.93 -19.71 -4.66
N ALA A 80 4.66 -19.90 -5.68
CA ALA A 80 5.71 -19.03 -6.03
C ALA A 80 5.13 -17.84 -6.77
N ILE A 81 5.94 -16.88 -7.11
CA ILE A 81 5.44 -15.75 -7.83
C ILE A 81 5.26 -16.15 -9.26
N THR A 82 4.04 -16.32 -9.63
CA THR A 82 3.70 -16.69 -10.94
C THR A 82 3.14 -15.48 -11.67
N GLU A 83 3.23 -15.53 -12.97
CA GLU A 83 2.75 -14.48 -13.84
C GLU A 83 1.23 -14.29 -13.67
N SER A 84 0.56 -15.38 -13.38
CA SER A 84 -0.87 -15.40 -13.19
C SER A 84 -1.29 -14.67 -11.91
N ASP A 85 -0.39 -14.54 -10.97
CA ASP A 85 -0.77 -13.88 -9.76
C ASP A 85 -0.34 -12.41 -9.80
N ILE A 86 0.72 -12.15 -10.58
CA ILE A 86 1.19 -10.77 -10.84
C ILE A 86 0.09 -9.95 -11.48
N SER A 87 -0.78 -10.64 -12.17
CA SER A 87 -1.98 -10.08 -12.74
C SER A 87 -2.80 -9.27 -11.68
N LEU A 88 -2.78 -9.71 -10.41
CA LEU A 88 -3.44 -8.99 -9.34
C LEU A 88 -2.54 -7.85 -8.85
N ALA A 89 -1.26 -8.11 -8.86
CA ALA A 89 -0.26 -7.20 -8.34
C ALA A 89 -0.37 -5.81 -8.97
N THR A 90 -0.26 -5.70 -10.28
CA THR A 90 -0.34 -4.37 -10.90
C THR A 90 -1.81 -3.91 -11.02
N ALA A 91 -2.72 -4.83 -10.78
CA ALA A 91 -4.13 -4.56 -10.89
C ALA A 91 -4.62 -3.70 -9.75
N SER A 92 -4.28 -4.08 -8.56
CA SER A 92 -4.69 -3.31 -7.41
C SER A 92 -3.51 -2.53 -6.83
N ASN A 93 -2.33 -2.72 -7.43
CA ASN A 93 -1.07 -2.09 -6.97
C ASN A 93 -0.61 -2.71 -5.67
N ALA A 94 -0.86 -3.99 -5.56
CA ALA A 94 -0.42 -4.75 -4.44
C ALA A 94 0.90 -5.39 -4.80
N ILE A 95 1.87 -5.24 -3.96
CA ILE A 95 3.18 -5.80 -4.22
C ILE A 95 3.29 -7.17 -3.57
N VAL A 96 3.98 -8.07 -4.23
CA VAL A 96 4.05 -9.43 -3.78
C VAL A 96 5.35 -9.70 -3.08
N ILE A 97 5.26 -10.32 -1.94
CA ILE A 97 6.43 -10.76 -1.24
C ILE A 97 6.42 -12.30 -1.25
N GLY A 98 7.57 -12.89 -1.47
CA GLY A 98 7.67 -14.32 -1.54
C GLY A 98 8.82 -14.82 -0.72
N PHE A 99 8.65 -15.98 -0.15
CA PHE A 99 9.65 -16.51 0.75
C PHE A 99 10.08 -17.86 0.26
N ASN A 100 11.36 -17.97 -0.14
CA ASN A 100 11.98 -19.25 -0.65
C ASN A 100 11.46 -19.66 -2.03
N VAL A 101 10.21 -19.43 -2.27
CA VAL A 101 9.50 -19.76 -3.48
C VAL A 101 10.06 -19.06 -4.70
N ARG A 102 10.21 -17.72 -4.62
CA ARG A 102 10.77 -16.91 -5.71
C ARG A 102 9.80 -16.88 -6.92
N PRO A 103 10.10 -16.18 -8.03
CA PRO A 103 9.20 -16.19 -9.16
C PRO A 103 9.55 -17.19 -10.21
N ASP A 104 8.72 -17.23 -11.20
CA ASP A 104 8.99 -17.96 -12.40
C ASP A 104 9.76 -17.01 -13.31
N ALA A 105 10.53 -17.54 -14.22
CA ALA A 105 11.33 -16.75 -15.14
C ALA A 105 10.47 -15.80 -15.98
N ASN A 106 9.25 -16.21 -16.24
CA ASN A 106 8.29 -15.40 -17.00
C ASN A 106 7.62 -14.41 -16.06
N ALA A 107 7.39 -14.83 -14.84
CA ALA A 107 6.79 -13.96 -13.85
C ALA A 107 7.68 -12.78 -13.52
N LYS A 108 8.98 -13.00 -13.35
CA LYS A 108 9.92 -11.90 -13.04
C LYS A 108 9.91 -10.86 -14.20
N ARG A 109 9.61 -11.33 -15.42
CA ARG A 109 9.53 -10.55 -16.56
C ARG A 109 8.25 -9.74 -16.51
N ALA A 110 7.15 -10.47 -16.31
CA ALA A 110 5.81 -9.93 -16.24
C ALA A 110 5.76 -8.85 -15.22
N ALA A 111 6.23 -9.16 -14.02
CA ALA A 111 6.20 -8.25 -12.87
C ALA A 111 6.77 -6.90 -13.19
N GLU A 112 7.91 -6.91 -13.81
CA GLU A 112 8.61 -5.72 -14.02
C GLU A 112 8.08 -4.96 -15.22
N SER A 113 7.49 -5.68 -16.12
CA SER A 113 6.86 -5.09 -17.26
C SER A 113 5.42 -4.73 -16.88
N GLU A 114 5.13 -4.93 -15.62
CA GLU A 114 3.88 -4.68 -15.02
C GLU A 114 3.96 -3.75 -13.89
N LYS A 115 5.06 -3.03 -13.79
CA LYS A 115 5.20 -2.00 -12.82
C LYS A 115 5.22 -2.49 -11.37
N VAL A 116 5.29 -3.79 -11.17
CA VAL A 116 5.25 -4.34 -9.84
C VAL A 116 6.53 -5.01 -9.45
N ASP A 117 7.07 -4.58 -8.35
CA ASP A 117 8.30 -5.14 -7.85
C ASP A 117 7.98 -6.22 -6.86
N ILE A 118 8.44 -7.41 -7.15
CA ILE A 118 8.20 -8.51 -6.25
C ILE A 118 9.39 -8.65 -5.30
N ARG A 119 9.09 -8.78 -4.04
CA ARG A 119 10.11 -8.85 -3.02
C ARG A 119 10.33 -10.29 -2.61
N LEU A 120 11.52 -10.77 -2.81
CA LEU A 120 11.83 -12.13 -2.50
C LEU A 120 12.82 -12.22 -1.41
N HIS A 121 13.04 -13.43 -0.98
CA HIS A 121 14.04 -13.68 -0.01
C HIS A 121 15.40 -13.68 -0.70
N ARG A 122 16.12 -12.62 -0.50
CA ARG A 122 17.42 -12.49 -1.07
C ARG A 122 18.49 -12.92 -0.08
N ILE A 123 19.75 -12.64 -0.40
CA ILE A 123 20.94 -13.08 0.37
C ILE A 123 21.24 -14.55 0.03
N ILE A 124 20.17 -15.34 -0.12
CA ILE A 124 20.17 -16.72 -0.64
C ILE A 124 20.82 -17.74 0.32
N TYR A 125 22.01 -17.47 0.77
CA TYR A 125 22.77 -18.41 1.63
C TYR A 125 22.28 -18.35 3.08
N ASN A 126 21.31 -17.47 3.32
CA ASN A 126 20.75 -17.17 4.64
C ASN A 126 21.77 -16.36 5.43
N VAL A 127 22.77 -17.04 5.99
CA VAL A 127 23.87 -16.37 6.67
C VAL A 127 25.18 -17.13 6.39
N ILE A 128 25.75 -16.85 5.25
CA ILE A 128 27.04 -17.39 4.87
C ILE A 128 27.78 -16.27 4.15
N GLU A 129 28.38 -15.41 4.96
CA GLU A 129 29.12 -14.23 4.53
C GLU A 129 28.27 -13.31 3.65
N GLU A 130 27.56 -12.42 4.31
CA GLU A 130 26.67 -11.47 3.64
C GLU A 130 27.43 -10.64 2.62
N ILE A 131 27.01 -10.78 1.36
CA ILE A 131 27.62 -10.08 0.25
C ILE A 131 27.52 -8.55 0.33
N GLU A 132 28.54 -7.98 0.90
CA GLU A 132 28.73 -6.57 1.10
C GLU A 132 30.12 -6.47 1.72
N ALA A 133 30.69 -5.31 1.83
CA ALA A 133 32.01 -5.16 2.42
C ALA A 133 31.89 -4.74 3.87
N ALA A 134 30.65 -4.66 4.34
CA ALA A 134 30.28 -4.26 5.69
C ALA A 134 30.64 -2.81 5.95
N MET A 135 29.64 -1.95 5.80
CA MET A 135 29.73 -0.51 6.02
C MET A 135 30.53 0.14 4.92
N ASN A 1 -8.91 71.01 30.64
CA ASN A 1 -7.60 71.43 30.18
C ASN A 1 -7.10 70.48 29.15
N GLU A 2 -6.10 70.92 28.38
CA GLU A 2 -5.42 70.15 27.34
C GLU A 2 -6.30 69.95 26.11
N PHE A 3 -5.66 69.77 24.98
CA PHE A 3 -6.31 69.54 23.72
C PHE A 3 -5.54 68.45 23.04
N GLU A 4 -5.96 68.02 21.87
CA GLU A 4 -5.27 66.97 21.19
C GLU A 4 -4.01 67.48 20.49
N LEU A 5 -3.00 67.68 21.29
CA LEU A 5 -1.70 68.09 20.84
C LEU A 5 -0.72 67.04 21.29
N GLY A 6 -1.27 65.92 21.72
CA GLY A 6 -0.51 64.87 22.29
C GLY A 6 0.05 63.94 21.26
N THR A 7 1.20 64.26 20.75
CA THR A 7 1.85 63.41 19.83
C THR A 7 2.75 62.45 20.61
N ARG A 8 2.44 61.20 20.52
CA ARG A 8 3.18 60.20 21.24
C ARG A 8 3.51 59.07 20.28
N GLY A 9 4.77 58.79 20.13
CA GLY A 9 5.20 57.82 19.17
C GLY A 9 5.36 56.45 19.75
N SER A 10 4.35 55.96 20.42
CA SER A 10 4.36 54.62 20.97
C SER A 10 4.40 53.59 19.84
N SER A 11 3.67 53.89 18.79
CA SER A 11 3.46 53.03 17.67
C SER A 11 4.61 53.05 16.64
N ARG A 12 5.76 53.56 17.02
CA ARG A 12 6.92 53.49 16.14
C ARG A 12 7.79 52.33 16.59
N VAL A 13 7.41 51.77 17.72
CA VAL A 13 8.07 50.63 18.26
C VAL A 13 7.30 49.41 17.79
N ASP A 14 8.02 48.38 17.40
CA ASP A 14 7.49 47.14 16.86
C ASP A 14 6.84 47.42 15.52
N LEU A 15 7.68 47.56 14.53
CA LEU A 15 7.24 47.81 13.20
C LEU A 15 7.41 46.57 12.37
N GLN A 16 6.48 45.67 12.51
CA GLN A 16 6.49 44.47 11.71
C GLN A 16 5.72 44.73 10.42
N GLU A 17 4.69 45.53 10.54
CA GLU A 17 3.92 46.00 9.40
C GLU A 17 3.18 47.27 9.81
N GLN A 18 2.02 47.11 10.45
CA GLN A 18 1.16 48.21 10.94
C GLN A 18 0.57 49.15 9.84
N ARG A 19 1.39 49.54 8.89
CA ARG A 19 1.11 50.55 7.85
C ARG A 19 -0.29 50.53 7.24
N SER A 20 -0.68 49.43 6.65
CA SER A 20 -1.98 49.37 6.00
C SER A 20 -3.08 48.92 6.95
N VAL A 21 -2.69 48.68 8.23
CA VAL A 21 -3.52 48.14 9.35
C VAL A 21 -4.21 46.78 9.07
N LYS A 22 -4.10 46.33 7.82
CA LYS A 22 -4.70 45.12 7.30
C LYS A 22 -4.33 43.92 8.15
N THR A 23 -3.07 43.58 8.16
CA THR A 23 -2.57 42.44 8.88
C THR A 23 -2.26 42.77 10.33
N ARG A 24 -2.51 44.01 10.69
CA ARG A 24 -2.29 44.46 12.04
C ARG A 24 -3.49 44.13 12.90
N VAL A 25 -4.66 44.33 12.35
CA VAL A 25 -5.87 44.10 13.10
C VAL A 25 -6.46 42.73 12.79
N SER A 26 -6.48 42.37 11.54
CA SER A 26 -7.10 41.13 11.13
C SER A 26 -6.13 40.30 10.29
N LEU A 27 -6.51 39.07 10.02
CA LEU A 27 -5.75 38.21 9.15
C LEU A 27 -6.66 37.81 8.03
N ASP A 28 -6.32 38.19 6.82
CA ASP A 28 -7.16 37.88 5.68
C ASP A 28 -7.00 36.47 5.19
N ASP A 29 -7.40 35.54 6.01
CA ASP A 29 -7.42 34.12 5.70
C ASP A 29 -8.10 33.40 6.82
N LEU A 30 -9.30 32.93 6.55
CA LEU A 30 -10.09 32.23 7.55
C LEU A 30 -9.45 30.91 7.92
N PHE A 31 -9.42 30.63 9.19
CA PHE A 31 -8.84 29.42 9.69
C PHE A 31 -9.75 28.24 9.38
N GLU A 32 -9.21 27.24 8.74
CA GLU A 32 -9.99 26.11 8.34
C GLU A 32 -10.06 25.11 9.48
N GLN A 33 -11.25 24.78 9.87
CA GLN A 33 -11.47 23.87 10.96
C GLN A 33 -11.70 22.45 10.42
N ILE A 34 -12.19 22.35 9.19
CA ILE A 34 -12.51 21.05 8.63
C ILE A 34 -11.79 20.82 7.30
N LYS A 35 -10.77 20.01 7.33
CA LYS A 35 -10.05 19.62 6.14
C LYS A 35 -9.74 18.14 6.21
N GLN A 36 -10.45 17.37 5.44
CA GLN A 36 -10.28 15.94 5.41
C GLN A 36 -9.32 15.58 4.29
N GLY A 37 -8.36 14.73 4.57
CA GLY A 37 -7.40 14.35 3.58
C GLY A 37 -7.73 13.03 2.92
N GLU A 38 -6.91 12.64 1.98
CA GLU A 38 -7.08 11.39 1.27
C GLU A 38 -6.28 10.32 1.99
N MET A 39 -6.90 9.24 2.34
CA MET A 39 -6.19 8.20 3.08
C MET A 39 -5.97 6.96 2.21
N LYS A 40 -4.71 6.56 2.12
CA LYS A 40 -4.32 5.44 1.28
C LYS A 40 -4.64 4.09 1.93
N GLU A 41 -4.84 3.12 1.08
CA GLU A 41 -4.94 1.75 1.47
C GLU A 41 -3.75 1.06 0.85
N LEU A 42 -2.88 0.53 1.65
CA LEU A 42 -1.70 -0.09 1.16
C LEU A 42 -2.00 -1.56 1.02
N ASN A 43 -1.99 -2.02 -0.18
CA ASN A 43 -2.34 -3.38 -0.45
C ASN A 43 -1.12 -4.21 -0.76
N LEU A 44 -1.18 -5.48 -0.42
CA LEU A 44 -0.11 -6.41 -0.72
C LEU A 44 -0.65 -7.83 -0.85
N ILE A 45 0.13 -8.69 -1.46
CA ILE A 45 -0.21 -10.07 -1.65
C ILE A 45 0.78 -10.97 -0.93
N VAL A 46 0.24 -11.97 -0.26
CA VAL A 46 1.04 -12.85 0.55
C VAL A 46 1.29 -14.18 -0.17
N LYS A 47 2.55 -14.54 -0.23
CA LYS A 47 3.03 -15.71 -0.93
C LYS A 47 4.02 -16.47 -0.06
N ALA A 48 3.90 -17.76 -0.02
CA ALA A 48 4.80 -18.61 0.72
C ALA A 48 4.68 -20.03 0.19
N ASP A 49 5.63 -20.89 0.53
CA ASP A 49 5.59 -22.29 0.08
C ASP A 49 4.81 -23.11 1.09
N VAL A 50 4.58 -22.52 2.24
CA VAL A 50 3.78 -23.09 3.28
C VAL A 50 2.49 -22.29 3.30
N GLN A 51 1.37 -22.96 3.15
CA GLN A 51 0.10 -22.27 3.06
C GLN A 51 -0.22 -21.53 4.34
N GLY A 52 0.03 -22.09 5.46
CA GLY A 52 -0.35 -21.41 6.65
C GLY A 52 0.55 -20.26 7.06
N SER A 53 1.53 -19.96 6.23
CA SER A 53 2.34 -18.81 6.45
C SER A 53 1.61 -17.66 5.79
N VAL A 54 0.89 -18.01 4.72
CA VAL A 54 0.10 -17.04 4.04
C VAL A 54 -1.16 -16.77 4.85
N GLU A 55 -1.77 -17.86 5.34
CA GLU A 55 -3.01 -17.82 6.13
C GLU A 55 -2.88 -16.91 7.33
N ALA A 56 -1.81 -17.13 8.10
CA ALA A 56 -1.56 -16.40 9.32
C ALA A 56 -1.29 -14.95 9.05
N LEU A 57 -0.51 -14.69 8.02
CA LEU A 57 -0.14 -13.34 7.69
C LEU A 57 -1.35 -12.58 7.19
N VAL A 58 -2.18 -13.23 6.36
CA VAL A 58 -3.44 -12.64 5.87
C VAL A 58 -4.33 -12.25 7.03
N ALA A 59 -4.43 -13.12 8.00
CA ALA A 59 -5.30 -12.89 9.15
C ALA A 59 -4.85 -11.70 9.99
N ALA A 60 -3.59 -11.35 9.89
CA ALA A 60 -3.08 -10.23 10.65
C ALA A 60 -3.08 -9.01 9.78
N LEU A 61 -3.04 -9.25 8.52
CA LEU A 61 -2.96 -8.23 7.52
C LEU A 61 -4.34 -7.62 7.25
N GLN A 62 -5.36 -8.48 7.27
CA GLN A 62 -6.74 -8.04 7.05
C GLN A 62 -7.21 -7.15 8.19
N LYS A 63 -6.56 -7.25 9.32
CA LYS A 63 -6.93 -6.48 10.48
C LYS A 63 -6.06 -5.23 10.64
N ILE A 64 -5.19 -4.94 9.68
CA ILE A 64 -4.34 -3.75 9.77
C ILE A 64 -5.15 -2.47 9.49
N ASP A 65 -5.87 -2.06 10.49
CA ASP A 65 -6.67 -0.85 10.48
C ASP A 65 -6.44 -0.14 11.81
N VAL A 66 -5.45 -0.64 12.52
CA VAL A 66 -5.11 -0.23 13.89
C VAL A 66 -4.45 1.18 13.94
N GLU A 67 -4.10 1.70 12.82
CA GLU A 67 -3.43 2.98 12.76
C GLU A 67 -3.99 3.81 11.61
N GLY A 68 -3.33 4.94 11.32
CA GLY A 68 -3.78 5.81 10.25
C GLY A 68 -3.44 5.26 8.88
N VAL A 69 -2.49 4.36 8.83
CA VAL A 69 -2.12 3.72 7.61
C VAL A 69 -2.89 2.42 7.51
N ARG A 70 -3.70 2.30 6.48
CA ARG A 70 -4.53 1.13 6.31
C ARG A 70 -3.80 0.19 5.38
N VAL A 71 -3.59 -1.01 5.81
CA VAL A 71 -2.89 -2.00 5.00
C VAL A 71 -3.79 -3.21 4.86
N LYS A 72 -3.90 -3.75 3.66
CA LYS A 72 -4.78 -4.86 3.44
C LYS A 72 -4.22 -5.81 2.38
N ILE A 73 -4.63 -7.04 2.49
CA ILE A 73 -4.31 -8.07 1.53
C ILE A 73 -5.44 -8.21 0.52
N ILE A 74 -5.21 -8.96 -0.53
CA ILE A 74 -6.29 -9.29 -1.46
C ILE A 74 -6.21 -10.77 -1.82
N HIS A 75 -5.00 -11.30 -1.84
CA HIS A 75 -4.78 -12.59 -2.39
C HIS A 75 -3.59 -13.25 -1.71
N ALA A 76 -3.79 -14.47 -1.34
CA ALA A 76 -2.81 -15.31 -0.71
C ALA A 76 -2.70 -16.54 -1.55
N ALA A 77 -1.52 -17.05 -1.72
CA ALA A 77 -1.34 -18.23 -2.50
C ALA A 77 -0.16 -19.00 -2.02
N VAL A 78 -0.33 -20.29 -1.91
CA VAL A 78 0.77 -21.13 -1.53
C VAL A 78 1.42 -21.64 -2.81
N GLY A 79 2.38 -20.89 -3.22
CA GLY A 79 3.09 -21.16 -4.42
C GLY A 79 4.13 -20.13 -4.59
N ALA A 80 4.93 -20.28 -5.59
CA ALA A 80 5.92 -19.29 -5.92
C ALA A 80 5.27 -18.18 -6.73
N ILE A 81 6.03 -17.19 -7.13
CA ILE A 81 5.46 -16.09 -7.87
C ILE A 81 5.34 -16.45 -9.36
N THR A 82 4.12 -16.44 -9.86
CA THR A 82 3.84 -16.73 -11.23
C THR A 82 3.17 -15.51 -11.91
N GLU A 83 3.22 -15.46 -13.25
CA GLU A 83 2.76 -14.30 -14.02
C GLU A 83 1.32 -13.90 -13.70
N SER A 84 0.42 -14.86 -13.73
CA SER A 84 -1.00 -14.64 -13.51
C SER A 84 -1.29 -14.19 -12.07
N ASP A 85 -0.36 -14.45 -11.19
CA ASP A 85 -0.52 -14.12 -9.79
C ASP A 85 -0.07 -12.68 -9.59
N ILE A 86 0.90 -12.26 -10.41
CA ILE A 86 1.40 -10.88 -10.42
C ILE A 86 0.39 -9.93 -11.05
N SER A 87 -0.46 -10.47 -11.89
CA SER A 87 -1.53 -9.70 -12.48
C SER A 87 -2.43 -9.04 -11.41
N LEU A 88 -2.47 -9.62 -10.21
CA LEU A 88 -3.20 -9.02 -9.11
C LEU A 88 -2.40 -7.84 -8.54
N ALA A 89 -1.11 -7.99 -8.55
CA ALA A 89 -0.20 -7.01 -7.99
C ALA A 89 -0.40 -5.64 -8.62
N THR A 90 -0.30 -5.55 -9.92
CA THR A 90 -0.49 -4.27 -10.59
C THR A 90 -1.98 -3.84 -10.56
N ALA A 91 -2.89 -4.84 -10.46
CA ALA A 91 -4.32 -4.59 -10.43
C ALA A 91 -4.75 -3.84 -9.18
N SER A 92 -4.54 -4.45 -8.04
CA SER A 92 -4.96 -3.85 -6.78
C SER A 92 -3.85 -3.02 -6.16
N ASN A 93 -2.72 -2.90 -6.89
CA ASN A 93 -1.56 -2.08 -6.46
C ASN A 93 -0.88 -2.73 -5.29
N ALA A 94 -0.96 -4.03 -5.26
CA ALA A 94 -0.43 -4.83 -4.22
C ALA A 94 0.96 -5.27 -4.57
N ILE A 95 1.85 -5.26 -3.63
CA ILE A 95 3.20 -5.73 -3.86
C ILE A 95 3.26 -7.19 -3.42
N VAL A 96 4.01 -7.99 -4.14
CA VAL A 96 4.07 -9.41 -3.88
C VAL A 96 5.25 -9.70 -2.98
N ILE A 97 4.98 -10.22 -1.81
CA ILE A 97 6.01 -10.63 -0.91
C ILE A 97 5.95 -12.13 -0.70
N GLY A 98 7.00 -12.78 -1.11
CA GLY A 98 7.06 -14.20 -1.03
C GLY A 98 8.10 -14.65 -0.04
N PHE A 99 8.05 -15.91 0.31
CA PHE A 99 8.98 -16.44 1.29
C PHE A 99 9.56 -17.74 0.80
N ASN A 100 10.86 -17.72 0.50
CA ASN A 100 11.65 -18.90 0.03
C ASN A 100 11.12 -19.49 -1.29
N VAL A 101 10.30 -18.75 -1.98
CA VAL A 101 9.64 -19.27 -3.17
C VAL A 101 10.28 -18.94 -4.50
N ARG A 102 10.56 -17.65 -4.71
CA ARG A 102 11.10 -17.11 -5.99
C ARG A 102 10.00 -17.03 -7.08
N PRO A 103 10.24 -16.27 -8.16
CA PRO A 103 9.32 -16.23 -9.28
C PRO A 103 9.73 -17.16 -10.41
N ASP A 104 8.79 -17.35 -11.28
CA ASP A 104 9.02 -18.02 -12.55
C ASP A 104 9.81 -17.03 -13.40
N ALA A 105 10.61 -17.52 -14.31
CA ALA A 105 11.42 -16.65 -15.14
C ALA A 105 10.56 -15.75 -16.02
N ASN A 106 9.35 -16.17 -16.30
CA ASN A 106 8.47 -15.33 -17.08
C ASN A 106 7.70 -14.41 -16.17
N ALA A 107 7.50 -14.83 -14.93
CA ALA A 107 6.79 -14.00 -13.94
C ALA A 107 7.63 -12.80 -13.60
N LYS A 108 8.91 -13.03 -13.39
CA LYS A 108 9.84 -11.97 -13.06
C LYS A 108 9.93 -10.93 -14.22
N ARG A 109 9.55 -11.36 -15.43
CA ARG A 109 9.49 -10.57 -16.56
C ARG A 109 8.16 -9.83 -16.59
N ALA A 110 7.09 -10.60 -16.42
CA ALA A 110 5.73 -10.13 -16.42
C ALA A 110 5.57 -8.99 -15.46
N ALA A 111 6.08 -9.19 -14.25
CA ALA A 111 6.04 -8.21 -13.17
C ALA A 111 6.55 -6.86 -13.59
N GLU A 112 7.53 -6.88 -14.43
CA GLU A 112 8.18 -5.69 -14.85
C GLU A 112 7.36 -4.98 -15.90
N SER A 113 6.77 -5.75 -16.78
CA SER A 113 5.86 -5.23 -17.78
C SER A 113 4.56 -4.83 -17.09
N GLU A 114 4.45 -5.22 -15.83
CA GLU A 114 3.31 -5.01 -15.01
C GLU A 114 3.50 -3.97 -14.00
N LYS A 115 4.59 -3.24 -14.06
CA LYS A 115 4.80 -2.09 -13.21
C LYS A 115 4.96 -2.43 -11.71
N VAL A 116 5.05 -3.68 -11.36
CA VAL A 116 5.14 -4.06 -9.97
C VAL A 116 6.39 -4.84 -9.66
N ASP A 117 6.97 -4.57 -8.53
CA ASP A 117 8.14 -5.27 -8.15
C ASP A 117 7.79 -6.36 -7.15
N ILE A 118 8.32 -7.52 -7.39
CA ILE A 118 8.12 -8.64 -6.53
C ILE A 118 9.30 -8.78 -5.57
N ARG A 119 9.03 -9.10 -4.33
CA ARG A 119 10.09 -9.27 -3.37
C ARG A 119 9.87 -10.56 -2.62
N LEU A 120 10.86 -11.38 -2.56
CA LEU A 120 10.73 -12.64 -1.91
C LEU A 120 11.99 -13.04 -1.18
N HIS A 121 11.79 -13.59 0.02
CA HIS A 121 12.87 -14.04 0.89
C HIS A 121 13.78 -12.88 1.25
N ARG A 122 13.35 -12.11 2.23
CA ARG A 122 14.11 -10.98 2.65
C ARG A 122 15.30 -11.47 3.48
N ILE A 123 16.40 -11.65 2.82
CA ILE A 123 17.61 -12.05 3.46
C ILE A 123 18.39 -10.79 3.85
N ILE A 124 18.18 -10.37 5.08
CA ILE A 124 18.84 -9.18 5.60
C ILE A 124 20.35 -9.42 5.75
N TYR A 125 20.70 -10.70 5.99
CA TYR A 125 22.07 -11.18 6.10
C TYR A 125 22.77 -10.64 7.38
N ASN A 126 23.82 -11.34 7.81
CA ASN A 126 24.65 -10.98 8.98
C ASN A 126 23.94 -11.21 10.32
N VAL A 127 22.80 -10.58 10.50
CA VAL A 127 21.99 -10.75 11.72
C VAL A 127 20.92 -11.80 11.48
N ILE A 128 21.19 -12.67 10.54
CA ILE A 128 20.26 -13.69 10.12
C ILE A 128 20.35 -14.92 11.05
N GLU A 129 21.36 -14.95 11.89
CA GLU A 129 21.53 -16.04 12.83
C GLU A 129 20.81 -15.66 14.10
N GLU A 130 21.22 -14.57 14.69
CA GLU A 130 20.59 -14.08 15.87
C GLU A 130 19.89 -12.78 15.54
N ILE A 131 18.60 -12.86 15.31
CA ILE A 131 17.81 -11.67 15.10
C ILE A 131 17.68 -11.03 16.47
N GLU A 132 17.48 -11.90 17.44
CA GLU A 132 17.47 -11.54 18.82
C GLU A 132 18.54 -12.35 19.51
N ALA A 133 19.40 -11.71 20.25
CA ALA A 133 20.50 -12.37 20.90
C ALA A 133 20.01 -13.05 22.17
N ALA A 134 19.58 -12.25 23.11
CA ALA A 134 19.04 -12.73 24.36
C ALA A 134 17.81 -11.91 24.70
N MET A 135 17.87 -10.65 24.32
CA MET A 135 16.82 -9.68 24.50
C MET A 135 16.88 -8.78 23.30
N ASN A 1 -19.21 41.31 -10.75
CA ASN A 1 -18.32 42.46 -10.56
C ASN A 1 -18.26 43.28 -11.81
N GLU A 2 -18.79 44.48 -11.77
CA GLU A 2 -18.67 45.34 -12.93
C GLU A 2 -17.56 46.35 -12.74
N PHE A 3 -17.15 46.53 -11.51
CA PHE A 3 -16.05 47.42 -11.19
C PHE A 3 -14.75 46.67 -11.42
N GLU A 4 -13.82 47.31 -12.14
CA GLU A 4 -12.54 46.70 -12.60
C GLU A 4 -12.84 45.64 -13.64
N LEU A 5 -13.99 45.82 -14.31
CA LEU A 5 -14.51 44.93 -15.33
C LEU A 5 -14.99 43.61 -14.73
N GLY A 6 -15.52 42.75 -15.55
CA GLY A 6 -16.08 41.51 -15.08
C GLY A 6 -17.36 41.26 -15.80
N THR A 7 -18.42 41.91 -15.34
CA THR A 7 -19.71 41.90 -16.01
C THR A 7 -19.54 42.46 -17.42
N ARG A 8 -18.68 43.46 -17.53
CA ARG A 8 -18.33 44.01 -18.79
C ARG A 8 -17.21 43.15 -19.33
N GLY A 9 -17.45 42.50 -20.43
CA GLY A 9 -16.48 41.64 -21.02
C GLY A 9 -17.15 40.39 -21.52
N SER A 10 -17.54 39.54 -20.58
CA SER A 10 -18.24 38.27 -20.84
C SER A 10 -17.45 37.32 -21.76
N SER A 11 -17.50 37.52 -23.06
CA SER A 11 -16.74 36.72 -23.97
C SER A 11 -15.33 37.27 -24.01
N ARG A 12 -14.49 36.73 -23.15
CA ARG A 12 -13.15 37.17 -23.01
C ARG A 12 -12.30 36.06 -22.43
N VAL A 13 -11.14 35.90 -23.02
CA VAL A 13 -9.98 35.07 -22.63
C VAL A 13 -9.17 34.84 -23.89
N ASP A 14 -8.38 35.83 -24.19
CA ASP A 14 -7.52 35.83 -25.34
C ASP A 14 -6.32 36.67 -25.01
N LEU A 15 -5.28 36.00 -24.60
CA LEU A 15 -4.07 36.64 -24.22
C LEU A 15 -2.94 35.66 -24.36
N GLN A 16 -2.12 35.88 -25.36
CA GLN A 16 -1.00 35.05 -25.60
C GLN A 16 0.01 35.27 -24.52
N GLU A 17 0.58 36.47 -24.52
CA GLU A 17 1.56 36.93 -23.55
C GLU A 17 2.78 36.05 -23.51
N GLN A 18 2.66 34.90 -22.86
CA GLN A 18 3.72 33.96 -22.66
C GLN A 18 4.79 34.57 -21.78
N ARG A 19 5.65 35.37 -22.40
CA ARG A 19 6.79 36.04 -21.77
C ARG A 19 7.68 35.07 -20.95
N SER A 20 7.26 34.70 -19.77
CA SER A 20 7.98 33.78 -18.94
C SER A 20 7.35 32.38 -18.97
N VAL A 21 6.17 32.29 -19.64
CA VAL A 21 5.33 31.06 -19.82
C VAL A 21 4.95 30.39 -18.51
N LYS A 22 5.01 31.17 -17.44
CA LYS A 22 4.75 30.69 -16.09
C LYS A 22 3.30 30.28 -15.86
N THR A 23 2.41 30.72 -16.73
CA THR A 23 1.02 30.40 -16.58
C THR A 23 0.45 29.67 -17.79
N ARG A 24 1.31 29.24 -18.68
CA ARG A 24 0.88 28.50 -19.85
C ARG A 24 1.51 27.13 -19.84
N VAL A 25 0.76 26.14 -20.32
CA VAL A 25 1.26 24.77 -20.37
C VAL A 25 2.50 24.65 -21.25
N SER A 26 3.60 24.41 -20.62
CA SER A 26 4.87 24.34 -21.26
C SER A 26 5.19 22.90 -21.66
N LEU A 27 4.88 21.98 -20.78
CA LEU A 27 5.16 20.58 -21.02
C LEU A 27 3.87 19.79 -21.04
N ASP A 28 3.77 18.87 -21.98
CA ASP A 28 2.58 18.05 -22.14
C ASP A 28 2.61 16.87 -21.18
N ASP A 29 3.76 16.17 -21.16
CA ASP A 29 3.95 14.99 -20.29
C ASP A 29 3.87 15.32 -18.83
N LEU A 30 4.34 16.49 -18.46
CA LEU A 30 4.29 16.90 -17.10
C LEU A 30 2.91 17.40 -16.78
N PHE A 31 2.19 16.63 -16.00
CA PHE A 31 0.84 16.96 -15.65
C PHE A 31 0.80 17.68 -14.31
N GLU A 32 -0.36 18.19 -13.98
CA GLU A 32 -0.60 18.85 -12.73
C GLU A 32 -0.87 17.80 -11.66
N GLN A 33 -1.40 16.69 -12.11
CA GLN A 33 -1.81 15.61 -11.25
C GLN A 33 -0.81 14.46 -11.33
N ILE A 34 -0.29 14.08 -10.20
CA ILE A 34 0.61 12.95 -10.12
C ILE A 34 -0.11 11.73 -9.58
N LYS A 35 0.55 10.59 -9.56
CA LYS A 35 -0.05 9.34 -9.11
C LYS A 35 1.02 8.39 -8.57
N GLN A 36 1.18 8.35 -7.28
CA GLN A 36 2.16 7.49 -6.64
C GLN A 36 1.45 6.48 -5.77
N GLY A 37 0.53 6.96 -5.01
CA GLY A 37 -0.20 6.15 -4.09
C GLY A 37 -0.82 7.05 -3.06
N GLU A 38 -1.85 7.75 -3.48
CA GLU A 38 -2.50 8.75 -2.65
C GLU A 38 -3.59 8.14 -1.78
N MET A 39 -3.77 6.84 -1.91
CA MET A 39 -4.77 6.12 -1.15
C MET A 39 -4.17 5.70 0.19
N LYS A 40 -4.97 5.75 1.24
CA LYS A 40 -4.52 5.32 2.56
C LYS A 40 -4.76 3.81 2.68
N GLU A 41 -5.56 3.32 1.75
CA GLU A 41 -5.92 1.95 1.67
C GLU A 41 -5.03 1.23 0.69
N LEU A 42 -4.00 0.64 1.22
CA LEU A 42 -3.01 -0.04 0.48
C LEU A 42 -3.36 -1.51 0.40
N ASN A 43 -2.87 -2.16 -0.60
CA ASN A 43 -3.18 -3.53 -0.82
C ASN A 43 -1.91 -4.34 -0.86
N LEU A 44 -2.00 -5.57 -0.42
CA LEU A 44 -0.88 -6.48 -0.43
C LEU A 44 -1.31 -7.89 -0.78
N ILE A 45 -0.33 -8.75 -0.93
CA ILE A 45 -0.50 -10.12 -1.30
C ILE A 45 0.37 -11.02 -0.43
N VAL A 46 -0.15 -12.18 -0.09
CA VAL A 46 0.56 -13.12 0.72
C VAL A 46 0.57 -14.48 0.02
N LYS A 47 1.74 -14.97 -0.22
CA LYS A 47 1.96 -16.25 -0.85
C LYS A 47 3.25 -16.88 -0.34
N ALA A 48 3.12 -18.05 0.22
CA ALA A 48 4.22 -18.75 0.85
C ALA A 48 4.28 -20.18 0.37
N ASP A 49 5.30 -20.88 0.82
CA ASP A 49 5.53 -22.28 0.45
C ASP A 49 4.65 -23.20 1.31
N VAL A 50 4.35 -22.73 2.51
CA VAL A 50 3.45 -23.38 3.42
C VAL A 50 2.11 -22.65 3.37
N GLN A 51 1.03 -23.39 3.20
CA GLN A 51 -0.30 -22.82 3.01
C GLN A 51 -0.78 -22.07 4.25
N GLY A 52 -0.54 -22.57 5.41
CA GLY A 52 -0.97 -21.83 6.58
C GLY A 52 0.01 -20.75 6.97
N SER A 53 1.07 -20.59 6.21
CA SER A 53 2.04 -19.58 6.52
C SER A 53 1.48 -18.31 5.94
N VAL A 54 0.69 -18.49 4.87
CA VAL A 54 0.02 -17.39 4.29
C VAL A 54 -1.04 -16.93 5.24
N GLU A 55 -1.80 -17.90 5.76
CA GLU A 55 -2.91 -17.60 6.65
C GLU A 55 -2.47 -16.88 7.92
N ALA A 56 -1.33 -17.29 8.46
CA ALA A 56 -0.77 -16.66 9.65
C ALA A 56 -0.50 -15.17 9.41
N LEU A 57 -0.07 -14.85 8.20
CA LEU A 57 0.23 -13.48 7.84
C LEU A 57 -1.04 -12.74 7.40
N VAL A 58 -1.87 -13.41 6.62
CA VAL A 58 -3.15 -12.88 6.10
C VAL A 58 -4.06 -12.37 7.21
N ALA A 59 -4.12 -13.11 8.30
CA ALA A 59 -4.98 -12.74 9.42
C ALA A 59 -4.47 -11.48 10.12
N ALA A 60 -3.23 -11.15 9.89
CA ALA A 60 -2.65 -9.98 10.50
C ALA A 60 -2.72 -8.86 9.52
N LEU A 61 -2.72 -9.22 8.28
CA LEU A 61 -2.69 -8.28 7.20
C LEU A 61 -4.08 -7.73 6.93
N GLN A 62 -5.09 -8.50 7.21
CA GLN A 62 -6.46 -8.06 7.01
C GLN A 62 -6.89 -7.07 8.10
N LYS A 63 -6.24 -7.14 9.23
CA LYS A 63 -6.58 -6.29 10.37
C LYS A 63 -5.72 -5.02 10.40
N ILE A 64 -4.91 -4.80 9.36
CA ILE A 64 -4.03 -3.65 9.32
C ILE A 64 -4.81 -2.34 9.12
N ASP A 65 -5.11 -1.73 10.24
CA ASP A 65 -5.69 -0.39 10.27
C ASP A 65 -4.85 0.48 11.17
N VAL A 66 -4.12 -0.19 12.06
CA VAL A 66 -3.28 0.44 13.07
C VAL A 66 -2.12 1.21 12.44
N GLU A 67 -1.40 1.95 13.30
CA GLU A 67 -0.27 2.83 12.94
C GLU A 67 -0.81 4.09 12.28
N GLY A 68 -1.50 3.91 11.19
CA GLY A 68 -2.09 5.00 10.48
C GLY A 68 -2.19 4.70 9.01
N VAL A 69 -2.41 3.44 8.69
CA VAL A 69 -2.50 3.01 7.33
C VAL A 69 -3.48 1.85 7.26
N ARG A 70 -4.25 1.80 6.20
CA ARG A 70 -5.23 0.76 6.04
C ARG A 70 -4.73 -0.17 4.96
N VAL A 71 -4.22 -1.30 5.34
CA VAL A 71 -3.68 -2.24 4.39
C VAL A 71 -4.46 -3.52 4.48
N LYS A 72 -4.78 -4.11 3.36
CA LYS A 72 -5.49 -5.37 3.35
C LYS A 72 -4.96 -6.24 2.21
N ILE A 73 -5.12 -7.53 2.36
CA ILE A 73 -4.72 -8.49 1.38
C ILE A 73 -5.88 -8.85 0.46
N ILE A 74 -5.57 -9.28 -0.73
CA ILE A 74 -6.62 -9.68 -1.69
C ILE A 74 -6.39 -11.10 -2.14
N HIS A 75 -5.15 -11.47 -2.18
CA HIS A 75 -4.76 -12.70 -2.78
C HIS A 75 -3.80 -13.44 -1.86
N ALA A 76 -4.31 -14.47 -1.25
CA ALA A 76 -3.58 -15.33 -0.35
C ALA A 76 -3.55 -16.71 -0.96
N ALA A 77 -2.39 -17.17 -1.33
CA ALA A 77 -2.28 -18.47 -1.96
C ALA A 77 -0.98 -19.13 -1.60
N VAL A 78 -0.93 -20.42 -1.73
CA VAL A 78 0.27 -21.14 -1.46
C VAL A 78 1.07 -21.34 -2.77
N GLY A 79 2.07 -20.52 -2.94
CA GLY A 79 2.88 -20.58 -4.10
C GLY A 79 4.02 -19.61 -4.04
N ALA A 80 4.91 -19.72 -5.00
CA ALA A 80 6.03 -18.82 -5.17
C ALA A 80 5.52 -17.57 -5.92
N ILE A 81 6.35 -16.88 -6.66
CA ILE A 81 5.84 -15.76 -7.44
C ILE A 81 5.44 -16.24 -8.82
N THR A 82 4.18 -16.24 -9.09
CA THR A 82 3.73 -16.59 -10.39
C THR A 82 3.21 -15.35 -11.09
N GLU A 83 3.04 -15.44 -12.39
CA GLU A 83 2.62 -14.31 -13.22
C GLU A 83 1.24 -13.77 -12.76
N SER A 84 0.38 -14.67 -12.34
CA SER A 84 -0.96 -14.33 -11.89
C SER A 84 -0.95 -13.55 -10.57
N ASP A 85 0.11 -13.70 -9.80
CA ASP A 85 0.26 -12.98 -8.54
C ASP A 85 0.60 -11.55 -8.84
N ILE A 86 1.45 -11.40 -9.82
CA ILE A 86 1.95 -10.12 -10.26
C ILE A 86 0.84 -9.29 -10.89
N SER A 87 -0.06 -9.96 -11.58
CA SER A 87 -1.17 -9.30 -12.20
C SER A 87 -2.18 -8.74 -11.16
N LEU A 88 -1.97 -9.07 -9.90
CA LEU A 88 -2.75 -8.49 -8.83
C LEU A 88 -1.99 -7.27 -8.29
N ALA A 89 -0.68 -7.36 -8.33
CA ALA A 89 0.19 -6.32 -7.83
C ALA A 89 -0.02 -5.01 -8.56
N THR A 90 0.06 -5.03 -9.87
CA THR A 90 -0.16 -3.81 -10.65
C THR A 90 -1.67 -3.44 -10.68
N ALA A 91 -2.52 -4.38 -10.27
CA ALA A 91 -3.95 -4.20 -10.31
C ALA A 91 -4.45 -3.32 -9.19
N SER A 92 -4.34 -3.79 -7.97
CA SER A 92 -4.85 -3.08 -6.83
C SER A 92 -3.75 -2.36 -6.08
N ASN A 93 -2.57 -2.41 -6.65
CA ASN A 93 -1.31 -1.81 -6.15
C ASN A 93 -0.76 -2.50 -4.92
N ALA A 94 -0.52 -3.78 -5.11
CA ALA A 94 0.11 -4.60 -4.12
C ALA A 94 1.54 -4.88 -4.57
N ILE A 95 2.35 -5.40 -3.70
CA ILE A 95 3.71 -5.79 -4.03
C ILE A 95 3.87 -7.25 -3.68
N VAL A 96 4.40 -8.03 -4.60
CA VAL A 96 4.52 -9.45 -4.38
C VAL A 96 5.89 -9.76 -3.81
N ILE A 97 5.92 -9.99 -2.53
CA ILE A 97 7.12 -10.35 -1.86
C ILE A 97 7.17 -11.87 -1.71
N GLY A 98 8.33 -12.42 -1.88
CA GLY A 98 8.50 -13.81 -1.72
C GLY A 98 9.72 -14.09 -0.92
N PHE A 99 9.68 -15.13 -0.15
CA PHE A 99 10.78 -15.43 0.69
C PHE A 99 11.32 -16.79 0.32
N ASN A 100 12.50 -16.77 -0.28
CA ASN A 100 13.28 -17.95 -0.74
C ASN A 100 12.64 -18.62 -1.98
N VAL A 101 11.31 -18.68 -2.00
CA VAL A 101 10.47 -19.26 -3.05
C VAL A 101 10.87 -18.89 -4.48
N ARG A 102 11.10 -17.59 -4.72
CA ARG A 102 11.51 -17.05 -6.03
C ARG A 102 10.35 -17.06 -7.04
N PRO A 103 10.50 -16.42 -8.23
CA PRO A 103 9.46 -16.40 -9.22
C PRO A 103 9.58 -17.43 -10.30
N ASP A 104 8.53 -17.55 -11.03
CA ASP A 104 8.50 -18.29 -12.24
C ASP A 104 9.20 -17.43 -13.29
N ALA A 105 9.76 -18.06 -14.28
CA ALA A 105 10.49 -17.37 -15.32
C ALA A 105 9.62 -16.35 -16.06
N ASN A 106 8.34 -16.63 -16.26
CA ASN A 106 7.48 -15.66 -16.92
C ASN A 106 7.07 -14.59 -15.97
N ALA A 107 7.01 -14.92 -14.70
CA ALA A 107 6.66 -13.96 -13.68
C ALA A 107 7.74 -12.88 -13.57
N LYS A 108 9.00 -13.30 -13.53
CA LYS A 108 10.13 -12.36 -13.44
C LYS A 108 10.15 -11.37 -14.64
N ARG A 109 9.54 -11.78 -15.76
CA ARG A 109 9.38 -11.04 -16.92
C ARG A 109 8.18 -10.10 -16.78
N ALA A 110 7.08 -10.72 -16.37
CA ALA A 110 5.78 -10.11 -16.22
C ALA A 110 5.86 -8.93 -15.35
N ALA A 111 6.51 -9.09 -14.20
CA ALA A 111 6.68 -8.03 -13.20
C ALA A 111 7.15 -6.75 -13.85
N GLU A 112 8.11 -6.91 -14.69
CA GLU A 112 8.76 -5.81 -15.31
C GLU A 112 7.89 -5.13 -16.36
N SER A 113 7.06 -5.88 -16.98
CA SER A 113 6.16 -5.32 -17.96
C SER A 113 4.85 -4.96 -17.26
N GLU A 114 4.85 -5.10 -15.97
CA GLU A 114 3.71 -4.90 -15.17
C GLU A 114 3.87 -3.81 -14.21
N LYS A 115 4.96 -3.09 -14.30
CA LYS A 115 5.20 -1.94 -13.52
C LYS A 115 5.41 -2.23 -12.02
N VAL A 116 5.47 -3.48 -11.66
CA VAL A 116 5.66 -3.86 -10.27
C VAL A 116 6.88 -4.73 -10.13
N ASP A 117 7.58 -4.61 -9.06
CA ASP A 117 8.75 -5.44 -8.92
C ASP A 117 8.56 -6.38 -7.77
N ILE A 118 9.07 -7.56 -7.94
CA ILE A 118 8.91 -8.61 -6.97
C ILE A 118 10.12 -8.72 -6.07
N ARG A 119 9.88 -8.76 -4.79
CA ARG A 119 10.95 -8.75 -3.81
C ARG A 119 11.25 -10.17 -3.34
N LEU A 120 12.50 -10.57 -3.47
CA LEU A 120 12.90 -11.91 -3.08
C LEU A 120 14.00 -11.90 -2.06
N HIS A 121 14.32 -13.11 -1.63
CA HIS A 121 15.41 -13.38 -0.73
C HIS A 121 16.71 -13.15 -1.49
N ARG A 122 17.77 -12.86 -0.77
CA ARG A 122 19.10 -12.69 -1.33
C ARG A 122 19.49 -13.90 -2.19
N ILE A 123 19.68 -13.66 -3.45
CA ILE A 123 20.07 -14.68 -4.38
C ILE A 123 21.39 -14.28 -4.99
N ILE A 124 22.43 -14.98 -4.61
CA ILE A 124 23.73 -14.70 -5.14
C ILE A 124 23.81 -15.10 -6.60
N TYR A 125 24.35 -14.16 -7.41
CA TYR A 125 24.52 -14.33 -8.84
C TYR A 125 23.10 -14.34 -9.48
N ASN A 126 22.95 -14.86 -10.67
CA ASN A 126 21.64 -14.94 -11.30
C ASN A 126 21.50 -16.28 -12.00
N VAL A 127 20.31 -16.59 -12.50
CA VAL A 127 20.08 -17.90 -13.12
C VAL A 127 19.99 -17.81 -14.64
N ILE A 128 20.49 -16.73 -15.19
CA ILE A 128 20.44 -16.50 -16.64
C ILE A 128 21.84 -16.17 -17.15
N GLU A 129 22.81 -16.61 -16.39
CA GLU A 129 24.19 -16.23 -16.58
C GLU A 129 24.96 -16.94 -17.69
N GLU A 130 24.35 -17.90 -18.33
CA GLU A 130 25.02 -18.58 -19.43
C GLU A 130 24.70 -17.88 -20.75
N ILE A 131 23.64 -17.09 -20.72
CA ILE A 131 23.13 -16.36 -21.88
C ILE A 131 22.67 -17.32 -22.97
N GLU A 132 21.43 -17.71 -22.90
CA GLU A 132 20.86 -18.59 -23.91
C GLU A 132 20.53 -17.77 -25.15
N ALA A 133 19.72 -16.75 -24.96
CA ALA A 133 19.34 -15.89 -26.04
C ALA A 133 19.71 -14.46 -25.74
N ALA A 134 19.16 -13.94 -24.62
CA ALA A 134 19.35 -12.56 -24.15
C ALA A 134 18.84 -11.51 -25.13
N MET A 135 17.90 -10.75 -24.66
CA MET A 135 17.27 -9.73 -25.44
C MET A 135 18.11 -8.47 -25.47
N ASN A 1 -28.02 68.39 -3.99
CA ASN A 1 -26.67 67.94 -3.65
C ASN A 1 -26.58 67.39 -2.24
N GLU A 2 -26.29 68.22 -1.26
CA GLU A 2 -26.18 67.73 0.08
C GLU A 2 -27.32 68.12 0.97
N PHE A 3 -28.06 67.14 1.32
CA PHE A 3 -29.12 67.26 2.27
C PHE A 3 -28.69 66.50 3.53
N GLU A 4 -27.84 65.51 3.31
CA GLU A 4 -27.30 64.68 4.37
C GLU A 4 -26.02 65.30 4.92
N LEU A 5 -25.38 66.14 4.08
CA LEU A 5 -24.16 66.88 4.42
C LEU A 5 -23.01 65.91 4.64
N GLY A 6 -23.06 64.83 3.91
CA GLY A 6 -22.09 63.81 4.03
C GLY A 6 -21.73 63.27 2.68
N THR A 7 -22.10 62.02 2.43
CA THR A 7 -21.92 61.32 1.15
C THR A 7 -20.44 60.97 0.81
N ARG A 8 -19.53 61.88 1.15
CA ARG A 8 -18.09 61.72 0.92
C ARG A 8 -17.55 60.40 1.48
N GLY A 9 -17.79 60.18 2.76
CA GLY A 9 -17.29 59.01 3.42
C GLY A 9 -18.38 58.11 3.93
N SER A 10 -19.39 57.88 3.13
CA SER A 10 -20.47 56.99 3.52
C SER A 10 -19.97 55.53 3.56
N SER A 11 -19.33 55.12 2.48
CA SER A 11 -18.83 53.76 2.31
C SER A 11 -17.32 53.71 2.69
N ARG A 12 -16.98 54.38 3.78
CA ARG A 12 -15.58 54.56 4.21
C ARG A 12 -14.88 53.26 4.65
N VAL A 13 -15.63 52.22 4.97
CA VAL A 13 -15.00 50.96 5.39
C VAL A 13 -14.82 50.01 4.21
N ASP A 14 -15.22 50.49 3.02
CA ASP A 14 -15.21 49.71 1.77
C ASP A 14 -16.29 48.66 1.79
N LEU A 15 -17.38 48.96 1.17
CA LEU A 15 -18.48 48.06 1.11
C LEU A 15 -18.21 47.05 0.05
N GLN A 16 -17.92 45.85 0.47
CA GLN A 16 -17.63 44.79 -0.46
C GLN A 16 -18.79 43.82 -0.51
N GLU A 17 -19.60 43.88 0.51
CA GLU A 17 -20.78 43.06 0.68
C GLU A 17 -21.74 43.33 -0.48
N GLN A 18 -21.86 42.33 -1.36
CA GLN A 18 -22.71 42.38 -2.55
C GLN A 18 -22.15 43.37 -3.57
N ARG A 19 -20.94 43.82 -3.35
CA ARG A 19 -20.32 44.75 -4.27
C ARG A 19 -19.35 43.97 -5.12
N SER A 20 -18.71 43.00 -4.51
CA SER A 20 -17.78 42.15 -5.18
C SER A 20 -18.52 41.17 -6.09
N VAL A 21 -19.72 40.77 -5.62
CA VAL A 21 -20.71 39.87 -6.30
C VAL A 21 -20.22 38.45 -6.67
N LYS A 22 -18.91 38.23 -6.69
CA LYS A 22 -18.34 36.90 -6.99
C LYS A 22 -18.92 35.82 -6.09
N THR A 23 -19.16 36.17 -4.86
CA THR A 23 -19.67 35.28 -3.87
C THR A 23 -21.19 35.49 -3.67
N ARG A 24 -21.83 36.03 -4.69
CA ARG A 24 -23.26 36.29 -4.63
C ARG A 24 -23.94 35.71 -5.86
N VAL A 25 -23.33 35.89 -7.03
CA VAL A 25 -23.89 35.38 -8.29
C VAL A 25 -23.67 33.87 -8.43
N SER A 26 -22.81 33.35 -7.60
CA SER A 26 -22.50 31.96 -7.58
C SER A 26 -23.40 31.26 -6.56
N LEU A 27 -23.41 29.95 -6.58
CA LEU A 27 -24.19 29.21 -5.63
C LEU A 27 -23.25 28.30 -4.88
N ASP A 28 -22.65 27.38 -5.59
CA ASP A 28 -21.75 26.41 -4.98
C ASP A 28 -20.31 26.90 -5.11
N ASP A 29 -19.39 26.22 -4.49
CA ASP A 29 -17.98 26.54 -4.55
C ASP A 29 -17.43 26.21 -5.94
N LEU A 30 -17.58 24.93 -6.32
CA LEU A 30 -17.18 24.41 -7.64
C LEU A 30 -15.64 24.46 -7.90
N PHE A 31 -14.85 24.78 -6.90
CA PHE A 31 -13.41 24.85 -7.09
C PHE A 31 -12.74 23.52 -6.86
N GLU A 32 -13.46 22.59 -6.28
CA GLU A 32 -12.93 21.26 -6.07
C GLU A 32 -13.94 20.21 -6.49
N GLN A 33 -13.45 19.13 -7.05
CA GLN A 33 -14.31 18.06 -7.54
C GLN A 33 -13.46 16.84 -7.82
N ILE A 34 -12.54 16.97 -8.74
CA ILE A 34 -11.67 15.89 -9.11
C ILE A 34 -10.35 16.05 -8.39
N LYS A 35 -9.91 14.96 -7.77
CA LYS A 35 -8.70 14.88 -6.97
C LYS A 35 -8.94 15.45 -5.60
N GLN A 36 -9.53 14.61 -4.79
CA GLN A 36 -9.86 14.93 -3.42
C GLN A 36 -8.60 14.85 -2.60
N GLY A 37 -7.83 13.86 -2.91
CA GLY A 37 -6.60 13.59 -2.25
C GLY A 37 -6.02 12.37 -2.86
N GLU A 38 -5.00 11.83 -2.27
CA GLU A 38 -4.38 10.64 -2.82
C GLU A 38 -5.11 9.43 -2.29
N MET A 39 -4.93 9.20 -0.99
CA MET A 39 -5.42 8.04 -0.26
C MET A 39 -4.94 6.79 -0.99
N LYS A 40 -3.69 6.47 -0.77
CA LYS A 40 -3.07 5.37 -1.47
C LYS A 40 -3.55 4.03 -0.93
N GLU A 41 -3.63 3.07 -1.82
CA GLU A 41 -4.06 1.74 -1.48
C GLU A 41 -2.86 0.88 -1.18
N LEU A 42 -2.64 0.60 0.08
CA LEU A 42 -1.57 -0.27 0.45
C LEU A 42 -2.15 -1.65 0.56
N ASN A 43 -2.03 -2.33 -0.51
CA ASN A 43 -2.58 -3.62 -0.68
C ASN A 43 -1.49 -4.53 -1.07
N LEU A 44 -1.56 -5.76 -0.66
CA LEU A 44 -0.56 -6.71 -1.01
C LEU A 44 -1.08 -8.14 -1.10
N ILE A 45 -0.30 -8.97 -1.71
CA ILE A 45 -0.60 -10.36 -1.89
C ILE A 45 0.46 -11.21 -1.21
N VAL A 46 0.01 -12.18 -0.48
CA VAL A 46 0.86 -13.05 0.26
C VAL A 46 0.90 -14.44 -0.38
N LYS A 47 2.09 -14.91 -0.66
CA LYS A 47 2.30 -16.23 -1.22
C LYS A 47 3.49 -16.89 -0.55
N ALA A 48 3.32 -18.13 -0.21
CA ALA A 48 4.33 -18.91 0.46
C ALA A 48 4.15 -20.35 0.06
N ASP A 49 5.12 -21.18 0.37
CA ASP A 49 5.08 -22.60 0.03
C ASP A 49 4.20 -23.37 1.01
N VAL A 50 3.98 -22.77 2.15
CA VAL A 50 3.11 -23.30 3.15
C VAL A 50 1.82 -22.48 3.10
N GLN A 51 0.69 -23.13 2.89
CA GLN A 51 -0.56 -22.41 2.72
C GLN A 51 -0.99 -21.72 4.01
N GLY A 52 -0.65 -22.27 5.12
CA GLY A 52 -1.03 -21.58 6.31
C GLY A 52 -0.04 -20.55 6.73
N SER A 53 1.00 -20.37 5.94
CA SER A 53 1.96 -19.36 6.23
C SER A 53 1.45 -18.10 5.60
N VAL A 54 0.73 -18.29 4.48
CA VAL A 54 0.09 -17.19 3.84
C VAL A 54 -1.00 -16.67 4.73
N GLU A 55 -1.75 -17.61 5.31
CA GLU A 55 -2.86 -17.31 6.19
C GLU A 55 -2.38 -16.66 7.48
N ALA A 56 -1.26 -17.16 8.00
CA ALA A 56 -0.66 -16.60 9.21
C ALA A 56 -0.28 -15.14 9.01
N LEU A 57 0.17 -14.82 7.81
CA LEU A 57 0.50 -13.46 7.51
C LEU A 57 -0.78 -12.66 7.25
N VAL A 58 -1.73 -13.27 6.52
CA VAL A 58 -3.05 -12.66 6.22
C VAL A 58 -3.78 -12.21 7.50
N ALA A 59 -3.78 -13.07 8.50
CA ALA A 59 -4.46 -12.80 9.76
C ALA A 59 -3.88 -11.59 10.48
N ALA A 60 -2.64 -11.29 10.24
CA ALA A 60 -1.98 -10.19 10.89
C ALA A 60 -2.05 -8.99 9.99
N LEU A 61 -2.21 -9.26 8.74
CA LEU A 61 -2.21 -8.25 7.74
C LEU A 61 -3.58 -7.59 7.64
N GLN A 62 -4.63 -8.36 7.83
CA GLN A 62 -5.99 -7.83 7.80
C GLN A 62 -6.22 -6.89 8.98
N LYS A 63 -5.50 -7.12 10.06
CA LYS A 63 -5.62 -6.30 11.25
C LYS A 63 -4.66 -5.08 11.21
N ILE A 64 -3.97 -4.89 10.10
CA ILE A 64 -3.06 -3.74 9.95
C ILE A 64 -3.88 -2.47 9.67
N ASP A 65 -5.09 -2.66 9.15
CA ASP A 65 -6.01 -1.54 8.91
C ASP A 65 -6.49 -0.96 10.23
N VAL A 66 -5.95 0.18 10.54
CA VAL A 66 -6.31 0.93 11.71
C VAL A 66 -6.63 2.33 11.23
N GLU A 67 -6.85 3.25 12.13
CA GLU A 67 -7.16 4.59 11.76
C GLU A 67 -5.87 5.38 11.46
N GLY A 68 -5.57 5.56 10.19
CA GLY A 68 -4.40 6.32 9.79
C GLY A 68 -3.42 5.47 9.00
N VAL A 69 -3.22 4.25 9.45
CA VAL A 69 -2.32 3.32 8.79
C VAL A 69 -3.12 2.15 8.27
N ARG A 70 -2.88 1.76 7.05
CA ARG A 70 -3.60 0.67 6.47
C ARG A 70 -2.77 -0.01 5.42
N VAL A 71 -2.63 -1.29 5.59
CA VAL A 71 -2.04 -2.18 4.64
C VAL A 71 -2.88 -3.43 4.76
N LYS A 72 -3.37 -3.96 3.66
CA LYS A 72 -4.23 -5.12 3.73
C LYS A 72 -3.91 -6.10 2.61
N ILE A 73 -4.35 -7.32 2.80
CA ILE A 73 -4.21 -8.37 1.85
C ILE A 73 -5.44 -8.46 0.96
N ILE A 74 -5.24 -8.87 -0.25
CA ILE A 74 -6.35 -9.07 -1.17
C ILE A 74 -6.39 -10.53 -1.62
N HIS A 75 -5.25 -11.15 -1.63
CA HIS A 75 -5.11 -12.48 -2.17
C HIS A 75 -3.93 -13.18 -1.51
N ALA A 76 -4.16 -14.39 -1.09
CA ALA A 76 -3.16 -15.22 -0.46
C ALA A 76 -3.25 -16.58 -1.07
N ALA A 77 -2.13 -17.13 -1.49
CA ALA A 77 -2.15 -18.42 -2.12
C ALA A 77 -0.86 -19.18 -1.85
N VAL A 78 -0.93 -20.47 -1.95
CA VAL A 78 0.22 -21.30 -1.71
C VAL A 78 0.95 -21.59 -3.03
N GLY A 79 1.92 -20.78 -3.29
CA GLY A 79 2.70 -20.88 -4.47
C GLY A 79 3.79 -19.87 -4.43
N ALA A 80 4.63 -19.88 -5.41
CA ALA A 80 5.67 -18.92 -5.54
C ALA A 80 5.17 -17.76 -6.38
N ILE A 81 6.03 -16.80 -6.70
CA ILE A 81 5.57 -15.67 -7.50
C ILE A 81 5.41 -16.12 -8.93
N THR A 82 4.19 -16.17 -9.38
CA THR A 82 3.88 -16.61 -10.69
C THR A 82 3.24 -15.47 -11.48
N GLU A 83 3.39 -15.49 -12.81
CA GLU A 83 2.82 -14.46 -13.71
C GLU A 83 1.34 -14.22 -13.42
N SER A 84 0.62 -15.30 -13.20
CA SER A 84 -0.82 -15.26 -12.96
C SER A 84 -1.18 -14.49 -11.69
N ASP A 85 -0.28 -14.47 -10.72
CA ASP A 85 -0.56 -13.77 -9.47
C ASP A 85 -0.19 -12.33 -9.58
N ILE A 86 0.79 -12.04 -10.41
CA ILE A 86 1.22 -10.68 -10.68
C ILE A 86 0.13 -9.86 -11.39
N SER A 87 -0.73 -10.55 -12.10
CA SER A 87 -1.85 -9.92 -12.77
C SER A 87 -2.79 -9.20 -11.77
N LEU A 88 -2.88 -9.71 -10.54
CA LEU A 88 -3.65 -9.07 -9.48
C LEU A 88 -2.84 -7.91 -8.93
N ALA A 89 -1.55 -8.10 -8.86
CA ALA A 89 -0.62 -7.15 -8.29
C ALA A 89 -0.78 -5.76 -8.91
N THR A 90 -0.62 -5.63 -10.20
CA THR A 90 -0.78 -4.31 -10.82
C THR A 90 -2.26 -3.87 -10.83
N ALA A 91 -3.19 -4.85 -10.79
CA ALA A 91 -4.63 -4.57 -10.85
C ALA A 91 -5.08 -3.74 -9.65
N SER A 92 -4.94 -4.30 -8.48
CA SER A 92 -5.38 -3.63 -7.26
C SER A 92 -4.22 -2.90 -6.58
N ASN A 93 -3.07 -2.88 -7.24
CA ASN A 93 -1.84 -2.23 -6.77
C ASN A 93 -1.33 -2.92 -5.53
N ALA A 94 -1.40 -4.22 -5.57
CA ALA A 94 -0.97 -5.04 -4.50
C ALA A 94 0.46 -5.49 -4.78
N ILE A 95 1.28 -5.45 -3.77
CA ILE A 95 2.67 -5.87 -3.93
C ILE A 95 2.76 -7.35 -3.53
N VAL A 96 3.53 -8.12 -4.24
CA VAL A 96 3.64 -9.52 -3.95
C VAL A 96 4.83 -9.76 -3.06
N ILE A 97 4.58 -10.25 -1.88
CA ILE A 97 5.66 -10.62 -1.01
C ILE A 97 5.66 -12.12 -0.85
N GLY A 98 6.77 -12.70 -1.17
CA GLY A 98 6.88 -14.13 -1.11
C GLY A 98 7.89 -14.54 -0.09
N PHE A 99 7.67 -15.64 0.55
CA PHE A 99 8.59 -16.03 1.58
C PHE A 99 9.45 -17.16 1.08
N ASN A 100 10.62 -16.79 0.56
CA ASN A 100 11.67 -17.72 0.07
C ASN A 100 11.20 -18.55 -1.14
N VAL A 101 10.06 -18.20 -1.66
CA VAL A 101 9.46 -18.89 -2.77
C VAL A 101 10.09 -18.50 -4.09
N ARG A 102 10.20 -17.18 -4.32
CA ARG A 102 10.88 -16.61 -5.50
C ARG A 102 10.09 -16.87 -6.82
N PRO A 103 10.28 -16.01 -7.83
CA PRO A 103 9.60 -16.19 -9.11
C PRO A 103 10.41 -17.02 -10.09
N ASP A 104 9.81 -17.31 -11.18
CA ASP A 104 10.51 -17.85 -12.31
C ASP A 104 10.95 -16.64 -13.12
N ALA A 105 11.82 -16.84 -14.08
CA ALA A 105 12.30 -15.78 -14.95
C ALA A 105 11.13 -15.06 -15.65
N ASN A 106 10.05 -15.77 -15.87
CA ASN A 106 8.88 -15.18 -16.50
C ASN A 106 8.12 -14.22 -15.61
N ALA A 107 7.87 -14.59 -14.40
CA ALA A 107 7.14 -13.75 -13.50
C ALA A 107 7.94 -12.52 -13.13
N LYS A 108 9.25 -12.67 -13.01
CA LYS A 108 10.09 -11.50 -12.74
C LYS A 108 10.00 -10.48 -13.92
N ARG A 109 9.71 -10.99 -15.13
CA ARG A 109 9.52 -10.23 -16.30
C ARG A 109 8.16 -9.58 -16.25
N ALA A 110 7.16 -10.40 -15.96
CA ALA A 110 5.76 -10.01 -15.88
C ALA A 110 5.61 -8.87 -14.92
N ALA A 111 6.18 -9.04 -13.73
CA ALA A 111 6.12 -8.07 -12.63
C ALA A 111 6.50 -6.69 -13.11
N GLU A 112 7.57 -6.62 -13.80
CA GLU A 112 8.12 -5.37 -14.19
C GLU A 112 7.41 -4.77 -15.39
N SER A 113 6.89 -5.62 -16.22
CA SER A 113 6.10 -5.22 -17.36
C SER A 113 4.69 -4.84 -16.86
N GLU A 114 4.49 -5.09 -15.60
CA GLU A 114 3.27 -4.87 -14.93
C GLU A 114 3.37 -3.83 -13.88
N LYS A 115 4.49 -3.13 -13.84
CA LYS A 115 4.66 -2.03 -12.96
C LYS A 115 4.62 -2.41 -11.47
N VAL A 116 4.75 -3.68 -11.17
CA VAL A 116 4.76 -4.12 -9.79
C VAL A 116 6.02 -4.82 -9.42
N ASP A 117 6.58 -4.42 -8.32
CA ASP A 117 7.80 -5.01 -7.85
C ASP A 117 7.52 -6.13 -6.89
N ILE A 118 8.13 -7.25 -7.13
CA ILE A 118 7.97 -8.39 -6.29
C ILE A 118 9.07 -8.44 -5.25
N ARG A 119 8.68 -8.57 -4.00
CA ARG A 119 9.63 -8.55 -2.92
C ARG A 119 9.55 -9.80 -2.12
N LEU A 120 10.59 -10.56 -2.20
CA LEU A 120 10.67 -11.81 -1.54
C LEU A 120 11.94 -11.94 -0.75
N HIS A 121 11.86 -12.68 0.36
CA HIS A 121 12.99 -12.94 1.26
C HIS A 121 13.44 -11.66 1.98
N ARG A 122 14.11 -10.78 1.27
CA ARG A 122 14.64 -9.59 1.89
C ARG A 122 13.65 -8.43 1.80
N ILE A 123 12.83 -8.33 2.81
CA ILE A 123 11.86 -7.25 2.92
C ILE A 123 12.56 -6.05 3.56
N ILE A 124 13.56 -6.37 4.33
CA ILE A 124 14.38 -5.40 5.00
C ILE A 124 15.82 -5.71 4.64
N TYR A 125 16.69 -4.79 4.86
CA TYR A 125 18.09 -5.03 4.61
C TYR A 125 18.67 -5.65 5.86
N ASN A 126 18.98 -6.93 5.79
CA ASN A 126 19.47 -7.67 6.93
C ASN A 126 20.91 -7.34 7.24
N VAL A 127 21.09 -6.48 8.18
CA VAL A 127 22.40 -6.17 8.70
C VAL A 127 22.59 -7.07 9.89
N ILE A 128 21.61 -6.97 10.78
CA ILE A 128 21.50 -7.72 12.00
C ILE A 128 22.73 -7.53 12.91
N GLU A 129 22.78 -6.39 13.53
CA GLU A 129 23.79 -6.06 14.51
C GLU A 129 23.08 -5.54 15.75
N GLU A 130 21.81 -5.84 15.78
CA GLU A 130 20.87 -5.41 16.79
C GLU A 130 20.27 -6.64 17.48
N ILE A 131 20.88 -7.80 17.19
CA ILE A 131 20.42 -9.12 17.65
C ILE A 131 19.11 -9.56 16.97
N GLU A 132 19.16 -10.72 16.35
CA GLU A 132 17.99 -11.35 15.82
C GLU A 132 17.62 -12.47 16.77
N ALA A 133 16.40 -12.49 17.23
CA ALA A 133 16.02 -13.42 18.26
C ALA A 133 14.82 -14.26 17.87
N ALA A 134 15.06 -15.52 17.71
CA ALA A 134 14.04 -16.50 17.53
C ALA A 134 14.39 -17.67 18.42
N MET A 135 15.30 -18.49 17.93
CA MET A 135 15.93 -19.59 18.63
C MET A 135 17.09 -20.05 17.80
N ASN A 1 6.89 52.31 -2.28
CA ASN A 1 7.60 51.30 -3.08
C ASN A 1 6.91 49.96 -3.02
N GLU A 2 6.51 49.51 -1.84
CA GLU A 2 5.99 48.17 -1.70
C GLU A 2 4.83 48.05 -0.73
N PHE A 3 3.79 48.75 -1.04
CA PHE A 3 2.57 48.72 -0.24
C PHE A 3 1.63 47.66 -0.80
N GLU A 4 1.86 47.31 -2.05
CA GLU A 4 1.06 46.35 -2.74
C GLU A 4 1.82 45.05 -2.88
N LEU A 5 1.20 43.98 -2.48
CA LEU A 5 1.79 42.68 -2.61
C LEU A 5 0.89 41.82 -3.46
N GLY A 6 -0.19 41.35 -2.87
CA GLY A 6 -1.10 40.50 -3.58
C GLY A 6 -1.90 41.28 -4.59
N THR A 7 -1.87 40.83 -5.81
CA THR A 7 -2.59 41.45 -6.88
C THR A 7 -4.10 41.21 -6.72
N ARG A 8 -4.43 40.13 -6.02
CA ARG A 8 -5.80 39.85 -5.68
C ARG A 8 -6.19 40.72 -4.50
N GLY A 9 -6.83 41.79 -4.79
CA GLY A 9 -7.21 42.71 -3.79
C GLY A 9 -7.02 44.12 -4.27
N SER A 10 -7.57 45.06 -3.56
CA SER A 10 -7.48 46.47 -3.92
C SER A 10 -7.73 47.31 -2.66
N SER A 11 -7.51 46.69 -1.48
CA SER A 11 -7.89 47.27 -0.20
C SER A 11 -9.41 47.39 -0.16
N ARG A 12 -10.06 46.41 -0.76
CA ARG A 12 -11.50 46.37 -0.85
C ARG A 12 -12.06 45.39 0.17
N VAL A 13 -11.59 44.17 0.13
CA VAL A 13 -12.01 43.12 1.05
C VAL A 13 -10.77 42.51 1.65
N ASP A 14 -9.68 43.10 1.27
CA ASP A 14 -8.38 42.63 1.57
C ASP A 14 -7.67 43.60 2.49
N LEU A 15 -7.49 43.19 3.71
CA LEU A 15 -6.79 43.99 4.67
C LEU A 15 -5.38 43.45 4.81
N GLN A 16 -4.47 44.07 4.12
CA GLN A 16 -3.09 43.64 4.12
C GLN A 16 -2.28 44.61 4.98
N GLU A 17 -1.22 44.13 5.58
CA GLU A 17 -0.39 44.95 6.43
C GLU A 17 1.03 44.42 6.38
N GLN A 18 1.87 45.08 5.62
CA GLN A 18 3.26 44.72 5.58
C GLN A 18 4.17 45.92 5.76
N ARG A 19 3.90 46.63 6.82
CA ARG A 19 4.76 47.69 7.32
C ARG A 19 5.44 47.15 8.54
N SER A 20 4.63 46.56 9.40
CA SER A 20 5.10 45.89 10.58
C SER A 20 4.86 44.40 10.43
N VAL A 21 4.44 44.02 9.21
CA VAL A 21 4.18 42.63 8.74
C VAL A 21 3.36 41.79 9.72
N LYS A 22 2.44 42.43 10.37
CA LYS A 22 1.58 41.78 11.32
C LYS A 22 0.19 41.80 10.73
N THR A 23 -0.64 40.84 11.09
CA THR A 23 -2.04 40.70 10.60
C THR A 23 -2.12 40.48 9.07
N ARG A 24 -0.97 40.21 8.47
CA ARG A 24 -0.85 40.05 7.02
C ARG A 24 -1.46 38.75 6.55
N VAL A 25 -1.57 37.78 7.43
CA VAL A 25 -2.21 36.55 7.08
C VAL A 25 -3.70 36.68 7.41
N SER A 26 -3.97 37.07 8.66
CA SER A 26 -5.31 37.33 9.18
C SER A 26 -6.09 36.02 9.41
N LEU A 27 -6.23 35.22 8.36
CA LEU A 27 -7.01 33.98 8.39
C LEU A 27 -8.46 34.24 8.67
N ASP A 28 -9.08 34.90 7.74
CA ASP A 28 -10.50 35.15 7.79
C ASP A 28 -11.16 33.94 7.19
N ASP A 29 -10.40 33.31 6.32
CA ASP A 29 -10.74 32.05 5.71
C ASP A 29 -9.65 31.08 6.16
N LEU A 30 -10.01 29.86 6.46
CA LEU A 30 -9.04 28.94 7.03
C LEU A 30 -8.95 27.65 6.22
N PHE A 31 -9.59 27.66 5.04
CA PHE A 31 -9.74 26.46 4.21
C PHE A 31 -10.58 25.42 4.95
N GLU A 32 -11.88 25.62 4.86
CA GLU A 32 -12.88 24.80 5.52
C GLU A 32 -12.70 23.28 5.32
N GLN A 33 -12.42 22.85 4.11
CA GLN A 33 -12.28 21.44 3.84
C GLN A 33 -10.86 21.10 3.47
N ILE A 34 -10.52 19.84 3.56
CA ILE A 34 -9.17 19.39 3.25
C ILE A 34 -8.99 19.22 1.75
N LYS A 35 -7.93 19.76 1.23
CA LYS A 35 -7.63 19.65 -0.18
C LYS A 35 -6.89 18.34 -0.44
N GLN A 36 -6.01 18.01 0.47
CA GLN A 36 -5.24 16.79 0.37
C GLN A 36 -5.69 15.81 1.42
N GLY A 37 -5.81 14.57 1.02
CA GLY A 37 -6.18 13.54 1.94
C GLY A 37 -5.07 12.53 2.10
N GLU A 38 -5.27 11.59 2.96
CA GLU A 38 -4.28 10.56 3.24
C GLU A 38 -4.51 9.37 2.32
N MET A 39 -3.64 8.38 2.38
CA MET A 39 -3.78 7.22 1.50
C MET A 39 -4.93 6.36 1.95
N LYS A 40 -5.75 5.94 1.01
CA LYS A 40 -6.93 5.19 1.30
C LYS A 40 -6.62 3.69 1.29
N GLU A 41 -6.09 3.23 0.17
CA GLU A 41 -5.75 1.82 -0.01
C GLU A 41 -4.26 1.57 0.12
N LEU A 42 -3.94 0.67 1.02
CA LEU A 42 -2.61 0.11 1.16
C LEU A 42 -2.78 -1.38 1.01
N ASN A 43 -2.50 -1.87 -0.16
CA ASN A 43 -2.78 -3.26 -0.50
C ASN A 43 -1.53 -4.11 -0.59
N LEU A 44 -1.63 -5.34 -0.10
CA LEU A 44 -0.52 -6.29 -0.15
C LEU A 44 -0.98 -7.68 -0.60
N ILE A 45 -0.01 -8.51 -0.88
CA ILE A 45 -0.21 -9.87 -1.33
C ILE A 45 0.68 -10.85 -0.56
N VAL A 46 0.08 -11.93 -0.10
CA VAL A 46 0.75 -12.94 0.68
C VAL A 46 0.83 -14.26 -0.11
N LYS A 47 2.00 -14.82 -0.14
CA LYS A 47 2.29 -16.09 -0.79
C LYS A 47 3.29 -16.78 0.09
N ALA A 48 3.24 -18.05 0.13
CA ALA A 48 4.16 -18.87 0.86
C ALA A 48 4.08 -20.23 0.29
N ASP A 49 5.11 -21.04 0.47
CA ASP A 49 5.09 -22.38 -0.10
C ASP A 49 4.24 -23.31 0.76
N VAL A 50 3.90 -22.83 1.95
CA VAL A 50 3.01 -23.49 2.86
C VAL A 50 1.72 -22.68 2.90
N GLN A 51 0.60 -23.36 2.82
CA GLN A 51 -0.70 -22.72 2.69
C GLN A 51 -1.06 -21.98 3.96
N GLY A 52 -0.91 -22.61 5.08
CA GLY A 52 -1.31 -21.94 6.29
C GLY A 52 -0.36 -20.87 6.76
N SER A 53 0.73 -20.68 6.04
CA SER A 53 1.65 -19.65 6.38
C SER A 53 1.08 -18.37 5.86
N VAL A 54 0.32 -18.51 4.78
CA VAL A 54 -0.34 -17.39 4.22
C VAL A 54 -1.48 -17.01 5.14
N GLU A 55 -2.19 -18.03 5.61
CA GLU A 55 -3.31 -17.86 6.55
C GLU A 55 -2.88 -17.07 7.78
N ALA A 56 -1.74 -17.46 8.35
CA ALA A 56 -1.20 -16.83 9.54
C ALA A 56 -0.89 -15.35 9.31
N LEU A 57 -0.36 -15.04 8.15
CA LEU A 57 0.00 -13.67 7.84
C LEU A 57 -1.25 -12.87 7.45
N VAL A 58 -2.17 -13.50 6.75
CA VAL A 58 -3.43 -12.87 6.35
C VAL A 58 -4.22 -12.44 7.57
N ALA A 59 -4.27 -13.28 8.57
CA ALA A 59 -4.99 -13.00 9.80
C ALA A 59 -4.35 -11.84 10.60
N ALA A 60 -3.14 -11.49 10.24
CA ALA A 60 -2.42 -10.42 10.90
C ALA A 60 -2.45 -9.19 10.03
N LEU A 61 -2.83 -9.39 8.82
CA LEU A 61 -2.82 -8.34 7.84
C LEU A 61 -4.24 -7.78 7.69
N GLN A 62 -5.23 -8.66 7.73
CA GLN A 62 -6.62 -8.23 7.60
C GLN A 62 -7.12 -7.54 8.88
N LYS A 63 -6.28 -7.54 9.90
CA LYS A 63 -6.63 -6.86 11.13
C LYS A 63 -6.07 -5.44 11.14
N ILE A 64 -5.30 -5.11 10.10
CA ILE A 64 -4.71 -3.80 9.96
C ILE A 64 -5.75 -2.92 9.24
N ASP A 65 -6.72 -2.48 9.99
CA ASP A 65 -7.83 -1.75 9.40
C ASP A 65 -8.12 -0.48 10.18
N VAL A 66 -8.59 -0.65 11.40
CA VAL A 66 -8.87 0.48 12.28
C VAL A 66 -7.63 0.82 13.09
N GLU A 67 -6.62 0.01 12.92
CA GLU A 67 -5.39 0.16 13.62
C GLU A 67 -4.46 1.06 12.80
N GLY A 68 -4.61 2.36 13.02
CA GLY A 68 -3.79 3.35 12.35
C GLY A 68 -4.19 3.60 10.90
N VAL A 69 -3.86 2.67 10.04
CA VAL A 69 -4.07 2.76 8.62
C VAL A 69 -4.64 1.42 8.15
N ARG A 70 -5.34 1.40 7.04
CA ARG A 70 -5.85 0.17 6.51
C ARG A 70 -4.87 -0.41 5.49
N VAL A 71 -4.21 -1.45 5.89
CA VAL A 71 -3.31 -2.18 5.03
C VAL A 71 -3.91 -3.56 4.91
N LYS A 72 -4.36 -3.92 3.76
CA LYS A 72 -5.08 -5.16 3.62
C LYS A 72 -4.45 -6.06 2.57
N ILE A 73 -4.74 -7.32 2.68
CA ILE A 73 -4.32 -8.28 1.73
C ILE A 73 -5.43 -8.49 0.71
N ILE A 74 -5.06 -8.83 -0.49
CA ILE A 74 -6.07 -9.08 -1.53
C ILE A 74 -5.95 -10.50 -2.07
N HIS A 75 -4.78 -11.06 -1.94
CA HIS A 75 -4.50 -12.31 -2.56
C HIS A 75 -3.47 -13.08 -1.75
N ALA A 76 -3.88 -14.21 -1.26
CA ALA A 76 -3.06 -15.14 -0.53
C ALA A 76 -3.08 -16.45 -1.26
N ALA A 77 -1.94 -17.01 -1.52
CA ALA A 77 -1.85 -18.25 -2.25
C ALA A 77 -0.72 -19.10 -1.75
N VAL A 78 -0.85 -20.39 -1.92
CA VAL A 78 0.21 -21.27 -1.58
C VAL A 78 1.02 -21.52 -2.84
N GLY A 79 2.02 -20.73 -2.98
CA GLY A 79 2.82 -20.75 -4.12
C GLY A 79 3.95 -19.79 -4.00
N ALA A 80 4.78 -19.80 -4.99
CA ALA A 80 5.87 -18.88 -5.10
C ALA A 80 5.38 -17.64 -5.87
N ILE A 81 6.26 -16.89 -6.49
CA ILE A 81 5.80 -15.75 -7.27
C ILE A 81 5.37 -16.25 -8.62
N THR A 82 4.10 -16.35 -8.83
CA THR A 82 3.63 -16.80 -10.08
C THR A 82 3.17 -15.61 -10.89
N GLU A 83 3.09 -15.76 -12.18
CA GLU A 83 2.63 -14.70 -13.07
C GLU A 83 1.16 -14.31 -12.70
N SER A 84 0.44 -15.25 -12.11
CA SER A 84 -0.93 -15.02 -11.67
C SER A 84 -0.97 -14.10 -10.42
N ASP A 85 0.13 -14.03 -9.69
CA ASP A 85 0.21 -13.17 -8.51
C ASP A 85 0.49 -11.78 -8.94
N ILE A 86 1.24 -11.68 -10.00
CA ILE A 86 1.66 -10.42 -10.54
C ILE A 86 0.51 -9.70 -11.22
N SER A 87 -0.38 -10.47 -11.81
CA SER A 87 -1.58 -9.90 -12.40
C SER A 87 -2.48 -9.18 -11.37
N LEU A 88 -2.25 -9.45 -10.09
CA LEU A 88 -2.94 -8.75 -9.02
C LEU A 88 -2.11 -7.54 -8.58
N ALA A 89 -0.80 -7.71 -8.66
CA ALA A 89 0.16 -6.72 -8.22
C ALA A 89 -0.08 -5.35 -8.88
N THR A 90 -0.03 -5.31 -10.19
CA THR A 90 -0.21 -4.06 -10.94
C THR A 90 -1.71 -3.70 -11.04
N ALA A 91 -2.56 -4.60 -10.55
CA ALA A 91 -3.99 -4.41 -10.65
C ALA A 91 -4.52 -3.48 -9.57
N SER A 92 -4.47 -3.90 -8.33
CA SER A 92 -5.02 -3.11 -7.26
C SER A 92 -3.88 -2.45 -6.46
N ASN A 93 -2.66 -2.62 -6.97
CA ASN A 93 -1.43 -2.04 -6.40
C ASN A 93 -0.97 -2.75 -5.15
N ALA A 94 -0.48 -3.93 -5.34
CA ALA A 94 0.13 -4.70 -4.27
C ALA A 94 1.49 -5.15 -4.74
N ILE A 95 2.50 -5.04 -3.92
CA ILE A 95 3.84 -5.45 -4.33
C ILE A 95 4.08 -6.90 -3.86
N VAL A 96 4.73 -7.68 -4.69
CA VAL A 96 4.91 -9.05 -4.42
C VAL A 96 6.24 -9.30 -3.73
N ILE A 97 6.19 -9.45 -2.45
CA ILE A 97 7.35 -9.80 -1.66
C ILE A 97 7.31 -11.33 -1.52
N GLY A 98 8.44 -11.95 -1.52
CA GLY A 98 8.48 -13.38 -1.40
C GLY A 98 9.65 -13.85 -0.58
N PHE A 99 9.56 -15.04 -0.05
CA PHE A 99 10.61 -15.56 0.80
C PHE A 99 11.17 -16.86 0.26
N ASN A 100 12.27 -16.72 -0.49
CA ASN A 100 13.03 -17.84 -1.17
C ASN A 100 12.22 -18.73 -2.12
N VAL A 101 10.94 -18.53 -2.16
CA VAL A 101 10.03 -19.22 -3.07
C VAL A 101 10.40 -18.92 -4.51
N ARG A 102 10.64 -17.63 -4.76
CA ARG A 102 11.13 -17.12 -6.05
C ARG A 102 10.08 -17.20 -7.17
N PRO A 103 10.25 -16.46 -8.26
CA PRO A 103 9.28 -16.45 -9.33
C PRO A 103 9.56 -17.40 -10.44
N ASP A 104 8.58 -17.53 -11.28
CA ASP A 104 8.75 -18.19 -12.55
C ASP A 104 9.54 -17.23 -13.42
N ALA A 105 10.23 -17.75 -14.40
CA ALA A 105 11.02 -16.92 -15.29
C ALA A 105 10.12 -15.95 -16.05
N ASN A 106 8.95 -16.41 -16.38
CA ASN A 106 7.96 -15.59 -17.05
C ASN A 106 7.33 -14.61 -16.09
N ALA A 107 7.09 -15.03 -14.86
CA ALA A 107 6.56 -14.14 -13.85
C ALA A 107 7.49 -12.95 -13.65
N LYS A 108 8.78 -13.22 -13.48
CA LYS A 108 9.76 -12.16 -13.27
C LYS A 108 9.79 -11.13 -14.45
N ARG A 109 9.45 -11.61 -15.66
CA ARG A 109 9.38 -10.86 -16.82
C ARG A 109 8.12 -10.01 -16.81
N ALA A 110 7.02 -10.69 -16.50
CA ALA A 110 5.70 -10.11 -16.43
C ALA A 110 5.69 -8.96 -15.50
N ALA A 111 6.28 -9.18 -14.31
CA ALA A 111 6.37 -8.16 -13.24
C ALA A 111 6.85 -6.86 -13.79
N GLU A 112 7.86 -6.94 -14.60
CA GLU A 112 8.49 -5.77 -15.11
C GLU A 112 7.68 -5.09 -16.18
N SER A 113 7.05 -5.85 -17.01
CA SER A 113 6.22 -5.29 -18.05
C SER A 113 4.87 -4.90 -17.44
N GLU A 114 4.79 -5.05 -16.14
CA GLU A 114 3.64 -4.80 -15.38
C GLU A 114 3.88 -3.79 -14.33
N LYS A 115 5.02 -3.13 -14.38
CA LYS A 115 5.28 -2.03 -13.51
C LYS A 115 5.40 -2.42 -12.03
N VAL A 116 5.44 -3.68 -11.75
CA VAL A 116 5.52 -4.10 -10.39
C VAL A 116 6.80 -4.78 -10.10
N ASP A 117 7.16 -4.77 -8.87
CA ASP A 117 8.38 -5.36 -8.47
C ASP A 117 8.11 -6.55 -7.64
N ILE A 118 8.85 -7.56 -7.87
CA ILE A 118 8.80 -8.71 -7.07
C ILE A 118 10.07 -8.76 -6.24
N ARG A 119 9.91 -8.62 -4.97
CA ARG A 119 11.04 -8.54 -4.13
C ARG A 119 11.09 -9.75 -3.23
N LEU A 120 11.87 -10.68 -3.63
CA LEU A 120 12.03 -11.92 -2.93
C LEU A 120 13.44 -12.04 -2.45
N HIS A 121 13.62 -12.60 -1.25
CA HIS A 121 14.96 -12.76 -0.64
C HIS A 121 15.51 -11.35 -0.30
N ARG A 122 14.55 -10.40 -0.23
CA ARG A 122 14.78 -8.99 0.00
C ARG A 122 15.66 -8.37 -1.06
N ILE A 123 16.94 -8.34 -0.84
CA ILE A 123 17.86 -7.81 -1.80
C ILE A 123 19.06 -8.74 -1.87
N ILE A 124 19.98 -8.57 -0.92
CA ILE A 124 21.21 -9.36 -0.81
C ILE A 124 22.10 -9.20 -2.07
N TYR A 125 21.73 -9.87 -3.16
CA TYR A 125 22.43 -9.84 -4.45
C TYR A 125 23.88 -10.26 -4.38
N ASN A 126 24.27 -10.97 -3.33
CA ASN A 126 25.64 -11.45 -3.25
C ASN A 126 25.74 -12.79 -3.97
N VAL A 127 25.39 -12.73 -5.22
CA VAL A 127 25.54 -13.81 -6.16
C VAL A 127 26.31 -13.26 -7.35
N ILE A 128 26.64 -11.98 -7.24
CA ILE A 128 27.46 -11.27 -8.18
C ILE A 128 28.87 -11.34 -7.62
N GLU A 129 29.73 -12.04 -8.33
CA GLU A 129 31.10 -12.26 -7.90
C GLU A 129 31.96 -11.03 -8.13
N GLU A 130 31.40 -10.10 -8.93
CA GLU A 130 31.99 -8.80 -9.24
C GLU A 130 33.22 -8.98 -10.10
N ILE A 131 33.02 -8.84 -11.40
CA ILE A 131 34.03 -9.04 -12.43
C ILE A 131 34.36 -10.52 -12.57
N GLU A 132 33.86 -11.12 -13.61
CA GLU A 132 34.14 -12.51 -13.86
C GLU A 132 35.54 -12.67 -14.44
N ALA A 133 36.50 -12.71 -13.54
CA ALA A 133 37.88 -12.84 -13.89
C ALA A 133 38.63 -13.49 -12.75
N ALA A 134 39.03 -14.71 -12.96
CA ALA A 134 39.82 -15.43 -11.98
C ALA A 134 41.27 -15.05 -12.15
N MET A 135 41.61 -14.63 -13.33
CA MET A 135 42.95 -14.23 -13.64
C MET A 135 42.92 -12.80 -14.11
#